data_6HE5
#
_entry.id   6HE5
#
_cell.length_a   1
_cell.length_b   1
_cell.length_c   1
_cell.angle_alpha   90
_cell.angle_beta   90
_cell.angle_gamma   90
#
_symmetry.space_group_name_H-M   'P 1'
#
loop_
_entity.id
_entity.type
_entity.pdbx_description
1 polymer 'Proteasome subunit alpha'
2 polymer 'Proteasome subunit beta'
3 polymer 'Proteasome-activating nucleotidase'
#
loop_
_entity_poly.entity_id
_entity_poly.type
_entity_poly.pdbx_seq_one_letter_code
_entity_poly.pdbx_strand_id
1 'polypeptide(L)'
;MGHLPQMGYDRAITVFSPDGRLFQVEYAREAVKRGATAIGIKCKEGVILIADKRVGSKLLEADTIEKIYKIDEHICAATS
GLVADARVLIDRARIEAQINRLTYDEPITVKELAKKICDFKQQYTQYGGVRPFGVSLLIAGVDEVPKLYETDPSGALLEY
KATAIGMGRNAVTEFFEKEYRDDLSFDDAMVLGLVAMGLSIESELVPENIEVGYVKVDDRTFKEVSPEELKPYVERANER
IRELLKK
;
A,B,C,D,E,F,G
2 'polypeptide(L)'
;MGTTTVGLVCKDGVVMATEKRATMGNFIASKAAKKIYQIADRMAMTTAGSVGDAQFLARIIKIEANLYEIRRERKPTVRA
IATLTSNLLNSYRYFPYLVQLLIGGIDSEGKSIYSIDPIGGAIEEKDIVATGSGSLTAYGVLEDRFTPEIGVDEAVELAV
RAIYSAMKRDSASGDGIDVVKITEDEFYQYSPEEVEQILAKFRKHHHHHH
;
1,2,3,4,5,6,7
3 'polypeptide(L)'
;GHMGGDSEIQYLLEKLKKLEEDYYKLRELYRRLEDEKKFIESERIRYEREVRRLRSEVERLRSPPLLVGVVSDILEDGRV
VVKSSTGPKFVVNTSQYINEEELKPGARVALNQQTLAIVNVLPTSKDPMVYGFEVEEKPEVSYEDIGGLDVQIEEIREAV
ELPLLKPELFAEVGIEPPKGVLLYGPPGTGKTLLAKAVANQTRATFIRVVGSEFVQKYIGEGARLVREVFQLAKEKAPSI
IFIDELDAIAARRTNSDTSGDREVQRTMMQLLAELDGFDPRGDVKVIGATNRIDILDPAILRPGRFDRIIEVPLPTFEGR
IQIFKIHTRKMKLAEDVDFKELARITEGASGADIKAICTEAGMFAIREERAKVTMLDFTKAIEKVLKKTTPIPDLKGVMF
V
;
H,I,K,L,M,J
#
# COMPACT_ATOMS: atom_id res chain seq x y z
N GLN A 6 32.13 -2.15 25.45
CA GLN A 6 32.57 -0.77 25.48
C GLN A 6 33.53 -0.50 24.37
N MET A 7 33.67 0.77 23.83
CA MET A 7 33.07 2.01 24.20
C MET A 7 31.85 2.14 23.32
N GLY A 8 30.73 2.53 23.99
CA GLY A 8 29.42 2.52 23.49
C GLY A 8 28.85 1.17 23.27
N TYR A 9 27.58 1.03 22.78
CA TYR A 9 26.59 2.08 22.43
C TYR A 9 26.96 2.96 21.29
N ASP A 10 27.13 2.32 20.15
CA ASP A 10 27.89 2.79 19.10
C ASP A 10 27.61 1.99 17.83
N ARG A 11 27.03 0.79 17.94
CA ARG A 11 26.71 -0.07 16.75
C ARG A 11 25.33 0.40 16.19
N ALA A 12 24.70 1.26 16.95
CA ALA A 12 23.42 1.73 16.57
C ALA A 12 23.42 3.25 16.44
N ILE A 13 22.53 3.75 15.53
CA ILE A 13 22.39 5.11 15.23
C ILE A 13 21.15 5.63 15.96
N THR A 14 20.54 4.63 16.71
CA THR A 14 19.25 4.90 17.32
C THR A 14 19.44 5.12 18.77
N VAL A 15 20.72 5.26 19.17
CA VAL A 15 21.13 5.28 20.56
C VAL A 15 21.98 6.52 20.82
N PHE A 16 21.80 7.19 22.00
CA PHE A 16 22.62 8.25 22.48
C PHE A 16 23.38 7.62 23.54
N SER A 17 24.73 7.65 23.36
CA SER A 17 25.79 7.15 24.23
C SER A 17 25.60 7.73 25.66
N PRO A 18 26.09 7.20 26.75
CA PRO A 18 26.01 7.84 28.09
C PRO A 18 26.57 9.21 28.20
N ASP A 19 27.62 9.61 27.34
CA ASP A 19 28.08 10.99 27.26
C ASP A 19 26.99 11.85 26.58
N GLY A 20 26.19 11.29 25.60
CA GLY A 20 25.03 11.91 25.03
C GLY A 20 25.55 12.51 23.80
N ARG A 21 25.96 11.60 22.90
CA ARG A 21 26.47 11.91 21.67
C ARG A 21 25.87 10.88 20.75
N LEU A 22 25.70 11.14 19.43
CA LEU A 22 25.51 9.98 18.55
C LEU A 22 26.92 9.57 18.16
N PHE A 23 27.42 8.46 18.74
CA PHE A 23 28.77 7.82 18.47
C PHE A 23 28.81 7.46 17.06
N GLN A 24 27.67 6.99 16.47
CA GLN A 24 27.56 6.55 15.12
C GLN A 24 27.84 7.66 14.10
N VAL A 25 27.30 8.86 14.42
CA VAL A 25 27.41 10.01 13.60
C VAL A 25 28.74 10.63 13.72
N GLU A 26 29.25 10.61 14.92
CA GLU A 26 30.51 11.17 15.40
C GLU A 26 31.59 10.49 14.71
N TYR A 27 31.39 9.21 14.40
CA TYR A 27 32.22 8.38 13.65
C TYR A 27 32.17 8.73 12.17
N ALA A 28 31.00 9.17 11.65
CA ALA A 28 30.90 9.51 10.30
C ALA A 28 31.48 10.88 9.88
N ARG A 29 31.73 11.85 10.77
CA ARG A 29 32.43 13.10 10.48
C ARG A 29 33.87 12.87 10.29
N GLU A 30 34.37 11.77 10.90
CA GLU A 30 35.75 11.35 10.85
C GLU A 30 35.98 10.53 9.66
N ALA A 31 34.93 9.98 8.98
CA ALA A 31 35.07 9.27 7.73
C ALA A 31 35.25 10.17 6.58
N VAL A 32 34.88 11.43 6.84
CA VAL A 32 35.13 12.51 5.96
C VAL A 32 36.57 12.81 5.87
N LYS A 33 37.29 12.79 7.03
CA LYS A 33 38.66 13.17 7.00
C LYS A 33 39.51 12.26 6.16
N ARG A 34 39.14 10.96 6.13
CA ARG A 34 40.00 9.93 5.40
C ARG A 34 40.08 10.17 3.94
N GLY A 35 38.89 10.46 3.38
CA GLY A 35 38.68 10.95 2.08
C GLY A 35 39.36 12.34 1.82
N ALA A 36 39.63 12.69 0.51
CA ALA A 36 40.42 13.80 0.02
C ALA A 36 40.03 15.16 0.52
N THR A 37 41.05 16.04 0.52
CA THR A 37 41.04 17.47 0.82
C THR A 37 40.11 18.24 -0.13
N ALA A 38 39.41 19.26 0.36
CA ALA A 38 38.72 20.22 -0.42
C ALA A 38 38.68 21.53 0.42
N ILE A 39 38.79 22.68 -0.26
CA ILE A 39 39.12 23.94 0.33
C ILE A 39 38.00 24.86 -0.27
N GLY A 40 37.26 25.61 0.59
CA GLY A 40 36.27 26.58 0.15
C GLY A 40 36.71 27.88 0.67
N ILE A 41 36.61 28.97 -0.09
CA ILE A 41 37.02 30.30 0.44
C ILE A 41 36.10 31.31 -0.15
N LYS A 42 35.64 32.25 0.75
CA LYS A 42 34.56 33.19 0.50
C LYS A 42 35.40 34.56 0.44
N CYS A 43 35.01 35.43 -0.46
CA CYS A 43 35.51 36.78 -0.61
C CYS A 43 34.31 37.63 -0.93
N LYS A 44 34.49 38.95 -1.21
CA LYS A 44 33.43 39.92 -1.52
C LYS A 44 33.05 39.85 -2.99
N GLU A 45 33.96 39.34 -3.87
CA GLU A 45 33.89 39.28 -5.29
C GLU A 45 33.43 37.99 -5.74
N GLY A 46 33.09 37.05 -4.85
CA GLY A 46 32.57 35.80 -5.28
C GLY A 46 33.00 34.77 -4.33
N VAL A 47 32.96 33.49 -4.75
CA VAL A 47 33.32 32.36 -3.89
C VAL A 47 34.00 31.34 -4.74
N ILE A 48 35.22 30.91 -4.28
CA ILE A 48 35.98 29.89 -5.02
C ILE A 48 35.95 28.59 -4.21
N LEU A 49 35.82 27.48 -4.96
CA LEU A 49 35.77 26.15 -4.45
C LEU A 49 36.84 25.48 -5.29
N ILE A 50 37.72 24.85 -4.48
CA ILE A 50 38.98 24.24 -4.89
C ILE A 50 38.82 22.82 -4.47
N ALA A 51 39.13 21.84 -5.26
CA ALA A 51 38.92 20.44 -4.94
C ALA A 51 40.06 19.64 -5.50
N ASP A 52 40.57 18.68 -4.69
CA ASP A 52 41.69 17.83 -4.97
C ASP A 52 41.33 16.79 -6.05
N LYS A 53 42.17 16.80 -7.16
CA LYS A 53 42.02 15.88 -8.28
C LYS A 53 43.27 15.08 -8.43
N ARG A 54 44.12 15.11 -7.40
CA ARG A 54 45.34 14.33 -7.30
C ARG A 54 44.93 13.23 -6.28
N VAL A 55 44.58 12.04 -6.87
CA VAL A 55 44.26 10.95 -6.10
C VAL A 55 44.80 9.74 -6.87
N GLY A 56 45.42 8.74 -6.21
CA GLY A 56 45.74 7.44 -6.78
C GLY A 56 46.85 7.44 -7.75
N SER A 57 47.33 6.24 -8.19
CA SER A 57 48.36 5.98 -9.17
C SER A 57 48.20 6.77 -10.46
N LYS A 58 49.34 6.85 -11.21
CA LYS A 58 49.51 7.57 -12.42
C LYS A 58 48.77 6.85 -13.44
N LEU A 59 48.44 5.50 -13.19
CA LEU A 59 47.70 4.66 -14.07
C LEU A 59 46.30 5.11 -14.24
N LEU A 60 45.82 5.73 -13.19
CA LEU A 60 44.51 6.40 -13.19
C LEU A 60 44.63 7.62 -14.08
N GLU A 61 43.49 7.98 -14.68
CA GLU A 61 43.31 9.20 -15.42
C GLU A 61 43.50 10.28 -14.42
N ALA A 62 43.87 11.48 -14.89
CA ALA A 62 44.18 12.61 -14.15
C ALA A 62 42.86 13.35 -14.00
N ASP A 63 41.65 12.67 -14.30
CA ASP A 63 40.31 13.16 -14.12
C ASP A 63 39.74 12.04 -13.22
N THR A 64 39.34 12.46 -12.01
CA THR A 64 38.66 11.69 -11.00
C THR A 64 37.50 12.48 -10.69
N ILE A 65 36.32 11.94 -11.11
CA ILE A 65 35.06 12.67 -11.24
C ILE A 65 34.65 13.23 -9.95
N GLU A 66 34.63 14.56 -9.68
CA GLU A 66 35.18 15.59 -10.53
C GLU A 66 35.74 16.78 -9.77
N LYS A 67 35.89 16.84 -8.38
CA LYS A 67 34.95 16.62 -7.35
C LYS A 67 34.35 17.92 -6.89
N ILE A 68 33.56 18.53 -7.72
CA ILE A 68 33.33 19.94 -7.82
C ILE A 68 32.37 19.86 -8.93
N TYR A 69 31.10 19.74 -8.39
CA TYR A 69 29.92 19.47 -9.18
C TYR A 69 29.25 20.78 -9.39
N LYS A 70 28.77 21.03 -10.61
CA LYS A 70 27.68 22.03 -10.87
C LYS A 70 26.39 21.50 -10.26
N ILE A 71 25.82 22.18 -9.22
CA ILE A 71 24.60 21.69 -8.47
C ILE A 71 23.38 22.34 -9.06
N ASP A 72 23.56 23.63 -9.26
CA ASP A 72 22.64 24.51 -10.01
C ASP A 72 23.43 25.29 -10.95
N GLU A 73 22.75 26.29 -11.59
CA GLU A 73 23.32 27.25 -12.50
C GLU A 73 24.37 28.13 -11.84
N HIS A 74 24.07 28.59 -10.62
CA HIS A 74 24.83 29.60 -9.91
C HIS A 74 25.22 29.07 -8.55
N ILE A 75 25.30 27.76 -8.33
CA ILE A 75 25.69 27.06 -7.12
C ILE A 75 26.48 25.82 -7.50
N CYS A 76 27.56 25.52 -6.79
CA CYS A 76 28.41 24.38 -7.00
C CYS A 76 28.79 23.82 -5.66
N ALA A 77 29.27 22.56 -5.57
CA ALA A 77 29.64 22.04 -4.30
C ALA A 77 30.82 21.16 -4.58
N ALA A 78 31.67 21.08 -3.53
CA ALA A 78 32.84 20.29 -3.34
C ALA A 78 32.43 19.07 -2.56
N THR A 79 33.17 17.91 -2.57
CA THR A 79 32.86 16.83 -1.67
C THR A 79 34.13 16.40 -1.08
N SER A 80 34.02 15.84 0.13
CA SER A 80 35.22 15.26 0.81
C SER A 80 34.57 14.11 1.54
N GLY A 81 35.28 13.02 1.78
CA GLY A 81 34.73 11.79 2.27
C GLY A 81 34.56 10.80 1.21
N LEU A 82 33.69 9.83 1.46
CA LEU A 82 33.49 8.82 0.49
C LEU A 82 32.87 9.44 -0.81
N VAL A 83 33.61 9.06 -1.90
CA VAL A 83 33.29 9.51 -3.25
C VAL A 83 31.92 8.99 -3.62
N ALA A 84 31.71 7.76 -3.18
CA ALA A 84 30.51 6.98 -3.45
C ALA A 84 29.27 7.65 -2.88
N ASP A 85 29.35 8.09 -1.62
CA ASP A 85 28.34 8.79 -0.90
C ASP A 85 28.01 10.18 -1.54
N ALA A 86 29.06 10.77 -2.19
CA ALA A 86 28.90 12.02 -2.89
C ALA A 86 27.95 11.86 -4.03
N ARG A 87 28.06 10.77 -4.84
CA ARG A 87 27.28 10.50 -6.05
C ARG A 87 25.77 10.57 -5.77
N VAL A 88 25.29 9.95 -4.67
CA VAL A 88 23.82 9.87 -4.44
C VAL A 88 23.40 11.16 -3.80
N LEU A 89 24.20 11.70 -2.87
CA LEU A 89 23.90 12.97 -2.25
C LEU A 89 23.72 14.20 -3.07
N ILE A 90 24.48 14.30 -4.15
CA ILE A 90 24.41 15.38 -5.08
C ILE A 90 23.29 15.11 -6.03
N ASP A 91 22.81 13.84 -6.26
CA ASP A 91 21.76 13.55 -7.18
C ASP A 91 20.49 14.20 -6.58
N ARG A 92 20.25 14.05 -5.24
CA ARG A 92 19.15 14.61 -4.57
C ARG A 92 19.25 16.04 -4.50
N ALA A 93 20.51 16.64 -4.32
CA ALA A 93 20.69 18.07 -4.22
C ALA A 93 20.22 18.78 -5.43
N ARG A 94 20.66 18.26 -6.63
CA ARG A 94 20.45 18.73 -7.95
C ARG A 94 19.10 18.77 -8.31
N ILE A 95 18.34 17.66 -7.89
CA ILE A 95 16.94 17.49 -8.17
C ILE A 95 16.21 18.50 -7.36
N GLU A 96 16.60 18.68 -6.13
CA GLU A 96 15.92 19.65 -5.26
C GLU A 96 16.10 21.15 -5.75
N ALA A 97 17.26 21.45 -6.41
CA ALA A 97 17.59 22.78 -6.89
C ALA A 97 16.74 23.14 -8.05
N GLN A 98 16.50 22.12 -8.94
CA GLN A 98 15.57 22.23 -10.07
C GLN A 98 14.15 22.10 -9.56
N ILE A 99 13.80 21.39 -8.44
CA ILE A 99 12.49 21.27 -7.80
C ILE A 99 12.08 22.63 -7.30
N ASN A 100 13.03 23.46 -6.80
CA ASN A 100 12.82 24.76 -6.23
C ASN A 100 12.31 25.64 -7.39
N ARG A 101 12.94 25.50 -8.61
CA ARG A 101 12.61 26.26 -9.75
C ARG A 101 11.25 25.90 -10.24
N LEU A 102 10.82 24.66 -9.95
CA LEU A 102 9.55 24.15 -10.39
C LEU A 102 8.39 24.84 -9.65
N THR A 103 8.63 25.12 -8.36
CA THR A 103 7.61 25.51 -7.52
C THR A 103 7.71 27.00 -7.24
N TYR A 104 8.78 27.74 -7.61
CA TYR A 104 8.88 29.16 -7.28
C TYR A 104 9.45 29.84 -8.46
N ASP A 105 10.16 29.08 -9.33
CA ASP A 105 10.75 29.57 -10.60
C ASP A 105 11.74 30.63 -10.37
N GLU A 106 12.71 30.30 -9.56
CA GLU A 106 13.53 31.26 -8.88
C GLU A 106 14.97 30.76 -8.78
N PRO A 107 16.05 31.60 -8.69
CA PRO A 107 17.28 31.12 -8.10
C PRO A 107 17.00 30.55 -6.73
N ILE A 108 17.34 29.20 -6.52
CA ILE A 108 17.44 28.55 -5.20
C ILE A 108 18.50 29.27 -4.43
N THR A 109 18.07 29.73 -3.25
CA THR A 109 18.87 30.39 -2.35
C THR A 109 19.88 29.35 -1.85
N VAL A 110 21.19 29.79 -1.74
CA VAL A 110 22.35 29.04 -1.34
C VAL A 110 22.15 28.47 0.03
N LYS A 111 21.62 29.34 0.91
CA LYS A 111 21.33 29.05 2.31
C LYS A 111 20.32 27.91 2.43
N GLU A 112 19.23 28.07 1.57
CA GLU A 112 18.18 27.06 1.58
C GLU A 112 18.46 25.74 0.92
N LEU A 113 19.37 25.61 -0.11
CA LEU A 113 19.71 24.37 -0.74
C LEU A 113 20.43 23.53 0.21
N ALA A 114 21.36 24.16 1.00
CA ALA A 114 22.26 23.58 1.91
C ALA A 114 21.48 23.08 3.12
N LYS A 115 20.43 23.80 3.48
CA LYS A 115 19.52 23.26 4.45
C LYS A 115 18.84 21.98 3.98
N LYS A 116 18.35 21.81 2.71
CA LYS A 116 17.62 20.68 2.33
C LYS A 116 18.57 19.57 1.99
N ILE A 117 19.82 19.92 1.74
CA ILE A 117 20.90 18.95 1.68
C ILE A 117 21.17 18.32 2.97
N CYS A 118 21.25 19.17 4.06
CA CYS A 118 21.39 18.82 5.39
C CYS A 118 20.26 17.93 5.76
N ASP A 119 19.03 18.19 5.19
CA ASP A 119 17.83 17.41 5.49
C ASP A 119 17.94 16.00 4.97
N PHE A 120 18.58 15.76 3.74
CA PHE A 120 18.74 14.40 3.26
C PHE A 120 19.54 13.58 4.20
N LYS A 121 20.52 14.18 4.87
CA LYS A 121 21.45 13.52 5.73
C LYS A 121 20.86 13.37 7.13
N GLN A 122 19.86 14.21 7.46
CA GLN A 122 19.04 14.15 8.62
C GLN A 122 18.14 12.91 8.63
N GLN A 123 17.53 12.48 7.46
CA GLN A 123 16.71 11.32 7.23
C GLN A 123 17.47 10.12 7.67
N TYR A 124 18.87 10.12 7.44
CA TYR A 124 19.64 8.98 7.57
C TYR A 124 20.24 8.97 9.03
N THR A 125 19.87 10.06 9.78
CA THR A 125 20.31 10.23 11.14
C THR A 125 19.24 9.71 12.04
N GLN A 126 17.99 10.00 11.65
CA GLN A 126 16.82 9.64 12.45
C GLN A 126 16.34 8.17 12.34
N TYR A 127 16.24 7.65 11.09
CA TYR A 127 15.70 6.29 10.94
C TYR A 127 16.81 5.28 11.25
N GLY A 128 16.49 4.11 11.83
CA GLY A 128 17.43 3.11 12.21
C GLY A 128 17.97 2.15 11.19
N GLY A 129 17.52 2.16 9.96
CA GLY A 129 17.92 1.13 9.02
C GLY A 129 19.01 1.60 8.15
N VAL A 130 19.45 2.90 8.32
CA VAL A 130 20.32 3.50 7.41
C VAL A 130 21.33 4.21 8.21
N ARG A 131 22.59 4.01 7.83
CA ARG A 131 23.78 4.66 8.28
C ARG A 131 23.73 6.05 7.88
N PRO A 132 24.32 7.05 8.56
CA PRO A 132 24.50 8.37 7.96
C PRO A 132 25.47 8.16 6.81
N PHE A 133 25.49 9.10 5.85
CA PHE A 133 26.53 9.25 4.85
C PHE A 133 27.64 9.89 5.50
N GLY A 134 28.86 9.32 5.26
CA GLY A 134 30.07 9.85 5.85
C GLY A 134 30.72 10.74 4.85
N VAL A 135 30.09 11.90 4.55
CA VAL A 135 30.37 12.78 3.45
C VAL A 135 29.97 14.06 3.84
N SER A 136 30.71 14.99 3.31
CA SER A 136 30.61 16.43 3.56
C SER A 136 30.72 17.08 2.25
N LEU A 137 29.76 18.00 2.01
CA LEU A 137 29.78 18.81 0.81
C LEU A 137 30.02 20.19 1.36
N LEU A 138 30.69 21.05 0.64
CA LEU A 138 30.73 22.47 0.90
C LEU A 138 29.84 23.07 -0.19
N ILE A 139 28.98 24.04 0.15
CA ILE A 139 28.05 24.59 -0.77
C ILE A 139 28.42 26.08 -0.97
N ALA A 140 28.83 26.44 -2.21
CA ALA A 140 29.41 27.67 -2.48
C ALA A 140 28.57 28.26 -3.53
N GLY A 141 27.97 29.48 -3.34
CA GLY A 141 27.35 30.08 -4.50
C GLY A 141 27.03 31.49 -4.11
N VAL A 142 26.29 32.18 -4.99
CA VAL A 142 25.83 33.59 -4.89
C VAL A 142 24.34 33.56 -5.13
N ASP A 143 23.60 33.83 -4.05
CA ASP A 143 22.22 34.22 -4.19
C ASP A 143 22.14 35.59 -4.83
N GLU A 144 22.94 36.51 -4.22
CA GLU A 144 23.15 37.85 -4.72
C GLU A 144 24.21 38.39 -3.90
N VAL A 145 24.75 37.59 -2.92
CA VAL A 145 25.93 37.84 -2.17
C VAL A 145 26.53 36.51 -2.01
N PRO A 146 27.90 36.34 -1.93
CA PRO A 146 28.51 35.05 -1.90
C PRO A 146 28.33 34.59 -0.45
N LYS A 147 28.19 33.25 -0.23
CA LYS A 147 28.07 32.56 0.93
C LYS A 147 28.69 31.28 0.57
N LEU A 148 29.35 30.72 1.63
CA LEU A 148 30.06 29.43 1.56
C LEU A 148 29.63 28.66 2.78
N TYR A 149 29.21 27.36 2.60
CA TYR A 149 28.79 26.63 3.76
C TYR A 149 29.38 25.32 3.69
N GLU A 150 29.38 24.65 4.87
CA GLU A 150 29.74 23.28 4.91
C GLU A 150 28.64 22.49 5.47
N THR A 151 28.28 21.33 4.85
CA THR A 151 27.33 20.40 5.45
C THR A 151 28.11 19.23 6.01
N ASP A 152 27.60 18.64 7.12
CA ASP A 152 28.36 17.74 8.05
C ASP A 152 27.57 16.50 7.99
N PRO A 153 28.09 15.31 8.25
CA PRO A 153 27.29 14.09 8.16
C PRO A 153 26.17 14.07 9.12
N SER A 154 26.30 14.97 10.17
CA SER A 154 25.40 15.16 11.24
C SER A 154 24.17 15.73 10.60
N GLY A 155 24.32 16.70 9.75
CA GLY A 155 23.27 17.44 9.13
C GLY A 155 23.43 18.81 9.67
N ALA A 156 24.61 19.15 10.25
CA ALA A 156 24.90 20.49 10.75
C ALA A 156 25.34 21.33 9.62
N LEU A 157 24.99 22.60 9.75
CA LEU A 157 25.12 23.59 8.75
C LEU A 157 25.75 24.76 9.39
N LEU A 158 26.94 25.16 8.84
CA LEU A 158 27.76 26.16 9.46
C LEU A 158 28.21 26.96 8.30
N GLU A 159 28.03 28.29 8.39
CA GLU A 159 28.53 29.28 7.50
C GLU A 159 29.96 29.63 7.76
N TYR A 160 30.77 29.56 6.71
CA TYR A 160 32.19 29.84 6.82
C TYR A 160 32.49 31.02 6.05
N LYS A 161 33.76 31.52 6.18
CA LYS A 161 34.33 32.62 5.42
C LYS A 161 35.60 32.11 4.74
N ALA A 162 36.29 31.10 5.26
CA ALA A 162 37.19 30.26 4.52
C ALA A 162 37.35 29.00 5.40
N THR A 163 37.52 27.79 4.78
CA THR A 163 37.45 26.54 5.47
C THR A 163 38.17 25.55 4.61
N ALA A 164 38.39 24.36 5.23
CA ALA A 164 38.80 23.19 4.53
C ALA A 164 38.01 22.07 5.20
N ILE A 165 37.98 20.92 4.59
CA ILE A 165 37.32 19.75 4.97
C ILE A 165 38.22 18.65 4.41
N GLY A 166 37.98 17.42 4.99
CA GLY A 166 38.62 16.24 4.49
C GLY A 166 39.93 16.06 5.15
N MET A 167 41.01 15.74 4.36
CA MET A 167 42.35 15.47 4.95
C MET A 167 42.83 16.73 5.64
N GLY A 168 42.73 17.84 4.93
CA GLY A 168 43.38 19.10 5.30
C GLY A 168 42.70 20.01 6.25
N ARG A 169 41.51 19.56 6.83
CA ARG A 169 40.71 20.32 7.73
C ARG A 169 41.48 21.04 8.84
N ASN A 170 42.32 20.29 9.62
CA ASN A 170 43.01 20.73 10.81
C ASN A 170 44.10 21.70 10.48
N ALA A 171 44.85 21.39 9.46
CA ALA A 171 45.99 22.07 8.92
C ALA A 171 45.66 23.45 8.45
N VAL A 172 44.55 23.55 7.72
CA VAL A 172 44.14 24.66 6.93
C VAL A 172 43.43 25.71 7.81
N THR A 173 42.88 25.26 9.01
CA THR A 173 42.17 26.11 9.97
C THR A 173 43.14 27.11 10.52
N GLU A 174 44.33 26.57 10.88
CA GLU A 174 45.53 27.22 11.45
C GLU A 174 46.05 28.26 10.45
N PHE A 175 46.13 27.80 9.19
CA PHE A 175 46.54 28.64 8.06
C PHE A 175 45.72 29.86 7.83
N PHE A 176 44.38 29.79 8.16
CA PHE A 176 43.42 30.83 7.71
C PHE A 176 43.24 31.82 8.87
N GLU A 177 43.75 31.55 10.08
CA GLU A 177 43.63 32.46 11.25
C GLU A 177 44.45 33.75 10.95
N LYS A 178 45.67 33.57 10.42
CA LYS A 178 46.63 34.57 10.13
C LYS A 178 46.40 35.15 8.75
N GLU A 179 46.15 34.27 7.75
CA GLU A 179 46.12 34.74 6.40
C GLU A 179 44.86 35.39 5.95
N TYR A 180 43.65 34.86 6.30
CA TYR A 180 42.40 35.31 5.73
C TYR A 180 42.04 36.72 6.19
N ARG A 181 41.61 37.51 5.16
CA ARG A 181 41.22 38.89 5.21
C ARG A 181 39.93 38.97 4.40
N ASP A 182 39.00 39.90 4.75
CA ASP A 182 37.70 40.08 4.20
C ASP A 182 37.70 41.07 3.13
N ASP A 183 38.87 41.50 2.69
CA ASP A 183 39.01 42.47 1.66
C ASP A 183 40.02 41.93 0.71
N LEU A 184 40.20 40.62 0.65
CA LEU A 184 40.99 39.89 -0.34
C LEU A 184 40.35 40.08 -1.70
N SER A 185 41.21 40.16 -2.71
CA SER A 185 40.83 40.27 -4.10
C SER A 185 40.41 38.89 -4.55
N PHE A 186 39.60 38.75 -5.63
CA PHE A 186 39.06 37.50 -6.17
C PHE A 186 40.26 36.62 -6.49
N ASP A 187 41.26 37.25 -7.21
CA ASP A 187 42.49 36.57 -7.61
C ASP A 187 43.39 36.20 -6.52
N ASP A 188 43.62 37.04 -5.53
CA ASP A 188 44.36 36.76 -4.32
C ASP A 188 43.63 35.68 -3.53
N ALA A 189 42.26 35.72 -3.40
CA ALA A 189 41.54 34.72 -2.70
C ALA A 189 41.61 33.32 -3.28
N MET A 190 41.48 33.26 -4.65
CA MET A 190 41.60 32.06 -5.43
C MET A 190 42.88 31.37 -5.24
N VAL A 191 43.99 32.21 -5.22
CA VAL A 191 45.32 31.79 -4.99
C VAL A 191 45.55 31.19 -3.62
N LEU A 192 44.90 31.89 -2.61
CA LEU A 192 45.01 31.60 -1.18
C LEU A 192 44.43 30.28 -0.91
N GLY A 193 43.45 29.97 -1.77
CA GLY A 193 42.83 28.72 -1.71
C GLY A 193 43.80 27.68 -2.20
N LEU A 194 44.60 27.95 -3.28
CA LEU A 194 45.61 26.94 -3.76
C LEU A 194 46.71 26.70 -2.80
N VAL A 195 47.17 27.78 -2.04
CA VAL A 195 48.17 27.65 -1.00
C VAL A 195 47.70 26.64 0.05
N ALA A 196 46.41 26.71 0.51
CA ALA A 196 45.81 25.85 1.50
C ALA A 196 45.80 24.43 1.05
N MET A 197 45.46 24.16 -0.27
CA MET A 197 45.61 22.84 -0.81
C MET A 197 46.98 22.36 -0.82
N GLY A 198 47.90 23.30 -1.05
CA GLY A 198 49.30 23.06 -1.20
C GLY A 198 49.84 22.55 0.20
N LEU A 199 49.32 23.14 1.32
CA LEU A 199 49.57 22.72 2.69
C LEU A 199 49.10 21.36 2.94
N SER A 200 47.99 20.96 2.34
CA SER A 200 47.46 19.59 2.59
C SER A 200 48.38 18.46 2.21
N ILE A 201 48.95 18.60 1.04
CA ILE A 201 49.76 17.60 0.44
C ILE A 201 51.18 17.89 0.94
N GLU A 202 51.38 19.07 1.59
CA GLU A 202 52.65 19.60 2.02
C GLU A 202 53.67 19.63 0.93
N SER A 203 53.34 20.07 -0.34
CA SER A 203 54.21 20.05 -1.43
C SER A 203 53.74 21.08 -2.37
N GLU A 204 54.52 21.37 -3.37
CA GLU A 204 54.28 22.17 -4.49
C GLU A 204 53.13 21.55 -5.31
N LEU A 205 52.18 22.45 -5.72
CA LEU A 205 51.02 22.13 -6.50
C LEU A 205 51.50 22.20 -7.97
N VAL A 206 50.86 21.33 -8.79
CA VAL A 206 50.86 21.16 -10.21
C VAL A 206 49.45 21.46 -10.59
N PRO A 207 49.08 22.08 -11.69
CA PRO A 207 47.70 22.56 -11.85
C PRO A 207 46.89 21.51 -12.64
N GLU A 208 47.49 20.37 -12.90
CA GLU A 208 46.93 19.40 -13.80
C GLU A 208 46.20 18.32 -13.00
N ASN A 209 46.07 18.56 -11.65
CA ASN A 209 45.58 17.64 -10.74
C ASN A 209 44.84 18.35 -9.66
N ILE A 210 44.13 19.45 -10.00
CA ILE A 210 43.18 20.13 -9.10
C ILE A 210 42.25 20.79 -10.07
N GLU A 211 40.92 20.84 -9.65
CA GLU A 211 39.89 21.36 -10.43
C GLU A 211 39.34 22.46 -9.62
N VAL A 212 39.17 23.70 -10.15
CA VAL A 212 38.69 24.88 -9.47
C VAL A 212 37.56 25.45 -10.32
N GLY A 213 36.46 25.85 -9.65
CA GLY A 213 35.27 26.44 -10.21
C GLY A 213 34.97 27.59 -9.35
N TYR A 214 34.05 28.52 -9.84
CA TYR A 214 33.65 29.58 -8.96
C TYR A 214 32.28 30.13 -9.39
N VAL A 215 31.71 30.87 -8.38
CA VAL A 215 30.58 31.66 -8.62
C VAL A 215 30.92 32.99 -8.29
N LYS A 216 30.91 33.90 -9.26
CA LYS A 216 30.92 35.33 -9.00
C LYS A 216 29.60 35.90 -8.90
N VAL A 217 29.64 37.18 -8.62
CA VAL A 217 28.53 37.96 -8.28
C VAL A 217 28.29 38.93 -9.44
N ASP A 218 29.22 38.93 -10.41
CA ASP A 218 28.96 39.45 -11.75
C ASP A 218 28.46 38.42 -12.77
N ASP A 219 28.99 37.20 -12.74
CA ASP A 219 28.64 36.10 -13.61
C ASP A 219 27.37 35.54 -13.13
N ARG A 220 27.25 35.36 -11.73
CA ARG A 220 26.13 34.66 -11.15
C ARG A 220 25.91 33.35 -11.85
N THR A 221 27.01 32.64 -12.16
CA THR A 221 27.03 31.36 -12.88
C THR A 221 28.20 30.64 -12.39
N PHE A 222 28.06 29.37 -12.10
CA PHE A 222 29.13 28.41 -12.21
C PHE A 222 29.93 28.62 -13.48
N LYS A 223 31.20 28.69 -13.30
CA LYS A 223 32.14 28.75 -14.30
C LYS A 223 33.32 27.93 -13.84
N GLU A 224 34.32 27.64 -14.72
CA GLU A 224 35.27 26.63 -14.28
C GLU A 224 36.55 27.12 -14.98
N VAL A 225 37.64 27.01 -14.31
CA VAL A 225 38.92 27.58 -14.72
C VAL A 225 39.58 26.38 -15.17
N SER A 226 39.84 26.20 -16.53
CA SER A 226 40.49 25.03 -17.23
C SER A 226 41.94 24.93 -16.86
N PRO A 227 42.66 23.77 -17.06
CA PRO A 227 44.06 23.64 -16.64
C PRO A 227 44.97 24.58 -17.29
N GLU A 228 44.64 25.04 -18.45
CA GLU A 228 45.46 25.98 -19.23
C GLU A 228 45.43 27.37 -18.58
N GLU A 229 44.24 27.87 -18.23
CA GLU A 229 44.04 29.03 -17.44
C GLU A 229 44.57 29.01 -15.99
N LEU A 230 44.49 27.83 -15.25
CA LEU A 230 44.84 27.64 -13.85
C LEU A 230 46.26 27.91 -13.60
N LYS A 231 47.07 27.61 -14.60
CA LYS A 231 48.54 27.77 -14.56
C LYS A 231 49.05 29.03 -13.84
N PRO A 232 48.86 30.32 -14.12
CA PRO A 232 49.37 31.45 -13.33
C PRO A 232 48.87 31.44 -11.93
N TYR A 233 47.70 30.96 -11.60
CA TYR A 233 47.18 31.12 -10.28
C TYR A 233 47.98 30.20 -9.37
N VAL A 234 48.29 28.97 -9.80
CA VAL A 234 49.13 27.94 -9.19
C VAL A 234 50.53 28.37 -9.07
N GLU A 235 51.02 29.22 -10.01
CA GLU A 235 52.39 29.68 -9.99
C GLU A 235 52.61 30.64 -8.90
N ARG A 236 51.63 31.51 -8.59
CA ARG A 236 51.71 32.46 -7.48
C ARG A 236 51.48 31.79 -6.19
N ALA A 237 50.79 30.67 -6.30
CA ALA A 237 50.66 29.82 -5.08
C ALA A 237 51.99 29.15 -4.68
N ASN A 238 52.76 28.61 -5.67
CA ASN A 238 53.95 27.85 -5.40
C ASN A 238 55.02 28.66 -4.69
N GLU A 239 55.08 30.02 -4.90
CA GLU A 239 55.89 30.98 -4.15
C GLU A 239 55.61 31.04 -2.68
N ARG A 240 54.28 30.98 -2.29
CA ARG A 240 53.89 31.12 -0.94
C ARG A 240 54.05 29.82 -0.19
N ILE A 241 53.81 28.71 -0.90
CA ILE A 241 53.97 27.38 -0.48
C ILE A 241 55.46 27.13 -0.23
N ARG A 242 56.41 27.69 -1.11
CA ARG A 242 57.83 27.63 -0.81
C ARG A 242 58.15 28.30 0.47
N GLU A 243 57.57 29.46 0.76
CA GLU A 243 57.78 30.24 2.01
C GLU A 243 57.41 29.46 3.21
N LEU A 244 56.26 28.77 3.23
CA LEU A 244 55.82 27.86 4.23
C LEU A 244 56.86 26.74 4.44
N LEU A 245 57.47 26.10 3.39
CA LEU A 245 58.32 25.02 3.57
C LEU A 245 59.74 25.48 3.64
N LYS A 246 60.08 26.79 3.90
CA LYS A 246 61.47 27.17 4.25
C LYS A 246 61.37 27.55 5.69
N LYS A 247 60.16 27.34 6.30
CA LYS A 247 59.88 27.65 7.70
C LYS A 247 59.78 26.33 8.46
N GLN B 6 27.69 -4.45 32.48
CA GLN B 6 26.90 -3.60 33.43
C GLN B 6 25.49 -3.61 33.04
N MET B 7 25.01 -2.54 32.39
CA MET B 7 23.58 -2.47 32.10
C MET B 7 23.42 -2.32 30.60
N GLY B 8 22.20 -2.11 30.05
CA GLY B 8 22.07 -2.19 28.61
C GLY B 8 20.68 -1.89 28.25
N TYR B 9 20.11 -0.79 28.75
CA TYR B 9 18.81 -0.34 28.57
C TYR B 9 18.99 0.98 28.02
N ASP B 10 20.15 1.26 27.28
CA ASP B 10 20.36 2.46 26.53
C ASP B 10 20.75 1.93 25.20
N ARG B 11 20.44 0.61 24.97
CA ARG B 11 20.91 0.04 23.76
C ARG B 11 19.77 0.18 22.79
N ALA B 12 18.55 0.52 23.28
CA ALA B 12 17.32 0.58 22.57
C ALA B 12 16.49 1.66 23.23
N ILE B 13 15.65 2.39 22.55
CA ILE B 13 14.71 3.32 23.11
C ILE B 13 13.46 2.70 23.56
N THR B 14 13.18 1.43 23.14
CA THR B 14 12.01 0.63 23.48
C THR B 14 12.19 -0.11 24.84
N VAL B 15 13.34 0.03 25.50
CA VAL B 15 13.62 -0.79 26.62
C VAL B 15 13.85 0.13 27.76
N PHE B 16 12.85 0.21 28.69
CA PHE B 16 12.83 0.29 30.16
C PHE B 16 13.90 -0.38 30.92
N SER B 17 14.46 0.45 31.79
CA SER B 17 15.38 -0.02 32.79
C SER B 17 14.67 -0.58 33.94
N PRO B 18 15.34 -1.29 34.90
CA PRO B 18 14.73 -1.70 36.14
C PRO B 18 14.64 -0.55 37.06
N ASP B 19 15.16 0.66 36.68
CA ASP B 19 15.17 1.87 37.45
C ASP B 19 14.04 2.68 37.02
N GLY B 20 13.11 2.01 36.28
CA GLY B 20 11.80 2.58 35.97
C GLY B 20 11.75 3.62 34.91
N ARG B 21 12.84 3.80 34.17
CA ARG B 21 13.11 4.97 33.40
C ARG B 21 13.70 4.43 32.14
N LEU B 22 13.81 5.39 31.15
CA LEU B 22 14.48 5.15 29.94
C LEU B 22 15.81 5.87 30.17
N PHE B 23 16.93 5.12 30.05
CA PHE B 23 18.18 5.83 30.34
C PHE B 23 18.63 6.55 29.04
N GLN B 24 18.06 6.09 27.91
CA GLN B 24 18.27 6.51 26.58
C GLN B 24 17.73 7.92 26.29
N VAL B 25 16.55 8.28 26.88
CA VAL B 25 15.86 9.53 26.85
C VAL B 25 16.62 10.50 27.69
N GLU B 26 17.32 9.92 28.74
CA GLU B 26 17.96 10.69 29.69
C GLU B 26 19.30 11.01 29.18
N TYR B 27 19.79 10.33 28.02
CA TYR B 27 21.09 10.64 27.38
C TYR B 27 20.71 11.39 26.18
N ALA B 28 19.41 11.46 25.80
CA ALA B 28 19.03 12.42 24.78
C ALA B 28 18.89 13.80 25.35
N ARG B 29 18.66 13.91 26.69
CA ARG B 29 18.77 15.03 27.59
C ARG B 29 20.20 15.42 27.71
N GLU B 30 21.19 14.52 27.83
CA GLU B 30 22.52 14.92 28.02
C GLU B 30 23.22 15.10 26.72
N ALA B 31 22.42 15.05 25.59
CA ALA B 31 22.89 15.56 24.30
C ALA B 31 22.61 17.02 24.16
N VAL B 32 21.54 17.38 24.89
CA VAL B 32 21.15 18.85 24.90
C VAL B 32 22.26 19.53 25.66
N LYS B 33 22.69 18.91 26.80
CA LYS B 33 23.63 19.50 27.76
C LYS B 33 24.96 19.56 27.23
N ARG B 34 25.42 18.91 26.15
CA ARG B 34 26.68 18.99 25.42
C ARG B 34 26.60 20.20 24.56
N GLY B 35 25.39 20.53 24.09
CA GLY B 35 25.35 21.68 23.15
C GLY B 35 25.46 22.95 23.86
N ALA B 36 25.47 24.07 23.13
CA ALA B 36 25.59 25.43 23.65
C ALA B 36 24.29 25.95 24.11
N THR B 37 24.33 26.77 25.19
CA THR B 37 23.22 27.44 25.80
C THR B 37 22.31 28.32 24.91
N ALA B 38 21.00 28.40 25.40
CA ALA B 38 19.90 29.16 24.91
C ALA B 38 19.13 29.39 26.19
N ILE B 39 18.56 30.56 26.38
CA ILE B 39 17.97 31.15 27.61
C ILE B 39 16.66 31.71 27.17
N GLY B 40 15.57 31.69 27.92
CA GLY B 40 14.38 32.40 27.77
C GLY B 40 14.13 33.13 29.04
N ILE B 41 13.56 34.31 28.91
CA ILE B 41 13.18 35.14 30.03
C ILE B 41 11.77 35.50 29.68
N LYS B 42 10.81 35.39 30.63
CA LYS B 42 9.44 35.72 30.39
C LYS B 42 9.28 36.93 31.22
N CYS B 43 8.64 37.95 30.62
CA CYS B 43 8.13 39.01 31.40
C CYS B 43 6.67 39.09 31.12
N LYS B 44 5.95 39.97 31.73
CA LYS B 44 4.53 40.10 31.55
C LYS B 44 4.23 40.97 30.36
N GLU B 45 5.31 41.39 29.63
CA GLU B 45 5.27 42.45 28.70
C GLU B 45 5.84 41.81 27.42
N GLY B 46 6.11 40.47 27.43
CA GLY B 46 6.84 39.94 26.29
C GLY B 46 7.53 38.65 26.70
N VAL B 47 8.32 38.01 25.81
CA VAL B 47 9.16 36.93 26.08
C VAL B 47 10.38 37.15 25.19
N ILE B 48 11.54 36.89 25.70
CA ILE B 48 12.81 37.35 25.26
C ILE B 48 13.56 36.16 25.32
N LEU B 49 14.25 35.79 24.20
CA LEU B 49 15.01 34.51 23.99
C LEU B 49 16.36 34.91 23.53
N ILE B 50 17.39 34.38 24.23
CA ILE B 50 18.78 34.81 24.05
C ILE B 50 19.42 33.50 23.75
N ALA B 51 20.35 33.42 22.76
CA ALA B 51 21.07 32.16 22.45
C ALA B 51 22.41 32.65 21.87
N ASP B 52 23.50 31.77 22.18
CA ASP B 52 24.88 31.83 21.80
C ASP B 52 25.11 31.80 20.28
N LYS B 53 26.17 32.50 19.84
CA LYS B 53 26.56 32.62 18.41
C LYS B 53 28.04 32.98 18.49
N ARG B 54 28.78 32.70 19.57
CA ARG B 54 30.26 32.87 19.78
C ARG B 54 30.95 31.70 19.11
N VAL B 55 30.25 30.57 18.94
CA VAL B 55 30.71 29.25 18.46
C VAL B 55 31.34 29.40 17.05
N GLY B 56 32.53 28.85 16.83
CA GLY B 56 33.34 28.97 15.68
C GLY B 56 34.42 29.95 16.07
N SER B 57 35.39 30.06 15.20
CA SER B 57 36.54 30.89 15.33
C SER B 57 36.15 32.22 14.71
N LYS B 58 37.14 32.96 14.09
CA LYS B 58 37.04 34.08 13.24
C LYS B 58 36.91 33.50 11.83
N LEU B 59 36.62 32.19 11.64
CA LEU B 59 36.53 31.59 10.30
C LEU B 59 35.14 31.23 9.95
N LEU B 60 34.23 31.32 10.92
CA LEU B 60 32.78 31.09 10.77
C LEU B 60 32.14 32.49 10.65
N GLU B 61 30.94 32.61 9.95
CA GLU B 61 30.23 33.90 9.72
C GLU B 61 29.72 34.52 10.98
N ALA B 62 29.45 35.86 10.84
CA ALA B 62 28.72 36.77 11.75
C ALA B 62 27.29 36.16 11.92
N ASP B 63 26.83 35.66 10.78
CA ASP B 63 25.46 35.44 10.46
C ASP B 63 25.21 33.94 10.50
N THR B 64 26.22 33.10 10.84
CA THR B 64 26.19 31.64 11.20
C THR B 64 25.14 31.49 12.33
N ILE B 65 24.45 30.27 12.37
CA ILE B 65 23.61 29.71 13.42
C ILE B 65 23.84 30.41 14.75
N GLU B 66 22.92 31.29 15.26
CA GLU B 66 21.65 31.71 14.76
C GLU B 66 20.57 30.74 15.15
N LYS B 67 19.99 30.85 16.32
CA LYS B 67 19.39 29.71 16.94
C LYS B 67 17.93 29.83 17.10
N ILE B 68 17.42 31.11 16.79
CA ILE B 68 16.23 31.50 17.44
C ILE B 68 15.41 31.66 16.15
N TYR B 69 14.87 30.52 15.62
CA TYR B 69 14.28 30.46 14.37
C TYR B 69 12.82 30.87 14.56
N LYS B 70 12.39 31.65 13.58
CA LYS B 70 11.05 32.01 13.41
C LYS B 70 10.17 30.82 13.06
N ILE B 71 9.04 30.61 13.77
CA ILE B 71 8.12 29.48 13.73
C ILE B 71 6.84 30.15 13.29
N ASP B 72 6.54 31.42 13.74
CA ASP B 72 5.44 32.13 13.23
C ASP B 72 5.79 33.59 13.38
N GLU B 73 4.83 34.49 13.13
CA GLU B 73 5.03 35.92 13.16
C GLU B 73 4.85 36.50 14.52
N HIS B 74 4.65 35.60 15.54
CA HIS B 74 4.64 35.94 16.91
C HIS B 74 5.18 34.75 17.71
N ILE B 75 5.96 33.77 17.06
CA ILE B 75 6.56 32.68 17.78
C ILE B 75 7.97 32.57 17.26
N CYS B 76 8.96 32.67 18.24
CA CYS B 76 10.31 32.22 17.98
C CYS B 76 10.65 31.17 18.91
N ALA B 77 11.67 30.39 18.47
CA ALA B 77 12.04 29.22 19.24
C ALA B 77 13.54 29.06 19.11
N ALA B 78 14.27 28.97 20.26
CA ALA B 78 15.65 28.69 20.26
C ALA B 78 15.81 27.24 20.53
N THR B 79 17.05 26.70 20.39
CA THR B 79 17.32 25.31 20.49
C THR B 79 18.61 25.16 21.29
N SER B 80 18.80 23.94 21.75
CA SER B 80 20.00 23.51 22.31
C SER B 80 20.00 22.00 21.95
N GLY B 81 21.23 21.46 21.59
CA GLY B 81 21.43 20.05 21.29
C GLY B 81 22.02 20.10 19.91
N LEU B 82 21.75 19.04 19.12
CA LEU B 82 22.35 18.85 17.79
C LEU B 82 21.63 19.75 16.91
N VAL B 83 22.36 20.56 16.15
CA VAL B 83 21.76 21.58 15.35
C VAL B 83 21.03 21.00 14.20
N ALA B 84 21.47 19.81 13.79
CA ALA B 84 20.90 18.92 12.83
C ALA B 84 19.47 18.47 13.24
N ASP B 85 19.38 17.95 14.52
CA ASP B 85 18.11 17.52 15.06
C ASP B 85 17.17 18.67 15.33
N ALA B 86 17.80 19.87 15.56
CA ALA B 86 17.21 21.08 15.86
C ALA B 86 16.39 21.54 14.66
N ARG B 87 16.92 21.43 13.41
CA ARG B 87 16.30 21.97 12.20
C ARG B 87 15.05 21.29 11.89
N VAL B 88 15.01 19.92 11.96
CA VAL B 88 13.80 19.13 11.61
C VAL B 88 12.70 19.40 12.60
N LEU B 89 12.95 19.44 13.94
CA LEU B 89 11.99 19.84 14.94
C LEU B 89 11.50 21.25 14.78
N ILE B 90 12.43 22.16 14.37
CA ILE B 90 12.03 23.51 14.05
C ILE B 90 11.19 23.56 12.83
N ASP B 91 11.37 22.72 11.80
CA ASP B 91 10.64 22.69 10.54
C ASP B 91 9.30 22.18 10.74
N ARG B 92 9.16 21.05 11.50
CA ARG B 92 7.94 20.54 11.94
C ARG B 92 7.15 21.43 12.78
N ALA B 93 7.82 22.18 13.61
CA ALA B 93 7.32 23.26 14.44
C ALA B 93 6.69 24.36 13.70
N ARG B 94 7.32 24.79 12.60
CA ARG B 94 6.77 25.74 11.66
C ARG B 94 5.55 25.28 10.99
N ILE B 95 5.57 24.03 10.56
CA ILE B 95 4.60 23.41 9.69
C ILE B 95 3.25 23.36 10.40
N GLU B 96 3.27 22.96 11.66
CA GLU B 96 2.23 22.87 12.58
C GLU B 96 1.61 24.18 12.90
N ALA B 97 2.45 25.19 13.01
CA ALA B 97 2.03 26.52 13.28
C ALA B 97 1.29 27.02 12.15
N GLN B 98 1.74 26.73 10.94
CA GLN B 98 1.09 27.13 9.68
C GLN B 98 -0.11 26.26 9.34
N ILE B 99 -0.18 25.11 9.92
CA ILE B 99 -1.37 24.26 9.79
C ILE B 99 -2.58 24.87 10.53
N ASN B 100 -2.30 25.45 11.69
CA ASN B 100 -3.32 26.08 12.52
C ASN B 100 -3.93 27.25 11.86
N ARG B 101 -3.08 28.08 11.26
CA ARG B 101 -3.48 29.23 10.45
C ARG B 101 -4.19 28.73 9.21
N LEU B 102 -3.80 27.61 8.57
CA LEU B 102 -4.57 27.13 7.41
C LEU B 102 -6.00 26.70 7.77
N THR B 103 -6.20 25.86 8.83
CA THR B 103 -7.36 25.14 9.07
C THR B 103 -8.30 25.96 9.97
N TYR B 104 -7.86 27.11 10.54
CA TYR B 104 -8.74 27.80 11.49
C TYR B 104 -8.69 29.18 11.12
N ASP B 105 -7.56 29.65 10.63
CA ASP B 105 -7.27 31.05 10.52
C ASP B 105 -7.01 31.78 11.83
N GLU B 106 -6.29 31.02 12.68
CA GLU B 106 -6.06 31.35 14.02
C GLU B 106 -4.60 31.20 14.08
N PRO B 107 -3.86 32.32 14.35
CA PRO B 107 -2.51 32.28 14.77
C PRO B 107 -2.34 31.36 16.01
N ILE B 108 -1.57 30.30 15.76
CA ILE B 108 -1.32 29.18 16.61
C ILE B 108 -1.23 29.57 18.04
N THR B 109 -1.94 28.93 18.96
CA THR B 109 -1.85 29.18 20.41
C THR B 109 -0.53 28.55 20.89
N VAL B 110 0.19 29.20 21.78
CA VAL B 110 1.59 28.89 22.16
C VAL B 110 1.63 27.61 22.93
N LYS B 111 0.61 27.46 23.82
CA LYS B 111 0.37 26.29 24.64
C LYS B 111 0.18 25.09 23.75
N GLU B 112 -0.62 25.26 22.68
CA GLU B 112 -1.03 24.23 21.75
C GLU B 112 0.05 23.90 20.79
N LEU B 113 1.01 24.83 20.50
CA LEU B 113 2.16 24.58 19.67
C LEU B 113 3.09 23.72 20.43
N ALA B 114 3.23 24.03 21.71
CA ALA B 114 4.16 23.25 22.50
C ALA B 114 3.63 21.86 22.60
N LYS B 115 2.24 21.74 22.71
CA LYS B 115 1.61 20.45 22.76
C LYS B 115 1.81 19.59 21.52
N LYS B 116 1.65 20.14 20.30
CA LYS B 116 1.81 19.42 19.05
C LYS B 116 3.25 18.99 18.73
N ILE B 117 4.28 19.76 19.16
CA ILE B 117 5.71 19.41 19.10
C ILE B 117 5.96 18.33 20.09
N CYS B 118 5.30 18.36 21.30
CA CYS B 118 5.46 17.33 22.26
C CYS B 118 5.02 15.99 21.74
N ASP B 119 3.91 15.93 20.98
CA ASP B 119 3.44 14.70 20.37
C ASP B 119 4.30 14.21 19.31
N PHE B 120 5.00 15.11 18.55
CA PHE B 120 5.84 14.75 17.43
C PHE B 120 7.11 14.13 17.95
N LYS B 121 7.67 14.75 19.02
CA LYS B 121 8.92 14.23 19.63
C LYS B 121 8.63 12.91 20.30
N GLN B 122 7.42 12.62 20.75
CA GLN B 122 6.97 11.31 21.25
C GLN B 122 6.73 10.28 20.20
N GLN B 123 6.47 10.60 18.90
CA GLN B 123 6.44 9.55 17.87
C GLN B 123 7.77 8.88 17.70
N TYR B 124 8.86 9.74 17.87
CA TYR B 124 10.27 9.35 17.80
C TYR B 124 10.67 8.73 19.11
N THR B 125 9.91 8.77 20.17
CA THR B 125 10.26 8.08 21.42
C THR B 125 9.63 6.71 21.35
N GLN B 126 8.36 6.55 20.98
CA GLN B 126 7.66 5.27 21.12
C GLN B 126 8.19 4.20 20.23
N TYR B 127 8.35 4.54 18.93
CA TYR B 127 8.77 3.58 17.91
C TYR B 127 10.27 3.37 18.07
N GLY B 128 10.78 2.13 17.67
CA GLY B 128 12.20 1.87 17.93
C GLY B 128 13.04 1.73 16.72
N GLY B 129 12.34 2.00 15.59
CA GLY B 129 12.90 2.06 14.28
C GLY B 129 13.31 3.39 13.93
N VAL B 130 13.38 4.24 15.01
CA VAL B 130 13.67 5.60 14.83
C VAL B 130 14.35 5.92 16.14
N ARG B 131 14.88 7.16 16.28
CA ARG B 131 15.70 7.54 17.43
C ARG B 131 15.15 8.78 17.95
N PRO B 132 15.14 9.05 19.27
CA PRO B 132 14.48 10.19 19.91
C PRO B 132 15.29 11.39 19.58
N PHE B 133 14.76 12.59 19.82
CA PHE B 133 15.56 13.76 19.51
C PHE B 133 16.36 14.06 20.66
N GLY B 134 17.51 14.65 20.41
CA GLY B 134 18.56 15.06 21.28
C GLY B 134 18.36 16.45 21.79
N VAL B 135 17.26 17.13 21.36
CA VAL B 135 17.08 18.53 21.30
C VAL B 135 15.91 18.89 22.21
N SER B 136 16.04 20.12 22.85
CA SER B 136 15.02 20.78 23.65
C SER B 136 14.81 22.08 22.94
N LEU B 137 13.56 22.58 22.78
CA LEU B 137 13.32 23.82 22.13
C LEU B 137 12.66 24.59 23.18
N LEU B 138 12.81 25.88 23.17
CA LEU B 138 12.03 26.77 23.91
C LEU B 138 11.07 27.39 22.94
N ILE B 139 9.75 27.02 23.12
CA ILE B 139 8.64 27.58 22.36
C ILE B 139 8.17 28.72 23.16
N ALA B 140 8.15 29.87 22.55
CA ALA B 140 7.89 31.07 23.21
C ALA B 140 7.15 31.97 22.28
N GLY B 141 6.16 32.78 22.77
CA GLY B 141 5.43 33.71 22.01
C GLY B 141 4.35 34.39 22.82
N VAL B 142 3.64 35.34 22.24
CA VAL B 142 2.53 36.02 22.85
C VAL B 142 1.44 35.66 21.91
N ASP B 143 0.53 34.77 22.43
CA ASP B 143 -0.73 34.47 21.75
C ASP B 143 -1.79 35.47 22.07
N GLU B 144 -1.67 35.97 23.32
CA GLU B 144 -2.42 37.11 23.83
C GLU B 144 -1.99 37.39 25.26
N VAL B 145 -1.13 36.50 25.82
CA VAL B 145 -0.37 36.79 27.00
C VAL B 145 0.94 36.25 26.71
N PRO B 146 2.12 36.62 27.35
CA PRO B 146 3.37 35.92 27.20
C PRO B 146 3.33 34.54 27.81
N LYS B 147 3.98 33.65 27.07
CA LYS B 147 4.14 32.30 27.58
C LYS B 147 5.54 31.98 27.05
N LEU B 148 6.22 31.08 27.91
CA LEU B 148 7.50 30.52 27.53
C LEU B 148 7.26 29.11 28.02
N TYR B 149 7.46 28.05 27.18
CA TYR B 149 7.33 26.69 27.60
C TYR B 149 8.68 26.02 27.16
N GLU B 150 8.90 24.80 27.60
CA GLU B 150 10.00 24.08 27.24
C GLU B 150 9.43 22.73 26.87
N THR B 151 9.89 22.16 25.72
CA THR B 151 9.47 20.86 25.26
C THR B 151 10.82 20.23 25.34
N ASP B 152 10.91 19.00 25.94
CA ASP B 152 12.14 18.33 26.39
C ASP B 152 12.50 17.34 25.31
N PRO B 153 13.68 16.70 25.22
CA PRO B 153 13.97 15.51 24.36
C PRO B 153 12.94 14.43 24.51
N SER B 154 12.35 14.22 25.74
CA SER B 154 11.33 13.28 25.93
C SER B 154 10.03 13.67 25.23
N GLY B 155 9.76 15.03 25.13
CA GLY B 155 8.59 15.58 24.51
C GLY B 155 7.63 15.92 25.61
N ALA B 156 8.19 16.58 26.67
CA ALA B 156 7.52 16.87 27.90
C ALA B 156 7.37 18.27 28.05
N LEU B 157 6.19 18.66 28.58
CA LEU B 157 5.75 20.06 28.58
C LEU B 157 5.96 20.54 29.94
N LEU B 158 6.60 21.75 30.06
CA LEU B 158 6.84 22.36 31.31
C LEU B 158 6.67 23.84 30.90
N GLU B 159 6.06 24.57 31.82
CA GLU B 159 5.84 25.98 31.67
C GLU B 159 6.85 26.68 32.51
N TYR B 160 7.51 27.79 32.03
CA TYR B 160 8.54 28.48 32.75
C TYR B 160 8.24 29.93 32.59
N LYS B 161 8.91 30.69 33.44
CA LYS B 161 8.79 32.11 33.46
C LYS B 161 10.20 32.65 33.45
N ALA B 162 11.17 31.67 33.32
CA ALA B 162 12.60 31.95 32.94
C ALA B 162 13.24 30.57 32.98
N THR B 163 14.13 30.22 32.01
CA THR B 163 14.78 28.92 31.93
C THR B 163 15.93 29.17 31.03
N ALA B 164 16.78 28.09 30.93
CA ALA B 164 17.85 28.01 29.99
C ALA B 164 17.99 26.56 29.70
N ILE B 165 18.69 26.20 28.57
CA ILE B 165 18.84 24.81 28.05
C ILE B 165 20.16 24.81 27.47
N GLY B 166 20.91 23.68 27.67
CA GLY B 166 22.32 23.50 27.41
C GLY B 166 23.11 23.58 28.69
N MET B 167 24.43 23.75 28.52
CA MET B 167 25.48 23.79 29.53
C MET B 167 25.20 24.92 30.51
N GLY B 168 24.67 26.14 30.16
CA GLY B 168 24.57 27.32 30.98
C GLY B 168 23.44 27.22 31.92
N ARG B 169 22.63 26.16 31.81
CA ARG B 169 21.38 26.13 32.54
C ARG B 169 21.47 26.31 34.03
N ASN B 170 22.31 25.47 34.72
CA ASN B 170 22.45 25.38 36.14
C ASN B 170 22.93 26.62 36.83
N ALA B 171 23.92 27.38 36.28
CA ALA B 171 24.30 28.73 36.75
C ALA B 171 23.17 29.73 36.77
N VAL B 172 22.35 29.69 35.71
CA VAL B 172 21.31 30.56 35.35
C VAL B 172 20.08 30.32 36.13
N THR B 173 19.86 29.06 36.56
CA THR B 173 18.75 28.59 37.38
C THR B 173 18.84 29.22 38.70
N GLU B 174 20.00 29.17 39.36
CA GLU B 174 20.29 29.89 40.54
C GLU B 174 20.18 31.38 40.43
N PHE B 175 20.61 31.96 39.26
CA PHE B 175 20.68 33.40 39.14
C PHE B 175 19.27 33.94 39.18
N PHE B 176 18.35 33.35 38.39
CA PHE B 176 16.95 33.82 38.37
C PHE B 176 16.25 33.49 39.65
N GLU B 177 16.61 32.40 40.30
CA GLU B 177 16.04 32.02 41.63
C GLU B 177 16.30 33.14 42.69
N LYS B 178 17.41 33.99 42.56
CA LYS B 178 17.59 35.14 43.41
C LYS B 178 16.94 36.30 42.76
N GLU B 179 17.33 36.62 41.49
CA GLU B 179 17.11 37.95 41.02
C GLU B 179 15.74 38.14 40.41
N TYR B 180 15.36 37.19 39.50
CA TYR B 180 14.07 37.15 38.78
C TYR B 180 12.89 37.40 39.60
N ARG B 181 12.05 38.37 39.11
CA ARG B 181 10.89 38.75 39.75
C ARG B 181 9.79 38.71 38.73
N ASP B 182 8.54 38.85 39.24
CA ASP B 182 7.41 38.59 38.42
C ASP B 182 6.88 39.95 38.05
N ASP B 183 7.38 41.06 38.72
CA ASP B 183 6.94 42.37 38.56
C ASP B 183 7.74 42.99 37.38
N LEU B 184 8.39 42.07 36.63
CA LEU B 184 9.37 42.35 35.58
C LEU B 184 8.67 43.00 34.38
N SER B 185 9.36 43.99 33.79
CA SER B 185 8.84 44.80 32.65
C SER B 185 9.97 44.58 31.62
N PHE B 186 9.74 45.17 30.42
CA PHE B 186 10.41 44.77 29.16
C PHE B 186 11.88 45.05 29.15
N ASP B 187 12.22 46.35 29.51
CA ASP B 187 13.60 46.92 29.59
C ASP B 187 14.39 46.08 30.54
N ASP B 188 13.71 45.68 31.61
CA ASP B 188 14.35 45.05 32.74
C ASP B 188 14.81 43.63 32.55
N ALA B 189 13.86 42.97 31.85
CA ALA B 189 13.87 41.64 31.44
C ALA B 189 14.97 41.44 30.48
N MET B 190 15.11 42.38 29.51
CA MET B 190 16.11 42.29 28.53
C MET B 190 17.49 42.40 29.09
N VAL B 191 17.76 43.39 30.05
CA VAL B 191 19.05 43.52 30.71
C VAL B 191 19.32 42.29 31.54
N LEU B 192 18.32 41.72 32.33
CA LEU B 192 18.46 40.63 33.28
C LEU B 192 18.90 39.35 32.59
N GLY B 193 18.37 39.14 31.38
CA GLY B 193 18.64 37.92 30.66
C GLY B 193 20.00 37.93 30.01
N LEU B 194 20.56 39.14 29.76
CA LEU B 194 21.90 39.29 29.23
C LEU B 194 22.78 38.98 30.35
N VAL B 195 22.53 39.44 31.55
CA VAL B 195 23.34 39.32 32.77
C VAL B 195 23.59 37.83 32.94
N ALA B 196 22.49 37.11 32.78
CA ALA B 196 22.46 35.75 33.02
C ALA B 196 23.21 34.92 31.98
N MET B 197 23.12 35.39 30.67
CA MET B 197 23.84 34.87 29.55
C MET B 197 25.32 35.03 29.69
N GLY B 198 25.86 36.14 30.27
CA GLY B 198 27.27 36.28 30.57
C GLY B 198 27.76 35.31 31.58
N LEU B 199 26.98 34.88 32.53
CA LEU B 199 27.31 33.85 33.49
C LEU B 199 27.44 32.56 32.82
N SER B 200 26.61 32.32 31.82
CA SER B 200 26.54 31.06 31.14
C SER B 200 27.86 30.76 30.44
N ILE B 201 28.39 31.82 29.71
CA ILE B 201 29.63 31.69 28.96
C ILE B 201 30.79 32.03 29.83
N GLU B 202 30.50 32.46 31.08
CA GLU B 202 31.46 32.73 32.09
C GLU B 202 32.39 33.81 31.75
N SER B 203 31.95 34.83 30.95
CA SER B 203 32.85 35.89 30.38
C SER B 203 31.94 37.03 30.02
N GLU B 204 32.50 38.19 29.64
CA GLU B 204 31.84 39.36 29.19
C GLU B 204 31.12 39.15 27.92
N LEU B 205 30.01 39.83 27.71
CA LEU B 205 29.26 39.77 26.50
C LEU B 205 29.67 40.89 25.60
N VAL B 206 29.41 40.62 24.30
CA VAL B 206 29.43 41.56 23.23
C VAL B 206 28.16 41.16 22.48
N PRO B 207 27.68 41.98 21.60
CA PRO B 207 26.39 41.83 20.89
C PRO B 207 26.41 40.95 19.69
N GLU B 208 27.68 40.64 19.18
CA GLU B 208 27.75 39.98 17.92
C GLU B 208 28.07 38.53 18.15
N ASN B 209 28.26 38.10 19.44
CA ASN B 209 28.58 36.69 19.74
C ASN B 209 27.28 36.16 20.29
N ILE B 210 26.16 36.89 20.22
CA ILE B 210 24.83 36.41 20.54
C ILE B 210 23.89 37.00 19.52
N GLU B 211 22.76 36.31 19.30
CA GLU B 211 21.60 36.78 18.65
C GLU B 211 20.45 36.62 19.65
N VAL B 212 19.52 37.59 19.62
CA VAL B 212 18.40 37.71 20.52
C VAL B 212 17.18 38.01 19.66
N GLY B 213 16.13 37.22 19.93
CA GLY B 213 14.81 37.33 19.37
C GLY B 213 13.90 37.72 20.54
N TYR B 214 12.69 38.26 20.23
CA TYR B 214 11.66 38.64 21.23
C TYR B 214 10.28 38.68 20.54
N VAL B 215 9.17 38.49 21.32
CA VAL B 215 7.87 38.68 20.83
C VAL B 215 7.28 39.54 21.90
N LYS B 216 6.95 40.78 21.50
CA LYS B 216 6.48 41.85 22.41
C LYS B 216 5.01 41.65 22.64
N VAL B 217 4.38 42.22 23.69
CA VAL B 217 2.95 42.10 23.83
C VAL B 217 2.30 43.17 23.01
N ASP B 218 2.89 44.39 23.08
CA ASP B 218 2.37 45.60 22.50
C ASP B 218 2.33 45.63 20.98
N ASP B 219 3.31 44.90 20.33
CA ASP B 219 3.36 44.82 18.87
C ASP B 219 2.52 43.58 18.59
N ARG B 220 2.90 42.47 19.27
CA ARG B 220 2.36 41.14 19.18
C ARG B 220 2.92 40.57 17.92
N THR B 221 4.07 41.06 17.49
CA THR B 221 4.81 40.55 16.39
C THR B 221 6.11 40.30 17.05
N PHE B 222 6.62 39.06 16.95
CA PHE B 222 8.02 38.88 16.55
C PHE B 222 8.76 40.00 15.82
N LYS B 223 9.90 40.36 16.41
CA LYS B 223 10.81 41.24 15.78
C LYS B 223 12.10 40.65 16.26
N GLU B 224 13.07 40.76 15.40
CA GLU B 224 14.37 40.21 15.75
C GLU B 224 15.09 41.36 16.29
N VAL B 225 16.01 41.21 17.23
CA VAL B 225 16.83 42.16 17.81
C VAL B 225 17.93 42.40 16.89
N SER B 226 18.35 43.68 16.62
CA SER B 226 19.51 43.81 15.79
C SER B 226 20.64 44.02 16.67
N PRO B 227 21.91 43.98 16.24
CA PRO B 227 23.10 44.34 17.05
C PRO B 227 23.04 45.69 17.65
N GLU B 228 22.36 46.65 16.94
CA GLU B 228 22.20 48.00 17.35
C GLU B 228 21.25 48.10 18.46
N GLU B 229 20.12 47.30 18.43
CA GLU B 229 19.22 47.25 19.53
C GLU B 229 19.76 46.59 20.73
N LEU B 230 20.74 45.72 20.50
CA LEU B 230 21.42 45.04 21.61
C LEU B 230 22.27 45.94 22.48
N LYS B 231 22.99 46.84 21.79
CA LYS B 231 23.94 47.71 22.51
C LYS B 231 23.44 48.33 23.82
N PRO B 232 22.33 49.09 24.02
CA PRO B 232 22.09 49.72 25.27
C PRO B 232 21.94 48.70 26.37
N TYR B 233 21.44 47.48 26.07
CA TYR B 233 21.29 46.38 27.02
C TYR B 233 22.59 45.74 27.42
N VAL B 234 23.55 45.75 26.50
CA VAL B 234 24.84 45.28 26.74
C VAL B 234 25.54 46.09 27.74
N GLU B 235 25.50 47.45 27.60
CA GLU B 235 26.22 48.39 28.38
C GLU B 235 25.80 48.28 29.84
N ARG B 236 24.46 48.30 30.11
CA ARG B 236 23.86 48.16 31.42
C ARG B 236 24.13 46.81 31.94
N ALA B 237 24.07 45.72 31.13
CA ALA B 237 24.27 44.39 31.64
C ALA B 237 25.66 44.10 32.17
N ASN B 238 26.69 44.57 31.44
CA ASN B 238 28.06 44.29 31.81
C ASN B 238 28.47 44.75 33.18
N GLU B 239 27.70 45.68 33.79
CA GLU B 239 28.01 46.19 35.13
C GLU B 239 27.96 45.02 36.17
N ARG B 240 26.94 44.21 36.05
CA ARG B 240 26.79 43.11 36.90
C ARG B 240 27.56 41.90 36.47
N ILE B 241 27.83 41.70 35.09
CA ILE B 241 28.55 40.53 34.59
C ILE B 241 29.96 40.59 35.26
N ARG B 242 30.57 41.81 35.29
CA ARG B 242 31.91 42.08 35.84
C ARG B 242 31.93 41.73 37.31
N GLU B 243 30.88 42.17 38.10
CA GLU B 243 30.86 41.99 39.56
C GLU B 243 30.79 40.58 39.99
N LEU B 244 29.98 39.75 39.28
CA LEU B 244 29.79 38.37 39.67
C LEU B 244 30.75 37.34 39.12
N LEU B 245 31.65 37.78 38.20
CA LEU B 245 32.64 36.88 37.55
C LEU B 245 33.99 37.21 38.10
N LYS B 246 34.08 38.26 39.01
CA LYS B 246 35.17 38.45 39.89
C LYS B 246 35.05 37.30 40.87
N LYS B 247 36.02 36.36 41.00
CA LYS B 247 35.92 35.25 41.87
C LYS B 247 36.73 35.52 43.13
N GLN C 6 16.50 -12.74 37.65
CA GLN C 6 16.02 -12.40 36.32
C GLN C 6 16.95 -11.49 35.63
N MET C 7 17.45 -12.00 34.43
CA MET C 7 18.51 -11.34 33.68
C MET C 7 18.36 -11.65 32.22
N GLY C 8 18.02 -10.63 31.39
CA GLY C 8 17.88 -10.79 29.99
C GLY C 8 16.55 -11.29 29.53
N TYR C 9 15.53 -10.98 30.32
CA TYR C 9 14.18 -11.38 29.97
C TYR C 9 13.42 -10.14 30.16
N ASP C 10 13.92 -9.01 29.61
CA ASP C 10 13.51 -7.72 30.03
C ASP C 10 14.06 -6.68 29.07
N ARG C 11 14.76 -7.14 28.02
CA ARG C 11 15.32 -6.22 27.05
C ARG C 11 14.51 -6.27 25.81
N ALA C 12 13.42 -7.10 25.81
CA ALA C 12 12.41 -7.12 24.78
C ALA C 12 11.10 -7.41 25.43
N ILE C 13 10.08 -6.86 24.83
CA ILE C 13 8.68 -6.79 25.31
C ILE C 13 8.06 -8.07 24.90
N THR C 14 8.75 -8.88 23.98
CA THR C 14 8.16 -10.12 23.57
C THR C 14 8.53 -11.20 24.48
N VAL C 15 9.37 -10.89 25.43
CA VAL C 15 10.05 -11.94 26.17
C VAL C 15 9.61 -12.07 27.61
N PHE C 16 8.69 -13.02 27.90
CA PHE C 16 8.37 -13.49 29.28
C PHE C 16 9.50 -14.08 29.96
N SER C 17 9.57 -13.95 31.34
CA SER C 17 10.57 -14.64 32.10
C SER C 17 10.29 -16.12 32.27
N PRO C 18 11.23 -16.88 32.80
CA PRO C 18 11.15 -18.27 33.02
C PRO C 18 10.11 -18.43 34.08
N ASP C 19 10.13 -17.49 35.04
CA ASP C 19 9.11 -17.35 36.09
C ASP C 19 7.71 -17.06 35.47
N GLY C 20 7.54 -16.23 34.45
CA GLY C 20 6.26 -16.01 33.80
C GLY C 20 5.64 -14.82 34.45
N ARG C 21 5.64 -13.68 33.75
CA ARG C 21 5.35 -12.35 34.17
C ARG C 21 6.28 -11.66 33.22
N LEU C 22 5.82 -10.56 32.65
CA LEU C 22 6.57 -9.73 31.80
C LEU C 22 7.23 -8.76 32.72
N PHE C 23 8.56 -8.75 32.64
CA PHE C 23 9.35 -7.88 33.53
C PHE C 23 9.67 -6.60 32.87
N GLN C 24 9.41 -6.53 31.53
CA GLN C 24 9.46 -5.40 30.80
C GLN C 24 8.35 -4.48 31.21
N VAL C 25 7.13 -5.00 31.41
CA VAL C 25 5.91 -4.35 31.79
C VAL C 25 6.03 -3.93 33.24
N GLU C 26 6.70 -4.74 34.12
CA GLU C 26 6.95 -4.42 35.53
C GLU C 26 7.76 -3.15 35.64
N TYR C 27 8.69 -2.91 34.72
CA TYR C 27 9.48 -1.68 34.75
C TYR C 27 8.69 -0.55 34.18
N ALA C 28 7.68 -0.78 33.35
CA ALA C 28 6.89 0.29 32.84
C ALA C 28 5.84 0.64 33.87
N ARG C 29 5.75 -0.29 34.93
CA ARG C 29 4.75 -0.03 35.98
C ARG C 29 5.58 0.56 37.09
N GLU C 30 6.95 0.50 36.98
CA GLU C 30 7.82 1.24 37.97
C GLU C 30 7.98 2.69 37.46
N ALA C 31 7.67 2.93 36.13
CA ALA C 31 7.70 4.23 35.50
C ALA C 31 6.58 5.11 35.96
N VAL C 32 5.51 4.45 36.40
CA VAL C 32 4.36 5.10 37.04
C VAL C 32 4.74 5.66 38.39
N LYS C 33 5.62 4.90 39.10
CA LYS C 33 6.00 5.21 40.45
C LYS C 33 7.11 6.17 40.38
N ARG C 34 7.67 6.56 39.22
CA ARG C 34 8.74 7.52 38.96
C ARG C 34 8.12 8.86 38.55
N GLY C 35 6.76 8.90 38.62
CA GLY C 35 6.15 10.24 38.63
C GLY C 35 5.69 10.51 40.03
N ALA C 36 5.03 11.70 40.27
CA ALA C 36 4.66 12.18 41.54
C ALA C 36 3.37 11.52 41.84
N THR C 37 2.87 11.51 43.09
CA THR C 37 1.57 11.07 43.55
C THR C 37 0.41 11.80 42.96
N ALA C 38 -0.67 11.04 42.60
CA ALA C 38 -1.90 11.52 42.13
C ALA C 38 -2.93 10.57 42.65
N ILE C 39 -4.00 11.16 43.26
CA ILE C 39 -5.04 10.47 44.04
C ILE C 39 -6.41 10.75 43.53
N GLY C 40 -7.32 9.74 43.51
CA GLY C 40 -8.72 9.91 43.15
C GLY C 40 -9.42 9.33 44.36
N ILE C 41 -10.53 9.96 44.85
CA ILE C 41 -11.31 9.44 45.98
C ILE C 41 -12.79 9.59 45.51
N LYS C 42 -13.59 8.52 45.74
CA LYS C 42 -14.94 8.34 45.18
C LYS C 42 -15.98 8.53 46.26
N CYS C 43 -17.04 9.26 45.91
CA CYS C 43 -18.14 9.57 46.83
C CYS C 43 -19.33 9.09 46.09
N LYS C 44 -20.55 9.15 46.67
CA LYS C 44 -21.72 8.74 46.04
C LYS C 44 -22.51 9.93 45.57
N GLU C 45 -21.68 10.97 45.36
CA GLU C 45 -21.99 12.31 44.95
C GLU C 45 -21.29 12.79 43.72
N GLY C 46 -20.23 12.02 43.32
CA GLY C 46 -19.34 12.36 42.26
C GLY C 46 -18.05 11.59 42.46
N VAL C 47 -17.02 12.21 41.97
CA VAL C 47 -15.66 11.69 42.02
C VAL C 47 -14.65 12.87 41.95
N ILE C 48 -13.64 12.85 42.80
CA ILE C 48 -12.76 13.97 43.00
C ILE C 48 -11.43 13.40 42.57
N LEU C 49 -10.59 14.21 41.85
CA LEU C 49 -9.35 13.77 41.26
C LEU C 49 -8.38 14.90 41.61
N ILE C 50 -7.29 14.60 42.30
CA ILE C 50 -6.29 15.50 42.75
C ILE C 50 -5.02 15.00 42.22
N ALA C 51 -4.06 15.94 42.08
CA ALA C 51 -2.74 15.57 41.65
C ALA C 51 -1.88 16.60 42.23
N ASP C 52 -0.64 16.22 42.55
CA ASP C 52 0.38 16.98 43.11
C ASP C 52 0.91 17.76 41.93
N LYS C 53 0.55 19.03 41.91
CA LYS C 53 0.84 19.96 40.86
C LYS C 53 2.18 20.62 41.04
N ARG C 54 2.72 20.37 42.23
CA ARG C 54 3.95 20.82 42.78
C ARG C 54 5.11 20.60 41.84
N VAL C 55 5.95 21.64 41.82
CA VAL C 55 7.05 21.78 40.89
C VAL C 55 8.23 22.22 41.71
N GLY C 56 9.44 21.89 41.35
CA GLY C 56 10.68 22.09 42.07
C GLY C 56 11.06 23.54 42.04
N SER C 57 11.92 24.07 41.19
CA SER C 57 12.26 25.50 41.11
C SER C 57 11.05 26.43 40.91
N LYS C 58 11.06 27.62 41.54
CA LYS C 58 9.97 28.56 41.58
C LYS C 58 9.75 29.30 40.22
N LEU C 59 10.77 29.24 39.37
CA LEU C 59 10.89 29.74 38.00
C LEU C 59 9.82 29.20 37.09
N LEU C 60 9.41 27.88 37.30
CA LEU C 60 8.26 27.27 36.61
C LEU C 60 7.01 27.82 37.26
N GLU C 61 5.89 27.91 36.42
CA GLU C 61 4.63 28.26 36.94
C GLU C 61 3.80 27.07 37.13
N ALA C 62 3.53 26.77 38.38
CA ALA C 62 2.94 25.52 38.84
C ALA C 62 1.59 25.37 38.30
N ASP C 63 0.79 26.51 38.14
CA ASP C 63 -0.59 26.47 37.76
C ASP C 63 -0.84 25.92 36.35
N THR C 64 0.16 26.19 35.48
CA THR C 64 0.05 25.91 34.05
C THR C 64 0.51 24.52 33.77
N ILE C 65 1.32 23.96 34.68
CA ILE C 65 1.81 22.56 34.76
C ILE C 65 0.71 21.71 35.37
N GLU C 66 0.53 20.57 34.71
CA GLU C 66 -0.68 19.86 34.73
C GLU C 66 -0.39 18.44 34.50
N LYS C 67 -1.47 17.64 34.82
CA LYS C 67 -1.24 16.53 35.76
C LYS C 67 -2.52 15.72 35.76
N ILE C 68 -3.45 16.03 34.86
CA ILE C 68 -4.80 16.30 35.20
C ILE C 68 -5.24 17.06 34.04
N TYR C 69 -6.20 16.48 33.28
CA TYR C 69 -6.80 17.07 32.14
C TYR C 69 -8.17 16.56 32.24
N LYS C 70 -9.08 17.40 31.82
CA LYS C 70 -10.37 16.90 31.36
C LYS C 70 -10.21 16.12 30.06
N ILE C 71 -11.15 15.16 29.86
CA ILE C 71 -10.97 14.19 28.83
C ILE C 71 -12.18 14.43 28.02
N ASP C 72 -13.31 13.96 28.59
CA ASP C 72 -14.60 14.30 28.11
C ASP C 72 -15.04 15.63 28.67
N GLU C 73 -16.39 15.81 28.81
CA GLU C 73 -16.93 16.93 29.62
C GLU C 73 -17.59 16.36 30.87
N HIS C 74 -17.35 15.07 31.11
CA HIS C 74 -17.85 14.44 32.29
C HIS C 74 -16.89 13.42 32.74
N ILE C 75 -15.67 13.43 32.20
CA ILE C 75 -14.58 12.56 32.57
C ILE C 75 -13.37 13.37 32.60
N CYS C 76 -12.61 13.17 33.67
CA CYS C 76 -11.31 13.74 33.95
C CYS C 76 -10.38 12.67 34.26
N ALA C 77 -9.07 12.91 34.13
CA ALA C 77 -8.09 11.92 34.29
C ALA C 77 -6.92 12.67 34.74
N ALA C 78 -6.09 11.98 35.53
CA ALA C 78 -4.88 12.42 36.10
C ALA C 78 -3.79 11.48 35.57
N THR C 79 -2.53 11.87 35.54
CA THR C 79 -1.47 11.04 34.97
C THR C 79 -0.39 10.91 36.05
N SER C 80 0.40 9.81 35.95
CA SER C 80 1.56 9.69 36.76
C SER C 80 2.41 8.87 35.84
N GLY C 81 3.67 9.23 35.69
CA GLY C 81 4.52 8.74 34.66
C GLY C 81 5.05 9.85 33.88
N LEU C 82 5.53 9.72 32.68
CA LEU C 82 6.16 10.88 32.06
C LEU C 82 5.07 11.86 31.61
N VAL C 83 5.37 13.18 31.66
CA VAL C 83 4.51 14.30 31.20
C VAL C 83 4.41 14.00 29.77
N ALA C 84 5.48 13.61 29.11
CA ALA C 84 5.57 13.22 27.72
C ALA C 84 4.58 12.09 27.29
N ASP C 85 4.63 10.90 27.91
CA ASP C 85 3.81 9.77 27.56
C ASP C 85 2.28 9.98 27.80
N ALA C 86 1.99 10.84 28.71
CA ALA C 86 0.61 11.28 28.98
C ALA C 86 0.07 11.94 27.77
N ARG C 87 0.86 12.86 27.10
CA ARG C 87 0.34 13.63 26.05
C ARG C 87 -0.30 12.76 24.94
N VAL C 88 0.38 11.70 24.50
CA VAL C 88 -0.11 10.80 23.48
C VAL C 88 -1.30 10.09 24.00
N LEU C 89 -1.28 9.70 25.23
CA LEU C 89 -2.24 8.81 25.79
C LEU C 89 -3.56 9.51 26.00
N ILE C 90 -3.43 10.80 26.42
CA ILE C 90 -4.61 11.60 26.72
C ILE C 90 -5.17 12.16 25.49
N ASP C 91 -4.31 12.49 24.51
CA ASP C 91 -4.82 13.04 23.26
C ASP C 91 -5.60 12.06 22.50
N ARG C 92 -5.14 10.77 22.61
CA ARG C 92 -5.85 9.57 22.14
C ARG C 92 -7.13 9.37 22.85
N ALA C 93 -7.14 9.47 24.21
CA ALA C 93 -8.28 9.31 25.05
C ALA C 93 -9.34 10.36 24.77
N ARG C 94 -8.92 11.64 24.51
CA ARG C 94 -9.78 12.76 24.32
C ARG C 94 -10.53 12.61 23.02
N ILE C 95 -9.88 12.15 21.96
CA ILE C 95 -10.36 11.91 20.67
C ILE C 95 -11.29 10.79 20.66
N GLU C 96 -10.96 9.66 21.39
CA GLU C 96 -11.66 8.45 21.57
C GLU C 96 -12.90 8.80 22.38
N ALA C 97 -12.73 9.63 23.38
CA ALA C 97 -13.89 9.93 24.30
C ALA C 97 -14.95 10.67 23.56
N GLN C 98 -14.55 11.60 22.70
CA GLN C 98 -15.38 12.29 21.83
C GLN C 98 -15.87 11.48 20.68
N ILE C 99 -15.16 10.46 20.07
CA ILE C 99 -15.59 9.71 18.91
C ILE C 99 -16.90 8.96 19.19
N ASN C 100 -17.11 8.62 20.47
CA ASN C 100 -18.26 7.91 20.88
C ASN C 100 -19.44 8.78 20.74
N ARG C 101 -19.33 10.11 21.08
CA ARG C 101 -20.30 11.21 21.05
C ARG C 101 -20.56 11.57 19.66
N LEU C 102 -19.67 11.20 18.66
CA LEU C 102 -19.99 11.27 17.28
C LEU C 102 -20.87 10.07 16.74
N THR C 103 -20.66 8.82 17.17
CA THR C 103 -21.21 7.64 16.51
C THR C 103 -22.24 6.87 17.37
N TYR C 104 -22.72 7.45 18.49
CA TYR C 104 -23.75 6.86 19.26
C TYR C 104 -24.46 8.01 19.88
N ASP C 105 -23.93 9.26 19.81
CA ASP C 105 -24.51 10.42 20.31
C ASP C 105 -24.76 10.25 21.83
N GLU C 106 -23.75 9.61 22.52
CA GLU C 106 -23.91 9.37 23.87
C GLU C 106 -22.62 9.73 24.57
N PRO C 107 -22.40 10.56 25.58
CA PRO C 107 -21.17 10.77 26.37
C PRO C 107 -20.69 9.36 26.75
N ILE C 108 -19.38 9.08 26.45
CA ILE C 108 -18.77 7.82 26.64
C ILE C 108 -18.86 7.44 28.09
N THR C 109 -19.17 6.16 28.31
CA THR C 109 -19.22 5.52 29.58
C THR C 109 -17.84 5.52 30.06
N VAL C 110 -17.59 5.76 31.40
CA VAL C 110 -16.28 5.83 32.01
C VAL C 110 -15.54 4.49 31.85
N LYS C 111 -16.27 3.38 32.05
CA LYS C 111 -15.83 2.02 31.82
C LYS C 111 -15.36 1.79 30.45
N GLU C 112 -16.13 2.30 29.48
CA GLU C 112 -15.91 2.06 28.06
C GLU C 112 -14.74 2.75 27.64
N LEU C 113 -14.47 3.89 28.33
CA LEU C 113 -13.38 4.74 27.96
C LEU C 113 -12.17 4.05 28.39
N ALA C 114 -12.18 3.54 29.64
CA ALA C 114 -11.18 2.79 30.32
C ALA C 114 -10.73 1.56 29.64
N LYS C 115 -11.66 0.73 29.11
CA LYS C 115 -11.44 -0.40 28.25
C LYS C 115 -10.66 0.03 26.93
N LYS C 116 -11.13 1.20 26.37
CA LYS C 116 -10.68 1.56 25.11
C LYS C 116 -9.31 2.15 25.13
N ILE C 117 -8.95 2.85 26.21
CA ILE C 117 -7.61 3.43 26.50
C ILE C 117 -6.66 2.32 26.76
N CYS C 118 -7.21 1.36 27.53
CA CYS C 118 -6.51 0.16 27.77
C CYS C 118 -6.23 -0.70 26.60
N ASP C 119 -7.13 -0.67 25.58
CA ASP C 119 -7.03 -1.54 24.38
C ASP C 119 -5.93 -0.91 23.62
N PHE C 120 -5.84 0.44 23.60
CA PHE C 120 -4.76 1.22 23.01
C PHE C 120 -3.49 0.89 23.65
N LYS C 121 -3.39 0.87 24.99
CA LYS C 121 -2.16 0.48 25.61
C LYS C 121 -1.64 -0.90 25.40
N GLN C 122 -2.63 -1.85 25.30
CA GLN C 122 -2.38 -3.22 25.11
C GLN C 122 -1.68 -3.52 23.80
N GLN C 123 -2.15 -2.80 22.74
CA GLN C 123 -1.51 -2.69 21.39
C GLN C 123 -0.12 -2.08 21.54
N TYR C 124 0.14 -1.19 22.51
CA TYR C 124 1.49 -0.63 22.56
C TYR C 124 2.42 -1.52 23.44
N THR C 125 1.95 -2.73 23.96
CA THR C 125 2.77 -3.58 24.81
C THR C 125 2.69 -4.98 24.28
N GLN C 126 2.06 -5.15 23.15
CA GLN C 126 1.91 -6.42 22.36
C GLN C 126 3.03 -6.52 21.36
N TYR C 127 3.22 -5.54 20.39
CA TYR C 127 4.10 -5.69 19.27
C TYR C 127 5.52 -5.48 19.72
N GLY C 128 6.50 -6.15 19.05
CA GLY C 128 7.88 -6.20 19.56
C GLY C 128 8.64 -4.95 19.17
N GLY C 129 7.97 -4.08 18.42
CA GLY C 129 8.41 -2.89 17.77
C GLY C 129 8.01 -1.69 18.51
N VAL C 130 7.15 -1.85 19.54
CA VAL C 130 6.56 -0.67 20.17
C VAL C 130 6.69 -0.77 21.63
N ARG C 131 7.30 0.26 22.24
CA ARG C 131 7.44 0.39 23.63
C ARG C 131 6.14 0.53 24.37
N PRO C 132 6.07 -0.03 25.60
CA PRO C 132 4.95 0.15 26.49
C PRO C 132 4.80 1.52 26.92
N PHE C 133 3.56 1.87 27.34
CA PHE C 133 3.29 3.23 27.84
C PHE C 133 3.97 3.44 29.20
N GLY C 134 4.46 4.68 29.34
CA GLY C 134 5.26 5.08 30.51
C GLY C 134 4.37 5.52 31.59
N VAL C 135 3.09 5.61 31.31
CA VAL C 135 2.20 6.25 32.21
C VAL C 135 1.10 5.29 32.56
N SER C 136 0.36 5.70 33.61
CA SER C 136 -0.93 5.18 33.96
C SER C 136 -1.72 6.41 34.10
N LEU C 137 -3.00 6.22 33.74
CA LEU C 137 -4.04 7.20 34.01
C LEU C 137 -4.96 6.65 35.08
N LEU C 138 -5.62 7.59 35.89
CA LEU C 138 -6.77 7.27 36.69
C LEU C 138 -7.83 7.91 35.99
N ILE C 139 -8.83 7.10 35.62
CA ILE C 139 -9.96 7.60 34.80
C ILE C 139 -11.15 7.79 35.68
N ALA C 140 -11.64 9.02 35.95
CA ALA C 140 -12.63 9.23 36.99
C ALA C 140 -13.70 10.10 36.32
N GLY C 141 -14.90 9.54 36.23
CA GLY C 141 -16.08 10.28 35.86
C GLY C 141 -17.26 9.74 36.56
N VAL C 142 -18.54 10.22 36.16
CA VAL C 142 -19.79 9.76 36.63
C VAL C 142 -20.56 9.57 35.30
N ASP C 143 -21.00 8.35 35.04
CA ASP C 143 -21.69 8.06 33.82
C ASP C 143 -23.21 7.80 34.15
N GLU C 144 -23.58 6.82 34.99
CA GLU C 144 -24.84 6.49 35.50
C GLU C 144 -24.67 6.47 36.98
N VAL C 145 -23.45 6.10 37.48
CA VAL C 145 -23.08 6.00 38.85
C VAL C 145 -21.65 6.42 38.79
N PRO C 146 -21.02 6.83 39.85
CA PRO C 146 -19.71 7.35 39.87
C PRO C 146 -18.74 6.13 39.72
N LYS C 147 -17.58 6.27 39.01
CA LYS C 147 -16.63 5.21 38.90
C LYS C 147 -15.32 5.87 38.90
N LEU C 148 -14.27 5.13 39.31
CA LEU C 148 -12.93 5.64 39.44
C LEU C 148 -12.07 4.43 39.18
N TYR C 149 -11.32 4.45 38.05
CA TYR C 149 -10.62 3.36 37.51
C TYR C 149 -9.15 3.72 37.51
N GLU C 150 -8.30 2.69 37.37
CA GLU C 150 -6.87 2.84 37.31
C GLU C 150 -6.62 2.05 36.10
N THR C 151 -5.94 2.62 35.06
CA THR C 151 -5.52 1.93 33.88
C THR C 151 -4.06 1.63 34.16
N ASP C 152 -3.54 0.59 33.55
CA ASP C 152 -2.31 0.00 33.93
C ASP C 152 -1.53 0.09 32.69
N PRO C 153 -0.26 0.19 32.71
CA PRO C 153 0.53 0.27 31.51
C PRO C 153 0.54 -1.08 30.74
N SER C 154 0.06 -2.14 31.38
CA SER C 154 -0.03 -3.46 30.87
C SER C 154 -1.22 -3.33 30.01
N GLY C 155 -2.27 -2.63 30.40
CA GLY C 155 -3.42 -2.31 29.56
C GLY C 155 -4.54 -3.04 30.13
N ALA C 156 -4.54 -3.09 31.48
CA ALA C 156 -5.51 -3.75 32.30
C ALA C 156 -6.25 -2.64 33.04
N LEU C 157 -7.49 -2.91 33.49
CA LEU C 157 -8.26 -1.92 34.16
C LEU C 157 -8.76 -2.58 35.36
N LEU C 158 -8.78 -1.76 36.41
CA LEU C 158 -9.11 -2.24 37.69
C LEU C 158 -9.99 -1.16 38.30
N GLU C 159 -11.11 -1.63 38.90
CA GLU C 159 -12.07 -0.82 39.51
C GLU C 159 -11.54 -0.56 40.91
N TYR C 160 -11.74 0.70 41.40
CA TYR C 160 -11.18 1.28 42.61
C TYR C 160 -12.28 2.20 43.14
N LYS C 161 -12.15 2.51 44.36
CA LYS C 161 -13.13 3.39 45.08
C LYS C 161 -12.41 4.54 45.75
N ALA C 162 -11.10 4.35 45.84
CA ALA C 162 -10.17 5.35 46.20
C ALA C 162 -8.89 4.68 45.73
N THR C 163 -8.02 5.46 45.08
CA THR C 163 -6.79 4.92 44.56
C THR C 163 -5.81 6.00 44.33
N ALA C 164 -4.52 5.58 44.16
CA ALA C 164 -3.42 6.51 43.82
C ALA C 164 -2.56 5.81 42.82
N ILE C 165 -1.63 6.57 42.26
CA ILE C 165 -0.55 6.21 41.42
C ILE C 165 0.57 7.27 41.74
N GLY C 166 1.81 6.82 41.53
CA GLY C 166 3.00 7.59 41.74
C GLY C 166 3.66 7.17 42.97
N MET C 167 4.63 7.96 43.39
CA MET C 167 5.46 7.66 44.55
C MET C 167 4.67 7.37 45.78
N GLY C 168 3.60 8.11 46.04
CA GLY C 168 2.76 8.02 47.22
C GLY C 168 1.79 6.92 47.24
N ARG C 169 1.66 6.05 46.20
CA ARG C 169 0.72 4.98 46.07
C ARG C 169 0.70 4.15 47.29
N ASN C 170 1.91 3.87 47.75
CA ASN C 170 2.12 3.02 48.86
C ASN C 170 1.59 3.57 50.18
N ALA C 171 1.89 4.88 50.48
CA ALA C 171 1.41 5.45 51.69
C ALA C 171 -0.04 5.54 51.72
N VAL C 172 -0.60 5.89 50.50
CA VAL C 172 -1.99 6.07 50.44
C VAL C 172 -2.76 4.82 50.73
N THR C 173 -2.20 3.65 50.41
CA THR C 173 -2.79 2.42 50.51
C THR C 173 -3.01 2.10 51.99
N GLU C 174 -1.90 2.39 52.78
CA GLU C 174 -1.84 2.09 54.16
C GLU C 174 -2.86 2.98 54.89
N PHE C 175 -3.02 4.22 54.47
CA PHE C 175 -3.91 5.22 54.99
C PHE C 175 -5.35 4.89 54.85
N PHE C 176 -5.82 4.65 53.59
CA PHE C 176 -7.20 4.48 53.18
C PHE C 176 -7.69 3.11 53.61
N GLU C 177 -6.79 2.19 53.86
CA GLU C 177 -7.12 0.93 54.53
C GLU C 177 -7.70 1.26 55.95
N LYS C 178 -7.31 2.37 56.58
CA LYS C 178 -7.76 2.57 57.94
C LYS C 178 -9.03 3.42 57.88
N GLU C 179 -8.96 4.57 57.18
CA GLU C 179 -9.84 5.74 57.29
C GLU C 179 -10.85 5.84 56.08
N TYR C 180 -10.67 5.08 54.96
CA TYR C 180 -11.62 5.21 53.91
C TYR C 180 -12.94 4.56 54.26
N ARG C 181 -14.08 5.19 53.85
CA ARG C 181 -15.42 4.75 54.14
C ARG C 181 -16.19 5.15 52.97
N ASP C 182 -17.25 4.44 52.69
CA ASP C 182 -17.97 4.70 51.42
C ASP C 182 -19.27 5.42 51.76
N ASP C 183 -19.35 5.95 53.01
CA ASP C 183 -20.52 6.62 53.57
C ASP C 183 -20.17 8.10 53.60
N LEU C 184 -19.03 8.48 52.99
CA LEU C 184 -18.59 9.83 52.70
C LEU C 184 -19.49 10.35 51.64
N SER C 185 -19.68 11.66 51.73
CA SER C 185 -20.40 12.61 50.83
C SER C 185 -19.26 13.35 50.11
N PHE C 186 -19.59 14.30 49.24
CA PHE C 186 -18.65 14.95 48.36
C PHE C 186 -17.67 15.71 49.23
N ASP C 187 -18.16 16.45 50.24
CA ASP C 187 -17.37 17.32 51.04
C ASP C 187 -16.46 16.58 51.90
N ASP C 188 -16.95 15.48 52.54
CA ASP C 188 -16.13 14.65 53.44
C ASP C 188 -15.04 14.03 52.68
N ALA C 189 -15.37 13.53 51.45
CA ALA C 189 -14.47 12.92 50.52
C ALA C 189 -13.38 13.87 50.06
N MET C 190 -13.71 15.10 49.76
CA MET C 190 -12.76 16.13 49.34
C MET C 190 -11.76 16.34 50.37
N VAL C 191 -12.17 16.38 51.63
CA VAL C 191 -11.24 16.57 52.77
C VAL C 191 -10.26 15.46 52.92
N LEU C 192 -10.73 14.19 52.83
CA LEU C 192 -10.07 12.88 52.96
C LEU C 192 -9.13 12.64 51.91
N GLY C 193 -9.49 13.07 50.70
CA GLY C 193 -8.66 13.02 49.54
C GLY C 193 -7.46 13.98 49.69
N LEU C 194 -7.68 15.19 50.30
CA LEU C 194 -6.69 16.17 50.65
C LEU C 194 -5.77 15.66 51.70
N VAL C 195 -6.29 14.93 52.74
CA VAL C 195 -5.49 14.43 53.83
C VAL C 195 -4.46 13.52 53.27
N ALA C 196 -4.92 12.57 52.40
CA ALA C 196 -4.06 11.56 51.81
C ALA C 196 -2.91 12.12 51.04
N MET C 197 -3.07 13.20 50.28
CA MET C 197 -1.99 13.79 49.47
C MET C 197 -0.95 14.31 50.28
N GLY C 198 -1.32 14.98 51.36
CA GLY C 198 -0.44 15.48 52.37
C GLY C 198 0.44 14.43 53.02
N LEU C 199 -0.02 13.15 53.29
CA LEU C 199 0.77 12.05 53.80
C LEU C 199 1.78 11.66 52.80
N SER C 200 1.51 11.63 51.50
CA SER C 200 2.35 11.21 50.40
C SER C 200 3.50 12.12 50.24
N ILE C 201 3.28 13.43 50.31
CA ILE C 201 4.24 14.46 50.07
C ILE C 201 5.02 14.81 51.28
N GLU C 202 4.54 14.39 52.45
CA GLU C 202 5.20 14.35 53.77
C GLU C 202 5.19 15.73 54.37
N SER C 203 4.15 16.53 54.08
CA SER C 203 4.09 17.95 54.39
C SER C 203 2.69 18.48 54.35
N GLU C 204 2.48 19.78 54.72
CA GLU C 204 1.22 20.46 54.45
C GLU C 204 1.14 21.02 53.06
N LEU C 205 -0.14 20.97 52.58
CA LEU C 205 -0.50 21.34 51.25
C LEU C 205 -0.75 22.78 51.34
N VAL C 206 -0.92 23.40 50.17
CA VAL C 206 -1.27 24.75 49.86
C VAL C 206 -2.27 24.72 48.75
N PRO C 207 -3.17 25.65 48.58
CA PRO C 207 -3.98 25.68 47.36
C PRO C 207 -3.23 26.06 46.09
N GLU C 208 -1.98 26.40 46.19
CA GLU C 208 -1.26 27.04 45.12
C GLU C 208 -0.41 25.99 44.54
N ASN C 209 -0.54 24.72 44.97
CA ASN C 209 0.42 23.78 44.57
C ASN C 209 -0.30 22.44 44.44
N ILE C 210 -1.67 22.42 44.30
CA ILE C 210 -2.55 21.27 44.09
C ILE C 210 -3.53 21.64 43.01
N GLU C 211 -3.94 20.69 42.27
CA GLU C 211 -4.89 20.90 41.22
C GLU C 211 -5.90 19.89 41.67
N VAL C 212 -7.25 20.24 41.61
CA VAL C 212 -8.27 19.35 41.98
C VAL C 212 -9.23 19.62 40.92
N GLY C 213 -9.77 18.56 40.34
CA GLY C 213 -10.83 18.53 39.31
C GLY C 213 -11.78 17.52 39.87
N TYR C 214 -13.10 17.65 39.49
CA TYR C 214 -14.13 16.77 39.91
C TYR C 214 -15.24 16.74 38.91
N VAL C 215 -16.00 15.60 38.94
CA VAL C 215 -17.19 15.35 38.16
C VAL C 215 -18.21 14.91 39.12
N LYS C 216 -19.26 15.71 39.27
CA LYS C 216 -20.45 15.57 40.11
C LYS C 216 -21.46 14.78 39.42
N VAL C 217 -22.25 14.06 40.22
CA VAL C 217 -23.50 13.40 39.82
C VAL C 217 -24.46 14.50 39.36
N ASP C 218 -24.51 15.56 40.15
CA ASP C 218 -25.64 16.49 40.02
C ASP C 218 -25.40 17.57 39.02
N ASP C 219 -24.49 17.28 38.00
CA ASP C 219 -24.36 18.07 36.80
C ASP C 219 -23.75 17.31 35.71
N ARG C 220 -22.97 16.26 36.04
CA ARG C 220 -22.21 15.41 35.19
C ARG C 220 -21.37 16.26 34.35
N THR C 221 -20.76 17.25 34.98
CA THR C 221 -19.89 18.21 34.30
C THR C 221 -18.67 18.43 35.18
N PHE C 222 -17.48 17.96 34.67
CA PHE C 222 -16.16 18.53 34.89
C PHE C 222 -16.06 19.95 35.38
N LYS C 223 -15.25 20.16 36.42
CA LYS C 223 -15.04 21.45 36.91
C LYS C 223 -13.72 21.36 37.54
N GLU C 224 -13.04 22.50 37.59
CA GLU C 224 -11.71 22.58 38.15
C GLU C 224 -11.97 23.47 39.34
N VAL C 225 -11.62 23.03 40.57
CA VAL C 225 -11.87 23.88 41.73
C VAL C 225 -11.00 25.14 41.65
N SER C 226 -11.55 26.34 41.79
CA SER C 226 -10.80 27.53 41.72
C SER C 226 -9.88 27.61 42.90
N PRO C 227 -8.74 28.16 42.82
CA PRO C 227 -7.94 28.52 43.97
C PRO C 227 -8.70 29.07 45.17
N GLU C 228 -9.76 29.89 44.95
CA GLU C 228 -10.56 30.58 45.99
C GLU C 228 -11.28 29.59 46.89
N GLU C 229 -11.87 28.52 46.22
CA GLU C 229 -12.80 27.63 46.90
C GLU C 229 -12.06 26.40 47.33
N LEU C 230 -10.74 26.23 46.90
CA LEU C 230 -9.89 25.17 47.38
C LEU C 230 -9.46 25.40 48.83
N LYS C 231 -9.31 26.65 49.18
CA LYS C 231 -8.90 27.12 50.49
C LYS C 231 -9.60 26.46 51.72
N PRO C 232 -10.96 26.46 51.90
CA PRO C 232 -11.59 25.87 53.09
C PRO C 232 -11.28 24.46 53.31
N TYR C 233 -11.32 23.63 52.25
CA TYR C 233 -11.11 22.19 52.33
C TYR C 233 -9.70 21.88 52.76
N VAL C 234 -8.75 22.59 52.22
CA VAL C 234 -7.34 22.45 52.48
C VAL C 234 -6.99 22.82 53.91
N GLU C 235 -7.77 23.76 54.57
CA GLU C 235 -7.47 24.11 55.96
C GLU C 235 -7.74 22.95 56.90
N ARG C 236 -8.96 22.37 56.89
CA ARG C 236 -9.30 21.22 57.79
C ARG C 236 -8.48 20.00 57.54
N ALA C 237 -8.06 19.73 56.30
CA ALA C 237 -7.25 18.62 56.00
C ALA C 237 -5.86 18.88 56.48
N ASN C 238 -5.18 20.07 56.33
CA ASN C 238 -3.90 20.28 56.79
C ASN C 238 -3.80 20.07 58.27
N GLU C 239 -4.84 20.45 58.99
CA GLU C 239 -4.84 20.17 60.43
C GLU C 239 -4.76 18.72 60.85
N ARG C 240 -5.37 17.78 60.11
CA ARG C 240 -5.32 16.35 60.27
C ARG C 240 -4.00 15.70 59.91
N ILE C 241 -3.48 16.23 58.73
CA ILE C 241 -2.18 15.94 58.20
C ILE C 241 -1.05 16.27 59.20
N ARG C 242 -1.15 17.39 59.92
CA ARG C 242 -0.28 17.77 60.98
C ARG C 242 -0.39 16.92 62.11
N GLU C 243 -1.57 16.49 62.54
CA GLU C 243 -1.80 15.57 63.66
C GLU C 243 -1.14 14.20 63.42
N LEU C 244 -1.25 13.63 62.21
CA LEU C 244 -0.72 12.37 61.79
C LEU C 244 0.75 12.23 61.69
N LEU C 245 1.37 13.35 61.16
CA LEU C 245 2.78 13.40 60.85
C LEU C 245 3.56 14.05 62.05
N LYS C 246 2.95 14.01 63.28
CA LYS C 246 3.61 14.38 64.55
C LYS C 246 2.41 14.46 65.49
N LYS C 247 2.26 13.51 66.42
CA LYS C 247 1.15 13.53 67.36
C LYS C 247 1.16 14.58 68.42
N GLN D 6 20.09 -23.84 29.78
CA GLN D 6 19.08 -23.62 28.69
C GLN D 6 19.43 -22.34 28.00
N MET D 7 18.54 -21.27 27.92
CA MET D 7 18.78 -19.96 27.35
C MET D 7 18.74 -19.87 25.87
N GLY D 8 18.30 -18.67 25.47
CA GLY D 8 18.30 -18.08 24.15
C GLY D 8 17.27 -18.79 23.26
N TYR D 9 16.44 -19.60 23.90
CA TYR D 9 15.40 -20.39 23.20
C TYR D 9 14.12 -19.85 23.87
N ASP D 10 14.25 -18.71 24.58
CA ASP D 10 13.33 -18.28 25.53
C ASP D 10 13.63 -16.81 25.70
N ARG D 11 14.39 -16.24 24.70
CA ARG D 11 14.63 -14.81 24.54
C ARG D 11 14.25 -14.47 23.14
N ALA D 12 13.69 -15.36 22.32
CA ALA D 12 13.15 -15.05 21.03
C ALA D 12 11.96 -15.80 20.97
N ILE D 13 11.04 -15.56 20.02
CA ILE D 13 9.85 -16.45 19.88
C ILE D 13 10.08 -17.30 18.67
N THR D 14 11.01 -16.90 17.78
CA THR D 14 11.23 -17.57 16.53
C THR D 14 12.31 -18.71 16.61
N VAL D 15 12.41 -19.18 17.88
CA VAL D 15 13.29 -20.25 18.27
C VAL D 15 12.48 -21.49 18.68
N PHE D 16 13.23 -22.60 18.77
CA PHE D 16 12.85 -23.91 19.27
C PHE D 16 13.95 -24.22 20.21
N SER D 17 13.98 -25.47 20.71
CA SER D 17 15.05 -25.97 21.53
C SER D 17 15.23 -27.37 21.09
N PRO D 18 16.25 -28.09 21.52
CA PRO D 18 16.43 -29.49 21.32
C PRO D 18 15.36 -30.39 21.74
N ASP D 19 14.54 -30.03 22.81
CA ASP D 19 13.43 -30.90 23.20
C ASP D 19 12.23 -30.76 22.30
N GLY D 20 12.09 -29.75 21.51
CA GLY D 20 10.99 -29.49 20.61
C GLY D 20 10.25 -28.34 21.05
N ARG D 21 10.39 -28.00 22.35
CA ARG D 21 9.56 -27.01 23.04
C ARG D 21 9.87 -25.67 22.61
N LEU D 22 8.81 -24.78 22.63
CA LEU D 22 8.95 -23.38 22.38
C LEU D 22 8.90 -22.82 23.79
N PHE D 23 10.04 -22.47 24.49
CA PHE D 23 10.08 -22.12 25.84
C PHE D 23 9.50 -20.83 26.10
N GLN D 24 9.47 -19.97 25.03
CA GLN D 24 8.92 -18.64 25.17
C GLN D 24 7.44 -18.83 25.39
N VAL D 25 6.82 -19.77 24.68
CA VAL D 25 5.40 -20.08 24.75
C VAL D 25 5.02 -20.72 26.07
N GLU D 26 5.95 -21.52 26.62
CA GLU D 26 5.72 -22.20 27.88
C GLU D 26 6.00 -21.40 29.10
N TYR D 27 6.54 -20.21 28.94
CA TYR D 27 6.77 -19.27 29.97
C TYR D 27 5.70 -18.24 29.92
N ALA D 28 4.95 -18.21 28.77
CA ALA D 28 3.69 -17.48 28.63
C ALA D 28 2.64 -18.35 29.20
N ARG D 29 2.91 -19.64 29.41
CA ARG D 29 1.94 -20.54 30.05
C ARG D 29 2.22 -20.48 31.54
N GLU D 30 3.43 -20.04 31.99
CA GLU D 30 3.65 -19.75 33.38
C GLU D 30 3.07 -18.44 33.74
N ALA D 31 2.87 -17.57 32.76
CA ALA D 31 2.21 -16.36 33.00
C ALA D 31 0.75 -16.56 33.25
N VAL D 32 0.07 -17.46 32.50
CA VAL D 32 -1.27 -17.97 32.84
C VAL D 32 -1.18 -18.63 34.19
N LYS D 33 -0.15 -19.48 34.46
CA LYS D 33 -0.16 -20.42 35.61
C LYS D 33 -0.13 -19.65 36.85
N ARG D 34 0.61 -18.53 36.95
CA ARG D 34 0.45 -17.69 38.11
C ARG D 34 -0.69 -16.60 37.97
N GLY D 35 -1.69 -16.60 38.88
CA GLY D 35 -2.85 -15.75 39.02
C GLY D 35 -3.83 -15.96 37.83
N ALA D 36 -5.06 -16.37 38.03
CA ALA D 36 -5.59 -16.87 39.28
C ALA D 36 -6.78 -17.72 38.85
N THR D 37 -7.24 -18.60 39.76
CA THR D 37 -8.35 -19.55 39.47
C THR D 37 -9.48 -19.04 38.64
N ALA D 38 -9.64 -19.62 37.40
CA ALA D 38 -10.87 -19.47 36.57
C ALA D 38 -11.19 -20.88 36.22
N ILE D 39 -12.44 -21.40 36.43
CA ILE D 39 -12.80 -22.79 36.50
C ILE D 39 -13.95 -23.02 35.54
N GLY D 40 -13.91 -24.17 34.82
CA GLY D 40 -15.07 -24.68 34.10
C GLY D 40 -15.37 -26.07 34.64
N ILE D 41 -16.66 -26.34 34.73
CA ILE D 41 -17.17 -27.62 35.11
C ILE D 41 -18.47 -27.86 34.35
N LYS D 42 -18.51 -29.02 33.60
CA LYS D 42 -19.52 -29.30 32.61
C LYS D 42 -20.50 -30.24 33.27
N CYS D 43 -21.69 -30.33 32.71
CA CYS D 43 -22.70 -31.18 33.08
C CYS D 43 -23.50 -31.48 31.89
N LYS D 44 -24.64 -32.26 32.05
CA LYS D 44 -25.62 -32.71 31.10
C LYS D 44 -26.80 -31.80 31.11
N GLU D 45 -26.72 -30.73 31.90
CA GLU D 45 -27.68 -29.77 31.91
C GLU D 45 -27.09 -28.49 31.46
N GLY D 46 -25.89 -28.43 31.01
CA GLY D 46 -25.32 -27.12 30.62
C GLY D 46 -23.86 -27.21 30.91
N VAL D 47 -23.23 -25.98 31.02
CA VAL D 47 -21.86 -25.88 31.31
C VAL D 47 -21.89 -24.70 32.23
N ILE D 48 -21.03 -24.77 33.30
CA ILE D 48 -21.04 -23.86 34.42
C ILE D 48 -19.64 -23.37 34.55
N LEU D 49 -19.52 -22.03 34.69
CA LEU D 49 -18.30 -21.32 34.62
C LEU D 49 -18.35 -20.59 35.90
N ILE D 50 -17.33 -20.84 36.74
CA ILE D 50 -17.12 -20.11 37.99
C ILE D 50 -15.74 -19.47 38.05
N ALA D 51 -15.60 -18.20 38.64
CA ALA D 51 -14.37 -17.56 38.65
C ALA D 51 -14.38 -16.67 39.84
N ASP D 52 -13.15 -16.44 40.45
CA ASP D 52 -12.99 -15.52 41.55
C ASP D 52 -13.20 -14.04 41.20
N LYS D 53 -13.54 -13.22 42.28
CA LYS D 53 -13.81 -11.82 42.14
C LYS D 53 -13.44 -11.19 43.47
N ARG D 54 -12.56 -11.89 44.28
CA ARG D 54 -11.73 -11.29 45.41
C ARG D 54 -10.62 -10.79 44.49
N VAL D 55 -10.38 -9.44 44.64
CA VAL D 55 -9.24 -8.87 43.97
C VAL D 55 -8.77 -7.79 44.89
N GLY D 56 -7.43 -7.61 45.04
CA GLY D 56 -6.79 -6.53 45.78
C GLY D 56 -7.31 -6.33 47.20
N SER D 57 -7.04 -5.11 47.83
CA SER D 57 -7.57 -4.83 49.14
C SER D 57 -8.94 -4.29 49.03
N LYS D 58 -9.58 -3.88 50.13
CA LYS D 58 -10.99 -3.52 50.15
C LYS D 58 -11.20 -2.09 49.68
N LEU D 59 -10.10 -1.51 49.21
CA LEU D 59 -10.13 -0.24 48.60
C LEU D 59 -10.65 -0.34 47.24
N LEU D 60 -10.20 -1.39 46.47
CA LEU D 60 -10.79 -1.76 45.16
C LEU D 60 -12.22 -2.07 45.34
N GLU D 61 -13.17 -1.56 44.46
CA GLU D 61 -14.53 -2.14 44.39
C GLU D 61 -14.47 -3.61 44.07
N ALA D 62 -14.98 -4.39 45.00
CA ALA D 62 -14.72 -5.77 45.02
C ALA D 62 -15.95 -6.56 44.52
N ASP D 63 -16.88 -5.75 44.00
CA ASP D 63 -18.10 -6.35 43.54
C ASP D 63 -18.15 -6.18 42.11
N THR D 64 -17.05 -5.95 41.48
CA THR D 64 -16.90 -5.98 40.03
C THR D 64 -15.43 -6.26 39.75
N ILE D 65 -15.08 -6.61 38.50
CA ILE D 65 -13.85 -6.92 37.89
C ILE D 65 -13.33 -8.16 38.54
N GLU D 66 -13.74 -9.36 38.16
CA GLU D 66 -14.59 -9.93 37.19
C GLU D 66 -13.74 -10.47 36.07
N LYS D 67 -14.02 -11.77 35.78
CA LYS D 67 -13.39 -12.48 34.75
C LYS D 67 -14.49 -13.03 33.81
N ILE D 68 -15.78 -12.92 34.26
CA ILE D 68 -16.82 -13.66 33.58
C ILE D 68 -17.39 -12.74 32.52
N TYR D 69 -16.72 -12.76 31.35
CA TYR D 69 -17.09 -11.97 30.24
C TYR D 69 -18.06 -12.72 29.39
N LYS D 70 -19.08 -12.01 28.94
CA LYS D 70 -20.13 -12.36 28.06
C LYS D 70 -19.49 -12.27 26.70
N ILE D 71 -19.80 -13.22 25.79
CA ILE D 71 -19.17 -13.10 24.51
C ILE D 71 -20.27 -13.23 23.49
N ASP D 72 -21.34 -13.98 23.77
CA ASP D 72 -22.50 -13.80 22.90
C ASP D 72 -23.62 -13.63 23.80
N GLU D 73 -24.46 -14.70 24.00
CA GLU D 73 -25.70 -14.59 24.61
C GLU D 73 -26.03 -16.00 25.00
N HIS D 74 -25.06 -16.94 24.70
CA HIS D 74 -24.98 -18.25 25.13
C HIS D 74 -23.53 -18.68 25.18
N ILE D 75 -22.55 -17.74 24.89
CA ILE D 75 -21.10 -18.15 24.83
C ILE D 75 -20.50 -17.16 25.75
N CYS D 76 -19.62 -17.74 26.64
CA CYS D 76 -19.08 -16.90 27.67
C CYS D 76 -17.74 -17.48 27.85
N ALA D 77 -16.78 -16.64 28.29
CA ALA D 77 -15.52 -17.10 28.76
C ALA D 77 -15.06 -16.48 30.00
N ALA D 78 -14.28 -17.25 30.78
CA ALA D 78 -13.60 -16.63 31.93
C ALA D 78 -12.15 -16.68 31.56
N THR D 79 -11.33 -15.85 32.24
CA THR D 79 -10.00 -15.63 31.88
C THR D 79 -9.17 -16.00 33.00
N SER D 80 -7.88 -16.30 32.67
CA SER D 80 -6.80 -16.43 33.57
C SER D 80 -5.48 -16.02 32.90
N GLY D 81 -4.64 -15.27 33.64
CA GLY D 81 -3.33 -14.77 33.23
C GLY D 81 -3.58 -13.33 33.08
N LEU D 82 -2.59 -12.62 32.45
CA LEU D 82 -2.53 -11.18 32.21
C LEU D 82 -3.83 -10.69 31.58
N VAL D 83 -4.43 -9.64 32.27
CA VAL D 83 -5.74 -9.15 32.09
C VAL D 83 -5.78 -8.24 30.92
N ALA D 84 -4.71 -7.60 30.69
CA ALA D 84 -4.43 -6.74 29.58
C ALA D 84 -4.49 -7.55 28.25
N ASP D 85 -3.90 -8.74 28.32
CA ASP D 85 -3.90 -9.65 27.21
C ASP D 85 -5.29 -10.28 27.08
N ALA D 86 -6.03 -10.41 28.20
CA ALA D 86 -7.40 -10.88 28.23
C ALA D 86 -8.28 -9.98 27.52
N ARG D 87 -8.18 -8.63 27.62
CA ARG D 87 -9.07 -7.57 27.07
C ARG D 87 -9.16 -7.58 25.57
N VAL D 88 -8.02 -7.73 24.87
CA VAL D 88 -7.97 -7.76 23.44
C VAL D 88 -8.38 -9.15 23.07
N LEU D 89 -7.92 -10.22 23.75
CA LEU D 89 -8.42 -11.49 23.29
C LEU D 89 -9.89 -11.79 23.35
N ILE D 90 -10.49 -11.34 24.48
CA ILE D 90 -11.93 -11.46 24.67
C ILE D 90 -12.72 -10.62 23.66
N ASP D 91 -12.14 -9.48 23.24
CA ASP D 91 -12.73 -8.54 22.26
C ASP D 91 -12.72 -9.16 20.95
N ARG D 92 -11.62 -9.79 20.57
CA ARG D 92 -11.42 -10.52 19.38
C ARG D 92 -12.41 -11.63 19.33
N ALA D 93 -12.58 -12.27 20.45
CA ALA D 93 -13.57 -13.38 20.60
C ALA D 93 -15.05 -12.93 20.49
N ARG D 94 -15.33 -11.75 21.06
CA ARG D 94 -16.61 -11.16 21.06
C ARG D 94 -17.04 -10.88 19.63
N ILE D 95 -16.11 -10.28 18.88
CA ILE D 95 -16.25 -9.88 17.50
C ILE D 95 -16.43 -11.18 16.66
N GLU D 96 -15.55 -12.26 16.86
CA GLU D 96 -15.54 -13.47 16.03
C GLU D 96 -16.87 -14.17 16.19
N ALA D 97 -17.55 -14.09 17.35
CA ALA D 97 -18.97 -14.58 17.57
C ALA D 97 -19.86 -13.83 16.74
N GLN D 98 -19.79 -12.52 16.76
CA GLN D 98 -20.73 -11.74 15.98
C GLN D 98 -20.43 -11.77 14.50
N ILE D 99 -19.17 -12.09 14.07
CA ILE D 99 -18.83 -12.24 12.63
C ILE D 99 -19.58 -13.41 12.14
N ASN D 100 -19.74 -14.46 12.96
CA ASN D 100 -20.51 -15.64 12.60
C ASN D 100 -22.02 -15.29 12.40
N ARG D 101 -22.63 -14.46 13.24
CA ARG D 101 -23.97 -13.99 13.09
C ARG D 101 -24.12 -13.16 11.86
N LEU D 102 -23.05 -12.46 11.52
CA LEU D 102 -23.07 -11.52 10.39
C LEU D 102 -23.27 -12.32 9.07
N THR D 103 -22.53 -13.49 8.96
CA THR D 103 -22.18 -14.18 7.69
C THR D 103 -22.91 -15.47 7.56
N TYR D 104 -23.47 -15.93 8.72
CA TYR D 104 -24.24 -17.12 8.68
C TYR D 104 -25.58 -16.93 9.39
N ASP D 105 -25.67 -15.83 10.20
CA ASP D 105 -26.94 -15.54 10.87
C ASP D 105 -27.65 -16.77 11.60
N GLU D 106 -26.74 -17.20 12.52
CA GLU D 106 -27.03 -18.30 13.45
C GLU D 106 -26.20 -17.97 14.64
N PRO D 107 -26.57 -18.28 15.87
CA PRO D 107 -25.68 -18.63 16.99
C PRO D 107 -24.45 -19.49 16.63
N ILE D 108 -23.26 -18.91 16.86
CA ILE D 108 -22.02 -19.65 16.80
C ILE D 108 -22.00 -20.90 17.64
N THR D 109 -21.33 -21.99 17.06
CA THR D 109 -21.12 -23.26 17.74
C THR D 109 -19.89 -23.01 18.61
N VAL D 110 -19.87 -23.70 19.75
CA VAL D 110 -18.93 -23.50 20.76
C VAL D 110 -17.58 -23.90 20.28
N LYS D 111 -17.60 -25.05 19.54
CA LYS D 111 -16.44 -25.65 19.02
C LYS D 111 -15.79 -24.70 18.11
N GLU D 112 -16.58 -24.05 17.19
CA GLU D 112 -16.05 -23.15 16.27
C GLU D 112 -15.45 -21.91 16.86
N LEU D 113 -16.04 -21.26 17.87
CA LEU D 113 -15.54 -20.09 18.48
C LEU D 113 -14.26 -20.37 19.14
N ALA D 114 -14.21 -21.56 19.81
CA ALA D 114 -12.97 -22.02 20.41
C ALA D 114 -11.87 -22.26 19.39
N LYS D 115 -12.22 -22.81 18.28
CA LYS D 115 -11.36 -23.19 17.15
C LYS D 115 -10.71 -21.87 16.57
N LYS D 116 -11.58 -20.83 16.35
CA LYS D 116 -11.21 -19.51 15.89
C LYS D 116 -10.28 -18.82 16.84
N ILE D 117 -10.43 -18.78 18.14
CA ILE D 117 -9.69 -18.02 19.09
C ILE D 117 -8.41 -18.73 19.44
N CYS D 118 -8.31 -20.04 19.25
CA CYS D 118 -7.05 -20.80 19.22
C CYS D 118 -6.25 -20.41 18.06
N ASP D 119 -6.83 -20.23 16.85
CA ASP D 119 -6.09 -19.90 15.57
C ASP D 119 -5.53 -18.49 15.73
N PHE D 120 -6.27 -17.53 16.44
CA PHE D 120 -5.77 -16.16 16.66
C PHE D 120 -4.45 -16.11 17.48
N LYS D 121 -4.45 -16.84 18.70
CA LYS D 121 -3.26 -16.91 19.55
C LYS D 121 -2.11 -17.49 18.82
N GLN D 122 -2.44 -18.59 18.07
CA GLN D 122 -1.44 -19.27 17.32
C GLN D 122 -0.84 -18.34 16.24
N GLN D 123 -1.56 -17.43 15.55
CA GLN D 123 -1.05 -16.43 14.69
C GLN D 123 -0.02 -15.54 15.36
N TYR D 124 -0.22 -15.06 16.63
CA TYR D 124 0.67 -14.19 17.42
C TYR D 124 1.92 -14.97 17.89
N THR D 125 1.82 -16.29 18.02
CA THR D 125 2.92 -17.23 18.23
C THR D 125 3.74 -17.42 17.05
N GLN D 126 3.04 -17.61 15.94
CA GLN D 126 3.63 -18.02 14.68
C GLN D 126 4.46 -16.92 14.08
N TYR D 127 3.96 -15.64 14.15
CA TYR D 127 4.89 -14.58 13.69
C TYR D 127 5.63 -14.05 14.81
N GLY D 128 6.95 -13.77 14.54
CA GLY D 128 7.82 -13.19 15.58
C GLY D 128 7.72 -11.70 15.37
N GLY D 129 8.27 -10.89 16.35
CA GLY D 129 8.14 -9.45 16.24
C GLY D 129 6.82 -9.04 16.88
N VAL D 130 6.18 -9.99 17.54
CA VAL D 130 4.94 -9.94 18.30
C VAL D 130 5.09 -11.18 19.09
N ARG D 131 4.41 -11.21 20.22
CA ARG D 131 4.50 -12.30 21.18
C ARG D 131 3.17 -13.02 21.23
N PRO D 132 3.09 -14.15 21.78
CA PRO D 132 1.87 -14.73 22.10
C PRO D 132 1.31 -13.99 23.29
N PHE D 133 -0.05 -13.96 23.36
CA PHE D 133 -0.80 -13.60 24.55
C PHE D 133 -0.53 -14.63 25.56
N GLY D 134 -0.20 -14.14 26.79
CA GLY D 134 0.16 -15.02 27.85
C GLY D 134 -1.00 -14.95 28.76
N VAL D 135 -2.21 -15.28 28.15
CA VAL D 135 -3.48 -15.39 28.77
C VAL D 135 -4.09 -16.64 28.29
N SER D 136 -5.10 -17.23 28.97
CA SER D 136 -5.79 -18.43 28.64
C SER D 136 -7.26 -18.13 28.78
N LEU D 137 -8.20 -18.72 28.00
CA LEU D 137 -9.60 -18.47 28.22
C LEU D 137 -10.13 -19.81 28.38
N LEU D 138 -11.34 -19.96 29.03
CA LEU D 138 -12.11 -21.15 28.93
C LEU D 138 -13.33 -20.71 28.22
N ILE D 139 -13.71 -21.45 27.20
CA ILE D 139 -14.80 -21.20 26.35
C ILE D 139 -15.92 -22.24 26.74
N ALA D 140 -17.09 -21.71 27.21
CA ALA D 140 -18.13 -22.45 27.84
C ALA D 140 -19.31 -22.14 26.90
N GLY D 141 -20.11 -23.10 26.46
CA GLY D 141 -21.31 -22.78 25.76
C GLY D 141 -22.15 -24.03 25.59
N VAL D 142 -23.47 -23.82 25.31
CA VAL D 142 -24.35 -24.83 24.86
C VAL D 142 -24.85 -24.30 23.59
N ASP D 143 -24.44 -24.93 22.47
CA ASP D 143 -24.98 -24.66 21.16
C ASP D 143 -26.32 -25.36 21.08
N GLU D 144 -26.27 -26.68 21.39
CA GLU D 144 -27.42 -27.53 21.54
C GLU D 144 -26.98 -28.61 22.59
N VAL D 145 -25.63 -28.83 22.68
CA VAL D 145 -24.85 -29.80 23.48
C VAL D 145 -23.85 -29.08 24.30
N PRO D 146 -23.73 -29.25 25.58
CA PRO D 146 -22.62 -28.77 26.43
C PRO D 146 -21.26 -29.06 25.95
N LYS D 147 -20.34 -28.04 25.95
CA LYS D 147 -18.95 -28.17 25.62
C LYS D 147 -18.22 -27.22 26.53
N LEU D 148 -17.04 -27.68 26.97
CA LEU D 148 -16.21 -26.81 27.76
C LEU D 148 -14.81 -26.98 27.20
N TYR D 149 -14.14 -25.82 26.91
CA TYR D 149 -12.88 -25.85 26.29
C TYR D 149 -11.94 -24.96 27.10
N GLU D 150 -10.64 -25.17 26.90
CA GLU D 150 -9.58 -24.40 27.38
C GLU D 150 -8.81 -24.17 26.21
N THR D 151 -8.49 -22.87 25.90
CA THR D 151 -7.87 -22.44 24.78
C THR D 151 -6.56 -21.91 25.46
N ASP D 152 -5.44 -22.18 24.85
CA ASP D 152 -4.10 -22.22 25.43
C ASP D 152 -3.35 -21.11 24.88
N PRO D 153 -2.26 -20.58 25.54
CA PRO D 153 -1.50 -19.48 25.06
C PRO D 153 -0.77 -19.80 23.81
N SER D 154 -0.50 -21.09 23.59
CA SER D 154 0.01 -21.78 22.42
C SER D 154 -0.91 -21.57 21.28
N GLY D 155 -2.22 -21.77 21.54
CA GLY D 155 -3.14 -21.66 20.38
C GLY D 155 -3.62 -23.00 20.01
N ALA D 156 -3.73 -23.77 21.11
CA ALA D 156 -4.13 -25.16 21.06
C ALA D 156 -5.41 -25.24 21.84
N LEU D 157 -6.12 -26.39 21.60
CA LEU D 157 -7.55 -26.53 21.89
C LEU D 157 -7.58 -27.79 22.58
N LEU D 158 -8.17 -27.86 23.78
CA LEU D 158 -8.31 -29.06 24.56
C LEU D 158 -9.65 -29.01 25.07
N GLU D 159 -10.41 -30.14 24.84
CA GLU D 159 -11.76 -30.16 25.36
C GLU D 159 -11.75 -30.92 26.62
N TYR D 160 -12.59 -30.52 27.56
CA TYR D 160 -12.64 -31.09 28.85
C TYR D 160 -14.05 -31.31 29.18
N LYS D 161 -14.28 -32.00 30.33
CA LYS D 161 -15.57 -32.11 30.98
C LYS D 161 -15.55 -31.37 32.24
N ALA D 162 -14.35 -30.72 32.49
CA ALA D 162 -14.09 -30.01 33.70
C ALA D 162 -12.63 -29.73 33.82
N THR D 163 -12.23 -28.43 34.02
CA THR D 163 -10.82 -28.08 34.16
C THR D 163 -10.74 -26.74 34.87
N ALA D 164 -9.44 -26.34 35.18
CA ALA D 164 -9.24 -25.03 35.69
C ALA D 164 -7.90 -24.61 35.36
N ILE D 165 -7.70 -23.25 35.26
CA ILE D 165 -6.49 -22.57 34.81
C ILE D 165 -6.14 -21.62 35.93
N GLY D 166 -4.85 -21.34 35.93
CA GLY D 166 -4.33 -20.31 36.76
C GLY D 166 -3.76 -20.88 38.05
N MET D 167 -3.74 -19.95 39.02
CA MET D 167 -3.20 -20.26 40.36
C MET D 167 -3.83 -21.48 40.98
N GLY D 168 -5.16 -21.63 40.72
CA GLY D 168 -5.95 -22.69 41.27
C GLY D 168 -5.89 -24.02 40.48
N ARG D 169 -5.17 -24.14 39.32
CA ARG D 169 -5.17 -25.33 38.41
C ARG D 169 -4.72 -26.61 39.04
N ASN D 170 -3.60 -26.52 39.85
CA ASN D 170 -3.11 -27.66 40.58
C ASN D 170 -4.15 -28.07 41.56
N ALA D 171 -4.87 -27.21 42.27
CA ALA D 171 -5.69 -27.72 43.27
C ALA D 171 -6.93 -28.37 42.62
N VAL D 172 -7.49 -27.69 41.63
CA VAL D 172 -8.85 -28.00 41.18
C VAL D 172 -8.87 -29.23 40.22
N THR D 173 -7.79 -29.41 39.47
CA THR D 173 -7.57 -30.57 38.61
C THR D 173 -7.45 -31.84 39.47
N GLU D 174 -6.63 -31.80 40.57
CA GLU D 174 -6.32 -32.84 41.50
C GLU D 174 -7.61 -33.21 42.31
N PHE D 175 -8.42 -32.22 42.69
CA PHE D 175 -9.75 -32.24 43.33
C PHE D 175 -10.73 -33.02 42.45
N PHE D 176 -10.83 -32.68 41.13
CA PHE D 176 -11.78 -33.20 40.21
C PHE D 176 -11.36 -34.61 39.74
N GLU D 177 -10.05 -34.93 39.95
CA GLU D 177 -9.48 -36.25 39.59
C GLU D 177 -10.25 -37.29 40.40
N LYS D 178 -10.50 -36.91 41.67
CA LYS D 178 -11.14 -37.73 42.64
C LYS D 178 -12.62 -37.52 42.51
N GLU D 179 -13.11 -36.27 42.51
CA GLU D 179 -14.54 -36.01 42.71
C GLU D 179 -15.42 -36.13 41.45
N TYR D 180 -15.06 -35.54 40.34
CA TYR D 180 -15.96 -35.30 39.20
C TYR D 180 -16.71 -36.53 38.63
N ARG D 181 -17.94 -36.29 38.11
CA ARG D 181 -18.68 -37.27 37.31
C ARG D 181 -19.61 -36.50 36.37
N ASP D 182 -19.95 -37.19 35.25
CA ASP D 182 -20.70 -36.58 34.12
C ASP D 182 -22.22 -36.77 34.30
N ASP D 183 -22.63 -37.16 35.50
CA ASP D 183 -24.02 -37.57 35.80
C ASP D 183 -24.57 -36.57 36.76
N LEU D 184 -23.77 -35.56 37.11
CA LEU D 184 -24.19 -34.39 37.84
C LEU D 184 -25.26 -33.58 37.15
N SER D 185 -26.17 -33.07 37.96
CA SER D 185 -27.21 -32.16 37.47
C SER D 185 -26.52 -30.83 37.51
N PHE D 186 -27.21 -29.84 37.16
CA PHE D 186 -26.89 -28.43 37.15
C PHE D 186 -26.62 -27.88 38.52
N ASP D 187 -27.48 -28.18 39.53
CA ASP D 187 -27.33 -27.67 40.86
C ASP D 187 -26.21 -28.34 41.59
N ASP D 188 -26.09 -29.60 41.42
CA ASP D 188 -25.06 -30.42 42.08
C ASP D 188 -23.70 -30.02 41.55
N ALA D 189 -23.62 -29.68 40.26
CA ALA D 189 -22.45 -29.23 39.55
C ALA D 189 -21.93 -27.90 40.01
N MET D 190 -22.92 -26.98 40.25
CA MET D 190 -22.65 -25.62 40.68
C MET D 190 -21.94 -25.73 42.01
N VAL D 191 -22.46 -26.57 42.91
CA VAL D 191 -21.91 -26.73 44.24
C VAL D 191 -20.53 -27.34 44.17
N LEU D 192 -20.31 -28.27 43.24
CA LEU D 192 -19.05 -28.99 43.18
C LEU D 192 -17.93 -28.10 42.67
N GLY D 193 -18.23 -27.21 41.72
CA GLY D 193 -17.27 -26.14 41.37
C GLY D 193 -17.07 -25.12 42.42
N LEU D 194 -18.10 -24.80 43.30
CA LEU D 194 -17.90 -23.88 44.38
C LEU D 194 -17.04 -24.50 45.42
N VAL D 195 -17.16 -25.84 45.69
CA VAL D 195 -16.20 -26.60 46.53
C VAL D 195 -14.73 -26.60 45.95
N ALA D 196 -14.64 -26.68 44.63
CA ALA D 196 -13.41 -26.57 43.96
C ALA D 196 -12.74 -25.24 44.23
N MET D 197 -13.44 -24.10 44.09
CA MET D 197 -12.86 -22.81 44.38
C MET D 197 -12.42 -22.43 45.79
N GLY D 198 -13.00 -22.96 46.84
CA GLY D 198 -12.71 -22.81 48.26
C GLY D 198 -11.38 -23.28 48.55
N LEU D 199 -11.04 -24.50 48.13
CA LEU D 199 -9.75 -25.03 48.33
C LEU D 199 -8.58 -24.25 47.73
N SER D 200 -8.86 -23.65 46.52
CA SER D 200 -7.85 -22.94 45.75
C SER D 200 -7.26 -21.72 46.49
N ILE D 201 -8.13 -20.96 47.21
CA ILE D 201 -7.60 -19.87 48.00
C ILE D 201 -7.37 -20.36 49.39
N GLU D 202 -7.77 -21.58 49.74
CA GLU D 202 -7.61 -22.32 50.98
C GLU D 202 -8.49 -21.71 52.06
N SER D 203 -9.68 -21.13 51.68
CA SER D 203 -10.50 -20.48 52.66
C SER D 203 -11.89 -20.63 52.19
N GLU D 204 -12.81 -20.46 53.14
CA GLU D 204 -14.25 -20.42 52.99
C GLU D 204 -14.63 -19.20 52.02
N LEU D 205 -15.60 -19.43 51.09
CA LEU D 205 -15.93 -18.39 50.09
C LEU D 205 -17.03 -17.51 50.60
N VAL D 206 -17.13 -16.30 50.07
CA VAL D 206 -18.21 -15.37 50.45
C VAL D 206 -18.86 -15.22 49.11
N PRO D 207 -20.19 -15.29 48.93
CA PRO D 207 -20.96 -15.00 47.65
C PRO D 207 -20.57 -13.74 47.01
N GLU D 208 -20.38 -12.67 47.73
CA GLU D 208 -19.86 -11.41 47.25
C GLU D 208 -18.56 -11.47 46.57
N ASN D 209 -17.58 -12.28 47.02
CA ASN D 209 -16.23 -12.18 46.51
C ASN D 209 -15.99 -13.28 45.56
N ILE D 210 -17.09 -13.78 44.87
CA ILE D 210 -17.04 -14.93 44.00
C ILE D 210 -18.00 -14.57 42.86
N GLU D 211 -17.87 -15.25 41.67
CA GLU D 211 -18.77 -14.99 40.56
C GLU D 211 -19.01 -16.25 39.79
N VAL D 212 -20.29 -16.49 39.24
CA VAL D 212 -20.66 -17.67 38.54
C VAL D 212 -21.41 -17.14 37.35
N GLY D 213 -21.17 -17.65 36.14
CA GLY D 213 -21.93 -17.47 34.94
C GLY D 213 -22.23 -18.89 34.53
N TYR D 214 -23.39 -19.15 33.82
CA TYR D 214 -23.75 -20.46 33.37
C TYR D 214 -24.52 -20.32 32.09
N VAL D 215 -24.48 -21.39 31.29
CA VAL D 215 -25.20 -21.54 30.09
C VAL D 215 -25.97 -22.75 30.29
N LYS D 216 -27.30 -22.70 30.37
CA LYS D 216 -28.13 -23.85 30.62
C LYS D 216 -28.54 -24.32 29.21
N VAL D 217 -28.74 -25.67 29.05
CA VAL D 217 -29.44 -26.32 27.98
C VAL D 217 -30.83 -25.71 27.65
N ASP D 218 -31.82 -25.83 28.59
CA ASP D 218 -33.25 -25.49 28.37
C ASP D 218 -33.52 -24.01 28.16
N ASP D 219 -32.77 -23.16 28.83
CA ASP D 219 -32.93 -21.71 28.62
C ASP D 219 -32.16 -21.37 27.36
N ARG D 220 -30.96 -21.88 27.20
CA ARG D 220 -30.09 -21.59 26.10
C ARG D 220 -29.50 -20.23 26.23
N THR D 221 -29.61 -19.60 27.40
CA THR D 221 -29.13 -18.29 27.77
C THR D 221 -28.00 -18.60 28.70
N PHE D 222 -26.82 -18.07 28.33
CA PHE D 222 -25.94 -17.30 29.28
C PHE D 222 -26.68 -16.35 30.16
N LYS D 223 -26.43 -16.50 31.45
CA LYS D 223 -26.87 -15.74 32.60
C LYS D 223 -25.70 -15.53 33.44
N GLU D 224 -25.69 -14.34 34.09
CA GLU D 224 -24.60 -13.88 34.99
C GLU D 224 -25.23 -13.82 36.36
N VAL D 225 -24.62 -14.60 37.31
CA VAL D 225 -25.38 -14.92 38.52
C VAL D 225 -25.24 -13.88 39.61
N SER D 226 -26.34 -13.32 40.03
CA SER D 226 -26.37 -12.25 40.96
C SER D 226 -26.08 -12.87 42.31
N PRO D 227 -25.42 -12.12 43.25
CA PRO D 227 -25.03 -12.64 44.57
C PRO D 227 -26.07 -13.21 45.42
N GLU D 228 -27.31 -12.67 45.20
CA GLU D 228 -28.44 -13.04 45.94
C GLU D 228 -28.80 -14.51 45.71
N GLU D 229 -28.78 -14.91 44.46
CA GLU D 229 -28.92 -16.29 43.99
C GLU D 229 -27.77 -17.14 44.29
N LEU D 230 -26.64 -16.53 44.49
CA LEU D 230 -25.43 -17.30 44.63
C LEU D 230 -25.46 -18.01 45.95
N LYS D 231 -25.86 -17.24 46.98
CA LYS D 231 -25.78 -17.57 48.37
C LYS D 231 -26.38 -18.93 48.75
N PRO D 232 -27.55 -19.39 48.36
CA PRO D 232 -27.96 -20.75 48.70
C PRO D 232 -27.00 -21.87 48.34
N TYR D 233 -26.28 -21.83 47.20
CA TYR D 233 -25.33 -22.80 46.81
C TYR D 233 -24.07 -22.68 47.70
N VAL D 234 -23.65 -21.51 48.16
CA VAL D 234 -22.48 -21.30 49.06
C VAL D 234 -22.75 -22.06 50.34
N GLU D 235 -23.96 -22.05 50.86
CA GLU D 235 -24.41 -22.59 52.11
C GLU D 235 -24.15 -24.04 52.19
N ARG D 236 -24.44 -24.70 51.01
CA ARG D 236 -24.19 -26.08 50.76
C ARG D 236 -22.76 -26.48 50.69
N ALA D 237 -21.99 -25.58 49.97
CA ALA D 237 -20.57 -25.79 49.73
C ALA D 237 -19.65 -25.66 50.92
N ASN D 238 -19.87 -24.66 51.80
CA ASN D 238 -18.94 -24.30 52.88
C ASN D 238 -18.56 -25.42 53.84
N GLU D 239 -19.47 -26.36 54.15
CA GLU D 239 -19.21 -27.51 55.09
C GLU D 239 -18.22 -28.45 54.53
N ARG D 240 -18.30 -28.69 53.22
CA ARG D 240 -17.49 -29.59 52.41
C ARG D 240 -16.07 -29.04 52.45
N ILE D 241 -15.93 -27.71 52.24
CA ILE D 241 -14.68 -27.05 52.04
C ILE D 241 -13.84 -27.14 53.30
N ARG D 242 -14.45 -26.78 54.54
CA ARG D 242 -13.83 -26.86 55.80
C ARG D 242 -13.45 -28.25 56.09
N GLU D 243 -14.29 -29.22 55.76
CA GLU D 243 -13.95 -30.64 56.06
C GLU D 243 -12.68 -31.18 55.40
N LEU D 244 -12.43 -30.71 54.19
CA LEU D 244 -11.29 -31.10 53.44
C LEU D 244 -10.05 -30.29 53.67
N LEU D 245 -10.17 -29.18 54.45
CA LEU D 245 -9.08 -28.31 54.91
C LEU D 245 -8.88 -28.65 56.32
N LYS D 246 -9.27 -29.84 56.78
CA LYS D 246 -8.76 -30.46 57.97
C LYS D 246 -7.71 -31.50 57.52
N LYS D 247 -7.67 -31.87 56.22
CA LYS D 247 -6.62 -32.70 55.69
C LYS D 247 -5.29 -31.90 55.39
N GLN E 6 24.44 -25.12 16.84
CA GLN E 6 24.98 -25.53 17.59
C GLN E 6 24.79 -24.49 18.63
N MET E 7 25.53 -23.40 18.45
CA MET E 7 25.55 -22.28 19.35
C MET E 7 25.55 -21.13 18.35
N GLY E 8 24.32 -20.51 18.21
CA GLY E 8 24.08 -19.27 17.55
C GLY E 8 23.59 -19.60 16.22
N TYR E 9 23.42 -20.87 15.86
CA TYR E 9 23.02 -21.34 14.57
C TYR E 9 21.64 -21.89 14.72
N ASP E 10 21.09 -21.67 15.88
CA ASP E 10 19.75 -22.13 16.32
C ASP E 10 18.95 -20.96 16.96
N ARG E 11 19.53 -19.71 16.92
CA ARG E 11 18.89 -18.60 17.57
C ARG E 11 18.05 -17.81 16.61
N ALA E 12 18.04 -18.32 15.38
CA ALA E 12 17.20 -17.72 14.34
C ALA E 12 17.17 -18.74 13.22
N ILE E 13 16.18 -18.48 12.35
CA ILE E 13 15.80 -19.44 11.34
C ILE E 13 16.54 -19.24 10.06
N THR E 14 17.13 -18.06 9.73
CA THR E 14 17.77 -17.84 8.42
C THR E 14 19.27 -18.11 8.52
N VAL E 15 19.72 -18.61 9.66
CA VAL E 15 21.14 -18.84 9.89
C VAL E 15 21.47 -20.28 9.65
N PHE E 16 22.32 -20.62 8.64
CA PHE E 16 22.87 -21.93 8.44
C PHE E 16 24.05 -22.15 9.30
N SER E 17 24.24 -23.42 9.68
CA SER E 17 25.42 -23.89 10.41
C SER E 17 26.56 -24.29 9.56
N PRO E 18 27.78 -24.46 9.93
CA PRO E 18 28.95 -24.71 9.07
C PRO E 18 28.80 -26.06 8.49
N ASP E 19 27.92 -26.95 9.11
CA ASP E 19 27.67 -28.27 8.64
C ASP E 19 26.88 -28.16 7.37
N GLY E 20 25.97 -27.19 7.30
CA GLY E 20 25.16 -26.85 6.10
C GLY E 20 23.77 -27.39 6.43
N ARG E 21 23.53 -27.64 7.74
CA ARG E 21 22.23 -27.90 8.37
C ARG E 21 21.58 -26.61 8.82
N LEU E 22 20.31 -26.64 9.12
CA LEU E 22 19.64 -25.56 9.70
C LEU E 22 19.27 -26.14 11.12
N PHE E 23 19.82 -25.69 12.24
CA PHE E 23 19.60 -26.49 13.49
C PHE E 23 18.20 -26.24 14.01
N GLN E 24 17.65 -25.06 13.60
CA GLN E 24 16.35 -24.67 13.81
C GLN E 24 15.31 -25.63 13.26
N VAL E 25 15.53 -26.08 12.06
CA VAL E 25 14.60 -26.97 11.34
C VAL E 25 14.64 -28.36 11.83
N GLU E 26 15.88 -28.80 12.27
CA GLU E 26 16.03 -30.05 12.96
C GLU E 26 15.29 -30.04 14.30
N TYR E 27 15.19 -28.82 14.91
CA TYR E 27 14.56 -28.66 16.19
C TYR E 27 13.08 -28.69 16.09
N ALA E 28 12.52 -28.44 14.87
CA ALA E 28 11.12 -28.57 14.73
C ALA E 28 10.69 -29.99 14.54
N ARG E 29 11.62 -30.90 14.23
CA ARG E 29 11.35 -32.28 13.97
C ARG E 29 11.33 -32.94 15.27
N GLU E 30 12.07 -32.44 16.27
CA GLU E 30 12.08 -32.90 17.65
C GLU E 30 10.68 -32.58 18.24
N ALA E 31 10.06 -31.44 17.79
CA ALA E 31 8.69 -31.13 18.21
C ALA E 31 7.72 -32.18 17.78
N VAL E 32 7.91 -32.68 16.55
CA VAL E 32 7.10 -33.81 16.00
C VAL E 32 7.41 -35.00 16.80
N LYS E 33 8.67 -35.32 17.18
CA LYS E 33 8.95 -36.49 17.97
C LYS E 33 8.38 -36.30 19.40
N ARG E 34 8.17 -35.08 19.85
CA ARG E 34 7.53 -34.86 21.18
C ARG E 34 6.09 -35.28 21.24
N GLY E 35 5.42 -34.99 20.14
CA GLY E 35 3.97 -35.13 20.10
C GLY E 35 3.44 -36.56 20.21
N ALA E 36 2.10 -36.76 20.21
CA ALA E 36 1.37 -38.00 20.13
C ALA E 36 1.51 -38.62 18.82
N THR E 37 1.76 -39.93 18.74
CA THR E 37 1.93 -40.77 17.55
C THR E 37 0.73 -40.72 16.61
N ALA E 38 1.00 -40.85 15.30
CA ALA E 38 0.04 -41.08 14.22
C ALA E 38 0.65 -41.87 13.13
N ILE E 39 0.03 -42.97 12.65
CA ILE E 39 0.61 -43.97 11.85
C ILE E 39 -0.26 -44.01 10.60
N GLY E 40 0.39 -44.14 9.43
CA GLY E 40 -0.40 -44.39 8.25
C GLY E 40 0.17 -45.58 7.50
N ILE E 41 -0.75 -46.37 6.92
CA ILE E 41 -0.45 -47.70 6.38
C ILE E 41 -1.24 -47.59 5.06
N LYS E 42 -0.64 -47.89 3.90
CA LYS E 42 -1.31 -47.95 2.62
C LYS E 42 -1.27 -49.33 2.13
N CYS E 43 -2.36 -49.80 1.42
CA CYS E 43 -2.62 -51.15 0.98
C CYS E 43 -3.08 -50.86 -0.37
N LYS E 44 -3.36 -51.95 -1.06
CA LYS E 44 -3.68 -51.81 -2.47
C LYS E 44 -5.04 -51.25 -2.76
N GLU E 45 -5.96 -51.12 -1.72
CA GLU E 45 -7.36 -50.79 -1.93
C GLU E 45 -7.64 -49.48 -1.22
N GLY E 46 -6.60 -48.97 -0.61
CA GLY E 46 -6.89 -47.84 0.19
C GLY E 46 -5.80 -47.53 1.20
N VAL E 47 -6.06 -46.60 2.16
CA VAL E 47 -5.05 -46.09 3.15
C VAL E 47 -5.70 -45.79 4.43
N ILE E 48 -5.18 -46.37 5.52
CA ILE E 48 -5.84 -46.39 6.82
C ILE E 48 -4.87 -45.53 7.56
N LEU E 49 -5.42 -44.53 8.33
CA LEU E 49 -4.65 -43.53 9.06
C LEU E 49 -5.23 -43.59 10.42
N ILE E 50 -4.36 -43.91 11.41
CA ILE E 50 -4.75 -44.10 12.83
C ILE E 50 -3.95 -43.21 13.66
N ALA E 51 -4.59 -42.52 14.70
CA ALA E 51 -3.95 -41.49 15.52
C ALA E 51 -4.44 -41.72 16.98
N ASP E 52 -3.45 -41.58 17.92
CA ASP E 52 -3.61 -41.62 19.32
C ASP E 52 -4.63 -40.63 19.79
N LYS E 53 -5.74 -41.17 20.44
CA LYS E 53 -6.76 -40.31 21.00
C LYS E 53 -6.66 -40.29 22.49
N ARG E 54 -5.57 -40.80 23.08
CA ARG E 54 -5.33 -40.92 24.48
C ARG E 54 -5.35 -39.65 25.22
N VAL E 55 -6.06 -39.68 26.35
CA VAL E 55 -6.23 -38.55 27.14
C VAL E 55 -5.17 -38.46 28.22
N GLY E 56 -5.04 -37.29 28.85
CA GLY E 56 -4.33 -36.96 30.08
C GLY E 56 -4.91 -37.63 31.26
N SER E 57 -6.25 -37.47 31.42
CA SER E 57 -7.03 -37.98 32.48
C SER E 57 -8.42 -38.05 31.86
N LYS E 58 -9.41 -38.62 32.66
CA LYS E 58 -10.78 -38.76 32.26
C LYS E 58 -11.40 -37.45 32.30
N LEU E 59 -10.73 -36.40 32.82
CA LEU E 59 -11.26 -35.11 32.88
C LEU E 59 -11.47 -34.56 31.54
N LEU E 60 -10.42 -34.70 30.74
CA LEU E 60 -10.46 -34.42 29.27
C LEU E 60 -11.63 -35.16 28.62
N GLU E 61 -12.15 -34.64 27.51
CA GLU E 61 -13.20 -35.28 26.76
C GLU E 61 -12.65 -36.44 26.04
N ALA E 62 -13.47 -37.54 25.82
CA ALA E 62 -13.06 -38.78 25.21
C ALA E 62 -12.43 -38.50 23.91
N ASP E 63 -13.13 -37.77 23.04
CA ASP E 63 -12.62 -37.37 21.75
C ASP E 63 -12.13 -35.97 22.07
N THR E 64 -10.76 -35.86 22.17
CA THR E 64 -10.08 -34.59 22.33
C THR E 64 -9.81 -34.13 20.88
N ILE E 65 -10.46 -32.92 20.66
CA ILE E 65 -10.71 -32.24 19.39
C ILE E 65 -9.37 -31.75 18.85
N GLU E 66 -8.90 -32.23 17.68
CA GLU E 66 -9.29 -33.46 17.00
C GLU E 66 -8.05 -33.96 16.31
N LYS E 67 -7.31 -35.22 16.39
CA LYS E 67 -6.14 -35.90 15.81
C LYS E 67 -6.19 -35.95 14.32
N ILE E 68 -7.82 -36.34 14.02
CA ILE E 68 -7.91 -36.79 12.67
C ILE E 68 -8.84 -35.80 12.13
N TYR E 69 -8.32 -35.03 11.16
CA TYR E 69 -8.97 -33.98 10.50
C TYR E 69 -9.49 -34.54 9.19
N LYS E 70 -10.51 -33.89 8.64
CA LYS E 70 -11.04 -34.03 7.28
C LYS E 70 -10.49 -32.81 6.55
N ILE E 71 -10.03 -33.01 5.28
CA ILE E 71 -9.43 -31.98 4.48
C ILE E 71 -10.30 -31.90 3.19
N ASP E 72 -10.68 -33.02 2.65
CA ASP E 72 -11.55 -33.07 1.52
C ASP E 72 -12.48 -34.18 1.82
N GLU E 73 -13.05 -34.85 0.82
CA GLU E 73 -13.96 -35.96 0.99
C GLU E 73 -13.23 -37.21 0.64
N HIS E 74 -11.89 -37.12 0.40
CA HIS E 74 -11.24 -38.29 -0.12
C HIS E 74 -9.78 -38.18 0.30
N ILE E 75 -9.46 -37.15 1.02
CA ILE E 75 -8.13 -36.84 1.51
C ILE E 75 -8.44 -36.48 2.92
N CYS E 76 -7.74 -37.11 3.87
CA CYS E 76 -7.91 -36.83 5.28
C CYS E 76 -6.51 -36.73 5.75
N ALA E 77 -6.30 -36.18 6.92
CA ALA E 77 -4.98 -36.27 7.50
C ALA E 77 -5.08 -36.33 9.04
N ALA E 78 -4.03 -36.80 9.72
CA ALA E 78 -3.94 -36.87 11.18
C ALA E 78 -2.60 -36.32 11.52
N THR E 79 -2.41 -35.94 12.80
CA THR E 79 -1.38 -34.94 13.20
C THR E 79 -0.58 -35.54 14.37
N SER E 80 0.69 -35.09 14.42
CA SER E 80 1.55 -35.30 15.53
C SER E 80 2.49 -34.18 15.63
N GLY E 81 2.88 -33.75 16.86
CA GLY E 81 3.77 -32.61 16.97
C GLY E 81 2.92 -31.55 17.52
N LEU E 82 3.26 -30.27 17.19
CA LEU E 82 2.61 -29.12 17.87
C LEU E 82 1.12 -29.12 17.38
N VAL E 83 0.14 -29.41 18.23
CA VAL E 83 -1.33 -29.43 17.89
C VAL E 83 -1.88 -28.09 17.90
N ALA E 84 -1.15 -27.16 18.57
CA ALA E 84 -1.47 -25.76 18.35
C ALA E 84 -1.35 -25.23 16.97
N ASP E 85 -0.15 -25.51 16.43
CA ASP E 85 0.20 -25.25 15.07
C ASP E 85 -0.71 -26.03 14.10
N ALA E 86 -1.09 -27.28 14.40
CA ALA E 86 -1.92 -28.05 13.54
C ALA E 86 -3.18 -27.30 13.09
N ARG E 87 -3.80 -26.51 14.04
CA ARG E 87 -5.00 -25.81 13.74
C ARG E 87 -4.88 -24.86 12.49
N VAL E 88 -3.80 -24.01 12.48
CA VAL E 88 -3.55 -23.12 11.37
C VAL E 88 -3.14 -23.71 10.11
N LEU E 89 -2.19 -24.67 10.24
CA LEU E 89 -1.59 -25.45 9.11
C LEU E 89 -2.76 -26.24 8.42
N ILE E 90 -3.62 -27.01 9.15
CA ILE E 90 -4.71 -27.69 8.53
C ILE E 90 -5.82 -26.83 7.95
N ASP E 91 -6.11 -25.65 8.60
CA ASP E 91 -7.03 -24.67 8.06
C ASP E 91 -6.61 -24.27 6.67
N ARG E 92 -5.28 -24.02 6.41
CA ARG E 92 -4.66 -23.75 5.11
C ARG E 92 -4.83 -24.90 4.23
N ALA E 93 -4.68 -26.13 4.72
CA ALA E 93 -4.77 -27.27 3.88
C ALA E 93 -6.07 -27.56 3.31
N ARG E 94 -7.09 -27.34 4.13
CA ARG E 94 -8.47 -27.52 3.78
C ARG E 94 -8.82 -26.56 2.69
N ILE E 95 -8.46 -25.30 2.86
CA ILE E 95 -8.67 -24.28 1.87
C ILE E 95 -7.97 -24.53 0.58
N GLU E 96 -6.73 -25.03 0.56
CA GLU E 96 -6.01 -25.31 -0.69
C GLU E 96 -6.67 -26.37 -1.49
N ALA E 97 -7.28 -27.34 -0.85
CA ALA E 97 -7.99 -28.39 -1.59
C ALA E 97 -9.32 -27.93 -2.04
N GLN E 98 -9.95 -27.05 -1.25
CA GLN E 98 -11.23 -26.43 -1.61
C GLN E 98 -11.01 -25.55 -2.80
N ILE E 99 -9.91 -24.77 -2.80
CA ILE E 99 -9.48 -23.85 -3.93
C ILE E 99 -9.32 -24.66 -5.26
N ASN E 100 -8.83 -25.95 -5.25
CA ASN E 100 -8.59 -26.76 -6.36
C ASN E 100 -9.96 -27.28 -6.84
N ARG E 101 -10.96 -27.43 -5.91
CA ARG E 101 -12.36 -27.71 -6.36
C ARG E 101 -13.01 -26.48 -6.97
N LEU E 102 -12.59 -25.27 -6.56
CA LEU E 102 -12.91 -24.03 -7.17
C LEU E 102 -12.33 -23.83 -8.55
N THR E 103 -11.02 -24.13 -8.82
CA THR E 103 -10.34 -23.55 -9.95
C THR E 103 -10.11 -24.64 -10.94
N TYR E 104 -10.53 -25.90 -10.66
CA TYR E 104 -10.30 -27.00 -11.62
C TYR E 104 -11.42 -27.99 -11.59
N ASP E 105 -12.30 -27.93 -10.52
CA ASP E 105 -13.49 -28.78 -10.32
C ASP E 105 -13.23 -30.21 -10.54
N GLU E 106 -12.31 -30.61 -9.68
CA GLU E 106 -11.76 -31.91 -9.68
C GLU E 106 -11.23 -32.03 -8.27
N PRO E 107 -11.13 -33.30 -7.75
CA PRO E 107 -10.26 -33.71 -6.69
C PRO E 107 -8.91 -33.06 -6.67
N ILE E 108 -8.31 -32.70 -5.50
CA ILE E 108 -6.95 -32.23 -5.54
C ILE E 108 -6.15 -33.50 -5.49
N THR E 109 -5.15 -33.80 -6.33
CA THR E 109 -4.26 -34.96 -6.18
C THR E 109 -3.50 -34.83 -4.87
N VAL E 110 -3.35 -35.98 -4.16
CA VAL E 110 -2.71 -36.07 -2.87
C VAL E 110 -1.34 -35.52 -2.79
N LYS E 111 -0.60 -35.72 -3.86
CA LYS E 111 0.66 -35.21 -4.20
C LYS E 111 0.64 -33.76 -4.25
N GLU E 112 -0.39 -33.16 -4.91
CA GLU E 112 -0.33 -31.81 -5.19
C GLU E 112 -0.74 -31.05 -3.95
N LEU E 113 -1.63 -31.73 -3.12
CA LEU E 113 -2.13 -31.18 -1.89
C LEU E 113 -1.05 -31.17 -0.91
N ALA E 114 -0.24 -32.28 -0.84
CA ALA E 114 0.98 -32.36 -0.01
C ALA E 114 2.01 -31.36 -0.40
N LYS E 115 2.20 -31.10 -1.74
CA LYS E 115 3.16 -30.17 -2.30
C LYS E 115 2.90 -28.79 -1.88
N LYS E 116 1.63 -28.29 -1.98
CA LYS E 116 1.14 -26.98 -1.73
C LYS E 116 1.25 -26.69 -0.32
N ILE E 117 0.95 -27.58 0.61
CA ILE E 117 1.14 -27.49 2.03
C ILE E 117 2.61 -27.46 2.46
N CYS E 118 3.44 -28.29 1.87
CA CYS E 118 4.84 -28.30 2.16
C CYS E 118 5.54 -27.03 1.67
N ASP E 119 4.96 -26.43 0.56
CA ASP E 119 5.38 -25.15 0.03
C ASP E 119 5.04 -24.10 1.04
N PHE E 120 3.87 -24.16 1.78
CA PHE E 120 3.47 -23.13 2.76
C PHE E 120 4.40 -23.08 3.97
N LYS E 121 4.91 -24.27 4.39
CA LYS E 121 5.94 -24.41 5.43
C LYS E 121 7.24 -23.79 5.11
N GLN E 122 7.70 -24.03 3.91
CA GLN E 122 9.02 -23.59 3.31
C GLN E 122 9.00 -22.09 3.27
N GLN E 123 7.81 -21.48 3.05
CA GLN E 123 7.65 -20.04 2.98
C GLN E 123 7.95 -19.39 4.31
N TYR E 124 7.73 -20.13 5.43
CA TYR E 124 7.79 -19.66 6.74
C TYR E 124 9.15 -20.06 7.36
N THR E 125 9.97 -20.80 6.56
CA THR E 125 11.32 -21.19 6.88
C THR E 125 12.20 -20.08 6.29
N GLN E 126 11.86 -19.53 5.08
CA GLN E 126 12.43 -18.41 4.36
C GLN E 126 12.32 -17.18 5.16
N TYR E 127 11.12 -16.88 5.61
CA TYR E 127 10.82 -15.76 6.45
C TYR E 127 11.68 -15.77 7.76
N GLY E 128 12.33 -14.64 8.05
CA GLY E 128 13.15 -14.63 9.16
C GLY E 128 12.53 -14.08 10.43
N GLY E 129 11.44 -13.27 10.22
CA GLY E 129 10.64 -12.69 11.22
C GLY E 129 9.50 -13.68 11.55
N VAL E 130 9.50 -14.90 11.00
CA VAL E 130 8.36 -15.84 11.14
C VAL E 130 9.12 -17.17 11.22
N ARG E 131 8.94 -17.90 12.33
CA ARG E 131 9.33 -19.34 12.53
C ARG E 131 8.60 -20.25 11.63
N PRO E 132 9.06 -21.50 11.36
CA PRO E 132 8.30 -22.44 10.51
C PRO E 132 7.24 -23.11 11.41
N PHE E 133 6.29 -23.90 10.87
CA PHE E 133 5.43 -24.79 11.55
C PHE E 133 6.31 -25.86 12.06
N GLY E 134 5.90 -26.41 13.22
CA GLY E 134 6.59 -27.42 13.88
C GLY E 134 5.58 -28.52 14.18
N VAL E 135 4.94 -29.03 13.11
CA VAL E 135 3.97 -30.07 13.16
C VAL E 135 4.06 -30.78 11.85
N SER E 136 3.77 -32.10 11.89
CA SER E 136 3.87 -33.03 10.81
C SER E 136 2.53 -33.61 10.73
N LEU E 137 2.03 -33.82 9.45
CA LEU E 137 0.69 -34.33 9.13
C LEU E 137 0.98 -35.48 8.19
N LEU E 138 0.12 -36.49 8.16
CA LEU E 138 0.29 -37.60 7.24
C LEU E 138 -0.90 -37.52 6.47
N ILE E 139 -0.72 -37.09 5.22
CA ILE E 139 -1.80 -36.72 4.42
C ILE E 139 -2.04 -37.91 3.62
N ALA E 140 -3.36 -38.37 3.54
CA ALA E 140 -3.59 -39.68 3.03
C ALA E 140 -4.73 -39.64 2.04
N GLY E 141 -4.74 -40.31 0.86
CA GLY E 141 -5.98 -40.23 0.09
C GLY E 141 -5.85 -41.18 -1.00
N VAL E 142 -6.95 -41.37 -1.80
CA VAL E 142 -7.10 -42.33 -2.85
C VAL E 142 -7.45 -41.47 -4.04
N ASP E 143 -6.79 -41.58 -5.17
CA ASP E 143 -7.04 -40.82 -6.42
C ASP E 143 -7.16 -41.87 -7.45
N GLU E 144 -6.11 -42.07 -8.28
CA GLU E 144 -6.06 -43.04 -9.30
C GLU E 144 -5.52 -44.23 -8.69
N VAL E 145 -4.65 -44.05 -7.72
CA VAL E 145 -4.22 -45.07 -6.85
C VAL E 145 -4.35 -44.48 -5.39
N PRO E 146 -4.29 -45.38 -4.35
CA PRO E 146 -3.98 -45.00 -2.97
C PRO E 146 -2.72 -44.20 -2.85
N LYS E 147 -2.53 -43.22 -1.96
CA LYS E 147 -1.36 -42.47 -1.77
C LYS E 147 -1.21 -42.16 -0.28
N LEU E 148 0.00 -42.01 0.29
CA LEU E 148 0.23 -41.80 1.66
C LEU E 148 1.45 -40.97 1.61
N TYR E 149 1.49 -39.90 2.41
CA TYR E 149 2.61 -38.99 2.40
C TYR E 149 2.89 -38.64 3.87
N GLU E 150 4.17 -38.32 4.11
CA GLU E 150 4.56 -37.76 5.33
C GLU E 150 4.91 -36.42 4.89
N THR E 151 4.22 -35.46 5.46
CA THR E 151 4.58 -34.09 5.29
C THR E 151 5.30 -33.67 6.55
N ASP E 152 6.45 -33.06 6.36
CA ASP E 152 7.39 -32.86 7.45
C ASP E 152 7.28 -31.47 7.87
N PRO E 153 7.79 -31.09 9.08
CA PRO E 153 7.79 -29.72 9.53
C PRO E 153 8.86 -28.94 8.77
N SER E 154 9.72 -29.66 8.05
CA SER E 154 10.90 -29.25 7.28
C SER E 154 10.44 -28.72 5.97
N GLY E 155 9.21 -28.97 5.54
CA GLY E 155 8.62 -28.55 4.35
C GLY E 155 8.89 -29.61 3.18
N ALA E 156 9.19 -30.91 3.60
CA ALA E 156 9.51 -31.91 2.65
C ALA E 156 8.34 -32.88 2.57
N LEU E 157 8.03 -33.40 1.38
CA LEU E 157 7.14 -34.46 1.28
C LEU E 157 7.93 -35.63 0.91
N LEU E 158 7.46 -36.80 1.35
CA LEU E 158 8.08 -38.11 1.13
C LEU E 158 6.89 -39.07 1.05
N GLU E 159 6.95 -40.01 0.09
CA GLU E 159 5.88 -40.96 0.01
C GLU E 159 6.32 -42.22 0.63
N TYR E 160 5.43 -42.97 1.33
CA TYR E 160 5.71 -44.15 2.05
C TYR E 160 4.75 -45.15 1.60
N LYS E 161 5.20 -46.40 1.72
CA LYS E 161 4.35 -47.65 1.61
C LYS E 161 3.65 -47.80 2.98
N ALA E 162 4.35 -47.53 4.09
CA ALA E 162 3.74 -47.41 5.42
C ALA E 162 4.63 -46.52 6.15
N THR E 163 4.12 -45.76 7.17
CA THR E 163 4.88 -44.61 7.76
C THR E 163 4.50 -44.47 9.18
N ALA E 164 5.12 -43.58 9.91
CA ALA E 164 4.68 -43.20 11.28
C ALA E 164 5.26 -41.88 11.51
N ILE E 165 4.72 -41.17 12.53
CA ILE E 165 5.30 -40.01 13.08
C ILE E 165 4.89 -39.89 14.53
N GLY E 166 5.60 -39.05 15.26
CA GLY E 166 5.23 -38.64 16.63
C GLY E 166 6.21 -39.28 17.50
N MET E 167 5.80 -39.66 18.74
CA MET E 167 6.64 -40.24 19.77
C MET E 167 6.99 -41.69 19.28
N GLY E 168 5.95 -42.32 18.67
CA GLY E 168 6.06 -43.66 18.29
C GLY E 168 6.78 -43.85 17.02
N ARG E 169 7.30 -42.73 16.46
CA ARG E 169 7.86 -42.76 15.19
C ARG E 169 8.96 -43.83 15.01
N ASN E 170 10.05 -43.78 15.88
CA ASN E 170 11.20 -44.64 15.75
C ASN E 170 10.85 -46.07 15.88
N ALA E 171 9.92 -46.36 16.85
CA ALA E 171 9.51 -47.72 17.12
C ALA E 171 8.79 -48.31 15.90
N VAL E 172 7.91 -47.55 15.21
CA VAL E 172 7.07 -48.08 14.18
C VAL E 172 7.76 -48.13 12.87
N THR E 173 8.86 -47.38 12.65
CA THR E 173 9.70 -47.60 11.47
C THR E 173 10.45 -48.99 11.64
N GLU E 174 10.98 -49.29 12.88
CA GLU E 174 11.64 -50.54 13.20
C GLU E 174 10.79 -51.71 13.16
N PHE E 175 9.54 -51.57 13.67
CA PHE E 175 8.60 -52.63 13.67
C PHE E 175 8.20 -53.08 12.27
N PHE E 176 7.80 -52.13 11.49
CA PHE E 176 7.25 -52.30 10.17
C PHE E 176 8.26 -52.74 9.15
N GLU E 177 9.59 -52.61 9.42
CA GLU E 177 10.67 -53.12 8.61
C GLU E 177 10.52 -54.61 8.58
N LYS E 178 10.12 -55.16 9.68
CA LYS E 178 9.88 -56.57 9.84
C LYS E 178 8.53 -56.93 9.32
N GLU E 179 7.46 -56.14 9.69
CA GLU E 179 6.16 -56.76 9.61
C GLU E 179 5.45 -56.30 8.36
N TYR E 180 5.57 -55.05 7.89
CA TYR E 180 4.87 -54.46 6.80
C TYR E 180 5.22 -55.17 5.52
N ARG E 181 4.23 -55.40 4.71
CA ARG E 181 4.42 -55.83 3.33
C ARG E 181 3.12 -55.42 2.63
N ASP E 182 3.07 -55.61 1.22
CA ASP E 182 1.91 -55.35 0.34
C ASP E 182 1.17 -56.54 0.14
N ASP E 183 1.23 -57.44 1.13
CA ASP E 183 0.65 -58.79 0.94
C ASP E 183 -0.42 -58.84 1.93
N LEU E 184 -0.99 -57.63 2.29
CA LEU E 184 -1.95 -57.43 3.29
C LEU E 184 -3.09 -56.82 2.54
N SER E 185 -4.30 -57.35 2.91
CA SER E 185 -5.68 -56.84 2.59
C SER E 185 -5.90 -55.53 3.27
N PHE E 186 -7.10 -54.93 3.16
CA PHE E 186 -7.57 -53.68 3.75
C PHE E 186 -7.75 -53.81 5.23
N ASP E 187 -8.27 -54.94 5.64
CA ASP E 187 -8.61 -55.12 7.02
C ASP E 187 -7.38 -55.48 7.87
N ASP E 188 -6.50 -56.29 7.22
CA ASP E 188 -5.28 -56.88 7.68
C ASP E 188 -4.21 -55.81 7.73
N ALA E 189 -4.27 -54.73 6.89
CA ALA E 189 -3.48 -53.54 7.02
C ALA E 189 -3.75 -52.70 8.19
N MET E 190 -5.02 -52.46 8.45
CA MET E 190 -5.49 -51.68 9.59
C MET E 190 -5.30 -52.35 10.89
N VAL E 191 -5.50 -53.73 10.91
CA VAL E 191 -5.16 -54.60 12.05
C VAL E 191 -3.71 -54.48 12.34
N LEU E 192 -2.76 -54.47 11.35
CA LEU E 192 -1.32 -54.29 11.63
C LEU E 192 -1.04 -52.95 12.22
N GLY E 193 -1.85 -51.96 11.87
CA GLY E 193 -1.72 -50.55 12.27
C GLY E 193 -2.15 -50.30 13.60
N LEU E 194 -3.12 -51.09 14.06
CA LEU E 194 -3.51 -51.20 15.46
C LEU E 194 -2.45 -51.90 16.18
N VAL E 195 -1.87 -52.98 15.59
CA VAL E 195 -0.77 -53.69 16.14
C VAL E 195 0.51 -52.88 16.38
N ALA E 196 0.77 -51.94 15.46
CA ALA E 196 1.81 -50.88 15.42
C ALA E 196 1.59 -49.84 16.53
N MET E 197 0.29 -49.39 16.66
CA MET E 197 -0.12 -48.40 17.63
C MET E 197 0.06 -48.92 18.99
N GLY E 198 -0.21 -50.22 19.22
CA GLY E 198 -0.03 -50.82 20.59
C GLY E 198 1.40 -50.83 21.01
N LEU E 199 2.35 -50.87 20.07
CA LEU E 199 3.75 -50.83 20.20
C LEU E 199 4.27 -49.44 20.55
N SER E 200 3.59 -48.39 19.95
CA SER E 200 4.00 -47.05 20.16
C SER E 200 3.82 -46.69 21.64
N ILE E 201 2.63 -47.13 22.13
CA ILE E 201 2.22 -46.84 23.47
C ILE E 201 2.70 -47.81 24.48
N GLU E 202 3.05 -48.98 24.02
CA GLU E 202 3.61 -50.08 24.79
C GLU E 202 2.61 -50.66 25.76
N SER E 203 1.25 -50.56 25.49
CA SER E 203 0.20 -51.11 26.35
C SER E 203 -0.95 -51.51 25.46
N GLU E 204 -1.98 -52.23 25.98
CA GLU E 204 -3.18 -52.67 25.32
C GLU E 204 -4.08 -51.50 24.91
N LEU E 205 -4.89 -51.79 23.86
CA LEU E 205 -5.78 -50.86 23.23
C LEU E 205 -7.19 -51.24 23.57
N VAL E 206 -7.98 -50.19 23.52
CA VAL E 206 -9.42 -50.16 23.60
C VAL E 206 -9.70 -48.99 22.66
N PRO E 207 -10.90 -48.63 22.34
CA PRO E 207 -11.35 -47.53 21.51
C PRO E 207 -11.05 -46.20 22.08
N GLU E 208 -10.44 -46.12 23.32
CA GLU E 208 -10.53 -44.88 24.08
C GLU E 208 -9.21 -44.25 24.10
N ASN E 209 -8.35 -44.66 23.16
CA ASN E 209 -7.02 -44.20 23.09
C ASN E 209 -6.64 -44.38 21.70
N ILE E 210 -7.62 -44.67 20.85
CA ILE E 210 -7.42 -44.63 19.47
C ILE E 210 -8.59 -44.07 18.73
N GLU E 211 -8.20 -43.46 17.61
CA GLU E 211 -9.10 -42.85 16.66
C GLU E 211 -8.75 -43.36 15.33
N VAL E 212 -9.71 -43.92 14.53
CA VAL E 212 -9.39 -44.45 13.17
C VAL E 212 -10.34 -43.67 12.21
N GLY E 213 -9.70 -43.17 11.11
CA GLY E 213 -10.42 -42.92 9.86
C GLY E 213 -9.77 -43.75 8.81
N TYR E 214 -10.41 -43.82 7.62
CA TYR E 214 -9.84 -44.60 6.56
C TYR E 214 -10.31 -44.04 5.31
N VAL E 215 -9.68 -44.41 4.24
CA VAL E 215 -10.04 -43.99 2.91
C VAL E 215 -10.12 -45.24 2.12
N LYS E 216 -11.33 -45.50 1.47
CA LYS E 216 -11.66 -46.64 0.68
C LYS E 216 -11.61 -46.21 -0.74
N VAL E 217 -10.92 -47.01 -1.60
CA VAL E 217 -11.17 -47.21 -3.00
C VAL E 217 -12.59 -47.40 -3.39
N ASP E 218 -13.34 -48.27 -2.75
CA ASP E 218 -14.55 -48.73 -3.35
C ASP E 218 -15.62 -47.64 -3.47
N ASP E 219 -15.64 -46.81 -2.40
CA ASP E 219 -16.55 -45.65 -2.35
C ASP E 219 -15.76 -44.56 -3.14
N ARG E 220 -14.44 -44.41 -2.92
CA ARG E 220 -13.52 -43.31 -3.33
C ARG E 220 -14.00 -42.15 -2.57
N THR E 221 -14.00 -42.35 -1.24
CA THR E 221 -14.42 -41.39 -0.26
C THR E 221 -14.03 -42.00 1.04
N PHE E 222 -13.09 -41.30 1.74
CA PHE E 222 -13.20 -40.99 3.17
C PHE E 222 -14.43 -41.34 4.01
N LYS E 223 -14.21 -42.13 5.08
CA LYS E 223 -15.21 -42.35 6.05
C LYS E 223 -14.44 -42.26 7.32
N GLU E 224 -15.11 -41.94 8.42
CA GLU E 224 -14.49 -41.74 9.76
C GLU E 224 -15.13 -42.73 10.59
N VAL E 225 -14.32 -43.61 11.24
CA VAL E 225 -14.85 -44.79 11.75
C VAL E 225 -15.30 -44.55 13.17
N SER E 226 -16.60 -44.89 13.50
CA SER E 226 -17.15 -44.86 14.86
C SER E 226 -16.55 -45.89 15.82
N PRO E 227 -16.48 -45.72 17.11
CA PRO E 227 -15.83 -46.58 18.17
C PRO E 227 -16.38 -47.99 18.18
N GLU E 228 -17.72 -48.11 17.77
CA GLU E 228 -18.54 -49.26 17.72
C GLU E 228 -17.98 -50.19 16.79
N GLU E 229 -17.50 -49.77 15.63
CA GLU E 229 -17.06 -50.60 14.51
C GLU E 229 -15.61 -50.77 14.54
N LEU E 230 -14.96 -50.47 15.66
CA LEU E 230 -13.58 -50.73 15.85
C LEU E 230 -13.49 -52.02 16.59
N LYS E 231 -14.52 -52.31 17.47
CA LYS E 231 -14.47 -53.39 18.43
C LYS E 231 -13.93 -54.74 17.91
N PRO E 232 -14.33 -55.41 16.85
CA PRO E 232 -13.68 -56.64 16.37
C PRO E 232 -12.20 -56.39 16.14
N TYR E 233 -11.79 -55.37 15.47
CA TYR E 233 -10.44 -55.14 15.08
C TYR E 233 -9.53 -54.96 16.22
N VAL E 234 -9.98 -54.23 17.25
CA VAL E 234 -9.33 -54.02 18.54
C VAL E 234 -9.06 -55.33 19.21
N GLU E 235 -10.10 -56.27 19.25
CA GLU E 235 -9.85 -57.58 19.84
C GLU E 235 -8.71 -58.36 19.15
N ARG E 236 -8.74 -58.35 17.83
CA ARG E 236 -7.81 -59.05 16.95
C ARG E 236 -6.36 -58.58 17.16
N ALA E 237 -6.29 -57.23 17.26
CA ALA E 237 -5.05 -56.50 17.41
C ALA E 237 -4.44 -56.82 18.72
N ASN E 238 -5.26 -56.95 19.81
CA ASN E 238 -4.83 -57.14 21.14
C ASN E 238 -4.01 -58.40 21.32
N GLU E 239 -4.38 -59.52 20.59
CA GLU E 239 -3.64 -60.78 20.66
C GLU E 239 -2.21 -60.52 20.27
N ARG E 240 -1.99 -59.84 19.17
CA ARG E 240 -0.68 -59.54 18.59
C ARG E 240 0.12 -58.62 19.46
N ILE E 241 -0.55 -57.60 20.05
CA ILE E 241 0.06 -56.62 20.91
C ILE E 241 0.62 -57.17 22.18
N ARG E 242 -0.09 -58.11 22.85
CA ARG E 242 0.30 -58.83 24.00
C ARG E 242 1.57 -59.60 23.74
N GLU E 243 1.74 -60.19 22.50
CA GLU E 243 2.90 -60.99 22.09
C GLU E 243 4.09 -60.10 22.00
N LEU E 244 3.90 -58.80 21.54
CA LEU E 244 4.92 -57.80 21.29
C LEU E 244 5.39 -57.37 22.63
N LEU E 245 4.54 -57.51 23.67
CA LEU E 245 4.73 -57.04 25.02
C LEU E 245 5.13 -58.25 25.92
N LYS E 246 5.54 -59.31 25.30
CA LYS E 246 6.11 -60.58 25.79
C LYS E 246 7.41 -60.82 25.10
N LYS E 247 7.71 -60.10 23.96
CA LYS E 247 8.96 -60.15 23.20
C LYS E 247 9.77 -58.86 23.49
N GLN F 6 33.56 -16.71 9.97
CA GLN F 6 33.89 -17.35 11.22
C GLN F 6 33.70 -16.49 12.38
N MET F 7 33.06 -17.06 13.39
CA MET F 7 32.74 -16.58 14.73
C MET F 7 32.14 -15.26 14.67
N GLY F 8 30.96 -15.18 14.16
CA GLY F 8 30.17 -14.00 14.07
C GLY F 8 30.08 -13.30 12.72
N TYR F 9 30.87 -13.76 11.76
CA TYR F 9 30.84 -13.26 10.42
C TYR F 9 30.41 -14.49 9.72
N ASP F 10 29.22 -14.94 10.08
CA ASP F 10 28.69 -16.11 9.59
C ASP F 10 27.31 -16.20 10.15
N ARG F 11 26.85 -15.10 10.82
CA ARG F 11 25.61 -15.20 11.60
C ARG F 11 24.48 -14.55 10.88
N ALA F 12 24.73 -14.10 9.62
CA ALA F 12 23.65 -13.55 8.90
C ALA F 12 24.14 -13.61 7.51
N ILE F 13 23.23 -13.34 6.57
CA ILE F 13 23.60 -13.35 5.18
C ILE F 13 24.15 -11.94 4.82
N THR F 14 24.22 -11.05 5.87
CA THR F 14 24.49 -9.65 5.52
C THR F 14 25.95 -9.41 5.88
N VAL F 15 26.69 -10.47 6.06
CA VAL F 15 28.12 -10.41 6.44
C VAL F 15 29.03 -10.12 5.32
N PHE F 16 30.33 -9.79 5.74
CA PHE F 16 31.47 -10.15 4.98
C PHE F 16 32.52 -10.34 6.02
N SER F 17 33.56 -11.19 5.64
CA SER F 17 34.76 -11.48 6.38
C SER F 17 35.82 -10.66 5.79
N PRO F 18 36.84 -10.36 6.54
CA PRO F 18 38.10 -9.85 6.01
C PRO F 18 38.71 -10.71 4.93
N ASP F 19 38.45 -12.01 4.76
CA ASP F 19 38.96 -12.86 3.70
C ASP F 19 38.11 -12.70 2.46
N GLY F 20 37.02 -11.94 2.55
CA GLY F 20 36.17 -11.52 1.44
C GLY F 20 35.15 -12.61 1.05
N ARG F 21 34.90 -13.58 1.97
CA ARG F 21 33.85 -14.56 1.82
C ARG F 21 32.64 -14.19 2.51
N LEU F 22 31.48 -14.81 2.09
CA LEU F 22 30.20 -14.80 2.72
C LEU F 22 30.10 -16.22 3.18
N PHE F 23 30.30 -16.41 4.52
CA PHE F 23 30.37 -17.73 5.09
C PHE F 23 29.05 -18.35 5.14
N GLN F 24 27.96 -17.51 5.13
CA GLN F 24 26.60 -18.04 5.02
C GLN F 24 26.30 -18.72 3.69
N VAL F 25 27.00 -18.15 2.63
CA VAL F 25 26.68 -18.53 1.29
C VAL F 25 27.38 -19.80 1.03
N GLU F 26 28.57 -20.00 1.63
CA GLU F 26 29.32 -21.21 1.44
C GLU F 26 28.66 -22.38 2.18
N TYR F 27 28.11 -22.02 3.36
CA TYR F 27 27.40 -23.00 4.20
C TYR F 27 26.18 -23.47 3.49
N ALA F 28 25.47 -22.63 2.78
CA ALA F 28 24.34 -23.06 1.90
C ALA F 28 24.77 -24.00 0.79
N ARG F 29 26.03 -23.98 0.37
CA ARG F 29 26.53 -24.85 -0.75
C ARG F 29 26.83 -26.19 -0.06
N GLU F 30 27.21 -26.19 1.24
CA GLU F 30 27.55 -27.40 1.95
C GLU F 30 26.28 -28.19 2.25
N ALA F 31 25.08 -27.52 2.23
CA ALA F 31 23.78 -28.11 2.39
C ALA F 31 23.58 -28.95 1.22
N VAL F 32 24.03 -28.53 -0.05
CA VAL F 32 23.86 -29.30 -1.27
C VAL F 32 24.63 -30.59 -1.15
N LYS F 33 25.83 -30.48 -0.56
CA LYS F 33 26.76 -31.62 -0.40
C LYS F 33 26.35 -32.64 0.62
N ARG F 34 25.44 -32.21 1.54
CA ARG F 34 24.86 -33.09 2.55
C ARG F 34 24.07 -34.06 1.77
N GLY F 35 23.32 -33.57 0.79
CA GLY F 35 22.31 -34.27 0.01
C GLY F 35 22.96 -35.24 -0.85
N ALA F 36 22.11 -36.09 -1.55
CA ALA F 36 22.61 -37.11 -2.41
C ALA F 36 23.03 -36.63 -3.83
N THR F 37 23.99 -37.40 -4.38
CA THR F 37 24.62 -37.41 -5.65
C THR F 37 23.67 -37.43 -6.85
N ALA F 38 23.91 -36.58 -7.79
CA ALA F 38 23.17 -36.27 -9.00
C ALA F 38 24.20 -35.91 -9.94
N ILE F 39 24.05 -36.36 -11.20
CA ILE F 39 25.09 -36.26 -12.21
C ILE F 39 24.28 -35.88 -13.44
N GLY F 40 24.92 -35.04 -14.29
CA GLY F 40 24.47 -34.79 -15.65
C GLY F 40 25.64 -34.96 -16.56
N ILE F 41 25.44 -35.38 -17.84
CA ILE F 41 26.42 -35.51 -18.92
C ILE F 41 25.81 -34.84 -20.09
N LYS F 42 26.68 -34.28 -20.86
CA LYS F 42 26.46 -33.57 -22.13
C LYS F 42 27.25 -34.27 -23.12
N CYS F 43 26.73 -34.62 -24.28
CA CYS F 43 27.42 -35.19 -25.43
C CYS F 43 26.89 -34.32 -26.58
N LYS F 44 27.43 -34.52 -27.81
CA LYS F 44 27.24 -33.63 -28.93
C LYS F 44 25.93 -34.08 -29.61
N GLU F 45 24.89 -34.60 -28.91
CA GLU F 45 23.74 -35.25 -29.49
C GLU F 45 22.60 -35.25 -28.54
N GLY F 46 22.84 -34.84 -27.26
CA GLY F 46 21.76 -34.66 -26.39
C GLY F 46 22.36 -34.52 -24.98
N VAL F 47 21.53 -34.45 -23.94
CA VAL F 47 22.01 -34.25 -22.53
C VAL F 47 21.27 -35.36 -21.84
N ILE F 48 21.81 -35.91 -20.75
CA ILE F 48 21.40 -37.05 -19.99
C ILE F 48 21.38 -36.45 -18.66
N LEU F 49 20.38 -36.81 -17.83
CA LEU F 49 20.26 -36.44 -16.44
C LEU F 49 19.99 -37.74 -15.62
N ILE F 50 20.83 -38.08 -14.62
CA ILE F 50 20.66 -39.32 -13.88
C ILE F 50 20.71 -38.84 -12.45
N ALA F 51 19.63 -39.24 -11.70
CA ALA F 51 19.29 -38.89 -10.37
C ALA F 51 19.34 -40.10 -9.45
N ASP F 52 19.76 -39.89 -8.17
CA ASP F 52 19.67 -40.86 -7.09
C ASP F 52 18.18 -40.82 -6.75
N LYS F 53 17.55 -42.08 -6.62
CA LYS F 53 16.17 -42.31 -6.32
C LYS F 53 16.09 -43.39 -5.28
N ARG F 54 17.12 -43.40 -4.37
CA ARG F 54 17.36 -44.39 -3.34
C ARG F 54 16.81 -43.87 -2.10
N VAL F 55 16.16 -44.81 -1.30
CA VAL F 55 15.36 -44.63 -0.12
C VAL F 55 16.21 -44.84 1.04
N GLY F 56 15.88 -44.22 2.20
CA GLY F 56 16.63 -44.16 3.40
C GLY F 56 16.32 -45.38 4.14
N SER F 57 15.13 -45.95 3.88
CA SER F 57 14.72 -47.23 4.51
C SER F 57 13.75 -47.77 3.44
N LYS F 58 13.41 -49.11 3.53
CA LYS F 58 12.66 -49.88 2.62
C LYS F 58 11.21 -49.79 2.87
N LEU F 59 10.75 -48.92 3.76
CA LEU F 59 9.34 -48.66 3.91
C LEU F 59 8.91 -47.39 3.18
N LEU F 60 9.95 -46.66 2.64
CA LEU F 60 9.63 -45.50 1.86
C LEU F 60 9.38 -46.01 0.49
N GLU F 61 8.43 -45.36 -0.16
CA GLU F 61 8.03 -45.63 -1.49
C GLU F 61 9.11 -45.45 -2.51
N ALA F 62 9.20 -46.49 -3.38
CA ALA F 62 10.20 -46.77 -4.36
C ALA F 62 10.06 -45.85 -5.51
N ASP F 63 8.84 -45.57 -6.06
CA ASP F 63 8.64 -44.98 -7.33
C ASP F 63 9.04 -43.53 -7.41
N THR F 64 8.98 -42.92 -6.24
CA THR F 64 9.23 -41.52 -5.99
C THR F 64 9.92 -41.23 -4.71
N ILE F 65 10.88 -40.37 -4.85
CA ILE F 65 11.59 -39.70 -3.75
C ILE F 65 12.62 -38.82 -4.57
N GLU F 66 12.25 -38.64 -5.86
CA GLU F 66 12.92 -38.01 -7.02
C GLU F 66 13.51 -36.69 -6.94
N LYS F 67 14.31 -36.38 -7.98
CA LYS F 67 15.07 -35.14 -8.10
C LYS F 67 14.65 -34.52 -9.37
N ILE F 68 13.98 -35.33 -10.29
CA ILE F 68 13.91 -35.01 -11.72
C ILE F 68 12.66 -34.28 -11.87
N TYR F 69 12.78 -33.00 -12.29
CA TYR F 69 11.55 -32.27 -12.54
C TYR F 69 11.71 -31.71 -13.92
N LYS F 70 10.65 -31.95 -14.76
CA LYS F 70 10.37 -31.32 -15.98
C LYS F 70 10.08 -29.91 -15.69
N ILE F 71 10.63 -29.01 -16.48
CA ILE F 71 10.56 -27.60 -16.24
C ILE F 71 10.00 -26.95 -17.50
N ASP F 72 10.15 -27.67 -18.65
CA ASP F 72 9.60 -27.34 -19.91
C ASP F 72 9.52 -28.66 -20.57
N GLU F 73 9.07 -28.71 -21.88
CA GLU F 73 8.90 -29.93 -22.57
C GLU F 73 10.15 -30.17 -23.34
N HIS F 74 11.24 -29.50 -22.95
CA HIS F 74 12.55 -29.78 -23.57
C HIS F 74 13.60 -29.41 -22.59
N ILE F 75 13.24 -29.18 -21.30
CA ILE F 75 14.15 -28.88 -20.22
C ILE F 75 13.77 -29.71 -19.01
N CYS F 76 14.72 -30.50 -18.42
CA CYS F 76 14.53 -31.05 -17.18
C CYS F 76 15.65 -30.61 -16.31
N ALA F 77 15.52 -31.01 -15.04
CA ALA F 77 16.56 -30.69 -14.12
C ALA F 77 16.58 -31.58 -12.90
N ALA F 78 17.71 -31.61 -12.08
CA ALA F 78 17.78 -32.37 -10.84
C ALA F 78 18.22 -31.34 -9.84
N THR F 79 18.18 -31.74 -8.58
CA THR F 79 18.38 -30.87 -7.47
C THR F 79 19.06 -31.64 -6.32
N SER F 80 19.79 -30.95 -5.43
CA SER F 80 20.28 -31.61 -4.24
C SER F 80 20.42 -30.51 -3.21
N GLY F 81 20.33 -30.87 -1.93
CA GLY F 81 20.11 -29.85 -0.91
C GLY F 81 18.83 -30.19 -0.20
N LEU F 82 18.09 -29.29 0.44
CA LEU F 82 16.82 -29.52 1.07
C LEU F 82 15.74 -29.86 0.03
N VAL F 83 14.76 -30.74 0.39
CA VAL F 83 13.76 -31.09 -0.52
C VAL F 83 12.91 -29.87 -0.73
N ALA F 84 12.64 -29.17 0.42
CA ALA F 84 11.62 -28.16 0.50
C ALA F 84 11.91 -27.03 -0.37
N ASP F 85 13.13 -26.56 -0.28
CA ASP F 85 13.72 -25.38 -0.86
C ASP F 85 13.67 -25.59 -2.29
N ALA F 86 13.97 -26.86 -2.70
CA ALA F 86 14.16 -27.28 -4.08
C ALA F 86 12.81 -27.18 -4.81
N ARG F 87 11.69 -27.57 -4.14
CA ARG F 87 10.41 -27.68 -4.87
C ARG F 87 9.87 -26.33 -5.19
N VAL F 88 10.15 -25.29 -4.27
CA VAL F 88 9.62 -23.94 -4.41
C VAL F 88 10.57 -23.30 -5.48
N LEU F 89 11.86 -23.58 -5.48
CA LEU F 89 12.83 -23.09 -6.38
C LEU F 89 12.57 -23.56 -7.76
N ILE F 90 12.19 -24.87 -7.96
CA ILE F 90 11.98 -25.41 -9.30
C ILE F 90 10.68 -25.07 -9.87
N ASP F 91 9.67 -24.78 -9.03
CA ASP F 91 8.36 -24.24 -9.43
C ASP F 91 8.48 -22.86 -9.97
N ARG F 92 9.46 -22.06 -9.42
CA ARG F 92 9.83 -20.73 -9.95
C ARG F 92 10.42 -20.91 -11.30
N ALA F 93 11.27 -21.86 -11.51
CA ALA F 93 11.81 -22.09 -12.84
C ALA F 93 10.84 -22.60 -13.85
N ARG F 94 9.80 -23.42 -13.49
CA ARG F 94 8.68 -23.81 -14.39
C ARG F 94 7.99 -22.62 -14.88
N ILE F 95 7.69 -21.77 -13.96
CA ILE F 95 6.96 -20.61 -14.18
C ILE F 95 7.71 -19.71 -15.04
N GLU F 96 9.04 -19.47 -14.86
CA GLU F 96 9.86 -18.57 -15.65
C GLU F 96 9.85 -19.01 -17.05
N ALA F 97 9.98 -20.37 -17.17
CA ALA F 97 10.04 -21.03 -18.44
C ALA F 97 8.79 -20.97 -19.25
N GLN F 98 7.63 -21.08 -18.56
CA GLN F 98 6.28 -21.03 -19.14
C GLN F 98 5.93 -19.63 -19.60
N ILE F 99 6.27 -18.68 -18.69
CA ILE F 99 5.95 -17.22 -18.86
C ILE F 99 6.61 -16.77 -20.06
N ASN F 100 7.86 -17.21 -20.29
CA ASN F 100 8.63 -16.75 -21.39
C ASN F 100 7.88 -17.11 -22.70
N ARG F 101 7.27 -18.32 -22.83
CA ARG F 101 6.41 -18.78 -23.85
C ARG F 101 5.12 -18.02 -23.94
N LEU F 102 4.55 -17.53 -22.85
CA LEU F 102 3.37 -16.66 -22.80
C LEU F 102 3.71 -15.36 -23.52
N THR F 103 4.88 -14.74 -23.30
CA THR F 103 5.06 -13.40 -23.76
C THR F 103 5.85 -13.39 -25.08
N TYR F 104 6.35 -14.50 -25.63
CA TYR F 104 7.20 -14.62 -26.76
C TYR F 104 6.80 -15.73 -27.78
N ASP F 105 5.86 -16.56 -27.35
CA ASP F 105 5.42 -17.80 -28.04
C ASP F 105 6.52 -18.62 -28.62
N GLU F 106 7.44 -19.20 -27.83
CA GLU F 106 8.75 -19.61 -28.28
C GLU F 106 9.47 -20.04 -27.03
N PRO F 107 9.69 -21.35 -26.81
CA PRO F 107 10.54 -21.95 -25.81
C PRO F 107 11.76 -21.15 -25.27
N ILE F 108 11.86 -21.05 -23.97
CA ILE F 108 12.99 -20.48 -23.32
C ILE F 108 14.25 -21.19 -23.57
N THR F 109 15.34 -20.42 -23.85
CA THR F 109 16.66 -20.95 -23.97
C THR F 109 17.04 -21.58 -22.65
N VAL F 110 17.86 -22.60 -22.67
CA VAL F 110 18.36 -23.21 -21.46
C VAL F 110 19.24 -22.25 -20.72
N LYS F 111 19.99 -21.43 -21.43
CA LYS F 111 20.88 -20.32 -21.00
C LYS F 111 20.17 -19.22 -20.31
N GLU F 112 18.97 -18.84 -20.93
CA GLU F 112 18.21 -17.72 -20.44
C GLU F 112 17.59 -18.03 -19.18
N LEU F 113 17.04 -19.29 -19.11
CA LEU F 113 16.41 -19.84 -17.99
C LEU F 113 17.41 -19.88 -16.84
N ALA F 114 18.66 -20.26 -17.16
CA ALA F 114 19.72 -20.48 -16.19
C ALA F 114 20.07 -19.22 -15.59
N LYS F 115 20.19 -18.18 -16.44
CA LYS F 115 20.53 -16.81 -16.02
C LYS F 115 19.41 -16.25 -15.10
N LYS F 116 18.13 -16.60 -15.44
CA LYS F 116 17.00 -16.09 -14.61
C LYS F 116 16.95 -16.69 -13.25
N ILE F 117 17.17 -18.03 -13.12
CA ILE F 117 16.98 -18.67 -11.88
C ILE F 117 18.21 -18.51 -11.07
N CYS F 118 19.40 -18.25 -11.74
CA CYS F 118 20.57 -17.74 -11.12
C CYS F 118 20.35 -16.41 -10.45
N ASP F 119 19.49 -15.55 -11.07
CA ASP F 119 19.21 -14.24 -10.62
C ASP F 119 18.17 -14.22 -9.58
N PHE F 120 17.31 -15.31 -9.49
CA PHE F 120 16.23 -15.47 -8.51
C PHE F 120 16.91 -15.79 -7.22
N LYS F 121 17.89 -16.66 -7.34
CA LYS F 121 18.60 -17.21 -6.21
C LYS F 121 19.43 -16.11 -5.63
N GLN F 122 19.83 -15.14 -6.45
CA GLN F 122 20.63 -13.96 -6.19
C GLN F 122 19.91 -12.94 -5.46
N GLN F 123 18.63 -12.91 -5.60
CA GLN F 123 17.84 -11.96 -4.83
C GLN F 123 17.70 -12.40 -3.34
N TYR F 124 17.75 -13.74 -3.15
CA TYR F 124 17.54 -14.29 -1.83
C TYR F 124 18.84 -14.16 -1.02
N THR F 125 20.00 -13.85 -1.71
CA THR F 125 21.29 -13.70 -1.13
C THR F 125 21.52 -12.21 -0.85
N GLN F 126 21.12 -11.36 -1.81
CA GLN F 126 21.28 -9.96 -1.73
C GLN F 126 20.41 -9.37 -0.58
N TYR F 127 19.08 -9.64 -0.56
CA TYR F 127 18.17 -9.25 0.48
C TYR F 127 18.56 -9.93 1.72
N GLY F 128 18.60 -9.11 2.82
CA GLY F 128 19.34 -9.59 3.97
C GLY F 128 18.56 -10.28 5.04
N GLY F 129 17.20 -10.33 4.88
CA GLY F 129 16.18 -10.69 5.78
C GLY F 129 15.83 -12.19 5.65
N VAL F 130 16.25 -12.86 4.58
CA VAL F 130 15.91 -14.15 4.21
C VAL F 130 17.17 -14.85 3.88
N ARG F 131 17.19 -16.17 4.15
CA ARG F 131 18.29 -17.06 3.91
C ARG F 131 18.51 -17.30 2.44
N PRO F 132 19.66 -17.73 1.96
CA PRO F 132 19.80 -18.20 0.62
C PRO F 132 19.21 -19.54 0.50
N PHE F 133 18.88 -19.96 -0.70
CA PHE F 133 18.38 -21.28 -0.96
C PHE F 133 19.48 -22.19 -0.75
N GLY F 134 19.19 -23.39 -0.25
CA GLY F 134 20.26 -24.28 0.15
C GLY F 134 20.44 -25.35 -0.83
N VAL F 135 20.15 -25.05 -2.10
CA VAL F 135 19.99 -26.02 -3.15
C VAL F 135 20.80 -25.59 -4.30
N SER F 136 21.26 -26.54 -5.16
CA SER F 136 21.83 -26.31 -6.44
C SER F 136 20.96 -27.08 -7.31
N LEU F 137 20.86 -26.68 -8.61
CA LEU F 137 20.16 -27.45 -9.59
C LEU F 137 21.16 -27.86 -10.62
N LEU F 138 20.88 -28.83 -11.50
CA LEU F 138 21.66 -29.17 -12.69
C LEU F 138 20.47 -28.96 -13.60
N ILE F 139 20.54 -27.98 -14.54
CA ILE F 139 19.51 -27.78 -15.50
C ILE F 139 20.02 -28.26 -16.77
N ALA F 140 19.38 -29.33 -17.39
CA ALA F 140 19.89 -30.02 -18.56
C ALA F 140 18.76 -29.93 -19.65
N GLY F 141 19.10 -29.37 -20.78
CA GLY F 141 18.17 -29.41 -21.96
C GLY F 141 18.92 -29.20 -23.25
N VAL F 142 18.11 -29.13 -24.34
CA VAL F 142 18.72 -28.96 -25.63
C VAL F 142 17.77 -27.98 -26.24
N ASP F 143 18.38 -26.87 -26.75
CA ASP F 143 17.58 -25.83 -27.35
C ASP F 143 17.91 -25.95 -28.88
N GLU F 144 19.05 -25.35 -29.32
CA GLU F 144 19.54 -25.47 -30.64
C GLU F 144 20.63 -26.52 -30.70
N VAL F 145 21.32 -26.76 -29.54
CA VAL F 145 22.50 -27.67 -29.37
C VAL F 145 22.43 -28.04 -27.93
N PRO F 146 23.05 -29.08 -27.42
CA PRO F 146 22.91 -29.49 -26.08
C PRO F 146 23.52 -28.43 -25.24
N LYS F 147 23.01 -28.15 -24.00
CA LYS F 147 23.49 -27.16 -23.05
C LYS F 147 23.37 -27.83 -21.76
N LEU F 148 24.35 -27.59 -20.83
CA LEU F 148 24.23 -28.19 -19.49
C LEU F 148 24.87 -27.22 -18.58
N TYR F 149 24.16 -26.88 -17.54
CA TYR F 149 24.48 -25.78 -16.67
C TYR F 149 24.34 -26.25 -15.30
N GLU F 150 25.00 -25.57 -14.33
CA GLU F 150 24.83 -25.85 -12.94
C GLU F 150 24.47 -24.52 -12.35
N THR F 151 23.42 -24.48 -11.46
CA THR F 151 23.14 -23.25 -10.69
C THR F 151 23.70 -23.46 -9.25
N ASP F 152 24.31 -22.40 -8.64
CA ASP F 152 24.78 -22.49 -7.28
C ASP F 152 23.82 -21.73 -6.33
N PRO F 153 23.87 -22.01 -5.01
CA PRO F 153 23.01 -21.33 -4.03
C PRO F 153 23.36 -19.89 -3.86
N SER F 154 24.44 -19.36 -4.37
CA SER F 154 24.81 -17.91 -4.40
C SER F 154 23.98 -17.32 -5.58
N GLY F 155 23.96 -18.03 -6.74
CA GLY F 155 23.33 -17.60 -7.98
C GLY F 155 24.31 -17.65 -9.16
N ALA F 156 25.53 -18.18 -8.82
CA ALA F 156 26.56 -18.33 -9.80
C ALA F 156 26.21 -19.42 -10.81
N LEU F 157 26.70 -19.26 -12.03
CA LEU F 157 26.39 -19.99 -13.23
C LEU F 157 27.73 -20.37 -13.76
N LEU F 158 27.81 -21.74 -14.02
CA LEU F 158 29.01 -22.36 -14.58
C LEU F 158 28.40 -23.30 -15.66
N GLU F 159 28.96 -23.17 -16.89
CA GLU F 159 28.57 -23.95 -17.99
C GLU F 159 29.41 -25.23 -17.89
N TYR F 160 28.79 -26.38 -18.07
CA TYR F 160 29.38 -27.66 -17.83
C TYR F 160 29.14 -28.39 -19.08
N LYS F 161 29.75 -29.62 -19.18
CA LYS F 161 29.62 -30.59 -20.19
C LYS F 161 29.70 -31.92 -19.53
N ALA F 162 30.03 -31.99 -18.26
CA ALA F 162 30.02 -33.24 -17.43
C ALA F 162 30.15 -32.70 -16.03
N THR F 163 29.28 -33.17 -15.08
CA THR F 163 29.08 -32.42 -13.82
C THR F 163 28.42 -33.23 -12.74
N ALA F 164 28.44 -32.81 -11.44
CA ALA F 164 27.62 -33.35 -10.38
C ALA F 164 27.38 -32.32 -9.33
N ILE F 165 26.43 -32.64 -8.42
CA ILE F 165 26.17 -31.94 -7.16
C ILE F 165 25.94 -33.07 -6.13
N GLY F 166 25.97 -32.74 -4.83
CA GLY F 166 25.64 -33.63 -3.83
C GLY F 166 26.90 -34.18 -3.15
N MET F 167 26.75 -35.38 -2.54
CA MET F 167 27.80 -36.06 -1.80
C MET F 167 28.85 -36.57 -2.70
N GLY F 168 28.46 -37.06 -3.92
CA GLY F 168 29.30 -37.74 -4.87
C GLY F 168 30.15 -36.83 -5.74
N ARG F 169 30.01 -35.50 -5.56
CA ARG F 169 30.63 -34.52 -6.45
C ARG F 169 32.11 -34.69 -6.64
N ASN F 170 32.90 -34.81 -5.51
CA ASN F 170 34.33 -34.97 -5.57
C ASN F 170 34.67 -36.24 -6.36
N ALA F 171 33.94 -37.40 -6.15
CA ALA F 171 34.39 -38.59 -6.80
C ALA F 171 34.06 -38.65 -8.25
N VAL F 172 32.96 -37.99 -8.63
CA VAL F 172 32.45 -37.94 -10.00
C VAL F 172 33.26 -37.05 -10.91
N THR F 173 33.86 -35.96 -10.30
CA THR F 173 34.78 -35.06 -11.03
C THR F 173 36.02 -35.81 -11.41
N GLU F 174 36.52 -36.68 -10.49
CA GLU F 174 37.65 -37.49 -10.73
C GLU F 174 37.27 -38.46 -11.80
N PHE F 175 36.07 -39.06 -11.81
CA PHE F 175 35.74 -40.03 -12.90
C PHE F 175 35.72 -39.39 -14.28
N PHE F 176 35.12 -38.17 -14.50
CA PHE F 176 35.04 -37.59 -15.85
C PHE F 176 36.35 -36.87 -16.16
N GLU F 177 37.28 -36.63 -15.20
CA GLU F 177 38.65 -36.10 -15.43
C GLU F 177 39.37 -37.14 -16.28
N LYS F 178 39.27 -38.46 -15.95
CA LYS F 178 40.04 -39.46 -16.66
C LYS F 178 39.30 -39.87 -17.93
N GLU F 179 38.04 -40.27 -17.67
CA GLU F 179 37.39 -41.16 -18.63
C GLU F 179 36.65 -40.42 -19.67
N TYR F 180 35.96 -39.30 -19.32
CA TYR F 180 34.92 -38.81 -20.18
C TYR F 180 35.67 -38.25 -21.37
N ARG F 181 35.12 -38.40 -22.58
CA ARG F 181 35.61 -37.84 -23.82
C ARG F 181 34.33 -37.20 -24.41
N ASP F 182 34.51 -36.45 -25.50
CA ASP F 182 33.45 -35.65 -26.09
C ASP F 182 32.91 -36.34 -27.34
N ASP F 183 33.58 -37.44 -27.67
CA ASP F 183 33.38 -38.08 -28.91
C ASP F 183 32.27 -39.16 -28.71
N LEU F 184 31.95 -39.37 -27.44
CA LEU F 184 31.02 -40.34 -27.08
C LEU F 184 29.64 -40.03 -27.65
N SER F 185 28.88 -41.13 -27.95
CA SER F 185 27.56 -40.93 -28.41
C SER F 185 26.57 -40.66 -27.26
N PHE F 186 25.22 -40.57 -27.57
CA PHE F 186 24.13 -40.63 -26.62
C PHE F 186 24.13 -41.93 -25.83
N ASP F 187 24.38 -43.06 -26.56
CA ASP F 187 24.44 -44.39 -25.99
C ASP F 187 25.65 -44.51 -25.05
N ASP F 188 26.81 -44.03 -25.55
CA ASP F 188 28.09 -44.15 -24.84
C ASP F 188 28.21 -43.34 -23.57
N ALA F 189 27.76 -42.06 -23.67
CA ALA F 189 27.68 -41.16 -22.54
C ALA F 189 26.63 -41.67 -21.56
N MET F 190 25.57 -42.42 -22.03
CA MET F 190 24.65 -43.02 -21.09
C MET F 190 25.30 -44.00 -20.16
N VAL F 191 26.18 -44.89 -20.65
CA VAL F 191 26.75 -46.03 -19.94
C VAL F 191 27.58 -45.48 -18.84
N LEU F 192 28.35 -44.37 -19.20
CA LEU F 192 29.31 -43.66 -18.34
C LEU F 192 28.73 -42.96 -17.17
N GLY F 193 27.43 -42.53 -17.26
CA GLY F 193 26.76 -41.85 -16.19
C GLY F 193 26.23 -42.81 -15.18
N LEU F 194 25.88 -43.99 -15.60
CA LEU F 194 25.57 -45.08 -14.71
C LEU F 194 26.78 -45.63 -13.96
N VAL F 195 27.97 -45.65 -14.62
CA VAL F 195 29.24 -45.99 -13.99
C VAL F 195 29.73 -44.98 -12.98
N ALA F 196 29.45 -43.66 -13.21
CA ALA F 196 29.79 -42.62 -12.26
C ALA F 196 28.91 -42.60 -11.05
N MET F 197 27.62 -42.84 -11.27
CA MET F 197 26.67 -42.94 -10.18
C MET F 197 26.89 -44.13 -9.29
N GLY F 198 27.30 -45.22 -9.92
CA GLY F 198 27.67 -46.50 -9.32
C GLY F 198 28.86 -46.43 -8.38
N LEU F 199 29.80 -45.51 -8.77
CA LEU F 199 31.07 -45.20 -8.07
C LEU F 199 30.70 -44.51 -6.83
N SER F 200 29.84 -43.49 -6.93
CA SER F 200 29.57 -42.51 -5.89
C SER F 200 28.75 -43.17 -4.76
N ILE F 201 27.84 -44.10 -5.15
CA ILE F 201 27.00 -44.82 -4.24
C ILE F 201 27.79 -46.08 -3.72
N GLU F 202 28.88 -46.47 -4.42
CA GLU F 202 29.81 -47.46 -3.93
C GLU F 202 29.23 -48.84 -3.88
N SER F 203 28.26 -49.09 -4.75
CA SER F 203 27.82 -50.42 -4.94
C SER F 203 27.21 -50.44 -6.28
N GLU F 204 26.99 -51.74 -6.74
CA GLU F 204 26.27 -52.10 -7.89
C GLU F 204 24.84 -51.57 -7.69
N LEU F 205 24.25 -51.20 -8.89
CA LEU F 205 23.04 -50.41 -8.91
C LEU F 205 22.07 -51.42 -9.42
N VAL F 206 20.85 -51.15 -8.93
CA VAL F 206 19.68 -51.80 -9.36
C VAL F 206 18.85 -50.64 -9.97
N PRO F 207 18.13 -50.82 -11.16
CA PRO F 207 17.45 -49.82 -11.88
C PRO F 207 16.39 -49.21 -11.08
N GLU F 208 16.07 -49.69 -9.82
CA GLU F 208 14.96 -49.11 -9.14
C GLU F 208 15.38 -48.16 -8.01
N ASN F 209 16.70 -47.97 -7.90
CA ASN F 209 17.21 -46.99 -6.93
C ASN F 209 17.73 -45.76 -7.68
N ILE F 210 17.50 -45.57 -9.03
CA ILE F 210 17.92 -44.48 -9.82
C ILE F 210 16.88 -44.11 -10.90
N GLU F 211 16.89 -42.77 -11.42
CA GLU F 211 15.85 -42.33 -12.39
C GLU F 211 16.54 -41.46 -13.37
N VAL F 212 16.17 -41.66 -14.66
CA VAL F 212 16.77 -41.03 -15.75
C VAL F 212 15.60 -40.33 -16.45
N GLY F 213 15.91 -39.07 -16.80
CA GLY F 213 15.11 -38.26 -17.67
C GLY F 213 16.13 -37.77 -18.61
N TYR F 214 15.79 -37.26 -19.81
CA TYR F 214 16.88 -36.82 -20.68
C TYR F 214 16.25 -35.93 -21.67
N VAL F 215 17.13 -35.20 -22.45
CA VAL F 215 16.65 -34.51 -23.64
C VAL F 215 17.58 -34.71 -24.82
N LYS F 216 17.06 -35.27 -25.91
CA LYS F 216 17.86 -35.45 -27.10
C LYS F 216 17.50 -34.36 -28.18
N VAL F 217 18.32 -34.20 -29.25
CA VAL F 217 18.44 -33.12 -30.19
C VAL F 217 17.34 -33.43 -31.22
N ASP F 218 17.32 -34.66 -31.67
CA ASP F 218 16.37 -35.18 -32.58
C ASP F 218 14.97 -35.38 -32.12
N ASP F 219 14.85 -35.56 -30.81
CA ASP F 219 13.61 -35.63 -30.15
C ASP F 219 13.06 -34.22 -30.07
N ARG F 220 13.90 -33.35 -29.48
CA ARG F 220 13.80 -31.97 -29.14
C ARG F 220 12.70 -31.85 -28.10
N THR F 221 12.63 -33.03 -27.34
CA THR F 221 11.62 -33.23 -26.30
C THR F 221 12.41 -34.01 -25.30
N PHE F 222 12.38 -33.55 -24.06
CA PHE F 222 12.01 -34.42 -22.90
C PHE F 222 11.33 -35.68 -23.18
N LYS F 223 11.92 -36.79 -22.73
CA LYS F 223 11.26 -38.01 -22.42
C LYS F 223 11.84 -38.43 -21.16
N GLU F 224 11.18 -39.47 -20.61
CA GLU F 224 11.48 -40.00 -19.30
C GLU F 224 11.67 -41.40 -19.59
N VAL F 225 12.77 -41.96 -19.06
CA VAL F 225 13.14 -43.34 -19.22
C VAL F 225 12.32 -44.12 -18.19
N SER F 226 11.24 -44.90 -18.63
CA SER F 226 10.39 -45.68 -17.79
C SER F 226 11.26 -46.74 -17.13
N PRO F 227 10.87 -47.31 -16.03
CA PRO F 227 11.63 -48.40 -15.45
C PRO F 227 11.95 -49.60 -16.35
N GLU F 228 11.14 -49.98 -17.41
CA GLU F 228 11.52 -50.97 -18.38
C GLU F 228 12.72 -50.52 -19.14
N GLU F 229 12.76 -49.28 -19.43
CA GLU F 229 13.74 -48.82 -20.37
C GLU F 229 15.04 -48.40 -19.62
N LEU F 230 14.99 -48.37 -18.27
CA LEU F 230 16.15 -48.01 -17.53
C LEU F 230 17.11 -49.20 -17.39
N LYS F 231 16.51 -50.37 -17.12
CA LYS F 231 17.28 -51.58 -16.80
C LYS F 231 18.44 -51.91 -17.75
N PRO F 232 18.35 -51.99 -19.09
CA PRO F 232 19.41 -52.31 -19.94
C PRO F 232 20.58 -51.34 -19.81
N TYR F 233 20.35 -50.03 -19.50
CA TYR F 233 21.49 -49.13 -19.29
C TYR F 233 22.34 -49.45 -18.09
N VAL F 234 21.60 -49.82 -17.01
CA VAL F 234 22.16 -50.15 -15.76
C VAL F 234 22.92 -51.43 -15.88
N GLU F 235 22.37 -52.34 -16.67
CA GLU F 235 22.95 -53.62 -17.00
C GLU F 235 24.30 -53.56 -17.69
N ARG F 236 24.43 -52.64 -18.68
CA ARG F 236 25.71 -52.38 -19.35
C ARG F 236 26.69 -51.88 -18.32
N ALA F 237 26.22 -50.95 -17.39
CA ALA F 237 26.96 -50.24 -16.39
C ALA F 237 27.51 -51.19 -15.31
N ASN F 238 26.67 -52.19 -14.83
CA ASN F 238 27.07 -53.14 -13.75
C ASN F 238 28.38 -53.89 -14.06
N GLU F 239 28.71 -54.18 -15.34
CA GLU F 239 29.91 -54.82 -15.74
C GLU F 239 31.10 -53.98 -15.36
N ARG F 240 31.05 -52.62 -15.59
CA ARG F 240 32.21 -51.81 -15.27
C ARG F 240 32.20 -51.35 -13.76
N ILE F 241 30.98 -51.30 -13.12
CA ILE F 241 30.86 -50.88 -11.73
C ILE F 241 31.48 -51.89 -10.79
N ARG F 242 31.36 -53.19 -11.03
CA ARG F 242 32.16 -54.20 -10.35
C ARG F 242 33.63 -54.09 -10.49
N GLU F 243 34.25 -53.68 -11.61
CA GLU F 243 35.66 -53.61 -11.77
C GLU F 243 36.27 -52.57 -10.92
N LEU F 244 35.58 -51.40 -10.75
CA LEU F 244 36.08 -50.31 -9.98
C LEU F 244 35.83 -50.51 -8.48
N LEU F 245 34.94 -51.47 -8.04
CA LEU F 245 34.74 -51.89 -6.67
C LEU F 245 35.63 -53.05 -6.39
N LYS F 246 36.55 -53.35 -7.32
CA LYS F 246 37.59 -54.44 -7.25
C LYS F 246 38.90 -53.81 -7.66
N LYS F 247 39.37 -52.80 -6.97
CA LYS F 247 40.74 -52.28 -7.28
C LYS F 247 41.74 -53.10 -6.46
N GLN G 6 37.58 -7.04 19.71
CA GLN G 6 36.61 -7.45 18.69
C GLN G 6 35.59 -6.39 18.41
N MET G 7 35.04 -6.49 17.21
CA MET G 7 34.96 -5.51 16.26
C MET G 7 33.49 -5.08 16.27
N GLY G 8 32.70 -5.57 15.33
CA GLY G 8 31.33 -5.19 15.28
C GLY G 8 31.18 -3.91 14.53
N TYR G 9 31.84 -3.72 13.38
CA TYR G 9 31.90 -2.58 12.58
C TYR G 9 31.76 -3.21 11.27
N ASP G 10 31.55 -4.50 11.15
CA ASP G 10 31.50 -5.30 9.93
C ASP G 10 30.59 -6.50 10.19
N ARG G 11 29.77 -6.33 11.31
CA ARG G 11 28.65 -7.20 11.63
C ARG G 11 27.50 -6.79 10.80
N ALA G 12 27.33 -5.51 10.56
CA ALA G 12 26.41 -5.05 9.61
C ALA G 12 27.04 -3.82 9.12
N ILE G 13 26.37 -3.34 8.03
CA ILE G 13 26.95 -2.26 7.22
C ILE G 13 26.68 -0.91 7.86
N THR G 14 25.64 -0.84 8.75
CA THR G 14 25.04 0.34 9.32
C THR G 14 26.01 0.90 10.31
N VAL G 15 27.07 0.19 10.73
CA VAL G 15 28.09 0.71 11.66
C VAL G 15 29.31 1.05 10.81
N PHE G 16 29.79 2.31 11.01
CA PHE G 16 31.11 3.00 10.90
C PHE G 16 31.99 2.48 11.95
N SER G 17 33.25 2.24 11.62
CA SER G 17 34.31 2.00 12.58
C SER G 17 34.68 3.32 13.26
N PRO G 18 35.32 3.32 14.45
CA PRO G 18 35.73 4.55 15.07
C PRO G 18 36.84 5.26 14.32
N ASP G 19 37.44 4.63 13.26
CA ASP G 19 38.52 5.17 12.48
C ASP G 19 37.87 6.12 11.48
N GLY G 20 36.64 5.86 11.06
CA GLY G 20 35.81 6.67 10.24
C GLY G 20 36.01 6.17 8.87
N ARG G 21 35.05 5.35 8.47
CA ARG G 21 35.08 4.38 7.35
C ARG G 21 34.24 3.33 7.91
N LEU G 22 33.34 2.76 6.99
CA LEU G 22 32.55 1.58 7.21
C LEU G 22 33.29 0.41 6.64
N PHE G 23 33.73 -0.52 7.48
CA PHE G 23 34.61 -1.61 7.17
C PHE G 23 33.98 -2.64 6.29
N GLN G 24 32.62 -2.77 6.33
CA GLN G 24 31.95 -3.89 5.68
C GLN G 24 31.89 -3.68 4.24
N VAL G 25 32.12 -2.46 3.71
CA VAL G 25 32.03 -2.33 2.33
C VAL G 25 33.39 -2.33 1.78
N GLU G 26 34.35 -2.10 2.71
CA GLU G 26 35.77 -2.19 2.44
C GLU G 26 36.15 -3.68 2.56
N TYR G 27 35.27 -4.57 3.05
CA TYR G 27 35.45 -6.03 3.10
C TYR G 27 34.73 -6.63 1.89
N ALA G 28 33.68 -6.03 1.27
CA ALA G 28 33.15 -6.36 -0.02
C ALA G 28 34.18 -6.05 -1.09
N ARG G 29 35.15 -5.14 -0.89
CA ARG G 29 36.23 -4.90 -1.74
C ARG G 29 37.11 -6.08 -1.75
N GLU G 30 37.34 -6.76 -0.57
CA GLU G 30 38.19 -7.93 -0.49
C GLU G 30 37.59 -9.04 -1.25
N ALA G 31 36.25 -9.09 -1.41
CA ALA G 31 35.45 -10.11 -2.19
C ALA G 31 35.93 -10.15 -3.60
N VAL G 32 36.33 -9.00 -4.15
CA VAL G 32 36.79 -8.86 -5.43
C VAL G 32 38.16 -9.53 -5.52
N LYS G 33 38.93 -9.30 -4.46
CA LYS G 33 40.33 -9.59 -4.51
C LYS G 33 40.55 -11.04 -4.64
N ARG G 34 39.80 -11.88 -3.89
CA ARG G 34 39.85 -13.33 -3.98
C ARG G 34 39.33 -13.85 -5.34
N GLY G 35 38.41 -13.07 -5.98
CA GLY G 35 38.03 -13.38 -7.37
C GLY G 35 39.07 -12.93 -8.32
N ALA G 36 38.74 -13.16 -9.66
CA ALA G 36 39.67 -13.54 -10.75
C ALA G 36 39.53 -12.47 -11.79
N THR G 37 40.71 -12.27 -12.50
CA THR G 37 41.15 -11.04 -13.05
C THR G 37 40.37 -10.58 -14.31
N ALA G 38 40.33 -9.27 -14.53
CA ALA G 38 39.86 -8.73 -15.76
C ALA G 38 40.63 -7.45 -15.87
N ILE G 39 41.06 -7.14 -17.11
CA ILE G 39 41.83 -5.96 -17.42
C ILE G 39 41.07 -5.23 -18.49
N GLY G 40 40.89 -3.92 -18.36
CA GLY G 40 40.41 -3.05 -19.42
C GLY G 40 41.46 -2.10 -19.81
N ILE G 41 41.71 -1.92 -21.16
CA ILE G 41 42.87 -1.11 -21.58
C ILE G 41 42.22 -0.20 -22.55
N LYS G 42 42.25 1.04 -22.18
CA LYS G 42 41.56 2.05 -23.02
C LYS G 42 42.49 2.85 -23.79
N CYS G 43 42.33 2.99 -25.14
CA CYS G 43 43.23 3.84 -25.94
C CYS G 43 42.34 4.83 -26.69
N LYS G 44 42.90 5.70 -27.59
CA LYS G 44 42.12 6.66 -28.36
C LYS G 44 41.65 6.00 -29.63
N GLU G 45 41.91 4.65 -29.86
CA GLU G 45 41.34 3.94 -31.01
C GLU G 45 40.04 3.21 -30.63
N GLY G 46 39.70 3.21 -29.33
CA GLY G 46 38.56 2.45 -28.77
C GLY G 46 39.02 1.98 -27.50
N VAL G 47 38.30 0.98 -26.89
CA VAL G 47 38.64 0.43 -25.59
C VAL G 47 38.50 -1.05 -25.72
N ILE G 48 39.28 -1.72 -24.94
CA ILE G 48 39.45 -3.11 -24.97
C ILE G 48 39.10 -3.67 -23.61
N LEU G 49 38.59 -4.88 -23.58
CA LEU G 49 38.16 -5.46 -22.31
C LEU G 49 38.51 -6.96 -22.47
N ILE G 50 39.24 -7.61 -21.46
CA ILE G 50 39.84 -8.91 -21.54
C ILE G 50 39.58 -9.53 -20.22
N ALA G 51 39.05 -10.75 -20.11
CA ALA G 51 38.58 -11.16 -18.78
C ALA G 51 38.61 -12.69 -18.72
N ASP G 52 38.75 -13.23 -17.48
CA ASP G 52 38.98 -14.62 -17.20
C ASP G 52 37.91 -15.53 -17.75
N LYS G 53 38.28 -16.76 -18.29
CA LYS G 53 37.44 -17.82 -18.74
C LYS G 53 38.24 -19.13 -18.58
N ARG G 54 39.31 -19.06 -17.75
CA ARG G 54 40.09 -20.20 -17.40
C ARG G 54 39.42 -21.15 -16.50
N VAL G 55 38.79 -20.50 -15.51
CA VAL G 55 38.19 -21.02 -14.33
C VAL G 55 37.70 -22.48 -14.37
N GLY G 56 38.08 -23.30 -13.39
CA GLY G 56 37.69 -24.64 -13.18
C GLY G 56 38.36 -25.60 -14.09
N SER G 57 37.97 -26.93 -14.06
CA SER G 57 38.63 -27.97 -14.83
C SER G 57 38.01 -28.09 -16.19
N LYS G 58 38.37 -29.10 -16.90
CA LYS G 58 37.94 -29.34 -18.24
C LYS G 58 36.71 -30.20 -18.35
N LEU G 59 36.12 -30.49 -17.14
CA LEU G 59 34.71 -30.86 -17.03
C LEU G 59 33.83 -29.73 -17.61
N LEU G 60 34.29 -28.49 -17.39
CA LEU G 60 33.62 -27.34 -17.88
C LEU G 60 34.04 -27.14 -19.36
N GLU G 61 33.06 -26.63 -20.26
CA GLU G 61 33.26 -26.17 -21.56
C GLU G 61 34.17 -24.93 -21.63
N ALA G 62 34.93 -24.76 -22.81
CA ALA G 62 35.83 -23.65 -23.13
C ALA G 62 35.16 -22.32 -22.95
N ASP G 63 33.87 -22.17 -23.28
CA ASP G 63 32.99 -21.02 -23.03
C ASP G 63 32.35 -21.22 -21.67
N THR G 64 33.04 -20.94 -20.58
CA THR G 64 32.49 -20.90 -19.21
C THR G 64 31.85 -19.50 -19.10
N ILE G 65 30.53 -19.55 -19.44
CA ILE G 65 29.83 -18.28 -19.64
C ILE G 65 29.60 -17.56 -18.32
N GLU G 66 29.96 -16.26 -18.15
CA GLU G 66 30.88 -15.48 -18.97
C GLU G 66 31.48 -14.39 -18.06
N LYS G 67 32.39 -13.62 -18.64
CA LYS G 67 32.85 -12.36 -18.07
C LYS G 67 32.68 -11.11 -18.99
N ILE G 68 32.05 -11.38 -20.16
CA ILE G 68 32.12 -10.43 -21.22
C ILE G 68 30.71 -10.34 -21.51
N TYR G 69 30.19 -9.31 -20.95
CA TYR G 69 28.78 -8.99 -21.10
C TYR G 69 28.65 -7.89 -22.04
N LYS G 70 27.71 -7.98 -23.03
CA LYS G 70 27.07 -6.93 -23.78
C LYS G 70 26.20 -6.22 -22.80
N ILE G 71 26.33 -4.82 -22.90
CA ILE G 71 25.55 -3.96 -22.05
C ILE G 71 24.70 -3.20 -23.07
N ASP G 72 25.18 -2.93 -24.28
CA ASP G 72 24.39 -2.26 -25.27
C ASP G 72 24.96 -2.75 -26.53
N GLU G 73 25.26 -1.87 -27.52
CA GLU G 73 25.90 -2.20 -28.78
C GLU G 73 27.19 -1.41 -28.86
N HIS G 74 27.55 -0.74 -27.82
CA HIS G 74 28.59 0.28 -27.80
C HIS G 74 29.14 0.37 -26.39
N ILE G 75 28.76 -0.50 -25.49
CA ILE G 75 29.16 -0.45 -24.11
C ILE G 75 29.33 -1.92 -23.82
N CYS G 76 30.44 -2.30 -23.11
CA CYS G 76 30.56 -3.65 -22.61
C CYS G 76 30.94 -3.53 -21.24
N ALA G 77 30.86 -4.54 -20.41
CA ALA G 77 31.35 -4.56 -19.05
C ALA G 77 31.86 -5.95 -18.73
N ALA G 78 32.84 -5.99 -17.80
CA ALA G 78 33.43 -7.24 -17.25
C ALA G 78 33.50 -7.00 -15.78
N THR G 79 33.78 -8.06 -15.09
CA THR G 79 33.67 -8.12 -13.66
C THR G 79 34.77 -8.85 -13.07
N SER G 80 34.89 -8.69 -11.73
CA SER G 80 35.66 -9.52 -10.85
C SER G 80 34.86 -9.39 -9.61
N GLY G 81 34.86 -10.40 -8.71
CA GLY G 81 34.09 -10.42 -7.48
C GLY G 81 33.23 -11.72 -7.65
N LEU G 82 32.08 -11.86 -6.89
CA LEU G 82 31.18 -12.97 -7.14
C LEU G 82 30.51 -12.86 -8.53
N VAL G 83 30.41 -13.92 -9.36
CA VAL G 83 29.82 -13.99 -10.70
C VAL G 83 28.34 -14.29 -10.56
N ALA G 84 27.92 -14.56 -9.26
CA ALA G 84 26.56 -14.54 -8.78
C ALA G 84 26.02 -13.17 -8.71
N ASP G 85 26.78 -12.27 -8.08
CA ASP G 85 26.41 -10.88 -7.72
C ASP G 85 26.53 -10.01 -8.91
N ALA G 86 27.41 -10.41 -9.84
CA ALA G 86 27.67 -9.88 -11.11
C ALA G 86 26.52 -9.98 -12.02
N ARG G 87 25.77 -11.13 -11.91
CA ARG G 87 24.78 -11.57 -12.90
C ARG G 87 23.60 -10.66 -12.83
N VAL G 88 23.19 -10.29 -11.61
CA VAL G 88 22.04 -9.39 -11.35
C VAL G 88 22.42 -7.95 -11.62
N LEU G 89 23.72 -7.63 -11.35
CA LEU G 89 24.17 -6.30 -11.54
C LEU G 89 24.27 -5.96 -13.04
N ILE G 90 24.66 -6.99 -13.84
CA ILE G 90 24.75 -6.93 -15.27
C ILE G 90 23.33 -6.87 -15.79
N ASP G 91 22.32 -7.48 -15.12
CA ASP G 91 20.92 -7.30 -15.59
C ASP G 91 20.53 -5.87 -15.42
N ARG G 92 20.81 -5.26 -14.28
CA ARG G 92 20.47 -3.94 -13.89
C ARG G 92 21.15 -2.93 -14.79
N ALA G 93 22.39 -3.20 -15.15
CA ALA G 93 23.19 -2.40 -15.99
C ALA G 93 22.62 -2.33 -17.39
N ARG G 94 22.14 -3.47 -17.93
CA ARG G 94 21.56 -3.49 -19.31
C ARG G 94 20.24 -2.83 -19.44
N ILE G 95 19.35 -3.01 -18.36
CA ILE G 95 17.97 -2.46 -18.31
C ILE G 95 18.04 -0.94 -18.18
N GLU G 96 18.99 -0.46 -17.30
CA GLU G 96 19.22 0.92 -17.05
C GLU G 96 19.67 1.61 -18.31
N ALA G 97 20.59 0.96 -19.07
CA ALA G 97 21.18 1.55 -20.25
C ALA G 97 20.12 1.75 -21.27
N GLN G 98 19.24 0.74 -21.37
CA GLN G 98 18.16 0.77 -22.38
C GLN G 98 17.12 1.77 -21.99
N ILE G 99 16.87 2.02 -20.69
CA ILE G 99 15.93 2.98 -20.16
C ILE G 99 16.35 4.30 -20.49
N ASN G 100 17.69 4.51 -20.50
CA ASN G 100 18.16 5.81 -20.99
C ASN G 100 17.78 6.00 -22.42
N ARG G 101 17.90 4.96 -23.29
CA ARG G 101 17.55 4.96 -24.66
C ARG G 101 16.10 5.19 -24.83
N LEU G 102 15.23 4.70 -23.89
CA LEU G 102 13.78 4.89 -23.97
C LEU G 102 13.33 6.29 -23.77
N THR G 103 13.86 7.00 -22.77
CA THR G 103 13.40 8.19 -22.22
C THR G 103 14.30 9.25 -22.85
N TYR G 104 15.20 9.01 -23.80
CA TYR G 104 15.94 10.12 -24.34
C TYR G 104 16.20 9.80 -25.84
N ASP G 105 16.32 8.57 -26.33
CA ASP G 105 16.82 8.32 -27.66
C ASP G 105 18.25 8.83 -27.74
N GLU G 106 19.13 8.56 -26.76
CA GLU G 106 20.49 8.92 -26.96
C GLU G 106 21.18 7.64 -26.60
N PRO G 107 22.16 7.05 -27.35
CA PRO G 107 23.03 6.05 -26.87
C PRO G 107 23.68 6.49 -25.57
N ILE G 108 23.44 5.84 -24.43
CA ILE G 108 23.90 6.30 -23.12
C ILE G 108 25.43 6.52 -23.18
N THR G 109 25.94 7.62 -22.52
CA THR G 109 27.36 7.92 -22.46
C THR G 109 27.86 7.02 -21.32
N VAL G 110 29.13 6.64 -21.53
CA VAL G 110 29.84 5.64 -20.72
C VAL G 110 29.86 6.19 -19.32
N LYS G 111 30.15 7.48 -19.20
CA LYS G 111 30.09 8.30 -17.97
C LYS G 111 28.71 8.26 -17.35
N GLU G 112 27.56 8.35 -18.09
CA GLU G 112 26.33 8.51 -17.39
C GLU G 112 25.88 7.18 -16.83
N LEU G 113 26.24 6.06 -17.57
CA LEU G 113 25.89 4.71 -17.14
C LEU G 113 26.53 4.33 -15.87
N ALA G 114 27.80 4.68 -15.82
CA ALA G 114 28.66 4.41 -14.74
C ALA G 114 28.11 5.05 -13.49
N LYS G 115 27.61 6.28 -13.70
CA LYS G 115 27.05 7.07 -12.60
C LYS G 115 25.77 6.52 -11.99
N LYS G 116 24.96 5.87 -12.84
CA LYS G 116 23.75 5.22 -12.40
C LYS G 116 24.04 3.89 -11.71
N ILE G 117 24.99 3.12 -12.18
CA ILE G 117 25.29 1.84 -11.54
C ILE G 117 26.01 2.08 -10.25
N CYS G 118 26.75 3.14 -10.18
CA CYS G 118 27.31 3.67 -8.91
C CYS G 118 26.25 4.13 -7.91
N ASP G 119 25.17 4.83 -8.37
CA ASP G 119 24.03 5.17 -7.53
C ASP G 119 23.20 4.01 -6.98
N PHE G 120 22.95 2.93 -7.79
CA PHE G 120 22.27 1.65 -7.49
C PHE G 120 23.01 0.88 -6.46
N LYS G 121 24.37 0.79 -6.50
CA LYS G 121 25.19 0.14 -5.45
C LYS G 121 25.06 0.85 -4.18
N GLN G 122 24.96 2.18 -4.20
CA GLN G 122 24.92 3.00 -3.08
C GLN G 122 23.60 2.84 -2.39
N GLN G 123 22.62 2.25 -3.06
CA GLN G 123 21.33 1.88 -2.46
C GLN G 123 21.56 0.82 -1.52
N TYR G 124 22.41 -0.14 -1.88
CA TYR G 124 22.60 -1.32 -1.11
C TYR G 124 23.50 -1.06 0.05
N THR G 125 24.50 -0.18 -0.13
CA THR G 125 25.51 0.32 0.84
C THR G 125 24.83 1.01 2.01
N GLN G 126 23.87 1.91 1.66
CA GLN G 126 23.06 2.64 2.65
C GLN G 126 22.01 1.89 3.46
N TYR G 127 21.26 1.07 2.82
CA TYR G 127 20.26 0.30 3.55
C TYR G 127 20.81 -0.93 4.21
N GLY G 128 20.27 -1.29 5.47
CA GLY G 128 20.81 -2.39 6.20
C GLY G 128 19.98 -3.59 6.12
N GLY G 129 18.87 -3.56 5.40
CA GLY G 129 17.99 -4.64 5.06
C GLY G 129 18.46 -5.38 3.88
N VAL G 130 19.67 -5.00 3.38
CA VAL G 130 20.28 -5.53 2.21
C VAL G 130 21.76 -5.30 2.47
N ARG G 131 22.61 -6.28 2.01
CA ARG G 131 24.07 -6.28 2.21
C ARG G 131 24.75 -5.45 1.07
N PRO G 132 25.98 -4.93 1.10
CA PRO G 132 26.57 -4.43 -0.11
C PRO G 132 26.60 -5.45 -1.27
N PHE G 133 26.79 -4.95 -2.55
CA PHE G 133 27.23 -5.79 -3.64
C PHE G 133 28.66 -6.16 -3.35
N GLY G 134 28.98 -7.40 -3.66
CA GLY G 134 30.34 -7.81 -3.36
C GLY G 134 30.82 -8.10 -4.79
N VAL G 135 30.89 -7.09 -5.79
CA VAL G 135 31.24 -7.36 -7.16
C VAL G 135 31.89 -6.02 -7.54
N SER G 136 32.90 -6.01 -8.47
CA SER G 136 33.43 -4.72 -8.98
C SER G 136 33.11 -4.89 -10.45
N LEU G 137 33.06 -3.74 -11.17
CA LEU G 137 32.64 -3.77 -12.57
C LEU G 137 33.59 -2.92 -13.27
N LEU G 138 33.86 -3.24 -14.53
CA LEU G 138 34.58 -2.44 -15.43
C LEU G 138 33.54 -2.07 -16.51
N ILE G 139 33.42 -0.73 -16.85
CA ILE G 139 32.55 -0.33 -17.85
C ILE G 139 33.39 0.39 -18.81
N ALA G 140 33.45 -0.13 -20.05
CA ALA G 140 34.35 0.38 -21.08
C ALA G 140 33.45 0.72 -22.28
N GLY G 141 33.56 1.87 -22.89
CA GLY G 141 32.76 2.17 -24.03
C GLY G 141 33.37 3.28 -24.86
N VAL G 142 32.68 3.64 -25.91
CA VAL G 142 32.96 4.74 -26.68
C VAL G 142 31.60 5.35 -26.75
N ASP G 143 31.44 6.57 -26.15
CA ASP G 143 30.32 7.35 -26.36
C ASP G 143 30.63 8.28 -27.53
N GLU G 144 31.82 8.96 -27.51
CA GLU G 144 32.43 9.77 -28.57
C GLU G 144 33.82 10.04 -28.25
N VAL G 145 34.32 9.53 -27.10
CA VAL G 145 35.60 9.66 -26.55
C VAL G 145 35.66 8.35 -25.87
N PRO G 146 36.66 7.43 -26.05
CA PRO G 146 36.71 6.16 -25.33
C PRO G 146 36.95 6.50 -23.87
N LYS G 147 36.35 5.87 -22.88
CA LYS G 147 36.36 6.24 -21.46
C LYS G 147 36.18 4.86 -20.92
N LEU G 148 36.75 4.74 -19.66
CA LEU G 148 36.99 3.47 -19.03
C LEU G 148 36.79 3.80 -17.55
N TYR G 149 35.98 2.98 -16.76
CA TYR G 149 35.89 3.16 -15.39
C TYR G 149 35.86 1.88 -14.73
N GLU G 150 36.12 1.93 -13.42
CA GLU G 150 36.16 0.85 -12.54
C GLU G 150 35.17 1.39 -11.58
N THR G 151 34.28 0.47 -11.20
CA THR G 151 33.18 0.81 -10.32
C THR G 151 33.52 -0.11 -9.12
N ASP G 152 33.48 0.50 -7.95
CA ASP G 152 33.87 -0.14 -6.73
C ASP G 152 32.65 -0.76 -6.05
N PRO G 153 32.86 -1.60 -5.09
CA PRO G 153 31.79 -2.17 -4.31
C PRO G 153 31.01 -1.20 -3.61
N SER G 154 31.66 0.00 -3.29
CA SER G 154 31.07 0.95 -2.44
C SER G 154 30.07 1.82 -3.23
N GLY G 155 30.09 1.78 -4.57
CA GLY G 155 29.27 2.60 -5.42
C GLY G 155 30.10 3.79 -5.84
N ALA G 156 31.39 3.57 -6.03
CA ALA G 156 32.36 4.66 -6.23
C ALA G 156 33.00 4.61 -7.60
N LEU G 157 33.47 5.77 -8.11
CA LEU G 157 33.81 5.93 -9.43
C LEU G 157 35.20 6.41 -9.57
N LEU G 158 35.94 5.64 -10.40
CA LEU G 158 37.33 5.83 -10.58
C LEU G 158 37.47 5.58 -12.11
N GLU G 159 38.14 6.54 -12.80
CA GLU G 159 38.54 6.50 -14.19
C GLU G 159 40.02 6.05 -14.32
N TYR G 160 40.33 5.23 -15.30
CA TYR G 160 41.67 4.74 -15.46
C TYR G 160 41.98 4.88 -16.93
N LYS G 161 43.31 4.94 -17.27
CA LYS G 161 43.80 4.77 -18.62
C LYS G 161 43.69 3.24 -18.92
N ALA G 162 44.12 2.37 -17.93
CA ALA G 162 44.06 0.93 -18.17
C ALA G 162 43.99 0.40 -16.74
N THR G 163 43.32 -0.76 -16.52
CA THR G 163 42.90 -1.05 -15.17
C THR G 163 42.84 -2.49 -14.98
N ALA G 164 42.87 -2.91 -13.72
CA ALA G 164 42.64 -4.21 -13.36
C ALA G 164 41.94 -4.31 -12.09
N ILE G 165 41.38 -5.54 -11.81
CA ILE G 165 40.72 -5.99 -10.57
C ILE G 165 40.97 -7.43 -10.39
N GLY G 166 40.68 -7.96 -9.18
CA GLY G 166 40.84 -9.44 -9.00
C GLY G 166 42.25 -9.95 -8.68
N MET G 167 42.57 -11.19 -9.08
CA MET G 167 43.74 -11.81 -8.67
C MET G 167 45.06 -11.10 -9.04
N GLY G 168 45.10 -10.55 -10.26
CA GLY G 168 46.35 -10.07 -10.82
C GLY G 168 46.57 -8.68 -10.62
N ARG G 169 45.59 -8.04 -9.97
CA ARG G 169 45.39 -6.58 -9.97
C ARG G 169 46.60 -5.72 -9.82
N ASN G 170 47.40 -6.13 -8.79
CA ASN G 170 48.50 -5.37 -8.36
C ASN G 170 49.68 -5.47 -9.31
N ALA G 171 49.94 -6.73 -9.81
CA ALA G 171 50.98 -6.96 -10.79
C ALA G 171 50.67 -6.23 -12.05
N VAL G 172 49.45 -6.22 -12.57
CA VAL G 172 49.06 -5.51 -13.80
C VAL G 172 49.23 -4.08 -13.68
N THR G 173 48.94 -3.52 -12.45
CA THR G 173 48.98 -2.08 -12.22
C THR G 173 50.41 -1.60 -12.50
N GLU G 174 51.39 -2.29 -11.90
CA GLU G 174 52.82 -2.12 -12.06
C GLU G 174 53.37 -2.41 -13.44
N PHE G 175 52.81 -3.36 -14.21
CA PHE G 175 53.26 -3.64 -15.58
C PHE G 175 52.90 -2.47 -16.44
N PHE G 176 51.72 -1.85 -16.32
CA PHE G 176 51.17 -0.69 -17.04
C PHE G 176 51.71 0.59 -16.49
N GLU G 177 52.30 0.60 -15.27
CA GLU G 177 52.89 1.76 -14.67
C GLU G 177 54.07 2.29 -15.50
N LYS G 178 54.78 1.29 -16.18
CA LYS G 178 55.99 1.54 -16.99
C LYS G 178 55.57 1.77 -18.43
N GLU G 179 54.83 0.71 -18.98
CA GLU G 179 54.81 0.61 -20.38
C GLU G 179 53.72 1.42 -21.04
N TYR G 180 52.55 1.50 -20.37
CA TYR G 180 51.39 2.13 -20.91
C TYR G 180 51.60 3.60 -21.10
N ARG G 181 51.14 4.07 -22.28
CA ARG G 181 51.10 5.45 -22.63
C ARG G 181 49.82 5.41 -23.42
N ASP G 182 49.21 6.62 -23.53
CA ASP G 182 47.94 6.89 -24.15
C ASP G 182 47.90 6.80 -25.61
N ASP G 183 49.05 6.69 -26.29
CA ASP G 183 49.40 6.89 -27.70
C ASP G 183 49.55 5.56 -28.46
N LEU G 184 49.46 4.43 -27.71
CA LEU G 184 49.72 3.12 -28.23
C LEU G 184 48.54 2.62 -29.00
N SER G 185 48.85 2.20 -30.24
CA SER G 185 47.89 1.71 -31.26
C SER G 185 46.92 0.66 -30.63
N PHE G 186 45.86 0.25 -31.37
CA PHE G 186 44.93 -0.77 -31.05
C PHE G 186 45.68 -2.08 -30.93
N ASP G 187 46.66 -2.29 -31.83
CA ASP G 187 47.35 -3.52 -31.94
C ASP G 187 48.28 -3.71 -30.72
N ASP G 188 49.05 -2.60 -30.40
CA ASP G 188 49.92 -2.52 -29.27
C ASP G 188 49.12 -2.66 -27.97
N ALA G 189 47.93 -1.92 -27.82
CA ALA G 189 47.26 -1.96 -26.56
C ALA G 189 46.66 -3.30 -26.15
N MET G 190 46.13 -4.00 -27.17
CA MET G 190 45.56 -5.29 -27.09
C MET G 190 46.62 -6.32 -26.65
N VAL G 191 47.85 -6.40 -27.32
CA VAL G 191 48.94 -7.26 -27.00
C VAL G 191 49.55 -6.96 -25.64
N LEU G 192 49.63 -5.64 -25.25
CA LEU G 192 50.24 -5.18 -24.01
C LEU G 192 49.42 -5.62 -22.80
N GLY G 193 48.12 -5.55 -22.94
CA GLY G 193 47.22 -5.90 -21.91
C GLY G 193 47.18 -7.41 -21.88
N LEU G 194 47.62 -8.08 -22.96
CA LEU G 194 47.57 -9.53 -23.05
C LEU G 194 48.74 -10.16 -22.29
N VAL G 195 49.96 -9.51 -22.38
CA VAL G 195 51.20 -9.84 -21.63
C VAL G 195 50.83 -9.67 -20.22
N ALA G 196 50.10 -8.61 -19.88
CA ALA G 196 49.82 -8.24 -18.48
C ALA G 196 48.89 -9.25 -17.94
N MET G 197 47.92 -9.71 -18.73
CA MET G 197 46.98 -10.75 -18.38
C MET G 197 47.62 -12.12 -18.10
N GLY G 198 48.67 -12.47 -18.90
CA GLY G 198 49.56 -13.61 -18.80
C GLY G 198 50.10 -13.63 -17.39
N LEU G 199 50.60 -12.48 -16.91
CA LEU G 199 51.08 -12.38 -15.58
C LEU G 199 50.07 -12.58 -14.50
N SER G 200 48.82 -12.11 -14.73
CA SER G 200 47.72 -12.19 -13.81
C SER G 200 47.34 -13.64 -13.48
N ILE G 201 47.52 -14.63 -14.40
CA ILE G 201 47.04 -15.96 -14.31
C ILE G 201 48.24 -16.86 -14.02
N GLU G 202 49.41 -16.21 -13.90
CA GLU G 202 50.75 -16.67 -13.52
C GLU G 202 51.15 -17.84 -14.48
N SER G 203 50.72 -17.76 -15.82
CA SER G 203 51.04 -18.75 -16.79
C SER G 203 50.87 -18.08 -18.17
N GLU G 204 51.29 -18.71 -19.27
CA GLU G 204 51.15 -18.29 -20.63
C GLU G 204 49.68 -18.26 -20.92
N LEU G 205 49.23 -17.33 -21.75
CA LEU G 205 47.88 -17.38 -22.18
C LEU G 205 47.63 -18.58 -23.02
N VAL G 206 46.39 -18.97 -22.89
CA VAL G 206 45.78 -19.95 -23.69
C VAL G 206 44.69 -19.21 -24.35
N PRO G 207 44.43 -19.21 -25.65
CA PRO G 207 43.57 -18.21 -26.27
C PRO G 207 42.13 -18.66 -26.04
N GLU G 208 41.95 -19.81 -25.41
CA GLU G 208 40.63 -20.30 -25.16
C GLU G 208 40.39 -20.08 -23.68
N ASN G 209 41.31 -19.34 -22.94
CA ASN G 209 41.10 -19.10 -21.51
C ASN G 209 40.75 -17.67 -21.18
N ILE G 210 40.66 -16.93 -22.25
CA ILE G 210 40.45 -15.52 -22.13
C ILE G 210 39.42 -15.20 -23.21
N GLU G 211 38.51 -14.35 -22.75
CA GLU G 211 37.49 -13.82 -23.63
C GLU G 211 37.66 -12.31 -23.77
N VAL G 212 37.59 -11.76 -25.00
CA VAL G 212 38.01 -10.38 -25.27
C VAL G 212 36.97 -9.78 -26.21
N GLY G 213 36.52 -8.57 -25.85
CA GLY G 213 35.67 -7.77 -26.70
C GLY G 213 36.38 -6.42 -26.76
N TYR G 214 35.80 -5.53 -27.64
CA TYR G 214 36.27 -4.18 -27.68
C TYR G 214 35.14 -3.35 -28.26
N VAL G 215 35.13 -2.04 -27.96
CA VAL G 215 34.27 -1.05 -28.56
C VAL G 215 35.26 -0.12 -29.30
N LYS G 216 35.17 0.05 -30.66
CA LYS G 216 36.05 0.80 -31.51
C LYS G 216 35.41 2.20 -31.59
N VAL G 217 36.21 3.34 -31.80
CA VAL G 217 35.78 4.63 -32.20
C VAL G 217 35.23 4.66 -33.60
N ASP G 218 35.92 4.03 -34.60
CA ASP G 218 35.56 4.29 -35.98
C ASP G 218 34.32 3.46 -36.54
N ASP G 219 33.93 2.44 -35.78
CA ASP G 219 32.76 1.64 -35.94
C ASP G 219 31.64 2.21 -35.07
N ARG G 220 32.14 2.33 -33.81
CA ARG G 220 31.36 2.84 -32.65
C ARG G 220 30.64 1.59 -32.25
N THR G 221 31.02 0.35 -32.70
CA THR G 221 30.33 -0.92 -32.47
C THR G 221 31.33 -1.81 -31.72
N PHE G 222 31.04 -2.23 -30.49
CA PHE G 222 31.08 -3.54 -29.93
C PHE G 222 31.21 -4.75 -30.88
N LYS G 223 32.30 -5.52 -30.66
CA LYS G 223 32.67 -6.74 -31.36
C LYS G 223 33.47 -7.56 -30.46
N GLU G 224 33.31 -8.88 -30.62
CA GLU G 224 33.92 -9.93 -29.87
C GLU G 224 35.00 -10.47 -30.75
N VAL G 225 36.21 -10.58 -30.17
CA VAL G 225 37.31 -11.03 -30.87
C VAL G 225 37.15 -12.50 -31.04
N SER G 226 37.32 -12.98 -32.31
CA SER G 226 37.08 -14.40 -32.64
C SER G 226 38.24 -15.21 -32.11
N PRO G 227 38.04 -16.54 -31.78
CA PRO G 227 39.05 -17.34 -31.07
C PRO G 227 40.38 -17.34 -31.77
N GLU G 228 40.41 -17.45 -33.15
CA GLU G 228 41.55 -17.62 -33.95
C GLU G 228 42.03 -16.28 -34.41
N GLU G 229 41.21 -15.23 -34.20
CA GLU G 229 41.54 -13.86 -34.69
C GLU G 229 42.35 -13.27 -33.61
N LEU G 230 42.20 -13.81 -32.38
CA LEU G 230 42.91 -13.49 -31.22
C LEU G 230 44.26 -14.13 -31.06
N LYS G 231 44.33 -15.34 -31.70
CA LYS G 231 45.48 -16.27 -31.66
C LYS G 231 46.81 -15.68 -32.07
N PRO G 232 47.04 -14.89 -33.12
CA PRO G 232 48.34 -14.31 -33.40
C PRO G 232 48.68 -13.21 -32.38
N TYR G 233 47.70 -12.52 -31.80
CA TYR G 233 47.94 -11.41 -30.86
C TYR G 233 48.56 -11.97 -29.61
N VAL G 234 47.95 -13.17 -29.24
CA VAL G 234 48.25 -13.99 -28.05
C VAL G 234 49.60 -14.55 -28.25
N GLU G 235 49.98 -14.98 -29.45
CA GLU G 235 51.23 -15.56 -29.80
C GLU G 235 52.38 -14.72 -29.54
N ARG G 236 52.21 -13.42 -29.78
CA ARG G 236 53.31 -12.44 -29.59
C ARG G 236 53.30 -12.05 -28.23
N ALA G 237 52.25 -12.16 -27.49
CA ALA G 237 52.26 -11.86 -26.07
C ALA G 237 52.93 -12.92 -25.25
N ASN G 238 52.78 -14.26 -25.62
CA ASN G 238 53.35 -15.41 -24.91
C ASN G 238 54.84 -15.41 -24.78
N GLU G 239 55.61 -14.79 -25.73
CA GLU G 239 57.07 -14.66 -25.84
C GLU G 239 57.52 -13.80 -24.68
N ARG G 240 56.73 -12.69 -24.49
CA ARG G 240 57.15 -11.68 -23.51
C ARG G 240 56.85 -12.22 -22.13
N ILE G 241 55.67 -12.96 -22.08
CA ILE G 241 55.11 -13.42 -20.76
C ILE G 241 56.17 -14.35 -20.20
N ARG G 242 56.75 -15.21 -21.12
CA ARG G 242 57.79 -16.27 -20.90
C ARG G 242 59.01 -15.75 -20.39
N GLU G 243 59.55 -14.56 -20.89
CA GLU G 243 60.75 -13.81 -20.57
C GLU G 243 60.76 -13.36 -19.14
N LEU G 244 59.56 -12.94 -18.67
CA LEU G 244 59.47 -12.30 -17.42
C LEU G 244 59.32 -13.47 -16.43
N LEU G 245 58.91 -14.69 -16.83
CA LEU G 245 58.82 -15.71 -15.80
C LEU G 245 60.16 -16.47 -15.84
N LYS G 246 61.02 -16.17 -16.84
CA LYS G 246 62.39 -16.69 -16.73
C LYS G 246 63.10 -16.11 -15.51
N LYS G 247 62.90 -14.75 -15.28
CA LYS G 247 63.40 -14.02 -14.05
C LYS G 247 62.54 -14.51 -12.83
N THR H 3 -4.69 29.20 -33.80
CA THR H 3 -3.44 28.69 -33.19
C THR H 3 -2.60 27.87 -34.16
N THR H 4 -1.30 28.31 -34.41
CA THR H 4 -0.54 27.66 -35.45
C THR H 4 0.94 28.03 -35.12
N THR H 5 1.97 27.18 -35.59
CA THR H 5 3.40 27.37 -35.34
C THR H 5 4.06 26.87 -36.58
N VAL H 6 5.15 27.48 -36.92
CA VAL H 6 5.92 27.00 -38.10
C VAL H 6 7.33 26.88 -37.63
N GLY H 7 8.12 26.08 -38.36
CA GLY H 7 9.46 25.85 -37.98
C GLY H 7 10.23 25.45 -39.22
N LEU H 8 11.35 26.06 -39.38
CA LEU H 8 12.31 25.75 -40.44
C LEU H 8 13.74 25.77 -39.90
N VAL H 9 14.56 24.94 -40.57
CA VAL H 9 15.94 24.71 -40.34
C VAL H 9 16.58 25.48 -41.42
N CYS H 10 17.50 26.44 -41.01
CA CYS H 10 18.34 27.19 -41.84
C CYS H 10 19.65 26.42 -41.89
N LYS H 11 20.70 26.80 -42.68
CA LYS H 11 21.99 26.30 -42.70
C LYS H 11 22.74 26.68 -41.46
N ASP H 12 22.29 27.77 -40.82
CA ASP H 12 23.13 28.44 -39.89
C ASP H 12 22.34 28.86 -38.73
N GLY H 13 21.26 28.15 -38.52
CA GLY H 13 20.42 28.34 -37.42
C GLY H 13 19.15 27.55 -37.56
N VAL H 14 18.09 27.96 -36.73
CA VAL H 14 16.79 27.41 -36.80
C VAL H 14 15.96 28.62 -36.37
N VAL H 15 14.81 28.86 -37.00
CA VAL H 15 13.93 29.94 -36.82
C VAL H 15 12.60 29.19 -36.70
N MET H 16 11.74 29.62 -35.77
CA MET H 16 10.41 29.09 -35.58
C MET H 16 9.60 30.29 -35.24
N ALA H 17 8.27 30.24 -35.21
CA ALA H 17 7.40 31.40 -34.99
C ALA H 17 6.15 30.84 -34.36
N THR H 18 5.50 31.75 -33.63
CA THR H 18 4.30 31.46 -32.84
C THR H 18 3.37 32.60 -33.03
N GLU H 19 2.10 32.39 -32.69
CA GLU H 19 1.18 33.50 -32.50
C GLU H 19 1.25 33.86 -31.07
N LYS H 20 1.31 35.15 -30.77
CA LYS H 20 1.79 35.58 -29.44
C LYS H 20 0.51 36.05 -28.73
N ARG H 21 -0.64 35.89 -29.44
CA ARG H 21 -1.99 36.21 -28.98
C ARG H 21 -2.84 35.08 -29.44
N ALA H 22 -3.47 34.44 -28.48
CA ALA H 22 -4.23 33.27 -28.72
C ALA H 22 -5.47 33.64 -28.12
N THR H 23 -6.60 33.54 -28.95
CA THR H 23 -7.88 34.00 -28.70
C THR H 23 -8.70 32.81 -29.04
N MET H 24 -9.78 32.57 -28.24
CA MET H 24 -10.65 31.44 -28.34
C MET H 24 -11.89 32.00 -27.84
N GLY H 25 -12.94 32.04 -28.69
CA GLY H 25 -14.02 32.95 -28.39
C GLY H 25 -13.60 34.44 -28.48
N ASN H 26 -14.11 35.16 -27.48
CA ASN H 26 -13.98 36.54 -27.29
C ASN H 26 -13.13 36.70 -25.97
N PHE H 27 -12.58 35.54 -25.51
CA PHE H 27 -11.75 35.46 -24.34
C PHE H 27 -10.40 35.58 -24.92
N ILE H 28 -9.56 36.43 -24.26
CA ILE H 28 -8.17 36.72 -24.46
C ILE H 28 -7.52 36.45 -23.13
N ALA H 29 -6.48 35.53 -23.17
CA ALA H 29 -5.83 35.14 -21.95
C ALA H 29 -5.06 36.31 -21.38
N SER H 30 -4.36 37.02 -22.25
CA SER H 30 -3.66 38.25 -21.90
C SER H 30 -3.12 38.76 -23.21
N LYS H 31 -2.80 40.07 -23.38
CA LYS H 31 -2.31 40.66 -24.60
C LYS H 31 -0.83 40.81 -24.42
N ALA H 32 -0.29 40.26 -23.31
CA ALA H 32 1.10 40.36 -23.01
C ALA H 32 1.59 39.00 -22.62
N ALA H 33 0.80 37.94 -22.98
CA ALA H 33 1.07 36.53 -22.76
C ALA H 33 2.19 36.05 -23.63
N LYS H 34 2.90 34.97 -23.16
CA LYS H 34 3.91 34.37 -23.88
C LYS H 34 3.56 32.93 -24.14
N LYS H 35 3.75 32.56 -25.47
CA LYS H 35 3.67 31.19 -25.95
C LYS H 35 5.06 30.73 -26.58
N ILE H 36 6.13 31.39 -26.20
CA ILE H 36 7.46 31.15 -26.68
C ILE H 36 8.28 30.91 -25.44
N TYR H 37 9.04 29.74 -25.55
CA TYR H 37 9.75 29.22 -24.38
C TYR H 37 11.14 28.96 -24.84
N GLN H 38 12.11 29.38 -24.07
CA GLN H 38 13.52 29.01 -24.22
C GLN H 38 13.80 27.95 -23.20
N ILE H 39 14.17 26.72 -23.73
CA ILE H 39 14.20 25.46 -23.01
C ILE H 39 15.58 25.25 -22.53
N ALA H 40 16.58 25.61 -23.36
CA ALA H 40 17.94 25.48 -22.90
C ALA H 40 18.66 26.55 -23.83
N ASP H 41 20.03 26.61 -23.78
CA ASP H 41 20.83 27.77 -24.22
C ASP H 41 20.60 28.25 -25.69
N ARG H 42 20.51 27.20 -26.52
CA ARG H 42 20.32 27.39 -27.96
C ARG H 42 19.15 26.51 -28.45
N MET H 43 18.14 26.19 -27.59
CA MET H 43 16.93 25.45 -27.83
C MET H 43 15.79 26.29 -27.43
N ALA H 44 14.64 26.17 -28.21
CA ALA H 44 13.39 26.89 -27.98
C ALA H 44 12.36 25.88 -28.14
N MET H 45 11.14 26.22 -27.71
CA MET H 45 10.03 25.50 -28.02
C MET H 45 8.90 26.52 -28.29
N THR H 46 8.13 26.22 -29.35
CA THR H 46 7.06 27.08 -29.83
C THR H 46 5.86 26.18 -29.79
N THR H 47 4.83 26.69 -29.12
CA THR H 47 3.65 25.88 -28.86
C THR H 47 2.42 26.41 -29.45
N ALA H 48 1.56 25.50 -29.95
CA ALA H 48 0.28 25.77 -30.56
C ALA H 48 -0.69 24.96 -29.76
N GLY H 49 -1.94 25.43 -29.79
CA GLY H 49 -2.92 24.93 -28.91
C GLY H 49 -3.18 25.85 -27.82
N SER H 50 -3.82 25.27 -26.84
CA SER H 50 -4.21 25.83 -25.61
C SER H 50 -3.08 26.52 -24.86
N VAL H 51 -3.37 27.74 -24.28
CA VAL H 51 -2.52 28.64 -23.57
C VAL H 51 -2.06 28.05 -22.27
N GLY H 52 -3.04 27.67 -21.46
CA GLY H 52 -2.76 27.19 -20.11
C GLY H 52 -2.00 25.82 -19.94
N ASP H 53 -2.34 24.82 -20.79
CA ASP H 53 -1.53 23.60 -20.80
C ASP H 53 -0.15 23.73 -21.42
N ALA H 54 0.07 24.70 -22.30
CA ALA H 54 1.36 25.01 -22.91
C ALA H 54 2.39 25.39 -21.79
N GLN H 55 1.99 26.36 -20.89
CA GLN H 55 2.98 26.97 -19.99
C GLN H 55 3.37 26.03 -18.88
N PHE H 56 2.39 25.29 -18.30
CA PHE H 56 2.69 24.44 -17.20
C PHE H 56 3.51 23.21 -17.64
N LEU H 57 3.15 22.56 -18.80
CA LEU H 57 3.97 21.42 -19.21
C LEU H 57 5.36 21.92 -19.50
N ALA H 58 5.39 23.12 -20.17
CA ALA H 58 6.63 23.66 -20.79
C ALA H 58 7.72 23.90 -19.74
N ARG H 59 7.25 24.31 -18.53
CA ARG H 59 8.03 24.67 -17.42
C ARG H 59 8.77 23.43 -16.89
N ILE H 60 8.14 22.27 -16.84
CA ILE H 60 8.62 20.97 -16.40
C ILE H 60 9.70 20.47 -17.32
N ILE H 61 9.60 20.72 -18.66
CA ILE H 61 10.59 20.32 -19.63
C ILE H 61 11.86 21.15 -19.62
N LYS H 62 11.73 22.44 -19.32
CA LYS H 62 12.85 23.25 -18.92
C LYS H 62 13.66 22.71 -17.66
N ILE H 63 13.03 22.30 -16.50
CA ILE H 63 13.66 21.79 -15.28
C ILE H 63 14.42 20.53 -15.64
N GLU H 64 13.88 19.74 -16.56
CA GLU H 64 14.48 18.53 -17.00
C GLU H 64 15.72 18.82 -17.79
N ALA H 65 15.62 19.85 -18.71
CA ALA H 65 16.59 20.20 -19.65
C ALA H 65 17.93 20.58 -19.02
N ASN H 66 17.94 21.41 -17.98
CA ASN H 66 18.99 21.83 -17.05
C ASN H 66 19.48 20.63 -16.37
N LEU H 67 18.67 19.75 -15.78
CA LEU H 67 19.13 18.59 -14.98
C LEU H 67 19.98 17.59 -15.76
N TYR H 68 19.54 17.28 -16.99
CA TYR H 68 20.30 16.51 -17.94
C TYR H 68 21.60 17.15 -18.41
N GLU H 69 21.50 18.49 -18.69
CA GLU H 69 22.66 19.31 -19.05
C GLU H 69 23.76 19.22 -17.97
N ILE H 70 23.36 19.33 -16.65
CA ILE H 70 24.13 19.23 -15.47
C ILE H 70 24.67 17.81 -15.28
N ARG H 71 23.81 16.76 -15.42
CA ARG H 71 24.17 15.35 -15.08
C ARG H 71 25.13 14.68 -16.04
N ARG H 72 25.16 15.17 -17.31
CA ARG H 72 25.90 14.56 -18.41
C ARG H 72 27.16 15.39 -18.63
N GLU H 73 27.08 16.64 -18.13
CA GLU H 73 28.17 17.64 -18.02
C GLU H 73 28.60 18.09 -19.35
N ARG H 74 27.56 18.22 -20.22
CA ARG H 74 27.60 18.56 -21.61
C ARG H 74 26.20 19.09 -21.94
N LYS H 75 26.22 19.64 -23.19
CA LYS H 75 25.05 20.25 -23.86
C LYS H 75 23.96 19.16 -23.97
N PRO H 76 22.64 19.49 -23.70
CA PRO H 76 21.50 18.60 -24.08
C PRO H 76 21.27 18.66 -25.58
N THR H 77 20.91 17.48 -26.20
CA THR H 77 20.63 17.38 -27.63
C THR H 77 19.13 17.76 -27.78
N VAL H 78 18.67 18.13 -28.98
CA VAL H 78 17.36 18.52 -29.31
C VAL H 78 16.53 17.23 -29.20
N ARG H 79 17.18 16.11 -29.62
CA ARG H 79 16.66 14.79 -29.73
C ARG H 79 16.32 14.20 -28.43
N ALA H 80 17.20 14.47 -27.39
CA ALA H 80 16.96 13.98 -26.03
C ALA H 80 15.68 14.53 -25.43
N ILE H 81 15.50 15.87 -25.62
CA ILE H 81 14.33 16.54 -25.00
C ILE H 81 13.03 16.30 -25.82
N ALA H 82 13.09 15.92 -27.11
CA ALA H 82 11.97 15.54 -27.92
C ALA H 82 11.35 14.19 -27.55
N THR H 83 12.21 13.21 -27.15
CA THR H 83 11.81 11.91 -26.68
C THR H 83 11.18 12.02 -25.31
N LEU H 84 11.86 12.85 -24.46
CA LEU H 84 11.40 13.07 -23.10
C LEU H 84 10.00 13.68 -23.07
N THR H 85 9.67 14.72 -23.87
CA THR H 85 8.32 15.31 -23.82
C THR H 85 7.23 14.25 -24.17
N SER H 86 7.52 13.45 -25.21
CA SER H 86 6.57 12.52 -25.79
C SER H 86 6.23 11.47 -24.81
N ASN H 87 7.29 11.01 -24.07
CA ASN H 87 7.15 9.94 -23.10
C ASN H 87 6.22 10.41 -21.95
N LEU H 88 6.49 11.69 -21.56
CA LEU H 88 5.87 12.46 -20.50
C LEU H 88 4.46 12.63 -20.80
N LEU H 89 4.15 12.91 -22.07
CA LEU H 89 2.75 13.03 -22.54
C LEU H 89 2.08 11.70 -22.53
N ASN H 90 2.72 10.55 -22.88
CA ASN H 90 2.00 9.27 -22.72
C ASN H 90 1.76 8.89 -21.33
N SER H 91 2.66 9.09 -20.39
CA SER H 91 2.51 8.74 -18.97
C SER H 91 1.45 9.54 -18.20
N TYR H 92 1.27 10.86 -18.70
CA TYR H 92 0.44 11.88 -18.19
C TYR H 92 -0.73 11.94 -19.19
N ARG H 93 -1.67 10.98 -19.19
CA ARG H 93 -2.89 11.07 -20.00
C ARG H 93 -4.07 11.13 -19.02
N TYR H 94 -3.75 11.24 -17.70
CA TYR H 94 -4.69 11.40 -16.55
C TYR H 94 -4.50 12.82 -16.17
N PHE H 95 -3.65 13.61 -16.96
CA PHE H 95 -3.30 15.02 -16.63
C PHE H 95 -3.15 15.61 -17.99
N PRO H 96 -4.17 15.66 -18.93
CA PRO H 96 -3.91 15.90 -20.34
C PRO H 96 -3.51 17.31 -20.60
N TYR H 97 -2.53 17.43 -21.56
CA TYR H 97 -1.98 18.65 -22.04
C TYR H 97 -2.25 18.39 -23.51
N LEU H 98 -3.09 19.27 -24.02
CA LEU H 98 -3.62 19.20 -25.36
C LEU H 98 -2.86 20.24 -26.13
N VAL H 99 -1.50 20.10 -26.20
CA VAL H 99 -0.61 21.15 -26.79
C VAL H 99 0.31 20.40 -27.68
N GLN H 100 0.60 21.04 -28.81
CA GLN H 100 1.29 20.56 -30.03
C GLN H 100 2.61 21.27 -30.06
N LEU H 101 3.68 20.47 -29.91
CA LEU H 101 4.94 21.06 -29.73
C LEU H 101 5.62 21.10 -31.00
N LEU H 102 6.67 21.99 -31.05
CA LEU H 102 7.72 21.91 -31.99
C LEU H 102 8.98 22.10 -31.11
N ILE H 103 9.94 21.15 -30.98
CA ILE H 103 11.08 21.34 -30.20
C ILE H 103 12.15 21.42 -31.28
N GLY H 104 13.02 22.47 -31.18
CA GLY H 104 14.10 22.56 -32.09
C GLY H 104 15.21 23.39 -31.59
N GLY H 105 16.39 23.43 -32.34
CA GLY H 105 17.42 24.35 -31.96
C GLY H 105 18.69 23.74 -32.39
N ILE H 106 19.83 24.25 -31.80
CA ILE H 106 21.17 23.87 -32.23
C ILE H 106 21.81 23.24 -31.01
N ASP H 107 22.51 22.13 -31.25
CA ASP H 107 23.31 21.28 -30.38
C ASP H 107 24.34 20.82 -31.29
N SER H 108 25.20 19.95 -30.68
CA SER H 108 26.37 19.35 -31.28
C SER H 108 26.08 18.54 -32.52
N GLU H 109 24.90 17.85 -32.49
CA GLU H 109 24.30 17.02 -33.56
C GLU H 109 24.08 17.86 -34.76
N GLY H 110 23.49 19.03 -34.51
CA GLY H 110 23.17 19.97 -35.50
C GLY H 110 21.79 20.53 -35.36
N LYS H 111 21.12 20.69 -36.51
CA LYS H 111 19.84 21.24 -36.53
C LYS H 111 18.90 20.23 -36.93
N SER H 112 17.70 20.21 -36.33
CA SER H 112 16.61 19.32 -36.62
C SER H 112 15.43 19.80 -35.80
N ILE H 113 14.15 19.41 -36.18
CA ILE H 113 13.00 19.91 -35.51
C ILE H 113 12.05 18.78 -35.48
N TYR H 114 11.54 18.48 -34.26
CA TYR H 114 10.61 17.40 -34.03
C TYR H 114 9.32 17.97 -33.64
N SER H 115 8.18 17.30 -34.10
CA SER H 115 6.86 17.67 -33.67
C SER H 115 6.47 16.58 -32.70
N ILE H 116 5.74 16.98 -31.67
CA ILE H 116 5.18 16.11 -30.69
C ILE H 116 3.67 16.37 -30.62
N ASP H 117 2.87 15.25 -30.78
CA ASP H 117 1.43 15.21 -31.00
C ASP H 117 0.80 15.43 -29.64
N PRO H 118 -0.44 15.86 -29.39
CA PRO H 118 -1.05 15.96 -28.08
C PRO H 118 -1.32 14.60 -27.47
N ILE H 119 -1.30 13.55 -28.30
CA ILE H 119 -1.39 12.17 -27.86
C ILE H 119 -0.06 11.50 -27.69
N GLY H 120 1.05 12.16 -28.08
CA GLY H 120 2.43 11.82 -27.74
C GLY H 120 3.05 11.27 -29.03
N GLY H 121 4.42 11.02 -28.87
CA GLY H 121 5.12 10.47 -30.06
C GLY H 121 5.73 11.60 -30.76
N ALA H 122 6.98 11.32 -31.17
CA ALA H 122 7.92 12.29 -31.66
C ALA H 122 8.35 11.89 -32.99
N ILE H 123 8.05 12.70 -34.05
CA ILE H 123 8.29 12.46 -35.42
C ILE H 123 9.24 13.54 -35.75
N GLU H 124 10.02 13.40 -36.86
CA GLU H 124 11.08 14.25 -37.20
C GLU H 124 10.75 14.83 -38.58
N GLU H 125 11.07 16.18 -38.80
CA GLU H 125 10.71 16.94 -39.95
C GLU H 125 12.07 17.32 -40.55
N LYS H 126 12.28 17.20 -41.87
CA LYS H 126 13.57 17.42 -42.41
C LYS H 126 13.99 18.86 -42.35
N ASP H 127 13.15 19.92 -42.69
CA ASP H 127 13.61 21.28 -42.67
C ASP H 127 12.43 22.26 -42.82
N ILE H 128 11.16 21.82 -43.06
CA ILE H 128 9.89 22.61 -43.15
C ILE H 128 8.99 21.85 -42.21
N VAL H 129 8.07 22.61 -41.56
CA VAL H 129 7.06 21.99 -40.76
C VAL H 129 6.00 23.14 -40.60
N ALA H 130 4.73 22.78 -40.56
CA ALA H 130 3.65 23.65 -40.17
C ALA H 130 2.80 22.72 -39.32
N THR H 131 2.09 23.33 -38.29
CA THR H 131 1.31 22.58 -37.31
C THR H 131 0.22 23.54 -36.88
N GLY H 132 -1.04 23.11 -36.86
CA GLY H 132 -2.14 23.79 -36.20
C GLY H 132 -3.21 23.88 -37.28
N SER H 133 -4.18 24.85 -36.96
CA SER H 133 -5.18 25.15 -37.95
C SER H 133 -4.76 25.70 -39.27
N GLY H 134 -3.66 26.52 -39.29
CA GLY H 134 -3.19 27.35 -40.41
C GLY H 134 -2.30 26.53 -41.38
N SER H 135 -2.09 25.23 -40.96
CA SER H 135 -1.10 24.32 -41.54
C SER H 135 -1.20 24.01 -43.00
N LEU H 136 -2.39 23.79 -43.61
CA LEU H 136 -2.59 23.39 -45.02
C LEU H 136 -2.05 24.41 -46.00
N THR H 137 -2.34 25.74 -45.82
CA THR H 137 -1.79 26.85 -46.60
C THR H 137 -0.39 27.01 -46.29
N ALA H 138 0.01 26.94 -45.03
CA ALA H 138 1.39 27.25 -44.56
C ALA H 138 2.56 26.50 -45.13
N TYR H 139 2.37 25.17 -45.39
CA TYR H 139 3.36 24.33 -45.95
C TYR H 139 3.94 24.81 -47.27
N GLY H 140 3.03 25.27 -48.17
CA GLY H 140 3.33 25.77 -49.47
C GLY H 140 3.87 27.15 -49.47
N VAL H 141 3.36 28.08 -48.54
CA VAL H 141 3.80 29.49 -48.27
C VAL H 141 5.27 29.45 -48.02
N LEU H 142 5.66 28.42 -47.19
CA LEU H 142 7.03 28.19 -46.78
C LEU H 142 7.88 27.59 -47.89
N GLU H 143 7.30 26.54 -48.58
CA GLU H 143 8.10 25.83 -49.53
C GLU H 143 8.46 26.71 -50.71
N ASP H 144 7.70 27.82 -50.99
CA ASP H 144 7.86 28.65 -52.18
C ASP H 144 9.24 29.17 -52.38
N ARG H 145 9.83 29.80 -51.31
CA ARG H 145 11.12 30.44 -51.23
C ARG H 145 12.11 29.64 -50.40
N PHE H 146 11.75 28.44 -49.88
CA PHE H 146 12.58 27.73 -48.98
C PHE H 146 13.72 27.10 -49.78
N THR H 147 14.92 27.05 -49.19
CA THR H 147 15.94 26.06 -49.71
C THR H 147 16.63 25.71 -48.40
N PRO H 148 17.33 24.53 -48.29
CA PRO H 148 18.08 24.09 -47.12
C PRO H 148 19.30 24.98 -46.83
N GLU H 149 19.72 25.81 -47.84
CA GLU H 149 20.86 26.65 -47.68
C GLU H 149 20.42 28.08 -47.59
N ILE H 150 19.14 28.33 -47.28
CA ILE H 150 18.57 29.63 -46.88
C ILE H 150 19.27 30.18 -45.65
N GLY H 151 19.43 31.52 -45.50
CA GLY H 151 20.10 32.13 -44.36
C GLY H 151 18.92 32.38 -43.39
N VAL H 152 19.27 32.92 -42.24
CA VAL H 152 18.32 33.22 -41.20
C VAL H 152 17.43 34.41 -41.53
N ASP H 153 18.02 35.37 -42.21
CA ASP H 153 17.36 36.66 -42.48
C ASP H 153 16.14 36.49 -43.37
N GLU H 154 16.26 35.56 -44.34
CA GLU H 154 15.26 35.30 -45.26
C GLU H 154 14.23 34.31 -44.69
N ALA H 155 14.62 33.42 -43.71
CA ALA H 155 13.77 32.50 -43.00
C ALA H 155 12.76 33.23 -42.09
N VAL H 156 13.22 34.30 -41.36
CA VAL H 156 12.39 35.09 -40.43
C VAL H 156 11.38 35.83 -41.18
N GLU H 157 11.71 36.37 -42.40
CA GLU H 157 10.71 36.82 -43.35
C GLU H 157 9.64 35.77 -43.78
N LEU H 158 10.10 34.53 -44.08
CA LEU H 158 9.32 33.46 -44.63
C LEU H 158 8.30 32.90 -43.67
N ALA H 159 8.77 32.70 -42.36
CA ALA H 159 8.02 32.25 -41.19
C ALA H 159 6.87 33.21 -40.93
N VAL H 160 7.14 34.54 -41.06
CA VAL H 160 6.07 35.60 -40.82
C VAL H 160 4.94 35.43 -41.84
N ARG H 161 5.27 35.14 -43.18
CA ARG H 161 4.21 35.06 -44.14
C ARG H 161 3.31 33.87 -43.83
N ALA H 162 3.84 32.70 -43.29
CA ALA H 162 2.82 31.64 -42.89
C ALA H 162 1.88 31.97 -41.77
N ILE H 163 2.33 32.61 -40.65
CA ILE H 163 1.61 32.87 -39.49
C ILE H 163 0.64 33.95 -39.94
N TYR H 164 1.01 34.85 -40.89
CA TYR H 164 0.24 35.89 -41.34
C TYR H 164 -0.98 35.33 -42.08
N SER H 165 -0.80 34.25 -42.87
CA SER H 165 -1.90 33.68 -43.56
C SER H 165 -2.96 33.15 -42.61
N ALA H 166 -2.49 32.45 -41.52
CA ALA H 166 -3.39 31.77 -40.67
C ALA H 166 -4.28 32.71 -39.87
N MET H 167 -3.69 33.79 -39.38
CA MET H 167 -4.39 34.77 -38.54
C MET H 167 -5.37 35.63 -39.23
N LYS H 168 -5.13 35.94 -40.49
CA LYS H 168 -5.89 36.94 -41.17
C LYS H 168 -7.19 36.33 -41.72
N ARG H 169 -7.13 34.99 -42.07
CA ARG H 169 -8.30 34.21 -42.54
C ARG H 169 -9.29 34.03 -41.42
N ASP H 170 -8.80 33.69 -40.19
CA ASP H 170 -9.65 33.50 -38.97
C ASP H 170 -10.24 34.83 -38.63
N SER H 171 -11.48 34.92 -38.14
CA SER H 171 -12.17 36.11 -37.76
C SER H 171 -12.10 36.20 -36.30
N ALA H 172 -11.53 35.20 -35.58
CA ALA H 172 -11.48 35.07 -34.15
C ALA H 172 -10.09 35.20 -33.66
N SER H 173 -9.20 35.55 -34.61
CA SER H 173 -7.82 35.88 -34.19
C SER H 173 -7.31 36.81 -35.21
N GLY H 174 -6.19 37.52 -34.98
CA GLY H 174 -5.80 38.44 -36.01
C GLY H 174 -4.54 39.25 -35.62
N ASP H 175 -4.20 39.15 -34.40
CA ASP H 175 -3.22 40.03 -33.84
C ASP H 175 -2.35 39.06 -33.07
N GLY H 176 -1.19 39.65 -32.68
CA GLY H 176 -0.08 39.07 -31.97
C GLY H 176 0.73 38.01 -32.75
N ILE H 177 2.13 38.11 -32.93
CA ILE H 177 2.92 37.10 -33.55
C ILE H 177 4.29 37.27 -32.90
N ASP H 178 5.05 36.19 -32.61
CA ASP H 178 6.38 36.25 -32.07
C ASP H 178 7.23 35.45 -33.07
N VAL H 179 8.40 35.90 -33.46
CA VAL H 179 9.30 35.17 -34.34
C VAL H 179 10.49 34.98 -33.54
N VAL H 180 11.13 33.78 -33.56
CA VAL H 180 12.14 33.35 -32.70
C VAL H 180 13.32 32.96 -33.57
N LYS H 181 14.54 33.42 -33.21
CA LYS H 181 15.69 33.08 -33.99
C LYS H 181 16.67 32.43 -32.99
N ILE H 182 17.43 31.50 -33.49
CA ILE H 182 18.32 30.72 -32.75
C ILE H 182 19.37 30.45 -33.76
N THR H 183 20.43 31.26 -33.79
CA THR H 183 21.31 31.43 -34.92
C THR H 183 22.67 30.85 -34.63
N GLU H 184 22.86 29.94 -33.60
CA GLU H 184 24.05 29.22 -33.28
C GLU H 184 25.12 30.14 -32.74
N ASP H 185 24.80 31.47 -32.51
CA ASP H 185 25.74 32.35 -31.94
C ASP H 185 24.99 33.33 -31.08
N GLU H 186 23.62 33.34 -31.02
CA GLU H 186 22.82 34.28 -30.27
C GLU H 186 21.43 33.61 -30.08
N PHE H 187 20.57 34.24 -29.22
CA PHE H 187 19.16 33.84 -29.05
C PHE H 187 18.41 35.17 -28.98
N TYR H 188 17.89 35.62 -30.14
CA TYR H 188 17.09 36.82 -30.24
C TYR H 188 15.64 36.50 -30.35
N GLN H 189 14.85 37.34 -29.69
CA GLN H 189 13.44 37.18 -29.63
C GLN H 189 12.87 38.44 -30.28
N TYR H 190 12.29 38.27 -31.53
CA TYR H 190 12.03 39.41 -32.36
C TYR H 190 10.83 40.17 -31.78
N SER H 191 9.72 39.50 -31.32
CA SER H 191 8.59 40.04 -30.55
C SER H 191 7.64 40.87 -31.30
N PRO H 192 6.30 41.06 -31.01
CA PRO H 192 5.32 41.71 -31.87
C PRO H 192 5.69 42.99 -32.64
N GLU H 193 6.36 44.09 -31.99
CA GLU H 193 6.75 45.35 -32.63
C GLU H 193 7.56 45.10 -33.87
N GLU H 194 8.62 44.38 -33.75
CA GLU H 194 9.62 44.08 -34.85
C GLU H 194 9.02 43.22 -35.90
N VAL H 195 8.22 42.20 -35.46
CA VAL H 195 7.51 41.28 -36.37
C VAL H 195 6.53 42.02 -37.26
N GLU H 196 5.80 42.99 -36.61
CA GLU H 196 4.73 43.89 -37.26
C GLU H 196 5.27 44.59 -38.51
N GLN H 197 6.55 45.15 -38.46
CA GLN H 197 7.03 45.91 -39.60
C GLN H 197 7.40 44.88 -40.69
N ILE H 198 7.57 43.56 -40.38
CA ILE H 198 7.90 42.59 -41.40
C ILE H 198 6.65 42.43 -42.37
N LEU H 199 5.42 42.55 -41.72
CA LEU H 199 4.10 42.35 -42.40
C LEU H 199 3.39 43.63 -42.68
N ALA H 200 4.12 44.68 -42.54
CA ALA H 200 3.71 46.02 -42.86
C ALA H 200 4.30 46.37 -44.24
N LYS H 201 5.04 45.44 -44.94
CA LYS H 201 5.49 45.68 -46.33
C LYS H 201 4.58 44.85 -47.22
N PHE H 202 3.63 44.11 -46.58
CA PHE H 202 2.56 43.33 -47.16
C PHE H 202 1.29 44.16 -47.17
N ARG H 203 1.40 45.37 -46.63
CA ARG H 203 0.47 46.41 -46.59
C ARG H 203 -0.52 46.15 -45.51
N LYS H 204 -1.48 45.21 -45.79
CA LYS H 204 -2.63 44.90 -44.95
C LYS H 204 -2.29 43.63 -44.16
N THR I 3 -17.57 37.47 -13.85
CA THR I 3 -16.44 37.96 -13.04
C THR I 3 -15.42 38.50 -13.97
N THR I 4 -14.66 39.50 -13.51
CA THR I 4 -13.55 40.00 -14.29
C THR I 4 -12.65 40.70 -13.35
N THR I 5 -11.29 40.62 -13.61
CA THR I 5 -10.30 41.29 -12.88
C THR I 5 -9.49 42.08 -13.84
N VAL I 6 -8.79 43.17 -13.32
CA VAL I 6 -7.92 44.06 -14.06
C VAL I 6 -6.70 44.25 -13.26
N GLY I 7 -5.54 44.64 -13.84
CA GLY I 7 -4.24 44.74 -13.15
C GLY I 7 -3.50 45.66 -13.96
N LEU I 8 -2.71 46.53 -13.25
CA LEU I 8 -1.84 47.44 -13.98
C LEU I 8 -0.72 47.76 -13.11
N VAL I 9 0.48 47.98 -13.72
CA VAL I 9 1.78 48.23 -13.08
C VAL I 9 1.95 49.74 -13.19
N CYS I 10 2.30 50.41 -12.09
CA CYS I 10 2.50 51.86 -11.93
C CYS I 10 3.97 52.15 -11.87
N LYS I 11 4.31 53.41 -11.51
CA LYS I 11 5.65 53.82 -11.39
C LYS I 11 6.29 53.44 -10.12
N ASP I 12 5.47 53.11 -9.15
CA ASP I 12 5.97 52.76 -7.92
C ASP I 12 5.02 51.87 -7.18
N GLY I 13 3.87 51.48 -7.84
CA GLY I 13 3.05 50.54 -7.23
C GLY I 13 2.52 49.58 -8.20
N VAL I 14 1.42 48.85 -7.80
CA VAL I 14 0.64 47.92 -8.58
C VAL I 14 -0.73 47.98 -8.07
N VAL I 15 -1.79 47.82 -8.96
CA VAL I 15 -3.17 47.98 -8.54
C VAL I 15 -3.84 46.92 -9.21
N MET I 16 -4.82 46.25 -8.61
CA MET I 16 -5.63 45.17 -9.15
C MET I 16 -7.02 45.41 -8.61
N ALA I 17 -8.04 44.75 -9.26
CA ALA I 17 -9.43 44.99 -8.85
C ALA I 17 -10.36 43.90 -9.26
N THR I 18 -11.51 43.72 -8.63
CA THR I 18 -12.47 42.71 -8.98
C THR I 18 -13.80 43.48 -8.87
N GLU I 19 -14.87 42.89 -9.44
CA GLU I 19 -16.21 43.40 -9.36
C GLU I 19 -16.82 42.72 -8.22
N LYS I 20 -17.87 43.37 -7.61
CA LYS I 20 -18.64 42.86 -6.46
C LYS I 20 -20.06 43.20 -6.50
N ARG I 21 -20.80 42.58 -5.59
CA ARG I 21 -22.27 42.77 -5.42
C ARG I 21 -22.98 42.32 -6.64
N ALA I 22 -22.43 41.17 -7.13
CA ALA I 22 -22.85 40.49 -8.35
C ALA I 22 -23.75 39.46 -7.90
N THR I 23 -23.92 38.28 -8.61
CA THR I 23 -24.69 37.17 -8.06
C THR I 23 -23.71 36.00 -8.01
N MET I 24 -23.98 35.12 -6.94
CA MET I 24 -23.32 33.84 -6.63
C MET I 24 -24.46 33.02 -6.04
N GLY I 25 -24.62 31.78 -6.63
CA GLY I 25 -25.85 31.05 -6.38
C GLY I 25 -27.07 31.82 -6.85
N ASN I 26 -28.10 31.80 -6.00
CA ASN I 26 -29.36 32.52 -6.23
C ASN I 26 -29.44 33.73 -5.36
N PHE I 27 -28.32 34.09 -4.65
CA PHE I 27 -28.24 35.12 -3.66
C PHE I 27 -27.18 36.11 -4.16
N ILE I 28 -27.21 37.41 -3.72
CA ILE I 28 -26.29 38.51 -3.99
C ILE I 28 -24.95 38.04 -3.39
N ALA I 29 -23.88 38.17 -4.15
CA ALA I 29 -22.59 37.76 -3.79
C ALA I 29 -22.00 38.48 -2.55
N SER I 30 -21.96 39.85 -2.60
CA SER I 30 -21.34 40.63 -1.48
C SER I 30 -22.45 41.34 -0.68
N LYS I 31 -22.13 41.28 0.62
CA LYS I 31 -23.02 41.84 1.68
C LYS I 31 -21.91 42.31 2.59
N ALA I 32 -20.70 41.64 2.54
CA ALA I 32 -19.43 42.08 3.11
C ALA I 32 -18.49 40.93 2.75
N ALA I 33 -18.71 40.28 1.61
CA ALA I 33 -17.95 39.23 1.16
C ALA I 33 -16.48 39.70 0.78
N LYS I 34 -15.59 38.72 0.39
CA LYS I 34 -14.36 39.16 -0.27
C LYS I 34 -13.95 38.37 -1.46
N LYS I 35 -13.50 39.06 -2.48
CA LYS I 35 -13.08 38.50 -3.78
C LYS I 35 -11.73 38.82 -4.06
N ILE I 36 -11.08 39.69 -3.30
CA ILE I 36 -9.68 40.09 -3.18
C ILE I 36 -9.19 39.81 -1.84
N TYR I 37 -8.12 39.01 -1.85
CA TYR I 37 -7.50 38.42 -0.66
C TYR I 37 -6.16 39.05 -0.38
N GLN I 38 -5.83 39.23 0.91
CA GLN I 38 -4.52 39.74 1.32
C GLN I 38 -3.68 38.57 1.49
N ILE I 39 -2.70 38.37 0.66
CA ILE I 39 -1.79 37.21 0.68
C ILE I 39 -0.67 37.51 1.63
N ALA I 40 -0.02 38.65 1.59
CA ALA I 40 1.00 39.01 2.48
C ALA I 40 0.81 40.48 2.70
N ASP I 41 1.69 41.17 3.41
CA ASP I 41 1.69 42.65 3.73
C ASP I 41 1.57 43.45 2.49
N ARG I 42 2.40 43.19 1.45
CA ARG I 42 2.34 44.06 0.26
C ARG I 42 2.21 43.08 -0.92
N MET I 43 1.26 42.14 -0.83
CA MET I 43 1.09 41.18 -1.91
C MET I 43 -0.42 40.76 -1.82
N ALA I 44 -1.12 40.67 -2.94
CA ALA I 44 -2.58 40.49 -2.97
C ALA I 44 -2.78 39.54 -4.14
N MET I 45 -4.02 39.07 -4.17
CA MET I 45 -4.56 38.18 -5.24
C MET I 45 -6.01 38.64 -5.49
N THR I 46 -6.33 38.79 -6.76
CA THR I 46 -7.60 39.18 -7.28
C THR I 46 -7.96 37.98 -8.18
N THR I 47 -9.29 37.62 -8.26
CA THR I 47 -9.71 36.43 -8.99
C THR I 47 -10.94 36.68 -9.89
N ALA I 48 -10.98 36.05 -11.04
CA ALA I 48 -12.13 35.93 -11.94
C ALA I 48 -12.14 34.47 -12.07
N GLY I 49 -13.32 33.93 -11.62
CA GLY I 49 -13.52 32.52 -11.69
C GLY I 49 -14.55 32.04 -10.65
N SER I 50 -14.44 30.74 -10.04
CA SER I 50 -15.34 30.26 -8.98
C SER I 50 -14.88 30.97 -7.76
N VAL I 51 -15.80 31.79 -7.18
CA VAL I 51 -15.67 32.67 -6.06
C VAL I 51 -15.39 31.94 -4.73
N GLY I 52 -16.10 30.88 -4.27
CA GLY I 52 -15.84 30.30 -2.90
C GLY I 52 -14.60 29.37 -2.92
N ASP I 53 -14.33 28.78 -4.13
CA ASP I 53 -13.10 28.10 -4.37
C ASP I 53 -11.91 29.01 -4.26
N ALA I 54 -11.98 30.26 -4.75
CA ALA I 54 -11.00 31.42 -4.64
C ALA I 54 -10.84 31.89 -3.26
N GLN I 55 -11.96 31.86 -2.49
CA GLN I 55 -11.82 32.21 -1.08
C GLN I 55 -10.92 31.18 -0.39
N PHE I 56 -10.99 29.89 -0.71
CA PHE I 56 -10.34 28.78 -0.11
C PHE I 56 -8.86 28.77 -0.52
N LEU I 57 -8.58 29.12 -1.86
CA LEU I 57 -7.24 29.09 -2.42
C LEU I 57 -6.43 30.06 -1.76
N ALA I 58 -7.07 31.22 -1.32
CA ALA I 58 -6.48 32.38 -0.59
C ALA I 58 -5.92 31.86 0.68
N ARG I 59 -6.57 30.98 1.39
CA ARG I 59 -6.13 30.48 2.66
C ARG I 59 -4.88 29.69 2.50
N ILE I 60 -4.80 28.83 1.44
CA ILE I 60 -3.63 28.02 1.10
C ILE I 60 -2.43 28.89 0.71
N ILE I 61 -2.68 29.87 -0.22
CA ILE I 61 -1.61 30.67 -0.78
C ILE I 61 -1.14 31.70 0.19
N LYS I 62 -2.07 32.27 0.96
CA LYS I 62 -1.76 33.14 2.03
C LYS I 62 -0.80 32.54 3.04
N ILE I 63 -1.08 31.25 3.41
CA ILE I 63 -0.32 30.53 4.41
C ILE I 63 1.03 30.13 3.91
N GLU I 64 1.10 29.71 2.56
CA GLU I 64 2.41 29.31 2.04
C GLU I 64 3.34 30.52 1.88
N ALA I 65 2.75 31.73 1.63
CA ALA I 65 3.55 32.95 1.60
C ALA I 65 4.16 33.23 2.88
N ASN I 66 3.37 32.98 3.98
CA ASN I 66 3.93 33.07 5.33
C ASN I 66 4.94 31.93 5.50
N LEU I 67 4.83 30.71 4.99
CA LEU I 67 5.75 29.67 5.17
C LEU I 67 7.11 29.93 4.54
N TYR I 68 7.13 30.60 3.39
CA TYR I 68 8.38 31.10 2.83
C TYR I 68 9.11 32.16 3.68
N GLU I 69 8.32 33.09 4.28
CA GLU I 69 8.75 34.27 4.94
C GLU I 69 9.38 33.66 6.18
N ILE I 70 8.69 32.67 6.79
CA ILE I 70 9.10 32.02 8.03
C ILE I 70 10.33 31.14 7.76
N ARG I 71 10.46 30.44 6.63
CA ARG I 71 11.54 29.47 6.40
C ARG I 71 12.81 30.25 6.08
N ARG I 72 12.82 31.23 5.12
CA ARG I 72 14.11 31.65 4.58
C ARG I 72 14.52 32.98 5.11
N GLU I 73 13.71 33.56 6.00
CA GLU I 73 13.92 34.83 6.69
C GLU I 73 13.64 36.02 5.82
N ARG I 74 13.14 35.78 4.57
CA ARG I 74 13.21 36.70 3.47
C ARG I 74 11.86 36.75 2.94
N LYS I 75 11.50 37.93 2.43
CA LYS I 75 10.24 38.10 1.84
C LYS I 75 10.07 37.39 0.54
N PRO I 76 8.88 36.94 0.15
CA PRO I 76 8.58 36.32 -1.12
C PRO I 76 8.56 37.31 -2.25
N THR I 77 8.93 36.82 -3.45
CA THR I 77 8.87 37.64 -4.61
C THR I 77 7.56 37.35 -5.26
N VAL I 78 7.02 38.21 -6.16
CA VAL I 78 5.74 38.05 -6.84
C VAL I 78 5.75 36.80 -7.69
N ARG I 79 6.89 36.63 -8.36
CA ARG I 79 7.20 35.48 -9.23
C ARG I 79 7.08 34.17 -8.50
N ALA I 80 7.54 34.06 -7.27
CA ALA I 80 7.57 32.91 -6.33
C ALA I 80 6.20 32.36 -6.09
N ILE I 81 5.20 33.23 -5.74
CA ILE I 81 3.88 32.90 -5.29
C ILE I 81 3.04 32.40 -6.44
N ALA I 82 3.22 33.02 -7.64
CA ALA I 82 2.49 32.70 -8.84
C ALA I 82 2.77 31.27 -9.29
N THR I 83 4.07 30.92 -9.21
CA THR I 83 4.52 29.63 -9.68
C THR I 83 3.97 28.55 -8.78
N LEU I 84 3.88 28.84 -7.46
CA LEU I 84 3.31 27.96 -6.54
C LEU I 84 1.87 27.66 -6.70
N THR I 85 1.06 28.69 -7.11
CA THR I 85 -0.38 28.60 -7.42
C THR I 85 -0.51 27.57 -8.54
N SER I 86 0.47 27.54 -9.54
CA SER I 86 0.34 26.71 -10.72
C SER I 86 0.25 25.27 -10.44
N ASN I 87 1.16 24.83 -9.51
CA ASN I 87 1.33 23.45 -9.03
C ASN I 87 0.07 22.97 -8.32
N LEU I 88 -0.51 23.92 -7.49
CA LEU I 88 -1.73 23.65 -6.80
C LEU I 88 -2.88 23.47 -7.79
N LEU I 89 -3.07 24.38 -8.82
CA LEU I 89 -4.18 24.35 -9.80
C LEU I 89 -4.13 23.05 -10.56
N ASN I 90 -2.89 22.55 -10.88
CA ASN I 90 -2.64 21.24 -11.53
C ASN I 90 -3.16 20.10 -10.74
N SER I 91 -2.97 20.13 -9.40
CA SER I 91 -3.44 19.08 -8.50
C SER I 91 -4.96 19.07 -8.45
N TYR I 92 -5.66 20.27 -8.33
CA TYR I 92 -7.09 20.45 -8.23
C TYR I 92 -7.81 20.60 -9.55
N ARG I 93 -7.52 19.68 -10.46
CA ARG I 93 -8.11 19.77 -11.79
C ARG I 93 -9.25 18.86 -11.95
N TYR I 94 -9.45 17.92 -10.97
CA TYR I 94 -10.47 16.95 -11.00
C TYR I 94 -11.74 17.54 -10.48
N PHE I 95 -11.54 18.39 -9.46
CA PHE I 95 -12.57 19.16 -8.80
C PHE I 95 -12.87 20.40 -9.56
N PRO I 96 -14.08 21.08 -9.59
CA PRO I 96 -14.21 22.55 -9.81
C PRO I 96 -13.39 23.25 -8.74
N TYR I 97 -12.44 24.13 -9.20
CA TYR I 97 -11.35 24.82 -8.50
C TYR I 97 -10.63 25.58 -9.56
N LEU I 98 -11.14 25.59 -10.82
CA LEU I 98 -10.69 26.47 -11.96
C LEU I 98 -10.93 27.90 -11.64
N VAL I 99 -9.86 28.67 -11.58
CA VAL I 99 -9.85 30.06 -11.18
C VAL I 99 -8.67 30.77 -11.85
N GLN I 100 -8.84 32.10 -12.22
CA GLN I 100 -7.86 32.85 -12.90
C GLN I 100 -7.54 33.91 -12.01
N LEU I 101 -6.23 34.00 -11.72
CA LEU I 101 -5.71 34.70 -10.60
C LEU I 101 -4.73 35.63 -11.16
N LEU I 102 -4.71 36.90 -10.65
CA LEU I 102 -3.58 37.80 -10.97
C LEU I 102 -3.07 37.97 -9.56
N ILE I 103 -1.79 37.80 -9.30
CA ILE I 103 -1.16 37.90 -7.94
C ILE I 103 -0.08 38.98 -8.26
N GLY I 104 -0.18 40.11 -7.53
CA GLY I 104 0.57 41.25 -7.82
C GLY I 104 1.22 41.76 -6.58
N GLY I 105 2.18 42.67 -6.82
CA GLY I 105 2.81 43.38 -5.74
C GLY I 105 4.17 43.90 -6.15
N ILE I 106 5.04 44.15 -5.09
CA ILE I 106 6.40 44.72 -5.19
C ILE I 106 7.30 43.62 -4.67
N ASP I 107 8.48 43.54 -5.28
CA ASP I 107 9.49 42.56 -4.97
C ASP I 107 10.84 43.13 -5.29
N SER I 108 11.89 42.32 -5.05
CA SER I 108 13.31 42.64 -5.19
C SER I 108 13.64 42.96 -6.62
N GLU I 109 12.84 42.39 -7.54
CA GLU I 109 13.02 42.51 -8.93
C GLU I 109 12.37 43.84 -9.40
N GLY I 110 11.43 44.37 -8.61
CA GLY I 110 10.81 45.61 -8.90
C GLY I 110 9.28 45.43 -8.77
N LYS I 111 8.55 45.92 -9.82
CA LYS I 111 7.13 45.84 -9.73
C LYS I 111 6.63 44.88 -10.73
N SER I 112 5.66 43.97 -10.46
CA SER I 112 5.14 43.04 -11.41
C SER I 112 3.82 42.47 -10.87
N ILE I 113 3.06 41.89 -11.85
CA ILE I 113 1.82 41.16 -11.60
C ILE I 113 1.97 40.06 -12.59
N TYR I 114 1.70 38.83 -12.10
CA TYR I 114 1.67 37.57 -12.83
C TYR I 114 0.29 37.15 -12.76
N SER I 115 -0.18 36.66 -13.93
CA SER I 115 -1.40 36.01 -14.14
C SER I 115 -1.02 34.59 -14.24
N ILE I 116 -1.87 33.74 -13.59
CA ILE I 116 -1.59 32.36 -13.53
C ILE I 116 -2.80 31.81 -14.11
N ASP I 117 -2.60 31.01 -15.20
CA ASP I 117 -3.61 30.35 -16.02
C ASP I 117 -4.41 29.40 -15.15
N PRO I 118 -5.68 29.09 -15.36
CA PRO I 118 -6.40 28.30 -14.41
C PRO I 118 -6.06 26.82 -14.47
N ILE I 119 -5.23 26.35 -15.43
CA ILE I 119 -4.85 25.00 -15.38
C ILE I 119 -3.37 24.98 -14.87
N GLY I 120 -2.82 26.07 -14.24
CA GLY I 120 -1.43 26.10 -13.88
C GLY I 120 -0.74 26.86 -15.04
N GLY I 121 0.33 27.63 -14.69
CA GLY I 121 1.18 28.28 -15.73
C GLY I 121 1.13 29.78 -15.58
N ALA I 122 2.28 30.28 -15.07
CA ALA I 122 2.46 31.69 -14.82
C ALA I 122 2.85 32.27 -16.11
N ILE I 123 2.55 33.61 -16.32
CA ILE I 123 2.86 34.46 -17.44
C ILE I 123 2.98 35.92 -16.93
N GLU I 124 4.16 36.45 -17.35
CA GLU I 124 4.56 37.81 -16.96
C GLU I 124 3.91 38.85 -17.77
N GLU I 125 3.38 39.89 -17.08
CA GLU I 125 2.76 41.03 -17.66
C GLU I 125 3.31 42.15 -16.86
N LYS I 126 3.85 43.15 -17.60
CA LYS I 126 4.46 44.32 -16.98
C LYS I 126 3.61 45.45 -17.46
N ASP I 127 2.47 45.28 -18.19
CA ASP I 127 1.69 46.41 -18.75
C ASP I 127 0.28 46.35 -18.26
N ILE I 128 -0.64 45.71 -19.04
CA ILE I 128 -2.02 45.62 -18.63
C ILE I 128 -2.34 44.15 -18.51
N VAL I 129 -3.34 43.80 -17.65
CA VAL I 129 -3.73 42.40 -17.61
C VAL I 129 -5.15 42.28 -17.25
N ALA I 130 -5.81 41.20 -17.80
CA ALA I 130 -7.27 41.07 -17.68
C ALA I 130 -7.39 39.80 -18.50
N THR I 131 -7.33 38.59 -17.82
CA THR I 131 -8.41 37.66 -17.59
C THR I 131 -9.72 38.19 -17.17
N GLY I 132 -10.77 37.31 -17.35
CA GLY I 132 -12.15 37.59 -17.28
C GLY I 132 -12.64 37.60 -18.75
N SER I 133 -13.93 37.61 -19.04
CA SER I 133 -14.45 37.75 -20.40
C SER I 133 -14.71 39.21 -20.70
N GLY I 134 -14.50 40.07 -19.63
CA GLY I 134 -14.73 41.50 -19.68
C GLY I 134 -13.47 42.19 -20.17
N SER I 135 -12.46 41.35 -20.52
CA SER I 135 -11.06 41.75 -20.87
C SER I 135 -10.99 42.62 -22.09
N LEU I 136 -11.85 42.33 -23.05
CA LEU I 136 -11.81 43.09 -24.30
C LEU I 136 -12.33 44.51 -24.09
N THR I 137 -13.39 44.76 -23.28
CA THR I 137 -13.98 46.03 -23.01
C THR I 137 -12.98 46.72 -22.13
N ALA I 138 -12.38 46.03 -21.14
CA ALA I 138 -11.42 46.56 -20.21
C ALA I 138 -10.20 47.10 -20.86
N TYR I 139 -9.60 46.44 -21.90
CA TYR I 139 -8.41 46.65 -22.65
C TYR I 139 -8.56 47.83 -23.44
N GLY I 140 -9.72 48.11 -24.00
CA GLY I 140 -10.10 49.42 -24.46
C GLY I 140 -9.87 50.49 -23.48
N VAL I 141 -10.68 50.46 -22.38
CA VAL I 141 -10.68 51.56 -21.42
C VAL I 141 -9.36 51.79 -20.71
N LEU I 142 -8.62 50.69 -20.30
CA LEU I 142 -7.41 50.80 -19.54
C LEU I 142 -6.33 51.47 -20.38
N GLU I 143 -6.19 51.06 -21.65
CA GLU I 143 -5.03 51.49 -22.40
C GLU I 143 -5.12 52.93 -22.72
N ASP I 144 -6.36 53.52 -22.74
CA ASP I 144 -6.45 54.87 -23.22
C ASP I 144 -5.67 55.93 -22.42
N ARG I 145 -5.51 55.71 -21.10
CA ARG I 145 -4.91 56.59 -20.16
C ARG I 145 -4.02 55.78 -19.33
N PHE I 146 -3.55 54.67 -19.89
CA PHE I 146 -2.43 53.84 -19.42
C PHE I 146 -1.10 54.40 -19.92
N THR I 147 -0.12 54.44 -19.01
CA THR I 147 1.26 54.83 -19.33
C THR I 147 2.04 54.04 -18.28
N PRO I 148 3.31 53.79 -18.41
CA PRO I 148 4.06 53.21 -17.34
C PRO I 148 4.41 54.30 -16.37
N GLU I 149 4.13 55.61 -16.67
CA GLU I 149 4.41 56.64 -15.76
C GLU I 149 3.15 56.94 -14.93
N ILE I 150 2.11 56.11 -15.08
CA ILE I 150 0.79 56.27 -14.47
C ILE I 150 1.07 56.32 -13.00
N GLY I 151 0.38 57.17 -12.27
CA GLY I 151 0.42 57.15 -10.81
C GLY I 151 -0.20 55.93 -10.14
N VAL I 152 -0.17 55.90 -8.82
CA VAL I 152 -0.65 54.85 -8.01
C VAL I 152 -2.00 55.26 -7.42
N ASP I 153 -2.41 56.55 -7.57
CA ASP I 153 -3.76 57.01 -7.16
C ASP I 153 -4.43 57.53 -8.38
N GLU I 154 -3.71 57.48 -9.51
CA GLU I 154 -4.22 57.77 -10.81
C GLU I 154 -4.55 56.38 -11.38
N ALA I 155 -4.21 55.27 -10.71
CA ALA I 155 -4.36 53.93 -11.22
C ALA I 155 -5.61 53.26 -10.80
N VAL I 156 -6.02 53.66 -9.59
CA VAL I 156 -7.18 53.19 -8.89
C VAL I 156 -8.46 53.73 -9.37
N GLU I 157 -8.42 54.93 -10.01
CA GLU I 157 -9.53 55.57 -10.78
C GLU I 157 -9.72 54.83 -12.04
N LEU I 158 -8.69 54.49 -12.78
CA LEU I 158 -8.57 53.86 -14.08
C LEU I 158 -9.10 52.46 -13.96
N ALA I 159 -8.77 51.69 -12.92
CA ALA I 159 -9.20 50.35 -12.70
C ALA I 159 -10.65 50.25 -12.42
N VAL I 160 -11.21 51.19 -11.66
CA VAL I 160 -12.62 51.22 -11.33
C VAL I 160 -13.47 51.51 -12.57
N ARG I 161 -12.86 52.37 -13.41
CA ARG I 161 -13.44 52.81 -14.69
C ARG I 161 -13.68 51.66 -15.65
N ALA I 162 -12.66 50.78 -15.75
CA ALA I 162 -12.66 49.71 -16.74
C ALA I 162 -13.70 48.73 -16.44
N ILE I 163 -13.85 48.44 -15.16
CA ILE I 163 -14.86 47.51 -14.60
C ILE I 163 -16.26 48.17 -14.59
N TYR I 164 -16.36 49.52 -14.62
CA TYR I 164 -17.69 50.11 -14.62
C TYR I 164 -18.31 49.94 -15.97
N SER I 165 -17.44 50.02 -16.99
CA SER I 165 -17.79 49.68 -18.36
C SER I 165 -18.05 48.19 -18.58
N ALA I 166 -17.33 47.37 -17.83
CA ALA I 166 -17.51 45.93 -17.91
C ALA I 166 -18.73 45.47 -17.17
N MET I 167 -19.34 46.34 -16.32
CA MET I 167 -20.55 45.99 -15.56
C MET I 167 -21.73 45.82 -16.47
N LYS I 168 -21.90 46.72 -17.40
CA LYS I 168 -22.88 46.71 -18.40
C LYS I 168 -22.70 45.54 -19.37
N ARG I 169 -21.44 44.89 -19.37
CA ARG I 169 -21.04 43.77 -20.26
C ARG I 169 -20.82 42.55 -19.37
N ASP I 170 -21.32 42.55 -18.11
CA ASP I 170 -21.11 41.45 -17.20
C ASP I 170 -22.51 41.23 -16.77
N SER I 171 -22.88 39.91 -16.48
CA SER I 171 -24.25 39.43 -16.27
C SER I 171 -24.84 40.04 -15.02
N ALA I 172 -24.04 40.31 -13.93
CA ALA I 172 -24.58 40.97 -12.74
C ALA I 172 -23.36 41.60 -12.14
N SER I 173 -23.58 42.66 -11.48
CA SER I 173 -22.58 43.42 -10.81
C SER I 173 -23.22 44.73 -10.48
N GLY I 174 -22.90 45.31 -9.27
CA GLY I 174 -23.53 46.53 -8.88
C GLY I 174 -22.52 47.70 -8.69
N ASP I 175 -22.78 48.54 -7.64
CA ASP I 175 -22.01 49.73 -7.39
C ASP I 175 -21.20 49.51 -6.18
N GLY I 176 -19.92 49.86 -6.14
CA GLY I 176 -19.04 49.55 -5.07
C GLY I 176 -18.34 48.25 -5.29
N ILE I 177 -17.02 48.47 -5.75
CA ILE I 177 -16.15 47.34 -6.13
C ILE I 177 -14.90 47.40 -5.31
N ASP I 178 -14.19 46.28 -5.09
CA ASP I 178 -12.97 46.32 -4.39
C ASP I 178 -11.88 46.48 -5.40
N VAL I 179 -10.88 47.45 -5.16
CA VAL I 179 -9.69 47.67 -5.84
C VAL I 179 -8.81 47.90 -4.65
N VAL I 180 -7.52 47.65 -4.88
CA VAL I 180 -6.54 47.55 -3.86
C VAL I 180 -5.30 48.16 -4.44
N LYS I 181 -4.59 48.96 -3.58
CA LYS I 181 -3.27 49.57 -3.92
C LYS I 181 -2.16 49.16 -3.05
N ILE I 182 -0.96 49.05 -3.64
CA ILE I 182 0.14 48.37 -3.02
C ILE I 182 1.34 49.03 -3.57
N THR I 183 1.94 49.99 -2.81
CA THR I 183 2.85 51.01 -3.17
C THR I 183 4.17 50.91 -2.38
N GLU I 184 4.18 49.85 -1.54
CA GLU I 184 5.31 49.44 -0.73
C GLU I 184 5.39 50.35 0.49
N ASP I 185 4.25 51.01 0.81
CA ASP I 185 4.16 51.92 1.85
C ASP I 185 2.66 51.89 2.21
N GLU I 186 1.77 51.23 1.42
CA GLU I 186 0.42 51.10 1.78
C GLU I 186 -0.04 49.81 1.26
N PHE I 187 -1.01 49.21 2.05
CA PHE I 187 -1.74 48.12 1.49
C PHE I 187 -3.04 48.60 1.93
N TYR I 188 -3.67 49.42 1.03
CA TYR I 188 -4.90 50.13 1.35
C TYR I 188 -5.99 49.54 0.41
N GLN I 189 -7.13 49.13 1.00
CA GLN I 189 -8.25 48.48 0.40
C GLN I 189 -9.30 49.48 0.67
N TYR I 190 -9.79 50.07 -0.45
CA TYR I 190 -10.77 51.18 -0.52
C TYR I 190 -12.14 50.82 0.05
N SER I 191 -12.63 49.61 -0.35
CA SER I 191 -13.99 49.12 0.00
C SER I 191 -15.01 49.88 -0.82
N PRO I 192 -16.32 49.38 -0.89
CA PRO I 192 -17.38 50.03 -1.55
C PRO I 192 -17.62 51.54 -1.33
N GLU I 193 -17.55 51.98 -0.04
CA GLU I 193 -17.88 53.33 0.24
C GLU I 193 -17.16 54.43 -0.47
N GLU I 194 -15.78 54.41 -0.46
CA GLU I 194 -14.92 55.26 -1.23
C GLU I 194 -15.07 55.14 -2.66
N VAL I 195 -15.18 53.89 -3.13
CA VAL I 195 -15.18 53.56 -4.52
C VAL I 195 -16.40 54.13 -5.24
N GLU I 196 -17.63 54.09 -4.59
CA GLU I 196 -18.88 54.72 -5.05
C GLU I 196 -18.76 56.15 -5.38
N GLN I 197 -17.84 56.85 -4.79
CA GLN I 197 -17.73 58.26 -4.99
C GLN I 197 -16.76 58.56 -6.14
N ILE I 198 -15.86 57.56 -6.56
CA ILE I 198 -14.98 57.69 -7.64
C ILE I 198 -15.77 57.29 -8.88
N LEU I 199 -16.92 56.51 -8.81
CA LEU I 199 -17.75 56.17 -9.96
C LEU I 199 -19.00 57.08 -10.21
N ALA I 200 -19.03 58.13 -9.29
CA ALA I 200 -19.99 59.20 -9.35
C ALA I 200 -19.48 60.39 -10.15
N LYS I 201 -18.21 60.26 -10.64
CA LYS I 201 -17.54 61.23 -11.44
C LYS I 201 -17.45 60.70 -12.86
N PHE I 202 -18.14 59.59 -13.06
CA PHE I 202 -18.31 58.94 -14.37
C PHE I 202 -19.82 59.03 -14.75
N ARG I 203 -20.61 59.88 -14.02
CA ARG I 203 -21.99 60.07 -14.21
C ARG I 203 -22.73 58.99 -13.46
N LYS I 204 -23.39 58.05 -14.19
CA LYS I 204 -24.26 57.06 -13.67
C LYS I 204 -23.40 55.80 -13.57
N THR J 3 -36.30 27.59 0.36
CA THR J 3 -35.23 27.47 1.32
C THR J 3 -34.39 28.77 1.44
N THR J 4 -34.37 29.41 2.65
CA THR J 4 -33.66 30.61 2.87
C THR J 4 -33.14 30.52 4.35
N THR J 5 -31.98 31.05 4.66
CA THR J 5 -31.54 31.22 6.07
C THR J 5 -31.07 32.64 6.17
N VAL J 6 -31.26 33.25 7.33
CA VAL J 6 -31.11 34.66 7.52
C VAL J 6 -30.19 34.69 8.68
N GLY J 7 -29.69 35.90 8.94
CA GLY J 7 -28.94 36.05 10.11
C GLY J 7 -28.66 37.50 10.26
N LEU J 8 -28.61 38.02 11.49
CA LEU J 8 -28.33 39.42 11.77
C LEU J 8 -27.67 39.47 13.15
N VAL J 9 -26.71 40.36 13.41
CA VAL J 9 -25.96 40.44 14.65
C VAL J 9 -26.57 41.53 15.44
N CYS J 10 -26.80 41.25 16.83
CA CYS J 10 -27.33 42.22 17.76
C CYS J 10 -26.27 42.87 18.54
N LYS J 11 -26.56 43.97 19.35
CA LYS J 11 -25.53 44.75 19.98
C LYS J 11 -25.05 44.16 21.32
N ASP J 12 -25.61 43.00 21.63
CA ASP J 12 -25.35 42.21 22.84
C ASP J 12 -25.67 40.80 22.52
N GLY J 13 -25.81 40.28 21.27
CA GLY J 13 -25.98 38.91 20.87
C GLY J 13 -25.66 38.70 19.42
N VAL J 14 -26.08 37.49 18.92
CA VAL J 14 -26.12 37.04 17.53
C VAL J 14 -27.41 36.30 17.59
N VAL J 15 -28.20 36.47 16.51
CA VAL J 15 -29.47 35.79 16.25
C VAL J 15 -29.27 35.21 14.85
N MET J 16 -29.94 34.08 14.60
CA MET J 16 -30.09 33.45 13.31
C MET J 16 -31.39 32.70 13.25
N ALA J 17 -32.01 32.59 12.03
CA ALA J 17 -33.24 31.87 11.82
C ALA J 17 -33.15 31.05 10.56
N THR J 18 -34.10 30.06 10.52
CA THR J 18 -34.12 29.07 9.52
C THR J 18 -35.49 28.91 8.87
N GLU J 19 -35.43 28.39 7.61
CA GLU J 19 -36.55 27.93 6.83
C GLU J 19 -36.29 26.49 6.37
N LYS J 20 -37.20 25.62 6.62
CA LYS J 20 -37.09 24.13 6.52
C LYS J 20 -38.00 23.47 5.50
N ARG J 21 -37.35 22.49 4.77
CA ARG J 21 -38.01 21.81 3.72
C ARG J 21 -37.21 20.55 3.71
N ALA J 22 -37.89 19.44 3.31
CA ALA J 22 -37.21 18.16 3.35
C ALA J 22 -37.88 17.39 2.28
N THR J 23 -37.76 17.92 1.07
CA THR J 23 -38.43 17.43 -0.11
C THR J 23 -37.86 16.08 -0.44
N MET J 24 -38.75 15.07 -0.42
CA MET J 24 -38.56 13.69 -0.78
C MET J 24 -39.31 13.54 -2.04
N GLY J 25 -40.04 14.56 -2.47
CA GLY J 25 -40.80 14.45 -3.75
C GLY J 25 -42.21 14.03 -3.55
N ASN J 26 -42.62 13.97 -2.23
CA ASN J 26 -43.96 13.51 -1.81
C ASN J 26 -44.37 14.13 -0.53
N PHE J 27 -43.36 14.53 0.31
CA PHE J 27 -43.51 14.87 1.79
C PHE J 27 -42.44 15.89 2.19
N ILE J 28 -42.65 16.57 3.30
CA ILE J 28 -41.76 17.42 4.02
C ILE J 28 -41.83 16.89 5.49
N ALA J 29 -40.69 16.33 5.93
CA ALA J 29 -40.69 15.64 7.16
C ALA J 29 -40.28 16.48 8.32
N SER J 30 -40.27 17.83 8.31
CA SER J 30 -39.69 18.78 9.23
C SER J 30 -40.85 19.42 10.02
N LYS J 31 -41.36 18.69 11.02
CA LYS J 31 -42.41 19.10 11.87
C LYS J 31 -42.01 18.85 13.29
N ALA J 32 -40.74 18.42 13.42
CA ALA J 32 -40.22 18.05 14.74
C ALA J 32 -38.74 17.81 14.56
N ALA J 33 -38.33 18.10 13.32
CA ALA J 33 -36.94 18.12 12.79
C ALA J 33 -36.49 19.54 12.89
N LYS J 34 -35.16 19.78 12.89
CA LYS J 34 -34.51 21.01 13.13
C LYS J 34 -33.39 21.28 12.16
N LYS J 35 -32.97 22.56 12.13
CA LYS J 35 -31.99 23.07 11.19
C LYS J 35 -30.97 23.80 12.06
N ILE J 36 -31.22 23.85 13.35
CA ILE J 36 -30.52 24.74 14.27
C ILE J 36 -29.91 23.78 15.20
N TYR J 37 -28.52 23.69 15.15
CA TYR J 37 -27.79 22.80 15.95
C TYR J 37 -26.86 23.69 16.77
N GLN J 38 -26.78 23.40 18.13
CA GLN J 38 -25.80 24.04 19.01
C GLN J 38 -24.52 23.40 18.81
N ILE J 39 -23.47 24.21 18.52
CA ILE J 39 -22.19 23.60 18.11
C ILE J 39 -21.39 23.69 19.31
N ALA J 40 -21.37 24.88 19.93
CA ALA J 40 -20.79 25.12 21.24
C ALA J 40 -22.06 25.57 21.93
N ASP J 41 -21.96 25.85 23.27
CA ASP J 41 -22.93 26.49 24.13
C ASP J 41 -23.45 27.91 23.69
N ARG J 42 -22.57 28.72 23.05
CA ARG J 42 -22.95 30.04 22.57
C ARG J 42 -22.67 30.13 21.09
N MET J 43 -22.79 29.01 20.36
CA MET J 43 -22.55 29.13 18.94
C MET J 43 -23.47 28.08 18.43
N ALA J 44 -24.10 28.41 17.30
CA ALA J 44 -25.06 27.47 16.62
C ALA J 44 -24.66 27.48 15.26
N MET J 45 -25.17 26.47 14.51
CA MET J 45 -25.07 26.39 13.09
C MET J 45 -26.45 26.14 12.49
N THR J 46 -26.74 27.06 11.59
CA THR J 46 -27.86 27.18 10.81
C THR J 46 -27.36 26.82 9.39
N THR J 47 -28.24 26.15 8.63
CA THR J 47 -27.83 25.34 7.47
C THR J 47 -29.05 25.52 6.54
N ALA J 48 -28.82 25.58 5.22
CA ALA J 48 -29.80 25.74 4.19
C ALA J 48 -29.49 24.60 3.21
N GLY J 49 -30.52 23.88 2.79
CA GLY J 49 -30.39 22.74 2.00
C GLY J 49 -31.46 21.89 2.44
N SER J 50 -31.12 20.76 3.08
CA SER J 50 -32.11 19.84 3.68
C SER J 50 -31.62 19.52 5.01
N VAL J 51 -32.59 19.02 5.81
CA VAL J 51 -32.45 18.73 7.20
C VAL J 51 -31.52 17.70 7.49
N GLY J 52 -31.45 16.59 6.69
CA GLY J 52 -30.64 15.39 6.96
C GLY J 52 -29.17 15.62 6.70
N ASP J 53 -28.77 16.32 5.57
CA ASP J 53 -27.39 16.54 5.18
C ASP J 53 -26.65 17.42 6.23
N ALA J 54 -27.38 18.40 6.77
CA ALA J 54 -27.03 19.41 7.81
C ALA J 54 -26.73 18.75 9.06
N GLN J 55 -27.57 17.74 9.43
CA GLN J 55 -27.48 17.06 10.70
C GLN J 55 -26.21 16.24 10.86
N PHE J 56 -25.88 15.42 9.79
CA PHE J 56 -24.67 14.67 9.78
C PHE J 56 -23.44 15.53 9.80
N LEU J 57 -23.44 16.54 8.93
CA LEU J 57 -22.33 17.52 8.91
C LEU J 57 -22.12 18.23 10.21
N ALA J 58 -23.28 18.60 10.88
CA ALA J 58 -23.29 19.39 12.04
C ALA J 58 -22.72 18.57 13.23
N ARG J 59 -23.04 17.29 13.35
CA ARG J 59 -22.69 16.39 14.39
C ARG J 59 -21.20 16.27 14.55
N ILE J 60 -20.45 16.15 13.44
CA ILE J 60 -19.01 16.13 13.39
C ILE J 60 -18.41 17.35 14.02
N ILE J 61 -18.86 18.60 13.57
CA ILE J 61 -18.38 19.95 13.96
C ILE J 61 -18.62 20.32 15.39
N LYS J 62 -19.78 19.91 15.92
CA LYS J 62 -20.09 19.91 17.37
C LYS J 62 -18.93 19.22 18.11
N ILE J 63 -18.69 17.99 17.64
CA ILE J 63 -17.82 17.08 18.29
C ILE J 63 -16.36 17.59 18.35
N GLU J 64 -15.90 18.26 17.28
CA GLU J 64 -14.62 18.84 17.15
C GLU J 64 -14.49 20.08 17.99
N ALA J 65 -15.65 20.75 18.24
CA ALA J 65 -15.68 21.87 19.13
C ALA J 65 -15.41 21.61 20.56
N ASN J 66 -15.99 20.48 21.09
CA ASN J 66 -15.91 20.10 22.53
C ASN J 66 -14.52 19.68 22.68
N LEU J 67 -13.99 18.88 21.64
CA LEU J 67 -12.58 18.45 21.49
C LEU J 67 -11.55 19.54 21.53
N TYR J 68 -11.76 20.66 20.72
CA TYR J 68 -10.82 21.75 20.61
C TYR J 68 -10.80 22.56 21.87
N GLU J 69 -11.98 22.65 22.49
CA GLU J 69 -12.20 23.38 23.71
C GLU J 69 -11.44 22.85 24.85
N ILE J 70 -11.48 21.53 25.08
CA ILE J 70 -10.78 20.80 26.13
C ILE J 70 -9.27 20.85 25.84
N ARG J 71 -8.79 20.81 24.55
CA ARG J 71 -7.37 20.68 24.23
C ARG J 71 -6.60 22.08 24.38
N ARG J 72 -7.31 23.16 24.20
CA ARG J 72 -6.87 24.50 24.26
C ARG J 72 -7.14 25.01 25.65
N GLU J 73 -8.14 24.44 26.40
CA GLU J 73 -8.65 24.74 27.73
C GLU J 73 -9.52 26.00 27.77
N ARG J 74 -9.92 26.50 26.57
CA ARG J 74 -10.70 27.74 26.47
C ARG J 74 -11.62 27.49 25.27
N LYS J 75 -12.73 28.33 25.23
CA LYS J 75 -13.84 28.27 24.36
C LYS J 75 -13.37 28.57 22.91
N PRO J 76 -13.94 27.96 21.91
CA PRO J 76 -13.69 28.18 20.52
C PRO J 76 -14.18 29.46 20.02
N THR J 77 -13.62 30.07 18.92
CA THR J 77 -14.04 31.30 18.32
C THR J 77 -14.86 30.89 17.13
N VAL J 78 -15.75 31.80 16.67
CA VAL J 78 -16.71 31.58 15.54
C VAL J 78 -15.86 31.35 14.25
N ARG J 79 -14.80 32.16 14.12
CA ARG J 79 -13.94 32.26 12.95
C ARG J 79 -13.22 30.95 12.73
N ALA J 80 -12.84 30.30 13.89
CA ALA J 80 -12.12 29.07 13.87
C ALA J 80 -12.88 27.97 13.49
N ILE J 81 -14.08 27.78 14.06
CA ILE J 81 -15.05 26.72 13.78
C ILE J 81 -15.54 26.85 12.42
N ALA J 82 -15.68 28.09 11.91
CA ALA J 82 -16.16 28.45 10.61
C ALA J 82 -15.19 27.98 9.55
N THR J 83 -13.83 28.26 9.67
CA THR J 83 -12.76 27.78 8.77
C THR J 83 -12.52 26.28 8.78
N LEU J 84 -12.75 25.66 9.95
CA LEU J 84 -12.60 24.19 10.06
C LEU J 84 -13.62 23.51 9.08
N THR J 85 -14.82 24.00 9.02
CA THR J 85 -15.91 23.52 8.25
C THR J 85 -15.56 23.71 6.81
N SER J 86 -14.95 24.87 6.44
CA SER J 86 -14.53 25.09 5.05
C SER J 86 -13.54 24.05 4.56
N ASN J 87 -12.51 23.64 5.33
CA ASN J 87 -11.60 22.61 5.00
C ASN J 87 -12.34 21.30 4.82
N LEU J 88 -13.27 21.04 5.74
CA LEU J 88 -14.05 19.78 5.82
C LEU J 88 -14.75 19.41 4.48
N LEU J 89 -15.47 20.41 3.98
CA LEU J 89 -16.19 20.26 2.73
C LEU J 89 -15.30 20.14 1.53
N ASN J 90 -14.21 20.94 1.44
CA ASN J 90 -13.35 21.04 0.28
C ASN J 90 -12.59 19.76 0.07
N SER J 91 -11.93 19.21 1.11
CA SER J 91 -11.18 17.99 1.01
C SER J 91 -12.14 16.83 0.88
N TYR J 92 -13.22 16.75 1.74
CA TYR J 92 -13.91 15.50 1.86
C TYR J 92 -15.20 15.69 1.10
N ARG J 93 -15.16 16.16 -0.17
CA ARG J 93 -16.27 16.35 -1.11
C ARG J 93 -16.49 14.94 -1.84
N TYR J 94 -15.68 13.90 -1.46
CA TYR J 94 -15.81 12.47 -1.89
C TYR J 94 -17.15 11.99 -1.37
N PHE J 95 -17.50 12.36 -0.14
CA PHE J 95 -18.77 12.20 0.44
C PHE J 95 -19.58 13.45 0.09
N PRO J 96 -20.61 13.44 -0.76
CA PRO J 96 -21.05 14.56 -1.49
C PRO J 96 -21.94 15.42 -0.54
N TYR J 97 -21.71 16.76 -0.55
CA TYR J 97 -22.34 17.69 0.31
C TYR J 97 -22.73 18.81 -0.60
N LEU J 98 -24.01 19.25 -0.49
CA LEU J 98 -24.49 20.38 -1.25
C LEU J 98 -25.15 21.17 -0.17
N VAL J 99 -24.52 22.34 0.15
CA VAL J 99 -24.93 22.94 1.38
C VAL J 99 -24.38 24.40 1.45
N GLN J 100 -25.19 25.27 2.10
CA GLN J 100 -24.97 26.67 2.35
C GLN J 100 -25.16 26.72 3.82
N LEU J 101 -24.20 27.41 4.47
CA LEU J 101 -24.15 27.37 5.92
C LEU J 101 -24.04 28.78 6.43
N LEU J 102 -24.64 28.90 7.61
CA LEU J 102 -24.21 29.99 8.47
C LEU J 102 -23.87 29.47 9.86
N ILE J 103 -22.69 29.80 10.37
CA ILE J 103 -22.25 29.38 11.68
C ILE J 103 -21.97 30.69 12.32
N GLY J 104 -22.60 30.99 13.48
CA GLY J 104 -22.54 32.28 14.05
C GLY J 104 -22.67 32.16 15.51
N GLY J 105 -22.55 33.29 16.24
CA GLY J 105 -22.39 33.21 17.64
C GLY J 105 -21.44 34.16 18.12
N ILE J 106 -21.15 34.05 19.41
CA ILE J 106 -20.43 34.95 20.27
C ILE J 106 -19.08 34.35 20.58
N ASP J 107 -18.00 35.20 20.37
CA ASP J 107 -16.63 34.85 20.61
C ASP J 107 -16.01 36.01 21.27
N SER J 108 -14.76 35.85 21.79
CA SER J 108 -14.16 36.79 22.76
C SER J 108 -13.25 37.76 21.98
N GLU J 109 -13.33 37.77 20.67
CA GLU J 109 -12.68 38.77 19.73
C GLU J 109 -13.82 39.31 18.85
N GLY J 110 -15.14 39.30 19.35
CA GLY J 110 -16.20 40.05 18.64
C GLY J 110 -17.44 39.29 18.72
N LYS J 111 -18.40 39.69 17.83
CA LYS J 111 -19.67 39.02 17.70
C LYS J 111 -19.89 38.95 16.23
N SER J 112 -20.39 37.86 15.61
CA SER J 112 -20.26 37.62 14.22
C SER J 112 -21.02 36.47 13.71
N ILE J 113 -21.30 36.41 12.39
CA ILE J 113 -21.82 35.33 11.55
C ILE J 113 -20.95 35.17 10.31
N TYR J 114 -20.32 33.95 10.22
CA TYR J 114 -19.46 33.62 9.18
C TYR J 114 -20.35 32.91 8.26
N SER J 115 -20.12 33.09 6.94
CA SER J 115 -20.92 32.49 5.91
C SER J 115 -19.82 31.50 5.44
N ILE J 116 -20.27 30.33 5.12
CA ILE J 116 -19.51 29.22 4.57
C ILE J 116 -20.28 28.71 3.39
N ASP J 117 -19.59 28.58 2.19
CA ASP J 117 -20.05 28.21 0.87
C ASP J 117 -19.99 26.66 0.67
N PRO J 118 -20.56 26.04 -0.34
CA PRO J 118 -20.36 24.63 -0.58
C PRO J 118 -19.00 24.40 -1.23
N ILE J 119 -18.38 25.58 -1.60
CA ILE J 119 -17.10 25.56 -2.24
C ILE J 119 -16.10 26.24 -1.31
N GLY J 120 -16.51 26.49 -0.07
CA GLY J 120 -15.64 26.90 1.02
C GLY J 120 -15.28 28.33 1.06
N GLY J 121 -14.33 28.57 1.98
CA GLY J 121 -13.97 29.91 2.44
C GLY J 121 -14.98 30.41 3.44
N ALA J 122 -14.52 31.02 4.57
CA ALA J 122 -15.44 31.49 5.58
C ALA J 122 -15.13 32.96 5.53
N ILE J 123 -16.16 33.76 5.18
CA ILE J 123 -16.16 35.18 5.07
C ILE J 123 -17.03 35.58 6.20
N GLU J 124 -17.27 36.91 6.36
CA GLU J 124 -17.83 37.35 7.65
C GLU J 124 -18.77 38.54 7.51
N GLU J 125 -20.05 38.29 7.70
CA GLU J 125 -21.08 39.31 7.84
C GLU J 125 -21.19 39.57 9.28
N LYS J 126 -20.85 40.81 9.63
CA LYS J 126 -21.20 41.34 10.93
C LYS J 126 -22.52 42.18 10.84
N ASP J 127 -23.27 41.91 9.76
CA ASP J 127 -24.48 42.47 9.32
C ASP J 127 -25.32 41.41 8.72
N ILE J 128 -26.32 41.81 7.87
CA ILE J 128 -27.17 40.92 7.25
C ILE J 128 -26.50 39.89 6.43
N VAL J 129 -27.00 38.63 6.54
CA VAL J 129 -26.51 37.56 5.71
C VAL J 129 -27.70 36.75 5.35
N ALA J 130 -27.56 35.97 4.16
CA ALA J 130 -28.52 35.20 3.51
C ALA J 130 -27.90 35.27 2.14
N THR J 131 -27.46 34.18 1.43
CA THR J 131 -27.55 32.76 1.61
C THR J 131 -28.93 32.22 1.53
N GLY J 132 -29.12 31.16 0.64
CA GLY J 132 -30.40 30.62 0.24
C GLY J 132 -30.80 31.13 -1.09
N SER J 133 -32.11 30.89 -1.45
CA SER J 133 -32.81 31.27 -2.69
C SER J 133 -33.76 32.31 -2.35
N GLY J 134 -34.45 32.12 -1.18
CA GLY J 134 -35.50 33.10 -0.73
C GLY J 134 -34.80 34.39 -0.27
N SER J 135 -33.48 34.55 -0.38
CA SER J 135 -32.77 35.69 0.08
C SER J 135 -33.21 37.03 -0.45
N LEU J 136 -33.48 37.17 -1.77
CA LEU J 136 -33.75 38.39 -2.48
C LEU J 136 -35.02 38.93 -2.00
N THR J 137 -35.99 38.03 -1.84
CA THR J 137 -37.28 38.28 -1.41
C THR J 137 -37.25 38.74 0.06
N ALA J 138 -36.38 38.08 0.92
CA ALA J 138 -36.11 38.46 2.32
C ALA J 138 -35.61 39.90 2.49
N TYR J 139 -34.76 40.35 1.53
CA TYR J 139 -33.96 41.44 1.77
C TYR J 139 -34.84 42.70 1.94
N GLY J 140 -36.00 42.81 1.24
CA GLY J 140 -36.99 43.89 1.41
C GLY J 140 -37.23 44.43 2.83
N VAL J 141 -37.68 43.60 3.72
CA VAL J 141 -38.12 43.91 5.08
C VAL J 141 -36.94 43.86 5.96
N LEU J 142 -36.03 42.89 5.73
CA LEU J 142 -34.81 42.55 6.53
C LEU J 142 -33.82 43.75 6.68
N GLU J 143 -33.65 44.46 5.51
CA GLU J 143 -32.59 45.45 5.41
C GLU J 143 -33.22 46.85 5.51
N ASP J 144 -34.60 46.93 5.40
CA ASP J 144 -35.29 48.16 5.77
C ASP J 144 -35.11 48.38 7.31
N ARG J 145 -35.32 47.36 8.14
CA ARG J 145 -35.36 47.51 9.62
C ARG J 145 -34.06 47.07 10.25
N PHE J 146 -32.97 46.80 9.51
CA PHE J 146 -31.66 46.55 10.12
C PHE J 146 -31.18 47.84 10.80
N THR J 147 -30.48 47.63 11.97
CA THR J 147 -29.70 48.61 12.68
C THR J 147 -28.66 47.85 13.35
N PRO J 148 -27.53 48.39 13.75
CA PRO J 148 -26.55 47.72 14.66
C PRO J 148 -26.78 48.30 16.05
N GLU J 149 -28.07 48.69 16.30
CA GLU J 149 -28.65 48.99 17.58
C GLU J 149 -29.89 48.26 17.69
N ILE J 150 -30.03 47.18 16.87
CA ILE J 150 -31.07 46.18 16.93
C ILE J 150 -30.83 45.37 18.22
N GLY J 151 -31.89 45.26 19.06
CA GLY J 151 -31.88 44.48 20.29
C GLY J 151 -31.85 43.05 19.94
N VAL J 152 -31.68 42.17 20.96
CA VAL J 152 -31.93 40.80 20.72
C VAL J 152 -33.39 40.41 20.43
N ASP J 153 -34.35 41.18 21.08
CA ASP J 153 -35.76 40.95 21.11
C ASP J 153 -36.44 41.27 19.77
N GLU J 154 -35.92 42.38 19.16
CA GLU J 154 -36.29 43.03 17.89
C GLU J 154 -35.65 42.19 16.66
N ALA J 155 -34.54 41.42 16.86
CA ALA J 155 -33.85 40.71 15.86
C ALA J 155 -34.42 39.34 15.66
N VAL J 156 -35.01 38.73 16.72
CA VAL J 156 -35.76 37.53 16.58
C VAL J 156 -37.10 37.80 15.86
N GLU J 157 -37.74 38.91 16.22
CA GLU J 157 -38.95 39.37 15.58
C GLU J 157 -38.75 39.71 14.11
N LEU J 158 -37.69 40.46 13.78
CA LEU J 158 -37.35 40.88 12.44
C LEU J 158 -36.99 39.66 11.54
N ALA J 159 -36.30 38.67 12.14
CA ALA J 159 -35.97 37.35 11.53
C ALA J 159 -37.21 36.65 11.13
N VAL J 160 -38.24 36.72 11.92
CA VAL J 160 -39.50 36.10 11.56
C VAL J 160 -40.03 36.73 10.29
N ARG J 161 -39.99 38.11 10.20
CA ARG J 161 -40.55 38.78 9.07
C ARG J 161 -39.82 38.34 7.83
N ALA J 162 -38.46 38.23 7.84
CA ALA J 162 -37.69 37.89 6.69
C ALA J 162 -38.07 36.49 6.14
N ILE J 163 -38.21 35.50 7.02
CA ILE J 163 -38.50 34.11 6.70
C ILE J 163 -39.92 34.05 6.10
N TYR J 164 -40.94 34.85 6.64
CA TYR J 164 -42.30 34.98 6.26
C TYR J 164 -42.44 35.54 4.83
N SER J 165 -41.45 36.42 4.38
CA SER J 165 -41.47 37.02 3.03
C SER J 165 -41.23 35.99 1.98
N ALA J 166 -40.25 35.03 2.27
CA ALA J 166 -39.86 33.93 1.41
C ALA J 166 -41.01 33.06 1.14
N MET J 167 -41.89 32.97 2.18
CA MET J 167 -43.06 32.15 2.26
C MET J 167 -44.30 32.87 1.70
N LYS J 168 -44.20 34.15 1.51
CA LYS J 168 -45.28 34.95 0.98
C LYS J 168 -45.12 35.06 -0.46
N ARG J 169 -44.31 34.14 -1.04
CA ARG J 169 -44.25 34.04 -2.48
C ARG J 169 -44.59 32.57 -2.87
N ASP J 170 -45.10 31.80 -1.83
CA ASP J 170 -45.59 30.42 -1.83
C ASP J 170 -46.96 30.52 -1.24
N SER J 171 -47.79 29.47 -1.26
CA SER J 171 -49.08 29.50 -0.63
C SER J 171 -48.89 29.27 0.88
N ALA J 172 -47.96 28.37 1.35
CA ALA J 172 -47.62 28.18 2.76
C ALA J 172 -46.42 27.31 2.73
N SER J 173 -45.92 26.89 1.55
CA SER J 173 -44.99 25.81 1.47
C SER J 173 -43.72 26.48 1.92
N GLY J 174 -42.82 25.61 2.40
CA GLY J 174 -41.65 26.03 3.09
C GLY J 174 -41.71 25.98 4.66
N ASP J 175 -42.87 25.54 5.22
CA ASP J 175 -43.22 25.53 6.64
C ASP J 175 -42.36 24.65 7.48
N GLY J 176 -42.00 25.25 8.72
CA GLY J 176 -40.91 24.78 9.58
C GLY J 176 -40.06 25.98 9.60
N ILE J 177 -40.30 26.80 10.61
CA ILE J 177 -39.58 27.96 10.97
C ILE J 177 -39.05 27.82 12.37
N ASP J 178 -37.73 28.00 12.62
CA ASP J 178 -37.17 28.04 13.94
C ASP J 178 -36.21 29.14 14.11
N VAL J 179 -36.09 29.78 15.37
CA VAL J 179 -35.10 30.93 15.58
C VAL J 179 -34.22 30.55 16.72
N VAL J 180 -32.97 31.13 16.84
CA VAL J 180 -32.07 30.91 17.91
C VAL J 180 -31.71 32.26 18.53
N LYS J 181 -31.49 32.29 19.86
CA LYS J 181 -31.05 33.46 20.66
C LYS J 181 -29.83 33.00 21.33
N ILE J 182 -28.74 33.75 21.12
CA ILE J 182 -27.43 33.47 21.66
C ILE J 182 -27.08 34.84 22.19
N THR J 183 -27.29 35.12 23.49
CA THR J 183 -27.02 36.38 24.16
C THR J 183 -25.85 36.39 25.12
N GLU J 184 -25.16 35.19 25.34
CA GLU J 184 -23.89 35.09 26.16
C GLU J 184 -24.18 34.64 27.58
N ASP J 185 -25.48 34.88 27.89
CA ASP J 185 -26.00 34.66 29.27
C ASP J 185 -27.03 33.62 29.21
N GLU J 186 -27.53 33.33 27.99
CA GLU J 186 -28.75 32.51 27.79
C GLU J 186 -28.44 32.04 26.42
N PHE J 187 -28.85 30.81 26.17
CA PHE J 187 -28.77 30.19 24.86
C PHE J 187 -30.20 29.60 24.78
N TYR J 188 -31.16 30.20 24.13
CA TYR J 188 -32.50 29.80 23.96
C TYR J 188 -32.66 29.30 22.55
N GLN J 189 -33.19 28.02 22.37
CA GLN J 189 -33.35 27.36 21.03
C GLN J 189 -34.73 27.02 21.03
N TYR J 190 -35.47 27.75 20.18
CA TYR J 190 -36.86 27.91 20.22
C TYR J 190 -37.53 26.68 19.71
N SER J 191 -38.85 26.52 19.91
CA SER J 191 -39.61 25.34 19.55
C SER J 191 -40.69 25.82 18.56
N PRO J 192 -41.00 25.10 17.53
CA PRO J 192 -41.95 25.44 16.50
C PRO J 192 -43.19 26.14 16.90
N GLU J 193 -43.91 25.64 17.95
CA GLU J 193 -45.12 26.26 18.51
C GLU J 193 -44.84 27.74 18.88
N GLU J 194 -43.73 28.01 19.58
CA GLU J 194 -43.37 29.28 20.15
C GLU J 194 -43.16 30.31 19.04
N VAL J 195 -42.51 29.89 17.86
CA VAL J 195 -42.19 30.72 16.72
C VAL J 195 -43.54 30.93 15.99
N GLU J 196 -44.38 29.95 15.99
CA GLU J 196 -45.73 29.94 15.42
C GLU J 196 -46.68 30.96 15.90
N GLN J 197 -46.58 31.49 17.17
CA GLN J 197 -47.46 32.52 17.66
C GLN J 197 -46.95 33.84 17.26
N ILE J 198 -45.57 34.02 16.93
CA ILE J 198 -45.04 35.35 16.52
C ILE J 198 -45.48 35.44 15.08
N LEU J 199 -45.59 34.30 14.39
CA LEU J 199 -46.00 34.38 12.96
C LEU J 199 -47.51 34.48 12.80
N ALA J 200 -48.22 34.29 13.89
CA ALA J 200 -49.66 34.33 14.10
C ALA J 200 -49.97 35.68 14.60
N LYS J 201 -49.07 36.69 14.29
CA LYS J 201 -49.27 38.08 14.75
C LYS J 201 -49.11 38.87 13.50
N PHE J 202 -48.55 38.18 12.41
CA PHE J 202 -48.42 38.84 11.18
C PHE J 202 -49.49 38.33 10.23
N ARG J 203 -50.35 37.40 10.76
CA ARG J 203 -51.34 36.71 10.00
C ARG J 203 -52.17 35.97 11.03
N LYS J 204 -53.11 36.62 11.74
CA LYS J 204 -53.86 36.10 12.89
C LYS J 204 -54.74 35.05 12.35
N THR K 3 -44.40 1.14 -0.83
CA THR K 3 -44.17 1.08 0.60
C THR K 3 -44.34 2.47 1.16
N THR K 4 -44.97 2.56 2.38
CA THR K 4 -45.06 3.74 3.19
C THR K 4 -45.03 3.27 4.64
N THR K 5 -44.45 3.94 5.69
CA THR K 5 -44.44 3.39 7.06
C THR K 5 -44.71 4.53 7.94
N VAL K 6 -45.22 4.15 9.09
CA VAL K 6 -45.59 5.01 10.16
C VAL K 6 -45.01 4.38 11.34
N GLY K 7 -45.03 5.08 12.49
CA GLY K 7 -44.43 4.67 13.70
C GLY K 7 -45.07 5.53 14.79
N LEU K 8 -45.57 4.91 15.89
CA LEU K 8 -46.24 5.67 16.88
C LEU K 8 -45.53 5.42 18.23
N VAL K 9 -45.32 6.49 19.02
CA VAL K 9 -44.72 6.36 20.33
C VAL K 9 -45.88 6.57 21.31
N CYS K 10 -46.11 5.58 22.14
CA CYS K 10 -47.21 5.49 23.05
C CYS K 10 -46.55 5.54 24.35
N LYS K 11 -47.34 5.45 25.46
CA LYS K 11 -46.81 5.45 26.78
C LYS K 11 -46.88 4.10 27.42
N ASP K 12 -47.21 3.05 26.65
CA ASP K 12 -47.30 1.71 27.19
C ASP K 12 -46.51 0.86 26.23
N GLY K 13 -46.27 1.38 25.00
CA GLY K 13 -45.52 0.69 23.96
C GLY K 13 -45.17 1.61 22.85
N VAL K 14 -44.76 1.00 21.77
CA VAL K 14 -44.52 1.68 20.50
C VAL K 14 -45.16 0.70 19.53
N VAL K 15 -45.84 1.24 18.52
CA VAL K 15 -46.35 0.47 17.42
C VAL K 15 -45.71 1.01 16.20
N MET K 16 -44.96 0.19 15.43
CA MET K 16 -44.28 0.60 14.15
C MET K 16 -45.01 -0.28 13.12
N ALA K 17 -45.12 0.18 11.81
CA ALA K 17 -45.89 -0.51 10.88
C ALA K 17 -45.23 -0.53 9.51
N THR K 18 -45.61 -1.60 8.73
CA THR K 18 -44.98 -1.92 7.45
C THR K 18 -46.03 -2.67 6.58
N GLU K 19 -45.89 -2.58 5.23
CA GLU K 19 -46.78 -3.26 4.32
C GLU K 19 -45.93 -4.34 3.68
N LYS K 20 -46.63 -5.44 3.27
CA LYS K 20 -46.03 -6.62 2.70
C LYS K 20 -45.84 -6.44 1.19
N ARG K 21 -44.59 -6.71 0.79
CA ARG K 21 -44.13 -6.73 -0.58
C ARG K 21 -42.60 -7.15 -0.45
N ALA K 22 -42.17 -7.90 -1.51
CA ALA K 22 -40.86 -8.40 -1.44
C ALA K 22 -40.14 -8.20 -2.72
N THR K 23 -39.20 -9.07 -2.98
CA THR K 23 -38.41 -9.24 -4.16
C THR K 23 -38.77 -10.57 -4.69
N MET K 24 -39.82 -10.52 -5.64
CA MET K 24 -40.30 -11.77 -6.26
C MET K 24 -40.88 -11.21 -7.50
N GLY K 25 -40.14 -10.38 -8.22
CA GLY K 25 -40.69 -9.68 -9.32
C GLY K 25 -41.48 -8.42 -8.91
N ASN K 26 -41.38 -8.04 -7.58
CA ASN K 26 -42.04 -6.89 -7.01
C ASN K 26 -43.33 -7.40 -6.34
N PHE K 27 -43.24 -8.55 -5.57
CA PHE K 27 -44.45 -9.26 -5.10
C PHE K 27 -44.02 -9.95 -3.85
N ILE K 28 -45.00 -10.36 -3.04
CA ILE K 28 -44.89 -11.04 -1.78
C ILE K 28 -44.23 -12.44 -1.94
N ALA K 29 -43.18 -12.73 -1.08
CA ALA K 29 -42.33 -13.89 -1.15
C ALA K 29 -43.14 -15.12 -0.94
N SER K 30 -44.02 -15.08 0.06
CA SER K 30 -44.85 -16.18 0.39
C SER K 30 -46.17 -15.39 0.56
N LYS K 31 -46.84 -15.53 1.63
CA LYS K 31 -48.00 -14.71 2.01
C LYS K 31 -47.50 -13.45 2.77
N ALA K 32 -46.20 -13.54 3.17
CA ALA K 32 -45.41 -12.69 4.05
C ALA K 32 -44.14 -12.40 3.30
N ALA K 33 -43.68 -11.27 3.78
CA ALA K 33 -42.51 -10.59 3.36
C ALA K 33 -42.01 -10.03 4.66
N LYS K 34 -40.62 -10.16 4.72
CA LYS K 34 -39.89 -9.71 5.83
C LYS K 34 -39.67 -8.23 5.77
N LYS K 35 -40.33 -7.58 6.76
CA LYS K 35 -40.31 -6.13 6.87
C LYS K 35 -40.10 -5.68 8.32
N ILE K 36 -39.88 -6.69 9.16
CA ILE K 36 -39.78 -6.54 10.60
C ILE K 36 -38.49 -7.05 10.96
N TYR K 37 -37.64 -6.29 11.72
CA TYR K 37 -36.35 -6.78 11.99
C TYR K 37 -36.20 -6.44 13.42
N GLN K 38 -35.94 -7.44 14.26
CA GLN K 38 -35.67 -7.26 15.61
C GLN K 38 -34.21 -6.94 15.81
N ILE K 39 -33.87 -5.65 15.96
CA ILE K 39 -32.53 -5.25 16.17
C ILE K 39 -31.96 -5.77 17.48
N ALA K 40 -32.75 -5.74 18.58
CA ALA K 40 -32.42 -6.06 19.94
C ALA K 40 -33.70 -6.43 20.65
N ASP K 41 -33.57 -6.67 21.94
CA ASP K 41 -34.67 -7.20 22.73
C ASP K 41 -35.88 -6.26 22.86
N ARG K 42 -35.67 -4.94 22.55
CA ARG K 42 -36.65 -3.91 22.78
C ARG K 42 -36.34 -2.88 21.75
N MET K 43 -35.85 -3.36 20.59
CA MET K 43 -35.58 -2.56 19.44
C MET K 43 -36.06 -3.31 18.17
N ALA K 44 -36.77 -2.61 17.34
CA ALA K 44 -37.29 -3.04 16.07
C ALA K 44 -36.93 -2.02 15.01
N MET K 45 -36.85 -2.47 13.73
CA MET K 45 -36.47 -1.69 12.62
C MET K 45 -37.58 -1.91 11.63
N THR K 46 -38.11 -0.78 11.08
CA THR K 46 -39.10 -0.73 10.04
C THR K 46 -38.46 0.12 9.07
N THR K 47 -38.92 -0.01 7.75
CA THR K 47 -38.29 0.66 6.63
C THR K 47 -39.32 0.87 5.56
N ALA K 48 -39.25 2.12 5.03
CA ALA K 48 -39.88 2.53 3.78
C ALA K 48 -38.76 2.67 2.83
N GLY K 49 -39.01 2.06 1.68
CA GLY K 49 -38.04 1.96 0.64
C GLY K 49 -37.83 0.44 0.31
N SER K 50 -36.65 0.08 -0.28
CA SER K 50 -36.45 -1.22 -0.74
C SER K 50 -36.23 -2.25 0.32
N VAL K 51 -36.68 -3.46 -0.02
CA VAL K 51 -36.81 -4.50 0.89
C VAL K 51 -35.45 -5.13 1.19
N GLY K 52 -34.62 -5.37 0.13
CA GLY K 52 -33.38 -6.01 0.22
C GLY K 52 -32.32 -5.30 0.94
N ASP K 53 -32.33 -4.00 0.70
CA ASP K 53 -31.45 -3.05 1.33
C ASP K 53 -31.77 -3.10 2.86
N ALA K 54 -33.09 -3.04 3.21
CA ALA K 54 -33.56 -3.10 4.54
C ALA K 54 -33.03 -4.30 5.28
N GLN K 55 -33.06 -5.49 4.66
CA GLN K 55 -32.69 -6.73 5.29
C GLN K 55 -31.21 -6.88 5.54
N PHE K 56 -30.35 -6.55 4.57
CA PHE K 56 -28.91 -6.56 4.61
C PHE K 56 -28.38 -5.60 5.54
N LEU K 57 -28.98 -4.38 5.59
CA LEU K 57 -28.57 -3.31 6.48
C LEU K 57 -29.07 -3.48 7.85
N ALA K 58 -30.17 -4.26 8.00
CA ALA K 58 -30.69 -4.67 9.29
C ALA K 58 -29.68 -5.41 10.08
N ARG K 59 -29.05 -6.33 9.35
CA ARG K 59 -28.22 -7.32 9.98
C ARG K 59 -26.97 -6.72 10.52
N ILE K 60 -26.37 -5.64 9.84
CA ILE K 60 -25.22 -4.94 10.29
C ILE K 60 -25.53 -4.24 11.60
N ILE K 61 -26.78 -3.63 11.66
CA ILE K 61 -27.16 -2.79 12.84
C ILE K 61 -27.43 -3.75 13.92
N LYS K 62 -28.07 -4.89 13.67
CA LYS K 62 -28.32 -5.96 14.61
C LYS K 62 -27.17 -6.57 15.21
N ILE K 63 -26.11 -6.90 14.44
CA ILE K 63 -24.89 -7.45 14.88
C ILE K 63 -24.18 -6.55 15.81
N GLU K 64 -24.17 -5.25 15.46
CA GLU K 64 -23.44 -4.22 16.17
C GLU K 64 -24.16 -3.85 17.40
N ALA K 65 -25.53 -4.04 17.44
CA ALA K 65 -26.35 -3.68 18.56
C ALA K 65 -26.15 -4.69 19.58
N ASN K 66 -26.04 -5.96 19.12
CA ASN K 66 -25.85 -7.08 19.95
C ASN K 66 -24.46 -6.96 20.54
N LEU K 67 -23.45 -6.47 19.85
CA LEU K 67 -22.06 -6.29 20.31
C LEU K 67 -22.03 -5.23 21.35
N TYR K 68 -22.88 -4.15 21.25
CA TYR K 68 -22.90 -3.06 22.18
C TYR K 68 -23.33 -3.60 23.52
N GLU K 69 -24.35 -4.47 23.59
CA GLU K 69 -24.90 -5.03 24.80
C GLU K 69 -23.87 -5.95 25.48
N ILE K 70 -23.18 -6.84 24.72
CA ILE K 70 -22.20 -7.77 25.14
C ILE K 70 -21.04 -7.07 25.75
N ARG K 71 -20.57 -6.03 24.99
CA ARG K 71 -19.36 -5.25 25.20
C ARG K 71 -19.43 -4.41 26.46
N ARG K 72 -20.53 -3.67 26.77
CA ARG K 72 -20.56 -2.70 27.82
C ARG K 72 -21.30 -3.28 29.02
N GLU K 73 -21.98 -4.43 28.88
CA GLU K 73 -22.72 -5.07 29.90
C GLU K 73 -23.87 -4.15 30.28
N ARG K 74 -24.36 -3.44 29.18
CA ARG K 74 -25.45 -2.42 29.23
C ARG K 74 -26.21 -2.52 27.95
N LYS K 75 -27.53 -2.71 28.14
CA LYS K 75 -28.42 -2.72 27.00
C LYS K 75 -28.43 -1.43 26.28
N PRO K 76 -28.52 -1.37 25.00
CA PRO K 76 -28.49 -0.22 24.15
C PRO K 76 -29.60 0.70 24.35
N THR K 77 -29.55 1.94 23.79
CA THR K 77 -30.68 2.84 23.87
C THR K 77 -30.91 3.16 22.42
N VAL K 78 -32.10 3.75 22.11
CA VAL K 78 -32.65 4.02 20.83
C VAL K 78 -31.87 5.09 20.09
N ARG K 79 -31.44 6.09 20.85
CA ARG K 79 -30.51 7.12 20.41
C ARG K 79 -29.14 6.60 20.00
N ALA K 80 -28.68 5.59 20.81
CA ALA K 80 -27.41 4.94 20.43
C ALA K 80 -27.42 4.23 19.14
N ILE K 81 -28.49 3.45 18.84
CA ILE K 81 -28.65 2.73 17.64
C ILE K 81 -28.85 3.67 16.52
N ALA K 82 -29.59 4.76 16.73
CA ALA K 82 -29.91 5.69 15.66
C ALA K 82 -28.74 6.39 14.99
N THR K 83 -27.75 6.92 15.77
CA THR K 83 -26.64 7.70 15.31
C THR K 83 -25.61 6.69 14.84
N LEU K 84 -25.62 5.45 15.44
CA LEU K 84 -24.86 4.31 14.96
C LEU K 84 -25.19 4.00 13.50
N THR K 85 -26.51 4.05 13.17
CA THR K 85 -27.04 3.87 11.85
C THR K 85 -26.54 4.91 10.79
N SER K 86 -26.46 6.20 11.13
CA SER K 86 -26.12 7.34 10.27
C SER K 86 -24.68 7.16 9.81
N ASN K 87 -23.79 6.71 10.69
CA ASN K 87 -22.36 6.55 10.39
C ASN K 87 -22.16 5.46 9.40
N LEU K 88 -22.85 4.31 9.60
CA LEU K 88 -22.87 3.20 8.67
C LEU K 88 -23.41 3.68 7.34
N LEU K 89 -24.49 4.43 7.18
CA LEU K 89 -24.94 4.77 5.88
C LEU K 89 -24.01 5.53 5.03
N ASN K 90 -23.44 6.56 5.68
CA ASN K 90 -22.60 7.54 5.05
C ASN K 90 -21.34 6.84 4.68
N SER K 91 -20.88 5.79 5.36
CA SER K 91 -19.77 5.09 4.85
C SER K 91 -20.07 4.30 3.57
N TYR K 92 -21.24 3.52 3.64
CA TYR K 92 -21.75 2.54 2.62
C TYR K 92 -22.54 3.20 1.53
N ARG K 93 -22.33 4.53 1.14
CA ARG K 93 -23.14 5.27 0.14
C ARG K 93 -22.41 5.20 -1.20
N TYR K 94 -21.21 4.60 -1.27
CA TYR K 94 -20.54 4.22 -2.46
C TYR K 94 -21.20 3.06 -3.10
N PHE K 95 -21.62 2.08 -2.24
CA PHE K 95 -22.45 0.95 -2.65
C PHE K 95 -23.85 1.45 -3.05
N PRO K 96 -24.62 0.78 -3.87
CA PRO K 96 -25.95 1.21 -4.23
C PRO K 96 -26.87 1.07 -3.07
N TYR K 97 -27.66 2.18 -2.70
CA TYR K 97 -28.72 2.04 -1.57
C TYR K 97 -29.62 3.25 -1.66
N LEU K 98 -30.85 3.00 -1.19
CA LEU K 98 -31.86 4.00 -1.03
C LEU K 98 -32.80 3.27 -0.12
N VAL K 99 -32.90 3.80 1.10
CA VAL K 99 -33.82 3.37 2.09
C VAL K 99 -33.96 4.45 3.11
N GLN K 100 -35.17 4.68 3.71
CA GLN K 100 -35.41 5.63 4.74
C GLN K 100 -35.61 4.65 5.88
N LEU K 101 -34.99 4.91 7.09
CA LEU K 101 -34.83 3.96 8.10
C LEU K 101 -35.55 4.49 9.31
N LEU K 102 -36.33 3.63 9.98
CA LEU K 102 -36.94 3.97 11.22
C LEU K 102 -36.40 3.01 12.22
N ILE K 103 -35.73 3.55 13.23
CA ILE K 103 -35.17 2.83 14.36
C ILE K 103 -36.06 3.32 15.53
N GLY K 104 -36.39 2.37 16.39
CA GLY K 104 -37.22 2.76 17.43
C GLY K 104 -37.15 1.57 18.37
N GLY K 105 -37.78 1.82 19.53
CA GLY K 105 -37.95 0.78 20.57
C GLY K 105 -38.13 1.48 21.94
N ILE K 106 -37.77 0.79 23.04
CA ILE K 106 -37.92 1.21 24.38
C ILE K 106 -36.58 1.04 25.05
N ASP K 107 -36.29 2.02 25.98
CA ASP K 107 -35.05 2.22 26.62
C ASP K 107 -35.40 2.89 27.93
N SER K 108 -34.37 3.18 28.78
CA SER K 108 -34.34 3.75 30.14
C SER K 108 -34.69 5.16 30.09
N GLU K 109 -34.59 5.85 28.96
CA GLU K 109 -34.98 7.28 28.75
C GLU K 109 -36.38 7.43 28.32
N GLY K 110 -37.15 6.36 28.07
CA GLY K 110 -38.52 6.40 27.82
C GLY K 110 -38.75 5.58 26.59
N LYS K 111 -39.60 6.07 25.71
CA LYS K 111 -39.91 5.33 24.45
C LYS K 111 -39.64 6.34 23.46
N SER K 112 -39.32 5.96 22.19
CA SER K 112 -39.02 6.90 21.09
C SER K 112 -38.84 6.13 19.80
N ILE K 113 -38.97 6.83 18.68
CA ILE K 113 -38.76 6.38 17.29
C ILE K 113 -37.95 7.51 16.70
N TYR K 114 -36.81 7.22 16.06
CA TYR K 114 -35.86 8.15 15.53
C TYR K 114 -35.84 7.78 14.09
N SER K 115 -35.96 8.75 13.10
CA SER K 115 -35.90 8.52 11.75
C SER K 115 -34.50 8.78 11.35
N ILE K 116 -33.81 7.92 10.46
CA ILE K 116 -32.48 8.12 9.86
C ILE K 116 -32.67 8.16 8.41
N ASP K 117 -32.12 9.19 7.71
CA ASP K 117 -32.30 9.44 6.29
C ASP K 117 -31.02 8.92 5.57
N PRO K 118 -30.99 8.59 4.22
CA PRO K 118 -29.81 7.95 3.56
C PRO K 118 -28.88 9.12 3.12
N ILE K 119 -29.38 10.36 3.40
CA ILE K 119 -28.66 11.57 2.98
C ILE K 119 -27.79 11.98 4.13
N GLY K 120 -28.22 11.57 5.36
CA GLY K 120 -27.43 12.06 6.44
C GLY K 120 -27.93 11.62 7.81
N GLY K 121 -28.16 12.57 8.74
CA GLY K 121 -28.38 12.37 10.16
C GLY K 121 -29.49 11.62 10.70
N ALA K 122 -29.49 11.64 12.08
CA ALA K 122 -30.57 11.00 12.83
C ALA K 122 -31.31 12.12 13.52
N ILE K 123 -32.57 12.23 13.14
CA ILE K 123 -33.42 13.21 13.75
C ILE K 123 -34.13 12.46 14.90
N GLU K 124 -34.57 13.17 15.94
CA GLU K 124 -35.56 12.59 16.75
C GLU K 124 -36.98 13.12 16.41
N GLU K 125 -37.79 12.21 15.72
CA GLU K 125 -39.19 12.32 15.40
C GLU K 125 -39.83 11.91 16.72
N LYS K 126 -40.45 12.95 17.36
CA LYS K 126 -40.94 12.96 18.77
C LYS K 126 -41.84 11.91 18.96
N ASP K 127 -42.87 11.81 18.02
CA ASP K 127 -43.99 10.89 18.25
C ASP K 127 -44.71 10.64 16.93
N ILE K 128 -44.20 11.30 15.88
CA ILE K 128 -44.95 11.28 14.64
C ILE K 128 -43.99 11.10 13.53
N VAL K 129 -44.24 10.10 12.64
CA VAL K 129 -43.29 9.89 11.59
C VAL K 129 -43.99 9.29 10.44
N ALA K 130 -43.64 9.77 9.25
CA ALA K 130 -43.98 9.26 7.92
C ALA K 130 -42.98 9.74 6.98
N THR K 131 -42.87 9.08 5.76
CA THR K 131 -41.71 8.35 5.20
C THR K 131 -42.39 7.50 4.22
N GLY K 132 -42.05 7.69 2.96
CA GLY K 132 -42.41 6.85 1.85
C GLY K 132 -42.83 7.67 0.73
N SER K 133 -43.91 7.16 0.09
CA SER K 133 -44.54 7.74 -1.06
C SER K 133 -46.03 7.87 -0.88
N GLY K 134 -46.50 6.99 0.01
CA GLY K 134 -47.92 6.93 0.35
C GLY K 134 -48.11 7.84 1.58
N SER K 135 -47.05 8.48 1.96
CA SER K 135 -46.95 9.27 3.11
C SER K 135 -47.80 10.43 3.30
N LEU K 136 -48.17 11.07 2.18
CA LEU K 136 -48.97 12.31 2.22
C LEU K 136 -50.37 11.94 2.81
N THR K 137 -50.97 10.83 2.33
CA THR K 137 -52.30 10.36 2.69
C THR K 137 -52.23 9.87 4.14
N ALA K 138 -51.09 9.18 4.49
CA ALA K 138 -51.03 8.51 5.76
C ALA K 138 -50.96 9.46 6.89
N TYR K 139 -50.18 10.58 6.61
CA TYR K 139 -49.99 11.69 7.47
C TYR K 139 -51.27 12.47 7.71
N GLY K 140 -52.23 12.68 6.69
CA GLY K 140 -53.48 13.38 6.88
C GLY K 140 -54.44 12.88 8.00
N VAL K 141 -54.81 11.59 7.95
CA VAL K 141 -55.55 10.93 8.99
C VAL K 141 -54.75 10.72 10.24
N LEU K 142 -53.35 10.67 10.14
CA LEU K 142 -52.54 10.48 11.37
C LEU K 142 -52.68 11.63 12.35
N GLU K 143 -52.62 12.86 11.90
CA GLU K 143 -52.52 14.01 12.81
C GLU K 143 -53.81 14.37 13.46
N ASP K 144 -54.99 14.05 12.87
CA ASP K 144 -56.18 14.35 13.56
C ASP K 144 -56.38 13.34 14.66
N ARG K 145 -56.09 11.95 14.50
CA ARG K 145 -56.37 10.82 15.38
C ARG K 145 -55.14 10.42 16.21
N PHE K 146 -54.13 11.28 16.29
CA PHE K 146 -53.05 11.17 17.15
C PHE K 146 -53.32 11.89 18.47
N THR K 147 -53.01 11.16 19.51
CA THR K 147 -52.97 11.85 20.77
C THR K 147 -51.65 11.54 21.42
N PRO K 148 -51.10 12.38 22.28
CA PRO K 148 -49.87 12.01 22.98
C PRO K 148 -50.17 10.96 24.07
N GLU K 149 -51.44 10.78 24.44
CA GLU K 149 -51.97 10.02 25.60
C GLU K 149 -52.40 8.79 25.04
N ILE K 150 -51.96 8.36 23.86
CA ILE K 150 -52.34 7.18 23.12
C ILE K 150 -51.93 5.97 23.77
N GLY K 151 -52.67 4.85 23.51
CA GLY K 151 -52.34 3.56 24.07
C GLY K 151 -52.21 2.73 22.83
N VAL K 152 -51.69 1.45 23.07
CA VAL K 152 -51.21 0.47 22.18
C VAL K 152 -52.37 -0.10 21.43
N ASP K 153 -53.64 -0.19 22.05
CA ASP K 153 -54.90 -0.61 21.47
C ASP K 153 -55.37 0.33 20.45
N GLU K 154 -55.17 1.63 20.75
CA GLU K 154 -55.56 2.71 19.87
C GLU K 154 -54.56 2.85 18.73
N ALA K 155 -53.29 2.52 19.02
CA ALA K 155 -52.16 2.68 18.11
C ALA K 155 -52.18 1.63 17.04
N VAL K 156 -52.57 0.38 17.34
CA VAL K 156 -52.65 -0.63 16.29
C VAL K 156 -53.71 -0.23 15.28
N GLU K 157 -54.83 0.36 15.72
CA GLU K 157 -55.95 0.82 14.88
C GLU K 157 -55.52 1.96 13.96
N LEU K 158 -54.73 2.90 14.53
CA LEU K 158 -54.25 4.11 13.77
C LEU K 158 -53.23 3.73 12.69
N ALA K 159 -52.28 2.83 13.01
CA ALA K 159 -51.20 2.45 12.15
C ALA K 159 -51.71 1.72 10.89
N VAL K 160 -52.68 0.76 11.13
CA VAL K 160 -53.35 0.01 10.04
C VAL K 160 -54.16 0.94 9.12
N ARG K 161 -54.95 1.85 9.74
CA ARG K 161 -55.79 2.79 9.11
C ARG K 161 -55.06 3.82 8.23
N ALA K 162 -53.99 4.42 8.74
CA ALA K 162 -53.12 5.33 8.06
C ALA K 162 -52.51 4.79 6.82
N ILE K 163 -51.98 3.47 6.85
CA ILE K 163 -51.40 2.81 5.71
C ILE K 163 -52.52 2.42 4.72
N TYR K 164 -53.73 2.15 5.31
CA TYR K 164 -54.86 1.73 4.52
C TYR K 164 -55.40 2.81 3.67
N SER K 165 -55.41 4.08 4.16
CA SER K 165 -55.77 5.22 3.42
C SER K 165 -54.86 5.44 2.20
N ALA K 166 -53.52 5.24 2.35
CA ALA K 166 -52.54 5.27 1.39
C ALA K 166 -52.53 4.14 0.42
N MET K 167 -53.05 2.99 0.78
CA MET K 167 -53.11 1.79 -0.04
C MET K 167 -54.14 2.03 -1.18
N LYS K 168 -55.09 2.97 -0.98
CA LYS K 168 -56.08 3.19 -1.98
C LYS K 168 -55.67 4.31 -2.89
N ARG K 169 -54.50 4.92 -2.60
CA ARG K 169 -53.82 5.83 -3.49
C ARG K 169 -52.47 5.34 -3.96
N ASP K 170 -52.13 4.10 -3.60
CA ASP K 170 -50.99 3.37 -4.01
C ASP K 170 -51.43 2.03 -4.67
N SER K 171 -50.96 1.77 -5.92
CA SER K 171 -51.07 0.51 -6.58
C SER K 171 -49.77 -0.27 -6.34
N ALA K 172 -48.98 0.10 -5.33
CA ALA K 172 -47.63 -0.35 -5.12
C ALA K 172 -47.55 -0.80 -3.76
N SER K 173 -48.75 -0.82 -3.08
CA SER K 173 -48.94 -1.29 -1.75
C SER K 173 -49.71 -2.59 -1.86
N GLY K 174 -49.18 -3.76 -1.46
CA GLY K 174 -49.86 -4.99 -1.55
C GLY K 174 -50.77 -5.18 -0.41
N ASP K 175 -51.40 -6.36 -0.41
CA ASP K 175 -52.43 -6.59 0.60
C ASP K 175 -51.64 -7.14 1.81
N GLY K 176 -52.14 -6.81 3.02
CA GLY K 176 -51.44 -7.26 4.18
C GLY K 176 -50.52 -6.20 4.69
N ILE K 177 -50.61 -6.05 6.00
CA ILE K 177 -49.96 -5.11 6.92
C ILE K 177 -49.48 -6.01 8.06
N ASP K 178 -48.25 -5.70 8.53
CA ASP K 178 -47.74 -6.21 9.82
C ASP K 178 -47.49 -5.04 10.71
N VAL K 179 -47.68 -5.24 11.99
CA VAL K 179 -47.49 -4.13 12.97
C VAL K 179 -46.68 -4.81 14.09
N VAL K 180 -45.97 -4.07 14.94
CA VAL K 180 -45.04 -4.62 15.88
C VAL K 180 -45.22 -3.89 17.16
N LYS K 181 -45.29 -4.58 18.29
CA LYS K 181 -45.59 -4.10 19.53
C LYS K 181 -44.41 -4.34 20.38
N ILE K 182 -43.92 -3.28 21.07
CA ILE K 182 -43.08 -3.50 22.18
C ILE K 182 -43.71 -2.85 23.42
N THR K 183 -44.15 -3.66 24.38
CA THR K 183 -45.02 -3.25 25.48
C THR K 183 -44.11 -3.31 26.74
N GLU K 184 -42.82 -3.74 26.59
CA GLU K 184 -41.79 -3.71 27.59
C GLU K 184 -41.85 -4.93 28.45
N ASP K 185 -42.59 -5.93 27.93
CA ASP K 185 -42.81 -7.21 28.62
C ASP K 185 -43.09 -8.24 27.63
N GLU K 186 -43.24 -7.79 26.32
CA GLU K 186 -43.65 -8.64 25.24
C GLU K 186 -43.07 -7.91 24.07
N PHE K 187 -42.68 -8.66 22.97
CA PHE K 187 -42.08 -8.30 21.69
C PHE K 187 -43.00 -9.06 20.85
N TYR K 188 -44.11 -8.48 20.42
CA TYR K 188 -45.20 -9.20 19.78
C TYR K 188 -45.17 -8.86 18.32
N GLN K 189 -45.48 -9.86 17.49
CA GLN K 189 -45.72 -9.77 16.12
C GLN K 189 -47.06 -10.37 15.81
N TYR K 190 -47.99 -9.44 15.33
CA TYR K 190 -49.41 -9.82 15.17
C TYR K 190 -49.61 -10.83 14.02
N SER K 191 -48.73 -10.81 12.98
CA SER K 191 -48.70 -11.85 11.92
C SER K 191 -49.83 -11.63 10.92
N PRO K 192 -49.67 -12.03 9.67
CA PRO K 192 -50.68 -11.84 8.61
C PRO K 192 -52.11 -12.03 8.98
N GLU K 193 -52.43 -13.13 9.62
CA GLU K 193 -53.73 -13.44 10.10
C GLU K 193 -54.39 -12.35 10.94
N GLU K 194 -53.78 -11.91 12.03
CA GLU K 194 -54.36 -11.05 13.07
C GLU K 194 -54.54 -9.65 12.66
N VAL K 195 -53.62 -9.12 11.78
CA VAL K 195 -53.70 -7.75 11.30
C VAL K 195 -54.72 -7.59 10.29
N GLU K 196 -54.93 -8.65 9.45
CA GLU K 196 -55.93 -8.70 8.45
C GLU K 196 -57.30 -8.41 9.01
N GLN K 197 -57.58 -8.80 10.25
CA GLN K 197 -58.89 -8.49 10.81
C GLN K 197 -59.00 -7.03 11.19
N ILE K 198 -57.83 -6.40 11.48
CA ILE K 198 -57.85 -5.01 11.95
C ILE K 198 -58.12 -4.13 10.76
N LEU K 199 -57.88 -4.65 9.53
CA LEU K 199 -58.12 -3.93 8.25
C LEU K 199 -59.39 -4.50 7.67
N ALA K 200 -59.93 -5.54 8.28
CA ALA K 200 -61.24 -6.04 8.00
C ALA K 200 -62.26 -5.57 8.95
N LYS K 201 -61.99 -4.41 9.57
CA LYS K 201 -62.99 -3.59 10.20
C LYS K 201 -63.41 -2.55 9.22
N PHE K 202 -62.65 -2.40 8.04
CA PHE K 202 -62.94 -1.40 7.04
C PHE K 202 -63.89 -2.10 6.10
N ARG K 203 -63.41 -2.38 4.85
CA ARG K 203 -64.18 -2.82 3.75
C ARG K 203 -63.75 -4.16 3.45
N LYS K 204 -62.45 -4.53 3.82
CA LYS K 204 -61.96 -5.91 3.66
C LYS K 204 -62.61 -6.83 4.71
N THR L 3 -37.21 -15.71 -18.09
CA THR L 3 -36.48 -16.82 -17.38
C THR L 3 -37.09 -16.86 -16.03
N THR L 4 -37.49 -18.05 -15.53
CA THR L 4 -38.25 -18.28 -14.31
C THR L 4 -38.02 -19.58 -13.69
N THR L 5 -38.29 -19.69 -12.38
CA THR L 5 -38.08 -20.86 -11.49
C THR L 5 -39.18 -20.95 -10.49
N VAL L 6 -39.43 -22.15 -9.88
CA VAL L 6 -40.38 -22.38 -8.84
C VAL L 6 -39.92 -23.30 -7.72
N GLY L 7 -40.56 -23.26 -6.53
CA GLY L 7 -40.15 -23.97 -5.39
C GLY L 7 -41.41 -24.20 -4.50
N LEU L 8 -41.41 -25.31 -3.79
CA LEU L 8 -42.31 -25.52 -2.70
C LEU L 8 -41.63 -26.32 -1.56
N VAL L 9 -41.80 -25.91 -0.28
CA VAL L 9 -41.22 -26.55 0.89
C VAL L 9 -42.18 -27.63 1.21
N CYS L 10 -41.63 -28.76 1.47
CA CYS L 10 -42.34 -29.99 1.79
C CYS L 10 -42.01 -30.43 3.19
N LYS L 11 -42.77 -31.41 3.68
CA LYS L 11 -42.62 -31.78 5.07
C LYS L 11 -41.58 -32.89 5.17
N ASP L 12 -41.03 -33.37 4.02
CA ASP L 12 -40.28 -34.60 3.85
C ASP L 12 -39.31 -34.30 2.69
N GLY L 13 -39.02 -33.01 2.43
CA GLY L 13 -38.04 -32.62 1.51
C GLY L 13 -38.24 -31.25 1.10
N VAL L 14 -37.59 -30.90 -0.04
CA VAL L 14 -37.57 -29.57 -0.63
C VAL L 14 -37.58 -29.85 -2.13
N VAL L 15 -38.49 -29.16 -2.79
CA VAL L 15 -38.77 -29.38 -4.19
C VAL L 15 -38.58 -28.06 -4.77
N MET L 16 -37.92 -28.08 -5.90
CA MET L 16 -37.70 -26.87 -6.66
C MET L 16 -37.57 -27.42 -8.10
N ALA L 17 -37.82 -26.52 -9.11
CA ALA L 17 -37.71 -26.81 -10.54
C ALA L 17 -37.24 -25.64 -11.29
N THR L 18 -36.56 -25.85 -12.41
CA THR L 18 -35.90 -24.91 -13.32
C THR L 18 -36.26 -25.30 -14.72
N GLU L 19 -35.87 -24.35 -15.58
CA GLU L 19 -35.88 -24.51 -17.02
C GLU L 19 -34.53 -24.92 -17.50
N LYS L 20 -34.59 -25.98 -18.39
CA LYS L 20 -33.43 -26.49 -18.98
C LYS L 20 -32.75 -25.55 -19.88
N ARG L 21 -33.61 -24.85 -20.69
CA ARG L 21 -33.19 -24.03 -21.85
C ARG L 21 -33.62 -22.69 -21.35
N ALA L 22 -32.80 -21.62 -21.58
CA ALA L 22 -33.00 -20.22 -21.23
C ALA L 22 -34.11 -19.66 -22.14
N THR L 23 -34.74 -18.49 -21.60
CA THR L 23 -35.86 -17.93 -22.36
C THR L 23 -35.31 -16.68 -22.96
N MET L 24 -35.41 -16.56 -24.34
CA MET L 24 -35.11 -15.28 -24.99
C MET L 24 -36.13 -15.14 -26.10
N GLY L 25 -36.90 -16.25 -26.36
CA GLY L 25 -37.90 -16.24 -27.30
C GLY L 25 -37.40 -16.41 -28.73
N ASN L 26 -36.11 -16.68 -29.02
CA ASN L 26 -35.70 -17.08 -30.38
C ASN L 26 -34.41 -17.86 -30.21
N PHE L 27 -33.73 -17.83 -28.99
CA PHE L 27 -32.44 -18.51 -28.84
C PHE L 27 -32.42 -19.17 -27.51
N ILE L 28 -31.42 -20.05 -27.25
CA ILE L 28 -31.20 -20.70 -25.97
C ILE L 28 -29.71 -20.56 -25.70
N ALA L 29 -29.21 -20.88 -24.45
CA ALA L 29 -27.83 -20.72 -24.09
C ALA L 29 -26.94 -21.61 -24.86
N SER L 30 -27.38 -22.89 -24.89
CA SER L 30 -26.65 -23.88 -25.53
C SER L 30 -27.66 -25.00 -25.72
N LYS L 31 -27.27 -26.04 -26.48
CA LYS L 31 -28.13 -27.11 -26.86
C LYS L 31 -28.56 -27.97 -25.68
N ALA L 32 -27.61 -27.99 -24.69
CA ALA L 32 -27.80 -28.59 -23.30
C ALA L 32 -27.12 -27.72 -22.30
N ALA L 33 -27.97 -27.23 -21.28
CA ALA L 33 -27.56 -26.28 -20.27
C ALA L 33 -28.20 -26.72 -19.00
N LYS L 34 -27.84 -26.18 -17.78
CA LYS L 34 -28.22 -26.68 -16.46
C LYS L 34 -28.30 -25.47 -15.66
N LYS L 35 -29.34 -25.37 -14.86
CA LYS L 35 -29.67 -24.21 -14.05
C LYS L 35 -29.93 -24.62 -12.64
N ILE L 36 -29.84 -25.95 -12.45
CA ILE L 36 -30.01 -26.51 -11.16
C ILE L 36 -28.67 -26.97 -10.78
N TYR L 37 -28.06 -26.35 -9.73
CA TYR L 37 -26.68 -26.72 -9.42
C TYR L 37 -26.79 -27.31 -8.07
N GLN L 38 -26.02 -28.34 -7.73
CA GLN L 38 -25.97 -28.95 -6.39
C GLN L 38 -24.96 -28.31 -5.52
N ILE L 39 -25.41 -27.62 -4.49
CA ILE L 39 -24.56 -26.98 -3.54
C ILE L 39 -23.91 -27.86 -2.50
N ALA L 40 -24.70 -28.84 -1.99
CA ALA L 40 -24.13 -29.80 -1.10
C ALA L 40 -25.06 -31.00 -1.21
N ASP L 41 -24.81 -31.94 -0.23
CA ASP L 41 -25.35 -33.23 -0.09
C ASP L 41 -26.85 -33.20 -0.19
N ARG L 42 -27.58 -32.28 0.54
CA ARG L 42 -29.06 -32.31 0.63
C ARG L 42 -29.56 -30.94 0.38
N MET L 43 -28.79 -30.20 -0.47
CA MET L 43 -28.99 -28.79 -0.74
C MET L 43 -28.77 -28.55 -2.20
N ALA L 44 -29.76 -27.91 -2.93
CA ALA L 44 -29.66 -27.53 -4.31
C ALA L 44 -29.88 -26.03 -4.39
N MET L 45 -29.69 -25.54 -5.64
CA MET L 45 -29.82 -24.18 -5.98
C MET L 45 -30.47 -24.17 -7.27
N THR L 46 -31.62 -23.35 -7.42
CA THR L 46 -32.35 -23.19 -8.67
C THR L 46 -32.25 -21.73 -8.98
N THR L 47 -31.85 -21.40 -10.26
CA THR L 47 -31.40 -20.03 -10.56
C THR L 47 -32.21 -19.38 -11.61
N ALA L 48 -32.39 -18.06 -11.55
CA ALA L 48 -33.14 -17.35 -12.52
C ALA L 48 -32.20 -16.23 -12.93
N GLY L 49 -32.20 -15.88 -14.21
CA GLY L 49 -31.42 -14.78 -14.77
C GLY L 49 -30.38 -15.48 -15.66
N SER L 50 -29.20 -14.84 -15.84
CA SER L 50 -28.03 -15.32 -16.59
C SER L 50 -27.60 -16.67 -15.98
N VAL L 51 -27.11 -17.54 -16.85
CA VAL L 51 -26.53 -18.84 -16.47
C VAL L 51 -25.10 -18.64 -16.03
N GLY L 52 -24.38 -17.65 -16.72
CA GLY L 52 -23.11 -17.24 -16.30
C GLY L 52 -22.88 -16.75 -14.87
N ASP L 53 -23.75 -15.83 -14.37
CA ASP L 53 -23.65 -15.24 -13.05
C ASP L 53 -23.95 -16.33 -12.04
N ALA L 54 -25.05 -17.11 -12.30
CA ALA L 54 -25.53 -18.04 -11.33
C ALA L 54 -24.57 -19.22 -11.06
N GLN L 55 -23.92 -19.85 -12.07
CA GLN L 55 -23.06 -21.04 -11.98
C GLN L 55 -21.80 -20.71 -11.27
N PHE L 56 -21.21 -19.48 -11.46
CA PHE L 56 -20.01 -18.96 -10.77
C PHE L 56 -20.26 -18.84 -9.31
N LEU L 57 -21.43 -18.29 -8.97
CA LEU L 57 -21.81 -18.01 -7.63
C LEU L 57 -22.04 -19.29 -6.87
N ALA L 58 -22.63 -20.24 -7.56
CA ALA L 58 -22.92 -21.64 -7.05
C ALA L 58 -21.63 -22.34 -6.73
N ARG L 59 -20.53 -22.23 -7.53
CA ARG L 59 -19.34 -22.92 -7.20
C ARG L 59 -18.68 -22.47 -5.92
N ILE L 60 -18.64 -21.06 -5.63
CA ILE L 60 -18.09 -20.45 -4.45
C ILE L 60 -18.80 -20.95 -3.34
N ILE L 61 -20.15 -20.92 -3.42
CA ILE L 61 -21.03 -21.10 -2.31
C ILE L 61 -21.04 -22.60 -1.98
N LYS L 62 -20.94 -23.51 -3.02
CA LYS L 62 -20.73 -24.97 -2.88
C LYS L 62 -19.46 -25.16 -2.16
N ILE L 63 -18.34 -24.50 -2.49
CA ILE L 63 -17.06 -24.77 -1.87
C ILE L 63 -17.00 -24.41 -0.45
N GLU L 64 -17.56 -23.20 0.00
CA GLU L 64 -17.47 -22.75 1.33
C GLU L 64 -18.38 -23.52 2.24
N ALA L 65 -19.44 -24.04 1.57
CA ALA L 65 -20.49 -24.80 2.25
C ALA L 65 -19.92 -26.07 2.78
N ASN L 66 -19.13 -26.74 1.87
CA ASN L 66 -18.41 -27.98 2.12
C ASN L 66 -17.47 -27.79 3.22
N LEU L 67 -16.78 -26.66 3.16
CA LEU L 67 -15.73 -26.27 4.13
C LEU L 67 -16.27 -26.16 5.54
N TYR L 68 -17.45 -25.51 5.69
CA TYR L 68 -18.19 -25.36 6.97
C TYR L 68 -18.62 -26.67 7.57
N GLU L 69 -19.04 -27.68 6.77
CA GLU L 69 -19.42 -29.01 7.14
C GLU L 69 -18.17 -29.75 7.55
N ILE L 70 -16.97 -29.47 6.89
CA ILE L 70 -15.79 -30.12 7.32
C ILE L 70 -15.35 -29.63 8.71
N ARG L 71 -15.47 -28.30 8.96
CA ARG L 71 -14.94 -27.63 10.23
C ARG L 71 -15.67 -28.07 11.51
N ARG L 72 -16.97 -28.16 11.33
CA ARG L 72 -17.86 -28.41 12.39
C ARG L 72 -18.00 -29.79 12.76
N GLU L 73 -17.64 -30.62 11.82
CA GLU L 73 -17.75 -32.08 11.85
C GLU L 73 -19.20 -32.49 12.08
N ARG L 74 -20.11 -31.67 11.49
CA ARG L 74 -21.52 -31.75 11.65
C ARG L 74 -21.98 -30.99 10.42
N LYS L 75 -23.18 -31.29 9.79
CA LYS L 75 -23.86 -30.70 8.66
C LYS L 75 -24.10 -29.21 8.92
N PRO L 76 -23.97 -28.34 7.95
CA PRO L 76 -24.34 -26.97 8.12
C PRO L 76 -25.79 -26.75 7.79
N THR L 77 -26.45 -25.62 8.23
CA THR L 77 -27.84 -25.28 7.93
C THR L 77 -27.97 -24.43 6.72
N VAL L 78 -29.11 -24.57 5.97
CA VAL L 78 -29.40 -23.93 4.73
C VAL L 78 -29.40 -22.44 4.89
N ARG L 79 -29.85 -22.06 6.10
CA ARG L 79 -30.02 -20.70 6.57
C ARG L 79 -28.65 -19.98 6.46
N ALA L 80 -27.59 -20.66 6.85
CA ALA L 80 -26.28 -20.10 6.96
C ALA L 80 -25.80 -19.90 5.57
N ILE L 81 -26.18 -20.84 4.64
CA ILE L 81 -25.78 -20.82 3.26
C ILE L 81 -26.30 -19.61 2.55
N ALA L 82 -27.59 -19.36 2.80
CA ALA L 82 -28.48 -18.36 2.25
C ALA L 82 -27.92 -17.03 2.63
N THR L 83 -27.50 -16.95 3.86
CA THR L 83 -26.94 -15.70 4.46
C THR L 83 -25.59 -15.45 3.91
N LEU L 84 -24.77 -16.50 3.62
CA LEU L 84 -23.46 -16.32 3.08
C LEU L 84 -23.58 -15.77 1.76
N THR L 85 -24.61 -16.22 1.00
CA THR L 85 -24.87 -15.76 -0.35
C THR L 85 -25.24 -14.25 -0.30
N SER L 86 -25.99 -13.81 0.80
CA SER L 86 -26.28 -12.36 0.95
C SER L 86 -25.04 -11.51 1.09
N ASN L 87 -24.00 -12.03 1.82
CA ASN L 87 -22.77 -11.33 1.97
C ASN L 87 -22.05 -11.23 0.64
N LEU L 88 -21.99 -12.38 -0.10
CA LEU L 88 -21.31 -12.53 -1.32
C LEU L 88 -21.89 -11.64 -2.43
N LEU L 89 -23.22 -11.53 -2.49
CA LEU L 89 -23.95 -10.72 -3.42
C LEU L 89 -23.96 -9.30 -3.11
N ASN L 90 -23.58 -8.90 -1.92
CA ASN L 90 -23.26 -7.51 -1.60
C ASN L 90 -21.92 -7.04 -2.09
N SER L 91 -20.93 -7.98 -2.13
CA SER L 91 -19.64 -7.68 -2.73
C SER L 91 -19.87 -7.45 -4.21
N TYR L 92 -20.74 -8.31 -4.84
CA TYR L 92 -21.06 -8.38 -6.30
C TYR L 92 -22.29 -7.58 -6.53
N ARG L 93 -22.43 -6.45 -5.85
CA ARG L 93 -23.44 -5.42 -6.04
C ARG L 93 -22.64 -4.15 -6.25
N TYR L 94 -21.29 -4.16 -5.96
CA TYR L 94 -20.40 -3.02 -5.95
C TYR L 94 -20.18 -2.86 -7.43
N PHE L 95 -19.94 -4.04 -8.08
CA PHE L 95 -19.86 -4.25 -9.50
C PHE L 95 -21.11 -4.99 -9.71
N PRO L 96 -22.29 -4.52 -10.25
CA PRO L 96 -23.56 -5.32 -10.24
C PRO L 96 -23.48 -6.51 -11.18
N TYR L 97 -24.05 -7.59 -10.66
CA TYR L 97 -24.56 -8.73 -11.37
C TYR L 97 -26.00 -8.71 -11.03
N LEU L 98 -26.84 -9.10 -12.03
CA LEU L 98 -28.30 -9.18 -11.66
C LEU L 98 -28.78 -10.57 -11.97
N VAL L 99 -29.11 -11.27 -10.89
CA VAL L 99 -29.43 -12.66 -10.98
C VAL L 99 -30.08 -12.92 -9.60
N GLN L 100 -31.00 -13.89 -9.59
CA GLN L 100 -31.84 -14.22 -8.44
C GLN L 100 -31.57 -15.63 -8.18
N LEU L 101 -31.40 -15.99 -6.88
CA LEU L 101 -31.01 -17.32 -6.45
C LEU L 101 -32.02 -17.82 -5.48
N LEU L 102 -32.14 -19.16 -5.44
CA LEU L 102 -32.91 -19.79 -4.40
C LEU L 102 -32.01 -20.95 -3.95
N ILE L 103 -31.84 -21.10 -2.59
CA ILE L 103 -31.01 -22.05 -1.95
C ILE L 103 -32.03 -22.60 -1.09
N GLY L 104 -32.22 -23.95 -1.20
CA GLY L 104 -33.07 -24.70 -0.32
C GLY L 104 -32.57 -26.10 -0.04
N GLY L 105 -33.31 -26.73 0.91
CA GLY L 105 -32.86 -28.02 1.35
C GLY L 105 -33.36 -28.43 2.70
N ILE L 106 -32.62 -29.38 3.25
CA ILE L 106 -32.96 -30.03 4.50
C ILE L 106 -31.77 -29.68 5.35
N ASP L 107 -31.99 -29.42 6.68
CA ASP L 107 -30.95 -29.16 7.64
C ASP L 107 -31.55 -29.57 8.97
N SER L 108 -30.82 -29.38 10.04
CA SER L 108 -31.06 -29.74 11.38
C SER L 108 -32.13 -28.92 12.00
N GLU L 109 -32.47 -27.78 11.41
CA GLU L 109 -33.47 -26.86 11.97
C GLU L 109 -34.82 -27.01 11.27
N GLY L 110 -34.84 -27.83 10.20
CA GLY L 110 -36.01 -28.16 9.38
C GLY L 110 -35.65 -28.14 7.89
N LYS L 111 -36.69 -27.69 7.04
CA LYS L 111 -36.52 -27.45 5.65
C LYS L 111 -37.10 -26.13 5.35
N SER L 112 -36.50 -25.40 4.34
CA SER L 112 -37.05 -24.19 3.77
C SER L 112 -36.32 -23.93 2.53
N ILE L 113 -36.71 -22.84 1.81
CA ILE L 113 -36.20 -22.41 0.58
C ILE L 113 -36.00 -20.93 0.86
N TYR L 114 -34.83 -20.41 0.50
CA TYR L 114 -34.42 -19.09 0.86
C TYR L 114 -34.20 -18.40 -0.39
N SER L 115 -34.64 -17.16 -0.59
CA SER L 115 -34.60 -16.44 -1.85
C SER L 115 -33.62 -15.40 -1.45
N ILE L 116 -32.57 -15.29 -2.19
CA ILE L 116 -31.43 -14.51 -1.90
C ILE L 116 -31.28 -13.61 -3.11
N ASP L 117 -31.08 -12.31 -2.82
CA ASP L 117 -31.28 -11.30 -3.85
C ASP L 117 -29.98 -10.58 -3.99
N PRO L 118 -29.68 -9.97 -5.18
CA PRO L 118 -28.38 -9.32 -5.38
C PRO L 118 -28.40 -7.99 -4.69
N ILE L 119 -29.57 -7.43 -4.24
CA ILE L 119 -29.75 -6.18 -3.50
C ILE L 119 -29.74 -6.44 -2.04
N GLY L 120 -29.37 -7.69 -1.64
CA GLY L 120 -29.22 -8.24 -0.26
C GLY L 120 -30.41 -8.99 0.30
N GLY L 121 -30.30 -9.42 1.60
CA GLY L 121 -31.24 -10.07 2.52
C GLY L 121 -31.60 -11.50 2.24
N ALA L 122 -32.28 -12.25 3.16
CA ALA L 122 -32.78 -13.51 2.89
C ALA L 122 -34.10 -13.56 3.52
N ILE L 123 -35.11 -14.06 2.73
CA ILE L 123 -36.45 -14.33 3.19
C ILE L 123 -36.49 -15.83 3.23
N GLU L 124 -36.52 -16.46 4.44
CA GLU L 124 -37.18 -17.71 4.72
C GLU L 124 -38.61 -17.79 4.26
N GLU L 125 -38.80 -18.48 3.14
CA GLU L 125 -40.09 -18.73 2.60
C GLU L 125 -40.71 -19.89 3.22
N LYS L 126 -41.87 -19.59 3.91
CA LYS L 126 -42.68 -20.45 4.68
C LYS L 126 -42.90 -21.83 4.04
N ASP L 127 -43.45 -21.90 2.81
CA ASP L 127 -43.66 -23.06 1.96
C ASP L 127 -43.95 -22.76 0.55
N ILE L 128 -44.23 -21.48 0.08
CA ILE L 128 -44.50 -21.16 -1.27
C ILE L 128 -43.49 -20.17 -1.68
N VAL L 129 -42.96 -20.34 -2.87
CA VAL L 129 -41.93 -19.45 -3.37
C VAL L 129 -41.66 -19.60 -4.85
N ALA L 130 -41.44 -18.52 -5.63
CA ALA L 130 -40.94 -18.52 -7.01
C ALA L 130 -39.98 -17.33 -7.20
N THR L 131 -39.10 -17.21 -8.23
CA THR L 131 -38.34 -15.98 -8.50
C THR L 131 -38.27 -15.95 -10.03
N GLY L 132 -38.01 -14.77 -10.60
CA GLY L 132 -37.93 -14.55 -12.03
C GLY L 132 -38.93 -13.45 -12.23
N SER L 133 -39.81 -13.59 -13.26
CA SER L 133 -40.58 -12.44 -13.63
C SER L 133 -41.87 -13.01 -14.13
N GLY L 134 -42.00 -14.40 -14.28
CA GLY L 134 -43.20 -15.14 -14.54
C GLY L 134 -43.76 -15.60 -13.21
N SER L 135 -43.20 -15.04 -12.10
CA SER L 135 -43.41 -15.27 -10.71
C SER L 135 -44.80 -15.08 -10.25
N LEU L 136 -45.59 -14.04 -10.76
CA LEU L 136 -46.95 -13.77 -10.34
C LEU L 136 -47.96 -14.90 -10.71
N THR L 137 -47.84 -15.47 -11.91
CA THR L 137 -48.67 -16.55 -12.38
C THR L 137 -48.30 -17.74 -11.62
N ALA L 138 -47.02 -17.92 -11.35
CA ALA L 138 -46.43 -19.06 -10.73
C ALA L 138 -46.82 -19.26 -9.36
N TYR L 139 -47.01 -18.14 -8.70
CA TYR L 139 -47.50 -17.96 -7.33
C TYR L 139 -48.91 -18.47 -7.26
N GLY L 140 -49.82 -18.07 -8.17
CA GLY L 140 -51.15 -18.51 -8.27
C GLY L 140 -51.35 -20.02 -8.32
N VAL L 141 -50.65 -20.71 -9.24
CA VAL L 141 -50.77 -22.14 -9.56
C VAL L 141 -50.41 -22.93 -8.34
N LEU L 142 -49.34 -22.45 -7.65
CA LEU L 142 -48.81 -23.10 -6.51
C LEU L 142 -49.77 -23.20 -5.24
N GLU L 143 -50.73 -22.27 -5.21
CA GLU L 143 -51.66 -22.38 -4.10
C GLU L 143 -52.76 -23.46 -4.32
N ASP L 144 -52.93 -23.92 -5.60
CA ASP L 144 -54.04 -24.65 -5.97
C ASP L 144 -54.12 -25.99 -5.28
N ARG L 145 -53.00 -26.81 -5.17
CA ARG L 145 -52.99 -28.11 -4.71
C ARG L 145 -52.28 -28.27 -3.39
N PHE L 146 -51.72 -27.11 -2.89
CA PHE L 146 -50.94 -27.12 -1.64
C PHE L 146 -51.75 -27.52 -0.44
N THR L 147 -51.27 -28.55 0.23
CA THR L 147 -52.03 -28.99 1.39
C THR L 147 -50.90 -29.45 2.35
N PRO L 148 -51.00 -29.53 3.73
CA PRO L 148 -49.85 -29.66 4.55
C PRO L 148 -49.34 -31.17 4.54
N GLU L 149 -50.12 -31.98 3.96
CA GLU L 149 -49.95 -33.36 3.86
C GLU L 149 -49.62 -33.70 2.42
N ILE L 150 -49.14 -32.67 1.62
CA ILE L 150 -48.63 -32.91 0.30
C ILE L 150 -47.21 -33.56 0.45
N GLY L 151 -46.91 -34.70 -0.14
CA GLY L 151 -45.57 -35.30 -0.11
C GLY L 151 -44.79 -34.84 -1.31
N VAL L 152 -43.53 -35.44 -1.40
CA VAL L 152 -42.60 -35.12 -2.44
C VAL L 152 -43.03 -35.44 -3.90
N ASP L 153 -43.74 -36.63 -4.08
CA ASP L 153 -44.15 -37.18 -5.37
C ASP L 153 -45.23 -36.34 -5.95
N GLU L 154 -46.04 -35.66 -5.11
CA GLU L 154 -47.15 -34.80 -5.47
C GLU L 154 -46.59 -33.36 -5.57
N ALA L 155 -45.41 -33.14 -4.91
CA ALA L 155 -44.80 -31.84 -4.93
C ALA L 155 -44.06 -31.57 -6.25
N VAL L 156 -43.50 -32.63 -6.88
CA VAL L 156 -42.94 -32.45 -8.20
C VAL L 156 -44.04 -32.15 -9.22
N GLU L 157 -45.29 -32.73 -9.03
CA GLU L 157 -46.38 -32.63 -9.98
C GLU L 157 -46.84 -31.26 -10.08
N LEU L 158 -46.95 -30.63 -8.88
CA LEU L 158 -47.27 -29.21 -8.69
C LEU L 158 -46.19 -28.24 -9.19
N ALA L 159 -44.87 -28.62 -8.98
CA ALA L 159 -43.77 -27.87 -9.43
C ALA L 159 -43.77 -27.75 -10.89
N VAL L 160 -44.12 -28.84 -11.68
CA VAL L 160 -44.24 -28.79 -13.16
C VAL L 160 -45.31 -27.80 -13.62
N ARG L 161 -46.53 -27.86 -12.98
CA ARG L 161 -47.62 -27.09 -13.29
C ARG L 161 -47.39 -25.65 -13.09
N ALA L 162 -46.62 -25.27 -12.07
CA ALA L 162 -46.25 -23.88 -11.87
C ALA L 162 -45.36 -23.26 -12.94
N ILE L 163 -44.42 -23.96 -13.44
CA ILE L 163 -43.47 -23.44 -14.37
C ILE L 163 -44.01 -23.59 -15.80
N TYR L 164 -45.11 -24.42 -15.96
CA TYR L 164 -45.87 -24.62 -17.25
C TYR L 164 -46.68 -23.38 -17.51
N SER L 165 -46.92 -22.57 -16.53
CA SER L 165 -47.61 -21.32 -16.65
C SER L 165 -46.88 -20.39 -17.63
N ALA L 166 -45.55 -20.34 -17.55
CA ALA L 166 -44.75 -19.46 -18.41
C ALA L 166 -44.63 -20.14 -19.77
N MET L 167 -44.38 -21.50 -19.77
CA MET L 167 -44.18 -22.28 -20.96
C MET L 167 -45.45 -22.47 -21.72
N LYS L 168 -46.62 -22.10 -21.25
CA LYS L 168 -47.94 -22.19 -21.82
C LYS L 168 -48.06 -21.24 -22.99
N ARG L 169 -47.45 -20.00 -22.88
CA ARG L 169 -47.72 -19.02 -23.88
C ARG L 169 -46.43 -18.53 -24.51
N ASP L 170 -45.31 -19.19 -24.13
CA ASP L 170 -43.96 -18.84 -24.62
C ASP L 170 -43.35 -20.21 -24.88
N SER L 171 -43.84 -20.93 -25.94
CA SER L 171 -43.74 -22.28 -26.33
C SER L 171 -42.38 -22.92 -26.54
N ALA L 172 -41.42 -22.05 -26.91
CA ALA L 172 -40.13 -22.59 -27.36
C ALA L 172 -39.30 -23.28 -26.21
N SER L 173 -39.44 -22.82 -25.00
CA SER L 173 -38.67 -23.39 -23.88
C SER L 173 -39.49 -24.37 -23.05
N GLY L 174 -40.70 -24.78 -23.64
CA GLY L 174 -41.58 -25.80 -23.18
C GLY L 174 -40.98 -27.18 -23.35
N ASP L 175 -39.78 -27.42 -24.04
CA ASP L 175 -39.28 -28.74 -24.21
C ASP L 175 -37.98 -28.59 -23.55
N GLY L 176 -37.65 -29.65 -22.82
CA GLY L 176 -36.54 -29.76 -21.92
C GLY L 176 -36.82 -28.94 -20.69
N ILE L 177 -36.91 -29.61 -19.49
CA ILE L 177 -37.27 -28.92 -18.25
C ILE L 177 -36.71 -29.81 -17.23
N ASP L 178 -36.23 -29.23 -16.04
CA ASP L 178 -35.75 -30.09 -14.99
C ASP L 178 -36.49 -29.81 -13.73
N VAL L 179 -36.51 -30.90 -12.91
CA VAL L 179 -37.15 -30.99 -11.64
C VAL L 179 -36.14 -31.67 -10.72
N VAL L 180 -35.92 -31.24 -9.46
CA VAL L 180 -35.07 -31.64 -8.40
C VAL L 180 -35.91 -31.78 -7.21
N LYS L 181 -35.73 -32.97 -6.61
CA LYS L 181 -36.34 -33.36 -5.38
C LYS L 181 -35.25 -33.99 -4.61
N ILE L 182 -35.56 -34.10 -3.27
CA ILE L 182 -34.59 -34.15 -2.17
C ILE L 182 -35.44 -34.69 -1.03
N THR L 183 -35.32 -36.07 -0.79
CA THR L 183 -36.28 -36.73 0.07
C THR L 183 -35.62 -37.06 1.34
N GLU L 184 -34.29 -36.87 1.60
CA GLU L 184 -33.55 -37.13 2.78
C GLU L 184 -33.09 -38.61 2.78
N ASP L 185 -32.88 -39.10 1.59
CA ASP L 185 -32.22 -40.34 1.42
C ASP L 185 -31.50 -40.26 0.07
N GLU L 186 -31.82 -39.21 -0.72
CA GLU L 186 -31.37 -39.02 -2.08
C GLU L 186 -31.39 -37.53 -2.24
N PHE L 187 -30.75 -37.26 -3.40
CA PHE L 187 -30.62 -36.00 -4.13
C PHE L 187 -30.77 -36.48 -5.49
N TYR L 188 -32.00 -36.37 -5.94
CA TYR L 188 -32.47 -36.94 -7.20
C TYR L 188 -32.83 -35.75 -8.08
N GLN L 189 -32.47 -35.90 -9.38
CA GLN L 189 -32.61 -34.94 -10.41
C GLN L 189 -33.22 -35.79 -11.43
N TYR L 190 -34.52 -35.59 -11.72
CA TYR L 190 -35.36 -36.37 -12.60
C TYR L 190 -34.92 -36.59 -14.07
N SER L 191 -34.21 -35.57 -14.70
CA SER L 191 -33.80 -35.54 -16.07
C SER L 191 -35.01 -35.18 -16.91
N PRO L 192 -34.75 -34.50 -18.05
CA PRO L 192 -35.82 -34.20 -18.99
C PRO L 192 -36.86 -35.17 -19.41
N GLU L 193 -36.46 -36.42 -19.76
CA GLU L 193 -37.35 -37.50 -20.24
C GLU L 193 -38.48 -37.81 -19.35
N GLU L 194 -38.22 -38.04 -18.04
CA GLU L 194 -39.18 -38.40 -17.05
C GLU L 194 -40.13 -37.22 -16.75
N VAL L 195 -39.68 -35.91 -16.76
CA VAL L 195 -40.41 -34.68 -16.59
C VAL L 195 -41.37 -34.47 -17.79
N GLU L 196 -40.87 -34.85 -19.02
CA GLU L 196 -41.48 -34.75 -20.28
C GLU L 196 -42.77 -35.55 -20.40
N GLN L 197 -42.87 -36.70 -19.70
CA GLN L 197 -44.01 -37.57 -19.73
C GLN L 197 -45.13 -37.01 -18.87
N ILE L 198 -44.78 -36.11 -17.90
CA ILE L 198 -45.84 -35.58 -17.05
C ILE L 198 -46.41 -34.42 -17.70
N LEU L 199 -45.62 -33.73 -18.52
CA LEU L 199 -46.09 -32.63 -19.29
C LEU L 199 -46.68 -33.15 -20.64
N ALA L 200 -46.57 -34.50 -20.88
CA ALA L 200 -47.19 -35.15 -21.98
C ALA L 200 -48.74 -35.10 -21.88
N LYS L 201 -49.22 -35.16 -20.68
CA LYS L 201 -50.64 -34.99 -20.26
C LYS L 201 -51.11 -33.52 -20.39
N PHE L 202 -50.16 -32.60 -20.34
CA PHE L 202 -50.55 -31.17 -20.53
C PHE L 202 -50.15 -30.78 -21.89
N ARG L 203 -49.69 -31.72 -22.73
CA ARG L 203 -49.39 -31.57 -24.10
C ARG L 203 -48.27 -30.55 -24.44
N LYS L 204 -48.73 -29.31 -24.50
CA LYS L 204 -47.91 -28.21 -24.89
C LYS L 204 -46.93 -27.82 -23.75
N THR M 3 -20.85 -14.76 -36.48
CA THR M 3 -19.69 -15.61 -36.03
C THR M 3 -20.15 -16.73 -35.15
N THR M 4 -19.76 -17.96 -35.52
CA THR M 4 -20.53 -19.14 -35.13
C THR M 4 -19.52 -20.24 -35.09
N THR M 5 -19.74 -21.03 -34.00
CA THR M 5 -18.98 -22.26 -33.74
C THR M 5 -19.90 -23.39 -33.46
N VAL M 6 -19.53 -24.69 -33.75
CA VAL M 6 -20.22 -25.88 -33.38
C VAL M 6 -19.25 -26.85 -32.75
N GLY M 7 -19.78 -27.97 -32.13
CA GLY M 7 -18.88 -28.93 -31.57
C GLY M 7 -19.64 -30.12 -31.29
N LEU M 8 -18.98 -31.28 -31.46
CA LEU M 8 -19.63 -32.54 -31.27
C LEU M 8 -18.61 -33.53 -30.83
N VAL M 9 -18.98 -34.45 -29.90
CA VAL M 9 -18.29 -35.70 -29.47
C VAL M 9 -18.76 -36.73 -30.44
N CYS M 10 -17.80 -37.57 -30.97
CA CYS M 10 -18.00 -38.69 -31.94
C CYS M 10 -18.28 -39.89 -31.04
N LYS M 11 -17.18 -40.73 -30.83
CA LYS M 11 -17.16 -41.82 -29.87
C LYS M 11 -15.70 -42.26 -29.78
N ASP M 12 -14.86 -41.59 -30.59
CA ASP M 12 -13.52 -42.03 -30.82
C ASP M 12 -12.75 -40.78 -31.12
N GLY M 13 -13.38 -39.63 -31.01
CA GLY M 13 -12.72 -38.37 -31.30
C GLY M 13 -13.62 -37.23 -30.83
N VAL M 14 -13.08 -36.03 -30.84
CA VAL M 14 -13.85 -34.79 -30.58
C VAL M 14 -13.58 -33.93 -31.78
N VAL M 15 -14.64 -33.34 -32.32
CA VAL M 15 -14.58 -32.52 -33.49
C VAL M 15 -15.16 -31.24 -33.03
N MET M 16 -14.55 -30.08 -33.32
CA MET M 16 -15.09 -28.79 -33.23
C MET M 16 -14.60 -28.13 -34.40
N ALA M 17 -15.41 -27.07 -34.74
CA ALA M 17 -15.22 -26.28 -35.93
C ALA M 17 -15.59 -24.84 -35.63
N THR M 18 -14.97 -23.96 -36.48
CA THR M 18 -14.88 -22.57 -36.47
C THR M 18 -14.84 -22.06 -37.92
N GLU M 19 -15.54 -20.95 -38.23
CA GLU M 19 -15.46 -20.22 -39.48
C GLU M 19 -14.34 -19.18 -39.30
N LYS M 20 -13.56 -19.10 -40.44
CA LYS M 20 -12.30 -18.34 -40.56
C LYS M 20 -12.56 -16.88 -40.62
N ARG M 21 -13.59 -16.40 -41.41
CA ARG M 21 -13.72 -14.96 -41.66
C ARG M 21 -14.14 -14.23 -40.40
N ALA M 22 -13.19 -13.40 -39.87
CA ALA M 22 -13.36 -12.35 -38.84
C ALA M 22 -12.86 -11.06 -39.55
N THR M 23 -13.60 -9.95 -39.42
CA THR M 23 -13.34 -8.69 -40.07
C THR M 23 -13.63 -7.79 -38.92
N MET M 24 -12.74 -6.77 -38.73
CA MET M 24 -12.99 -5.63 -37.88
C MET M 24 -12.56 -4.41 -38.64
N GLY M 25 -13.41 -3.48 -38.93
CA GLY M 25 -13.15 -2.28 -39.68
C GLY M 25 -12.85 -2.63 -41.10
N ASN M 26 -11.92 -1.93 -41.71
CA ASN M 26 -11.57 -2.22 -43.11
C ASN M 26 -10.27 -3.09 -43.10
N PHE M 27 -10.05 -3.87 -42.01
CA PHE M 27 -8.96 -4.85 -41.86
C PHE M 27 -9.63 -6.13 -41.74
N ILE M 28 -9.26 -7.16 -42.55
CA ILE M 28 -9.72 -8.51 -42.23
C ILE M 28 -8.62 -9.13 -41.36
N ALA M 29 -9.00 -9.44 -40.15
CA ALA M 29 -8.18 -10.02 -39.14
C ALA M 29 -7.86 -11.46 -39.41
N SER M 30 -8.83 -12.22 -39.90
CA SER M 30 -8.62 -13.56 -40.22
C SER M 30 -9.31 -13.82 -41.50
N LYS M 31 -8.52 -14.53 -42.35
CA LYS M 31 -8.81 -14.85 -43.74
C LYS M 31 -7.94 -15.95 -44.15
N ALA M 32 -7.00 -16.33 -43.26
CA ALA M 32 -5.88 -17.10 -43.60
C ALA M 32 -5.24 -17.59 -42.28
N ALA M 33 -5.93 -17.42 -41.16
CA ALA M 33 -5.38 -17.67 -39.85
C ALA M 33 -6.46 -18.26 -39.03
N LYS M 34 -6.01 -18.94 -38.04
CA LYS M 34 -6.76 -19.75 -37.12
C LYS M 34 -7.44 -18.78 -36.08
N LYS M 35 -8.45 -19.41 -35.53
CA LYS M 35 -9.27 -18.88 -34.46
C LYS M 35 -9.59 -20.09 -33.68
N ILE M 36 -8.58 -20.96 -33.57
CA ILE M 36 -8.68 -22.06 -32.70
C ILE M 36 -7.24 -22.11 -32.34
N TYR M 37 -6.90 -22.45 -31.09
CA TYR M 37 -5.61 -22.45 -30.55
C TYR M 37 -5.48 -23.66 -29.81
N GLN M 38 -4.24 -24.18 -29.63
CA GLN M 38 -4.03 -25.51 -29.07
C GLN M 38 -3.60 -25.38 -27.58
N ILE M 39 -4.37 -25.99 -26.62
CA ILE M 39 -4.09 -25.73 -25.18
C ILE M 39 -3.21 -26.76 -24.68
N ALA M 40 -3.46 -28.00 -25.16
CA ALA M 40 -2.58 -29.07 -24.69
C ALA M 40 -2.65 -30.07 -25.82
N ASP M 41 -1.93 -31.21 -25.66
CA ASP M 41 -1.73 -32.30 -26.61
C ASP M 41 -3.09 -32.75 -27.17
N ARG M 42 -4.17 -32.86 -26.38
CA ARG M 42 -5.45 -33.42 -26.81
C ARG M 42 -6.53 -32.51 -26.25
N MET M 43 -6.24 -31.17 -26.31
CA MET M 43 -7.13 -30.13 -25.90
C MET M 43 -7.08 -29.06 -26.92
N ALA M 44 -8.30 -28.55 -27.22
CA ALA M 44 -8.45 -27.51 -28.16
C ALA M 44 -9.37 -26.50 -27.57
N MET M 45 -9.41 -25.25 -28.13
CA MET M 45 -10.50 -24.34 -27.74
C MET M 45 -10.84 -23.59 -29.04
N THR M 46 -12.18 -23.56 -29.35
CA THR M 46 -12.70 -22.97 -30.55
C THR M 46 -13.47 -21.75 -29.99
N THR M 47 -13.56 -20.61 -30.67
CA THR M 47 -14.11 -19.33 -30.27
C THR M 47 -15.18 -18.74 -31.23
N ALA M 48 -16.22 -18.12 -30.74
CA ALA M 48 -17.03 -17.27 -31.61
C ALA M 48 -16.92 -15.90 -30.89
N GLY M 49 -16.39 -14.93 -31.65
CA GLY M 49 -15.85 -13.71 -31.05
C GLY M 49 -14.52 -13.42 -31.65
N SER M 50 -13.88 -12.24 -31.52
CA SER M 50 -12.69 -11.78 -32.23
C SER M 50 -11.43 -12.56 -32.18
N VAL M 51 -10.56 -12.46 -33.17
CA VAL M 51 -9.20 -13.06 -33.23
C VAL M 51 -8.25 -12.61 -32.13
N GLY M 52 -8.22 -11.24 -31.81
CA GLY M 52 -7.43 -10.62 -30.77
C GLY M 52 -7.72 -11.16 -29.38
N ASP M 53 -9.03 -11.18 -29.00
CA ASP M 53 -9.58 -11.55 -27.73
C ASP M 53 -9.35 -13.02 -27.58
N ALA M 54 -9.49 -13.81 -28.68
CA ALA M 54 -9.45 -15.26 -28.70
C ALA M 54 -8.09 -15.74 -28.48
N GLN M 55 -7.05 -15.29 -29.11
CA GLN M 55 -5.68 -15.76 -28.92
C GLN M 55 -5.06 -15.24 -27.62
N PHE M 56 -5.37 -14.00 -27.15
CA PHE M 56 -4.81 -13.51 -25.95
C PHE M 56 -5.26 -14.27 -24.74
N LEU M 57 -6.57 -14.67 -24.69
CA LEU M 57 -7.02 -15.49 -23.66
C LEU M 57 -6.49 -16.85 -23.71
N ALA M 58 -6.43 -17.36 -24.92
CA ALA M 58 -6.06 -18.74 -25.11
C ALA M 58 -4.77 -19.07 -24.77
N ARG M 59 -3.75 -18.14 -25.01
CA ARG M 59 -2.39 -18.21 -24.66
C ARG M 59 -2.18 -18.31 -23.22
N ILE M 60 -2.90 -17.56 -22.36
CA ILE M 60 -2.82 -17.67 -20.87
C ILE M 60 -3.19 -19.08 -20.46
N ILE M 61 -4.37 -19.56 -20.93
CA ILE M 61 -4.91 -20.81 -20.68
C ILE M 61 -3.99 -21.96 -21.14
N LYS M 62 -3.28 -21.91 -22.24
CA LYS M 62 -2.23 -22.86 -22.80
C LYS M 62 -0.97 -22.89 -21.93
N ILE M 63 -0.57 -21.70 -21.45
CA ILE M 63 0.60 -21.54 -20.60
C ILE M 63 0.34 -22.10 -19.20
N GLU M 64 -0.86 -21.90 -18.57
CA GLU M 64 -1.17 -22.50 -17.34
C GLU M 64 -1.58 -23.96 -17.35
N ALA M 65 -2.00 -24.41 -18.59
CA ALA M 65 -2.31 -25.80 -18.94
C ALA M 65 -1.12 -26.69 -18.95
N ASN M 66 -0.05 -26.12 -19.50
CA ASN M 66 1.34 -26.68 -19.59
C ASN M 66 1.90 -26.74 -18.14
N LEU M 67 1.72 -25.66 -17.33
CA LEU M 67 2.02 -25.59 -15.94
C LEU M 67 1.24 -26.69 -15.12
N TYR M 68 -0.06 -26.99 -15.38
CA TYR M 68 -0.86 -28.06 -14.89
C TYR M 68 -0.20 -29.41 -15.28
N GLU M 69 0.23 -29.54 -16.55
CA GLU M 69 0.67 -30.87 -17.00
C GLU M 69 1.93 -31.35 -16.33
N ILE M 70 2.92 -30.39 -16.30
CA ILE M 70 4.18 -30.59 -15.64
C ILE M 70 4.08 -30.62 -14.11
N ARG M 71 3.46 -29.61 -13.48
CA ARG M 71 3.47 -29.41 -12.06
C ARG M 71 2.75 -30.49 -11.27
N ARG M 72 1.63 -31.15 -11.73
CA ARG M 72 0.86 -32.04 -10.96
C ARG M 72 1.12 -33.43 -11.38
N GLU M 73 1.96 -33.58 -12.43
CA GLU M 73 2.45 -34.91 -12.84
C GLU M 73 1.30 -35.78 -13.26
N ARG M 74 0.32 -35.26 -14.06
CA ARG M 74 -0.88 -35.81 -14.53
C ARG M 74 -1.24 -35.02 -15.80
N LYS M 75 -2.26 -35.55 -16.54
CA LYS M 75 -2.86 -34.99 -17.76
C LYS M 75 -4.02 -34.09 -17.41
N PRO M 76 -4.19 -32.80 -17.86
CA PRO M 76 -5.47 -32.03 -17.76
C PRO M 76 -6.61 -32.68 -18.45
N THR M 77 -7.71 -32.70 -17.72
CA THR M 77 -8.90 -33.17 -18.22
C THR M 77 -9.57 -31.95 -18.80
N VAL M 78 -10.69 -32.23 -19.48
CA VAL M 78 -11.60 -31.23 -19.97
C VAL M 78 -12.21 -30.40 -18.88
N ARG M 79 -12.61 -31.05 -17.72
CA ARG M 79 -13.21 -30.27 -16.66
C ARG M 79 -12.28 -29.31 -16.05
N ALA M 80 -10.95 -29.64 -15.94
CA ALA M 80 -9.96 -28.78 -15.47
C ALA M 80 -9.70 -27.49 -16.18
N ILE M 81 -9.51 -27.51 -17.53
CA ILE M 81 -9.21 -26.39 -18.34
C ILE M 81 -10.46 -25.50 -18.33
N ALA M 82 -11.64 -26.13 -18.40
CA ALA M 82 -12.92 -25.48 -18.58
C ALA M 82 -13.25 -24.54 -17.45
N THR M 83 -13.08 -25.17 -16.23
CA THR M 83 -13.34 -24.39 -14.98
C THR M 83 -12.41 -23.26 -14.76
N LEU M 84 -11.13 -23.50 -15.16
CA LEU M 84 -10.05 -22.49 -15.01
C LEU M 84 -10.28 -21.21 -15.79
N THR M 85 -10.75 -21.50 -17.04
CA THR M 85 -11.07 -20.50 -17.99
C THR M 85 -12.23 -19.60 -17.46
N SER M 86 -13.21 -20.20 -16.85
CA SER M 86 -14.42 -19.51 -16.26
C SER M 86 -14.03 -18.44 -15.25
N ASN M 87 -13.08 -18.88 -14.32
CA ASN M 87 -12.64 -18.02 -13.21
C ASN M 87 -11.85 -16.90 -13.85
N LEU M 88 -11.02 -17.13 -14.84
CA LEU M 88 -10.38 -16.10 -15.68
C LEU M 88 -11.23 -15.11 -16.44
N LEU M 89 -12.33 -15.59 -17.01
CA LEU M 89 -13.38 -14.76 -17.62
C LEU M 89 -14.03 -13.80 -16.63
N ASN M 90 -14.06 -14.13 -15.34
CA ASN M 90 -14.37 -13.19 -14.29
C ASN M 90 -13.39 -12.08 -14.16
N SER M 91 -12.05 -12.34 -14.35
CA SER M 91 -11.03 -11.41 -13.97
C SER M 91 -11.07 -10.06 -14.68
N TYR M 92 -11.04 -10.13 -16.01
CA TYR M 92 -11.22 -8.91 -16.73
C TYR M 92 -12.70 -8.74 -17.09
N ARG M 93 -13.27 -7.57 -16.93
CA ARG M 93 -14.65 -7.31 -17.07
C ARG M 93 -14.84 -5.83 -17.33
N TYR M 94 -13.76 -5.00 -17.36
CA TYR M 94 -13.65 -3.54 -17.48
C TYR M 94 -13.64 -3.28 -18.94
N PHE M 95 -12.79 -4.06 -19.61
CA PHE M 95 -12.58 -3.90 -21.04
C PHE M 95 -13.22 -5.11 -21.66
N PRO M 96 -13.72 -5.16 -22.86
CA PRO M 96 -14.39 -6.31 -23.40
C PRO M 96 -13.67 -7.63 -23.35
N TYR M 97 -14.32 -8.71 -22.77
CA TYR M 97 -13.79 -10.01 -22.68
C TYR M 97 -15.05 -10.94 -22.72
N LEU M 98 -16.17 -10.49 -23.39
CA LEU M 98 -17.39 -11.22 -23.49
C LEU M 98 -17.17 -12.01 -24.72
N VAL M 99 -17.32 -13.32 -24.48
CA VAL M 99 -17.03 -14.19 -25.62
C VAL M 99 -17.65 -15.57 -25.32
N GLN M 100 -17.74 -16.41 -26.38
CA GLN M 100 -18.29 -17.76 -26.39
C GLN M 100 -17.30 -18.75 -26.70
N LEU M 101 -17.00 -19.70 -25.70
CA LEU M 101 -15.82 -20.50 -25.74
C LEU M 101 -16.34 -21.91 -25.74
N LEU M 102 -15.71 -22.83 -26.46
CA LEU M 102 -16.01 -24.19 -26.41
C LEU M 102 -14.68 -24.86 -26.19
N ILE M 103 -14.53 -25.81 -25.20
CA ILE M 103 -13.32 -26.46 -24.83
C ILE M 103 -13.71 -27.90 -24.84
N GLY M 104 -12.89 -28.71 -25.60
CA GLY M 104 -13.07 -30.16 -25.58
C GLY M 104 -11.87 -30.75 -26.06
N GLY M 105 -12.02 -32.06 -26.28
CA GLY M 105 -10.93 -32.91 -26.65
C GLY M 105 -11.14 -34.11 -25.75
N ILE M 106 -10.01 -34.78 -25.49
CA ILE M 106 -10.04 -36.11 -24.96
C ILE M 106 -9.30 -36.07 -23.66
N ASP M 107 -9.75 -36.92 -22.75
CA ASP M 107 -9.41 -36.90 -21.40
C ASP M 107 -9.45 -38.27 -20.86
N SER M 108 -9.06 -38.30 -19.54
CA SER M 108 -8.94 -39.49 -18.74
C SER M 108 -10.25 -40.09 -18.27
N GLU M 109 -11.47 -39.63 -18.73
CA GLU M 109 -12.77 -40.10 -18.26
C GLU M 109 -13.51 -40.56 -19.42
N GLY M 110 -13.03 -40.17 -20.64
CA GLY M 110 -13.60 -40.46 -21.94
C GLY M 110 -13.41 -39.20 -22.84
N LYS M 111 -14.40 -38.77 -23.67
CA LYS M 111 -14.31 -37.56 -24.50
C LYS M 111 -15.37 -36.64 -24.08
N SER M 112 -15.18 -35.30 -24.06
CA SER M 112 -16.22 -34.35 -23.62
C SER M 112 -16.11 -33.04 -24.28
N ILE M 113 -17.15 -32.18 -24.28
CA ILE M 113 -17.17 -30.78 -24.58
C ILE M 113 -17.95 -30.11 -23.52
N TYR M 114 -17.48 -28.86 -23.11
CA TYR M 114 -18.18 -28.02 -22.12
C TYR M 114 -18.13 -26.58 -22.68
N SER M 115 -19.31 -25.90 -22.64
CA SER M 115 -19.49 -24.56 -23.10
C SER M 115 -19.28 -23.65 -21.91
N ILE M 116 -18.41 -22.62 -21.98
CA ILE M 116 -18.05 -21.77 -20.89
C ILE M 116 -18.74 -20.50 -21.31
N ASP M 117 -19.55 -19.96 -20.41
CA ASP M 117 -20.39 -18.77 -20.53
C ASP M 117 -19.47 -17.56 -20.60
N PRO M 118 -19.96 -16.39 -21.18
CA PRO M 118 -19.09 -15.26 -21.32
C PRO M 118 -18.65 -14.54 -20.04
N ILE M 119 -19.20 -14.91 -18.79
CA ILE M 119 -18.73 -14.19 -17.59
C ILE M 119 -18.64 -15.12 -16.49
N GLY M 120 -17.77 -16.18 -16.62
CA GLY M 120 -17.70 -17.26 -15.65
C GLY M 120 -18.94 -18.11 -15.85
N GLY M 121 -19.02 -19.28 -15.16
CA GLY M 121 -19.94 -20.34 -15.26
C GLY M 121 -19.52 -21.28 -16.33
N ALA M 122 -19.92 -22.55 -16.16
CA ALA M 122 -19.51 -23.59 -17.03
C ALA M 122 -20.58 -24.61 -17.05
N ILE M 123 -21.05 -25.05 -18.20
CA ILE M 123 -22.17 -25.98 -18.40
C ILE M 123 -21.65 -26.98 -19.41
N GLU M 124 -22.35 -28.15 -19.58
CA GLU M 124 -21.82 -29.32 -20.26
C GLU M 124 -22.78 -29.67 -21.42
N GLU M 125 -22.29 -30.49 -22.42
CA GLU M 125 -23.04 -30.92 -23.50
C GLU M 125 -22.54 -32.33 -23.86
N LYS M 126 -23.44 -33.32 -23.92
CA LYS M 126 -23.18 -34.78 -24.01
C LYS M 126 -22.62 -35.25 -25.32
N ASP M 127 -22.99 -34.47 -26.37
CA ASP M 127 -22.49 -34.80 -27.73
C ASP M 127 -22.81 -33.70 -28.77
N ILE M 128 -23.49 -32.56 -28.46
CA ILE M 128 -23.79 -31.60 -29.53
C ILE M 128 -23.84 -30.26 -28.82
N VAL M 129 -23.12 -29.30 -29.34
CA VAL M 129 -23.04 -27.93 -28.80
C VAL M 129 -22.95 -26.98 -29.97
N ALA M 130 -23.24 -25.69 -29.72
CA ALA M 130 -23.39 -24.61 -30.62
C ALA M 130 -24.36 -23.84 -29.79
N THR M 131 -24.30 -22.50 -29.68
CA THR M 131 -23.20 -21.52 -29.68
C THR M 131 -23.09 -20.94 -31.10
N GLY M 132 -23.11 -19.55 -31.13
CA GLY M 132 -22.93 -18.76 -32.32
C GLY M 132 -24.24 -18.05 -32.53
N SER M 133 -24.27 -17.28 -33.62
CA SER M 133 -25.44 -16.50 -33.97
C SER M 133 -26.21 -17.34 -35.05
N GLY M 134 -25.54 -18.44 -35.61
CA GLY M 134 -26.15 -19.22 -36.65
C GLY M 134 -26.54 -20.51 -35.99
N SER M 135 -26.50 -20.56 -34.71
CA SER M 135 -26.76 -21.71 -33.86
C SER M 135 -27.98 -22.50 -34.14
N LEU M 136 -29.12 -21.83 -34.44
CA LEU M 136 -30.36 -22.39 -34.68
C LEU M 136 -30.39 -23.29 -35.97
N THR M 137 -29.64 -22.81 -37.00
CA THR M 137 -29.53 -23.44 -38.28
C THR M 137 -28.66 -24.69 -38.08
N ALA M 138 -27.60 -24.58 -37.16
CA ALA M 138 -26.71 -25.65 -36.83
C ALA M 138 -27.46 -26.77 -36.17
N TYR M 139 -28.51 -26.57 -35.32
CA TYR M 139 -29.29 -27.55 -34.56
C TYR M 139 -30.01 -28.50 -35.57
N GLY M 140 -30.57 -27.88 -36.62
CA GLY M 140 -31.23 -28.64 -37.69
C GLY M 140 -30.44 -29.64 -38.43
N VAL M 141 -29.27 -29.19 -38.94
CA VAL M 141 -28.26 -30.01 -39.64
C VAL M 141 -27.69 -31.05 -38.71
N LEU M 142 -27.25 -30.73 -37.47
CA LEU M 142 -26.53 -31.65 -36.57
C LEU M 142 -27.39 -32.77 -36.10
N GLU M 143 -28.66 -32.44 -35.69
CA GLU M 143 -29.52 -33.50 -35.06
C GLU M 143 -29.98 -34.48 -36.06
N ASP M 144 -30.25 -34.01 -37.29
CA ASP M 144 -30.69 -34.86 -38.38
C ASP M 144 -29.59 -35.82 -38.74
N ARG M 145 -28.32 -35.44 -38.74
CA ARG M 145 -27.32 -36.43 -39.17
C ARG M 145 -26.56 -37.06 -38.02
N PHE M 146 -26.89 -36.72 -36.80
CA PHE M 146 -26.32 -37.26 -35.59
C PHE M 146 -26.80 -38.75 -35.60
N THR M 147 -25.83 -39.66 -35.30
CA THR M 147 -26.07 -41.05 -35.25
C THR M 147 -25.46 -41.46 -33.94
N PRO M 148 -25.63 -42.60 -33.33
CA PRO M 148 -24.96 -43.06 -32.08
C PRO M 148 -23.53 -43.43 -32.32
N GLU M 149 -23.33 -44.03 -33.51
CA GLU M 149 -22.19 -44.73 -33.94
C GLU M 149 -21.55 -43.79 -34.91
N ILE M 150 -21.39 -42.48 -34.63
CA ILE M 150 -20.81 -41.46 -35.38
C ILE M 150 -19.33 -41.54 -35.32
N GLY M 151 -18.68 -41.72 -36.49
CA GLY M 151 -17.30 -42.01 -36.46
C GLY M 151 -16.60 -40.69 -36.63
N VAL M 152 -15.23 -40.68 -36.65
CA VAL M 152 -14.54 -39.47 -36.80
C VAL M 152 -14.74 -38.86 -38.22
N ASP M 153 -14.83 -39.74 -39.25
CA ASP M 153 -14.91 -39.47 -40.65
C ASP M 153 -16.16 -38.66 -40.97
N GLU M 154 -17.37 -39.00 -40.44
CA GLU M 154 -18.58 -38.40 -40.90
C GLU M 154 -18.93 -37.17 -40.03
N ALA M 155 -18.20 -37.08 -38.90
CA ALA M 155 -18.31 -36.02 -37.86
C ALA M 155 -17.60 -34.82 -38.31
N VAL M 156 -16.40 -35.06 -38.98
CA VAL M 156 -15.69 -33.85 -39.48
C VAL M 156 -16.49 -33.27 -40.58
N GLU M 157 -17.08 -34.11 -41.49
CA GLU M 157 -17.91 -33.66 -42.59
C GLU M 157 -19.10 -32.88 -42.04
N LEU M 158 -19.66 -33.42 -40.94
CA LEU M 158 -20.93 -32.92 -40.39
C LEU M 158 -20.71 -31.50 -39.88
N ALA M 159 -19.58 -31.20 -39.23
CA ALA M 159 -19.27 -29.97 -38.53
C ALA M 159 -19.21 -28.83 -39.53
N VAL M 160 -18.64 -29.13 -40.71
CA VAL M 160 -18.43 -28.32 -41.89
C VAL M 160 -19.78 -27.96 -42.48
N ARG M 161 -20.78 -28.92 -42.49
CA ARG M 161 -22.08 -28.73 -43.09
C ARG M 161 -22.95 -27.71 -42.32
N ALA M 162 -22.84 -27.78 -40.97
CA ALA M 162 -23.64 -27.02 -40.02
C ALA M 162 -23.34 -25.54 -40.15
N ILE M 163 -22.07 -25.05 -40.26
CA ILE M 163 -21.53 -23.73 -40.29
C ILE M 163 -21.72 -23.18 -41.68
N TYR M 164 -21.61 -24.02 -42.80
CA TYR M 164 -21.75 -23.45 -44.10
C TYR M 164 -23.15 -23.22 -44.46
N SER M 165 -24.08 -23.98 -43.96
CA SER M 165 -25.51 -23.63 -44.04
C SER M 165 -25.94 -22.47 -43.14
N ALA M 166 -25.32 -22.37 -41.88
CA ALA M 166 -25.49 -21.21 -41.00
C ALA M 166 -24.97 -19.91 -41.70
N MET M 167 -23.94 -20.06 -42.58
CA MET M 167 -23.17 -19.00 -43.23
C MET M 167 -24.03 -18.07 -44.06
N LYS M 168 -25.04 -18.72 -44.68
CA LYS M 168 -25.94 -18.10 -45.50
C LYS M 168 -26.90 -17.18 -44.73
N ARG M 169 -27.33 -17.66 -43.51
CA ARG M 169 -28.24 -16.83 -42.70
C ARG M 169 -27.52 -15.77 -42.01
N ASP M 170 -26.23 -15.87 -41.70
CA ASP M 170 -25.49 -14.85 -41.02
C ASP M 170 -24.85 -14.14 -42.23
N SER M 171 -24.07 -13.02 -41.99
CA SER M 171 -23.23 -12.35 -42.97
C SER M 171 -21.98 -11.92 -42.20
N ALA M 172 -21.94 -12.07 -40.81
CA ALA M 172 -20.73 -11.85 -40.10
C ALA M 172 -19.78 -12.99 -40.45
N SER M 173 -20.34 -14.06 -41.10
CA SER M 173 -19.63 -15.20 -41.57
C SER M 173 -19.73 -15.24 -43.09
N GLY M 174 -18.59 -15.32 -43.76
CA GLY M 174 -18.60 -15.58 -45.18
C GLY M 174 -17.81 -16.94 -45.17
N ASP M 175 -17.17 -17.12 -46.37
CA ASP M 175 -16.51 -18.34 -46.83
C ASP M 175 -15.20 -18.46 -46.11
N GLY M 176 -14.66 -19.70 -46.01
CA GLY M 176 -13.52 -20.06 -45.23
C GLY M 176 -13.87 -20.63 -43.90
N ILE M 177 -13.38 -21.87 -43.67
CA ILE M 177 -13.82 -22.61 -42.50
C ILE M 177 -12.73 -23.59 -42.17
N ASP M 178 -12.62 -23.83 -40.84
CA ASP M 178 -11.66 -24.65 -40.19
C ASP M 178 -12.37 -25.64 -39.40
N VAL M 179 -11.86 -26.86 -39.49
CA VAL M 179 -12.28 -28.06 -38.66
C VAL M 179 -11.03 -28.33 -37.87
N VAL M 180 -11.19 -28.73 -36.62
CA VAL M 180 -10.19 -29.42 -35.83
C VAL M 180 -10.68 -30.74 -35.29
N LYS M 181 -9.80 -31.76 -35.36
CA LYS M 181 -10.02 -33.17 -35.12
C LYS M 181 -9.01 -33.52 -34.04
N ILE M 182 -9.42 -34.27 -33.04
CA ILE M 182 -8.64 -34.65 -31.88
C ILE M 182 -9.10 -36.07 -31.68
N THR M 183 -8.45 -37.12 -32.23
CA THR M 183 -8.92 -38.47 -32.30
C THR M 183 -7.95 -39.38 -31.61
N GLU M 184 -6.95 -38.80 -30.84
CA GLU M 184 -5.95 -39.61 -30.10
C GLU M 184 -4.82 -40.10 -30.89
N ASP M 185 -4.74 -39.58 -32.11
CA ASP M 185 -3.78 -40.03 -33.10
C ASP M 185 -3.34 -38.93 -33.94
N GLU M 186 -4.16 -37.83 -34.00
CA GLU M 186 -3.85 -36.75 -34.80
C GLU M 186 -4.50 -35.52 -34.14
N PHE M 187 -3.78 -34.43 -34.27
CA PHE M 187 -4.26 -33.09 -34.04
C PHE M 187 -3.90 -32.35 -35.25
N TYR M 188 -4.85 -32.33 -36.22
CA TYR M 188 -4.83 -31.69 -37.47
C TYR M 188 -5.87 -30.62 -37.51
N GLN M 189 -5.52 -29.53 -38.15
CA GLN M 189 -6.33 -28.35 -38.41
C GLN M 189 -6.51 -28.25 -39.88
N TYR M 190 -7.70 -28.56 -40.36
CA TYR M 190 -8.01 -28.77 -41.71
C TYR M 190 -7.87 -27.58 -42.61
N SER M 191 -8.33 -26.38 -42.19
CA SER M 191 -8.19 -25.11 -42.89
C SER M 191 -8.89 -25.12 -44.28
N PRO M 192 -9.36 -23.98 -44.87
CA PRO M 192 -10.15 -23.92 -46.11
C PRO M 192 -9.89 -24.80 -47.30
N GLU M 193 -8.67 -24.91 -47.81
CA GLU M 193 -8.33 -25.76 -48.87
C GLU M 193 -8.82 -27.19 -48.77
N GLU M 194 -8.46 -27.94 -47.72
CA GLU M 194 -8.87 -29.32 -47.55
C GLU M 194 -10.35 -29.51 -47.38
N VAL M 195 -10.92 -28.62 -46.62
CA VAL M 195 -12.30 -28.60 -46.22
C VAL M 195 -13.15 -28.33 -47.37
N GLU M 196 -12.83 -27.38 -48.22
CA GLU M 196 -13.58 -27.07 -49.37
C GLU M 196 -13.80 -28.16 -50.38
N GLN M 197 -12.83 -29.14 -50.51
CA GLN M 197 -12.77 -30.19 -51.45
C GLN M 197 -13.66 -31.31 -50.91
N ILE M 198 -13.86 -31.40 -49.64
CA ILE M 198 -14.71 -32.44 -49.05
C ILE M 198 -16.13 -31.89 -49.20
N LEU M 199 -16.34 -30.55 -49.01
CA LEU M 199 -17.54 -29.88 -49.19
C LEU M 199 -17.90 -29.52 -50.61
N ALA M 200 -17.05 -29.92 -51.62
CA ALA M 200 -17.42 -29.83 -52.99
C ALA M 200 -18.34 -30.95 -53.42
N LYS M 201 -18.32 -32.00 -52.57
CA LYS M 201 -19.13 -33.25 -52.73
C LYS M 201 -20.44 -33.18 -51.93
N PHE M 202 -20.37 -32.28 -50.93
CA PHE M 202 -21.45 -32.21 -49.94
C PHE M 202 -22.13 -30.90 -49.91
N ARG M 203 -22.05 -30.18 -51.01
CA ARG M 203 -22.70 -28.94 -51.10
C ARG M 203 -23.21 -28.78 -52.52
N LYS M 204 -22.52 -29.38 -53.52
CA LYS M 204 -22.86 -29.39 -54.94
C LYS M 204 -22.67 -30.88 -55.48
N THR N 3 -5.37 5.69 -43.39
CA THR N 3 -3.96 5.10 -43.19
C THR N 3 -4.00 3.67 -43.76
N THR N 4 -2.89 3.22 -44.32
CA THR N 4 -2.73 1.89 -44.90
C THR N 4 -1.37 1.57 -44.96
N THR N 5 -1.01 0.27 -44.73
CA THR N 5 0.27 -0.39 -44.69
C THR N 5 0.11 -1.77 -45.34
N VAL N 6 1.11 -2.19 -46.11
CA VAL N 6 1.04 -3.46 -46.83
C VAL N 6 2.25 -4.26 -46.55
N GLY N 7 2.10 -5.64 -46.67
CA GLY N 7 3.10 -6.57 -46.27
C GLY N 7 2.96 -7.73 -47.23
N LEU N 8 4.05 -8.32 -47.66
CA LEU N 8 4.11 -9.58 -48.29
C LEU N 8 5.48 -10.17 -47.95
N VAL N 9 5.59 -11.51 -47.93
CA VAL N 9 6.69 -12.36 -47.49
C VAL N 9 7.21 -12.88 -48.81
N CYS N 10 8.47 -12.57 -49.13
CA CYS N 10 9.09 -12.99 -50.42
C CYS N 10 10.05 -14.01 -49.98
N LYS N 11 10.72 -14.67 -50.95
CA LYS N 11 11.60 -15.81 -50.74
C LYS N 11 13.00 -15.32 -50.63
N ASP N 12 13.25 -13.93 -50.79
CA ASP N 12 14.59 -13.37 -50.66
C ASP N 12 14.47 -12.29 -49.56
N GLY N 13 13.45 -12.27 -48.71
CA GLY N 13 13.38 -11.19 -47.78
C GLY N 13 11.93 -11.00 -47.46
N VAL N 14 11.67 -9.89 -46.69
CA VAL N 14 10.38 -9.38 -46.35
C VAL N 14 10.37 -7.94 -46.80
N VAL N 15 9.27 -7.47 -47.53
CA VAL N 15 9.11 -6.17 -48.15
C VAL N 15 7.81 -5.74 -47.61
N MET N 16 7.74 -4.49 -47.04
CA MET N 16 6.57 -3.91 -46.48
C MET N 16 6.61 -2.43 -46.95
N ALA N 17 5.48 -1.74 -46.89
CA ALA N 17 5.43 -0.41 -47.39
C ALA N 17 4.42 0.35 -46.53
N THR N 18 4.55 1.69 -46.51
CA THR N 18 3.78 2.57 -45.68
C THR N 18 3.39 3.78 -46.60
N GLU N 19 2.42 4.64 -46.32
CA GLU N 19 2.19 5.90 -46.78
C GLU N 19 2.28 6.62 -45.52
N LYS N 20 3.25 7.58 -45.51
CA LYS N 20 3.63 8.41 -44.38
C LYS N 20 2.51 9.38 -44.03
N ARG N 21 1.64 9.74 -44.96
CA ARG N 21 0.54 10.67 -44.65
C ARG N 21 -0.48 10.08 -43.69
N ALA N 22 -0.83 10.90 -42.75
CA ALA N 22 -1.82 10.53 -41.74
C ALA N 22 -2.76 11.73 -41.63
N THR N 23 -4.09 11.55 -41.77
CA THR N 23 -5.06 12.57 -42.08
C THR N 23 -6.03 12.69 -40.88
N MET N 24 -6.69 13.85 -40.61
CA MET N 24 -7.58 14.07 -39.57
C MET N 24 -8.94 14.39 -40.18
N GLY N 25 -8.98 14.60 -41.51
CA GLY N 25 -10.19 14.85 -42.20
C GLY N 25 -9.95 15.46 -43.61
N ASN N 26 -8.88 16.26 -43.69
CA ASN N 26 -8.31 16.92 -44.82
C ASN N 26 -6.86 17.16 -44.54
N PHE N 27 -6.44 17.08 -43.23
CA PHE N 27 -5.11 17.26 -42.68
C PHE N 27 -3.95 16.52 -43.48
N ILE N 28 -2.82 17.22 -43.63
CA ILE N 28 -1.58 16.67 -44.16
C ILE N 28 -0.67 16.63 -42.95
N ALA N 29 -0.10 15.42 -42.79
CA ALA N 29 0.74 15.22 -41.64
C ALA N 29 2.01 16.15 -41.46
N SER N 30 2.70 16.36 -42.60
CA SER N 30 3.90 17.15 -42.62
C SER N 30 4.53 16.71 -43.95
N LYS N 31 5.86 17.03 -44.08
CA LYS N 31 6.70 16.61 -45.11
C LYS N 31 6.87 15.17 -45.07
N ALA N 32 7.07 14.55 -43.86
CA ALA N 32 7.08 13.11 -43.63
C ALA N 32 6.89 12.88 -42.24
N ALA N 33 6.27 11.70 -41.94
CA ALA N 33 6.00 11.39 -40.53
C ALA N 33 6.21 9.88 -40.38
N LYS N 34 7.14 9.47 -39.50
CA LYS N 34 7.43 8.12 -39.39
C LYS N 34 6.26 7.20 -39.08
N LYS N 35 6.19 6.08 -39.89
CA LYS N 35 5.17 5.09 -39.85
C LYS N 35 5.91 3.83 -39.99
N ILE N 36 7.21 3.96 -40.32
CA ILE N 36 8.03 2.83 -40.51
C ILE N 36 9.07 3.07 -39.48
N TYR N 37 9.24 2.10 -38.61
CA TYR N 37 10.13 2.10 -37.54
C TYR N 37 11.04 0.92 -37.70
N GLN N 38 12.36 1.13 -37.48
CA GLN N 38 13.37 0.15 -37.71
C GLN N 38 13.69 -0.46 -36.43
N ILE N 39 13.30 -1.76 -36.29
CA ILE N 39 13.37 -2.53 -35.00
C ILE N 39 14.72 -3.21 -34.95
N ALA N 40 15.24 -3.62 -36.19
CA ALA N 40 16.56 -4.16 -36.22
C ALA N 40 16.96 -4.03 -37.69
N ASP N 41 18.24 -4.38 -38.04
CA ASP N 41 18.80 -4.44 -39.40
C ASP N 41 18.07 -5.57 -40.14
N ARG N 42 17.42 -6.49 -39.35
CA ARG N 42 16.62 -7.53 -40.00
C ARG N 42 15.17 -7.43 -39.66
N MET N 43 14.71 -6.43 -38.84
CA MET N 43 13.35 -6.34 -38.34
C MET N 43 12.76 -4.92 -38.55
N ALA N 44 11.36 -5.02 -38.80
CA ALA N 44 10.69 -3.81 -39.20
C ALA N 44 9.34 -3.76 -38.56
N MET N 45 8.71 -2.56 -38.36
CA MET N 45 7.32 -2.36 -37.87
C MET N 45 6.72 -1.31 -38.74
N THR N 46 5.58 -1.59 -39.43
CA THR N 46 4.85 -0.69 -40.29
C THR N 46 3.48 -0.69 -39.66
N THR N 47 2.99 0.55 -39.25
CA THR N 47 1.80 0.63 -38.44
C THR N 47 0.69 1.35 -39.20
N ALA N 48 -0.59 0.92 -39.01
CA ALA N 48 -1.69 1.78 -39.43
C ALA N 48 -2.58 2.07 -38.30
N GLY N 49 -3.02 3.33 -38.09
CA GLY N 49 -3.63 3.65 -36.82
C GLY N 49 -3.34 5.03 -36.48
N SER N 50 -3.20 5.22 -35.05
CA SER N 50 -2.66 6.38 -34.42
C SER N 50 -1.25 6.65 -34.89
N VAL N 51 -0.76 7.96 -35.14
CA VAL N 51 0.65 8.17 -35.46
C VAL N 51 1.58 8.14 -34.26
N GLY N 52 1.14 8.84 -33.23
CA GLY N 52 1.80 9.16 -31.97
C GLY N 52 1.93 8.05 -30.92
N ASP N 53 0.87 7.22 -30.70
CA ASP N 53 0.80 6.06 -29.85
C ASP N 53 1.59 4.99 -30.49
N ALA N 54 1.61 4.79 -31.88
CA ALA N 54 2.30 3.81 -32.65
C ALA N 54 3.80 4.10 -32.49
N GLN N 55 4.22 5.44 -32.40
CA GLN N 55 5.60 5.80 -32.31
C GLN N 55 6.10 5.48 -30.89
N PHE N 56 5.26 5.73 -29.93
CA PHE N 56 5.48 5.48 -28.54
C PHE N 56 5.73 4.05 -28.25
N LEU N 57 4.92 3.15 -28.71
CA LEU N 57 4.95 1.71 -28.66
C LEU N 57 6.14 1.14 -29.42
N ALA N 58 6.53 1.73 -30.60
CA ALA N 58 7.76 1.39 -31.37
C ALA N 58 8.91 1.71 -30.46
N ARG N 59 8.93 2.81 -29.59
CA ARG N 59 10.04 3.23 -28.74
C ARG N 59 10.21 2.17 -27.69
N ILE N 60 9.15 1.58 -27.11
CA ILE N 60 9.19 0.43 -26.25
C ILE N 60 9.82 -0.75 -26.93
N ILE N 61 9.35 -1.15 -28.08
CA ILE N 61 9.70 -2.39 -28.78
C ILE N 61 11.11 -2.30 -29.22
N LYS N 62 11.65 -1.22 -29.76
CA LYS N 62 12.97 -0.92 -30.24
C LYS N 62 13.95 -1.11 -29.07
N ILE N 63 13.62 -0.54 -27.80
CA ILE N 63 14.37 -0.67 -26.55
C ILE N 63 14.37 -2.11 -26.05
N GLU N 64 13.25 -2.91 -26.12
CA GLU N 64 13.09 -4.18 -25.57
C GLU N 64 13.65 -5.18 -26.52
N ALA N 65 13.87 -4.80 -27.83
CA ALA N 65 14.46 -5.57 -28.86
C ALA N 65 15.91 -5.74 -28.65
N ASN N 66 16.64 -4.62 -28.29
CA ASN N 66 18.08 -4.62 -28.05
C ASN N 66 18.31 -5.39 -26.83
N LEU N 67 17.43 -5.24 -25.83
CA LEU N 67 17.53 -5.92 -24.56
C LEU N 67 17.37 -7.46 -24.66
N TYR N 68 16.44 -7.89 -25.52
CA TYR N 68 16.11 -9.29 -25.77
C TYR N 68 17.23 -9.91 -26.56
N GLU N 69 17.88 -9.20 -27.53
CA GLU N 69 19.03 -9.67 -28.16
C GLU N 69 20.16 -9.92 -27.16
N ILE N 70 20.35 -9.01 -26.23
CA ILE N 70 21.41 -9.20 -25.24
C ILE N 70 21.13 -10.27 -24.29
N ARG N 71 19.88 -10.48 -23.87
CA ARG N 71 19.49 -11.50 -22.94
C ARG N 71 19.75 -12.88 -23.41
N ARG N 72 19.38 -13.21 -24.65
CA ARG N 72 19.54 -14.52 -25.11
C ARG N 72 20.86 -14.72 -25.75
N GLU N 73 21.60 -13.58 -26.03
CA GLU N 73 22.80 -13.60 -26.86
C GLU N 73 22.57 -14.18 -28.26
N ARG N 74 21.55 -13.58 -28.91
CA ARG N 74 20.94 -14.23 -29.98
C ARG N 74 19.74 -13.36 -30.23
N LYS N 75 19.49 -12.83 -31.45
CA LYS N 75 18.45 -11.93 -31.89
C LYS N 75 17.12 -12.31 -31.40
N PRO N 76 16.15 -11.43 -31.38
CA PRO N 76 14.77 -11.79 -31.20
C PRO N 76 14.36 -12.47 -32.50
N THR N 77 13.45 -13.43 -32.42
CA THR N 77 12.85 -14.01 -33.52
C THR N 77 11.79 -13.02 -33.87
N VAL N 78 11.34 -13.01 -35.14
CA VAL N 78 10.26 -12.14 -35.62
C VAL N 78 9.06 -12.34 -34.76
N ARG N 79 8.78 -13.58 -34.45
CA ARG N 79 7.67 -14.09 -33.58
C ARG N 79 7.68 -13.58 -32.18
N ALA N 80 8.85 -13.50 -31.60
CA ALA N 80 9.02 -13.13 -30.22
C ALA N 80 8.68 -11.72 -30.10
N ILE N 81 8.95 -10.87 -31.15
CA ILE N 81 8.67 -9.45 -31.12
C ILE N 81 7.25 -9.23 -31.20
N ALA N 82 6.54 -10.07 -32.04
CA ALA N 82 5.17 -10.04 -32.26
C ALA N 82 4.30 -10.34 -31.07
N THR N 83 4.58 -11.48 -30.33
CA THR N 83 3.91 -12.01 -29.11
C THR N 83 4.18 -11.00 -27.99
N LEU N 84 5.41 -10.37 -27.97
CA LEU N 84 5.72 -9.26 -27.08
C LEU N 84 4.81 -8.06 -27.17
N THR N 85 4.45 -7.72 -28.41
CA THR N 85 3.62 -6.67 -28.79
C THR N 85 2.19 -6.90 -28.46
N SER N 86 1.64 -8.11 -28.64
CA SER N 86 0.27 -8.47 -28.12
C SER N 86 0.13 -8.26 -26.65
N ASN N 87 1.15 -8.77 -25.92
CA ASN N 87 1.13 -8.73 -24.46
C ASN N 87 1.27 -7.38 -23.99
N LEU N 88 2.16 -6.60 -24.60
CA LEU N 88 2.39 -5.24 -24.17
C LEU N 88 1.16 -4.35 -24.44
N LEU N 89 0.46 -4.53 -25.58
CA LEU N 89 -0.67 -3.75 -25.94
C LEU N 89 -1.78 -3.90 -24.96
N ASN N 90 -1.99 -5.18 -24.53
CA ASN N 90 -3.03 -5.61 -23.66
C ASN N 90 -2.72 -5.10 -22.29
N SER N 91 -1.43 -5.07 -21.85
CA SER N 91 -1.06 -4.60 -20.49
C SER N 91 -1.40 -3.19 -20.22
N TYR N 92 -1.15 -2.42 -21.31
CA TYR N 92 -1.33 -0.98 -21.34
C TYR N 92 -2.67 -0.54 -22.06
N ARG N 93 -3.74 -1.30 -21.94
CA ARG N 93 -4.97 -0.92 -22.58
C ARG N 93 -5.81 -0.07 -21.60
N TYR N 94 -5.21 0.15 -20.41
CA TYR N 94 -5.78 1.00 -19.32
C TYR N 94 -5.63 2.46 -19.85
N PHE N 95 -4.53 2.79 -20.58
CA PHE N 95 -4.32 3.97 -21.40
C PHE N 95 -4.86 3.51 -22.75
N PRO N 96 -5.64 4.25 -23.61
CA PRO N 96 -6.31 3.71 -24.78
C PRO N 96 -5.45 3.87 -25.98
N TYR N 97 -4.80 2.72 -26.48
CA TYR N 97 -3.99 2.74 -27.64
C TYR N 97 -4.71 1.72 -28.60
N LEU N 98 -5.06 2.27 -29.85
CA LEU N 98 -5.58 1.39 -30.93
C LEU N 98 -4.60 1.66 -32.03
N VAL N 99 -3.75 0.68 -32.36
CA VAL N 99 -2.86 0.63 -33.46
C VAL N 99 -2.83 -0.81 -33.76
N GLN N 100 -2.85 -1.11 -35.11
CA GLN N 100 -2.61 -2.46 -35.68
C GLN N 100 -1.33 -2.53 -36.37
N LEU N 101 -0.48 -3.58 -36.14
CA LEU N 101 0.93 -3.55 -36.44
C LEU N 101 1.21 -4.61 -37.33
N LEU N 102 2.27 -4.53 -38.13
CA LEU N 102 2.82 -5.60 -38.96
C LEU N 102 4.16 -5.49 -38.59
N ILE N 103 4.62 -6.59 -37.93
CA ILE N 103 5.97 -6.75 -37.49
C ILE N 103 6.40 -8.03 -38.17
N GLY N 104 7.51 -7.87 -38.93
CA GLY N 104 7.97 -8.90 -39.85
C GLY N 104 9.47 -8.81 -39.93
N GLY N 105 10.14 -9.77 -40.57
CA GLY N 105 11.53 -9.47 -40.88
C GLY N 105 12.16 -10.81 -41.04
N ILE N 106 13.48 -10.92 -40.74
CA ILE N 106 14.28 -12.17 -41.01
C ILE N 106 15.01 -12.49 -39.68
N ASP N 107 15.07 -13.77 -39.36
CA ASP N 107 15.47 -14.39 -38.13
C ASP N 107 16.02 -15.78 -38.42
N SER N 108 16.43 -16.53 -37.36
CA SER N 108 16.85 -17.96 -37.44
C SER N 108 15.75 -18.92 -37.99
N GLU N 109 14.42 -18.63 -37.78
CA GLU N 109 13.32 -19.47 -38.27
C GLU N 109 13.05 -19.26 -39.75
N GLY N 110 13.32 -18.02 -40.37
CA GLY N 110 13.08 -17.75 -41.76
C GLY N 110 12.53 -16.35 -41.94
N LYS N 111 11.57 -16.15 -42.89
CA LYS N 111 11.08 -14.83 -43.19
C LYS N 111 9.64 -14.93 -42.88
N SER N 112 9.11 -13.87 -42.20
CA SER N 112 7.73 -13.96 -41.78
C SER N 112 7.20 -12.62 -41.47
N ILE N 113 5.86 -12.49 -41.43
CA ILE N 113 5.16 -11.42 -40.86
C ILE N 113 4.17 -12.05 -39.94
N TYR N 114 4.02 -11.33 -38.77
CA TYR N 114 2.97 -11.56 -37.87
C TYR N 114 2.13 -10.24 -37.70
N SER N 115 0.75 -10.38 -37.89
CA SER N 115 -0.11 -9.23 -37.91
C SER N 115 -0.78 -9.20 -36.55
N ILE N 116 -0.88 -8.03 -35.89
CA ILE N 116 -1.35 -7.80 -34.57
C ILE N 116 -2.42 -6.87 -34.57
N ASP N 117 -3.51 -7.04 -33.79
CA ASP N 117 -4.59 -6.13 -33.64
C ASP N 117 -4.62 -5.64 -32.26
N PRO N 118 -5.27 -4.65 -31.73
CA PRO N 118 -4.97 -4.11 -30.41
C PRO N 118 -5.73 -4.77 -29.34
N ILE N 119 -6.68 -5.71 -29.69
CA ILE N 119 -7.29 -6.70 -28.72
C ILE N 119 -6.37 -7.89 -28.48
N GLY N 120 -5.30 -8.05 -29.24
CA GLY N 120 -4.17 -8.91 -28.95
C GLY N 120 -4.00 -9.62 -30.26
N GLY N 121 -3.26 -10.79 -30.15
CA GLY N 121 -3.18 -11.72 -31.33
C GLY N 121 -1.96 -11.48 -32.08
N ALA N 122 -1.38 -12.55 -32.59
CA ALA N 122 -0.36 -12.49 -33.56
C ALA N 122 -0.56 -13.69 -34.35
N ILE N 123 -0.56 -13.64 -35.64
CA ILE N 123 -1.00 -14.78 -36.54
C ILE N 123 -0.13 -14.50 -37.72
N GLU N 124 0.68 -15.60 -37.91
CA GLU N 124 1.16 -16.22 -39.08
C GLU N 124 0.55 -15.85 -40.42
N GLU N 125 1.41 -15.28 -41.22
CA GLU N 125 1.16 -14.90 -42.57
C GLU N 125 2.47 -15.14 -43.34
N LYS N 126 2.28 -15.68 -44.52
CA LYS N 126 3.38 -15.99 -45.40
C LYS N 126 2.90 -15.60 -46.85
N ASP N 127 1.85 -14.72 -46.83
CA ASP N 127 1.15 -14.35 -48.07
C ASP N 127 0.99 -12.85 -48.15
N ILE N 128 -0.33 -12.48 -48.09
CA ILE N 128 -0.69 -11.08 -48.30
C ILE N 128 -1.32 -10.62 -47.03
N VAL N 129 -0.97 -9.32 -46.70
CA VAL N 129 -1.55 -8.77 -45.52
C VAL N 129 -1.49 -7.25 -45.68
N ALA N 130 -2.55 -6.57 -45.33
CA ALA N 130 -2.62 -5.15 -45.50
C ALA N 130 -3.71 -4.72 -44.57
N THR N 131 -3.69 -3.47 -44.10
CA THR N 131 -4.04 -3.23 -42.71
C THR N 131 -4.30 -1.78 -42.76
N GLY N 132 -5.48 -1.28 -42.48
CA GLY N 132 -5.84 0.07 -42.52
C GLY N 132 -7.17 0.25 -43.25
N SER N 133 -7.45 1.48 -43.70
CA SER N 133 -8.61 1.82 -44.43
C SER N 133 -8.39 1.85 -45.93
N GLY N 134 -7.10 1.70 -46.34
CA GLY N 134 -6.72 1.57 -47.74
C GLY N 134 -6.49 0.10 -48.04
N SER N 135 -6.66 -0.82 -47.04
CA SER N 135 -6.42 -2.20 -47.04
C SER N 135 -7.22 -2.93 -48.08
N LEU N 136 -8.50 -2.43 -48.25
CA LEU N 136 -9.49 -3.12 -49.00
C LEU N 136 -9.22 -3.13 -50.45
N THR N 137 -8.82 -1.91 -50.94
CA THR N 137 -8.35 -1.62 -52.25
C THR N 137 -7.06 -2.32 -52.52
N ALA N 138 -6.15 -2.30 -51.51
CA ALA N 138 -4.84 -2.85 -51.53
C ALA N 138 -4.95 -4.33 -51.82
N TYR N 139 -5.83 -5.18 -51.21
CA TYR N 139 -5.99 -6.59 -51.49
C TYR N 139 -6.34 -6.86 -52.92
N GLY N 140 -7.06 -5.95 -53.59
CA GLY N 140 -7.57 -6.16 -54.96
C GLY N 140 -6.41 -6.33 -55.94
N VAL N 141 -5.35 -5.45 -55.80
CA VAL N 141 -4.12 -5.50 -56.58
C VAL N 141 -3.33 -6.66 -56.21
N LEU N 142 -3.18 -6.89 -54.89
CA LEU N 142 -2.18 -7.79 -54.31
C LEU N 142 -2.41 -9.20 -54.47
N GLU N 143 -3.67 -9.59 -54.29
CA GLU N 143 -4.18 -10.94 -54.17
C GLU N 143 -4.09 -11.74 -55.46
N ASP N 144 -4.48 -11.07 -56.65
CA ASP N 144 -4.30 -11.58 -58.02
C ASP N 144 -2.82 -11.79 -58.42
N ARG N 145 -1.94 -10.81 -58.04
CA ARG N 145 -0.62 -10.74 -58.59
C ARG N 145 0.34 -11.41 -57.66
N PHE N 146 -0.11 -12.27 -56.72
CA PHE N 146 0.77 -12.93 -55.79
C PHE N 146 1.18 -14.34 -56.31
N THR N 147 2.53 -14.55 -56.30
CA THR N 147 3.20 -15.85 -56.38
C THR N 147 4.13 -15.75 -55.18
N PRO N 148 4.30 -16.80 -54.34
CA PRO N 148 5.23 -16.72 -53.22
C PRO N 148 6.68 -16.66 -53.65
N GLU N 149 7.08 -17.15 -54.88
CA GLU N 149 8.42 -17.24 -55.40
C GLU N 149 8.65 -16.09 -56.39
N ILE N 150 8.52 -14.88 -55.81
CA ILE N 150 8.59 -13.58 -56.44
C ILE N 150 9.84 -13.04 -55.79
N GLY N 151 10.75 -12.39 -56.57
CA GLY N 151 11.85 -11.74 -55.92
C GLY N 151 11.48 -10.57 -55.04
N VAL N 152 12.52 -10.09 -54.27
CA VAL N 152 12.50 -8.80 -53.54
C VAL N 152 12.42 -7.64 -54.48
N ASP N 153 13.16 -7.91 -55.57
CA ASP N 153 13.44 -6.91 -56.58
C ASP N 153 12.18 -6.53 -57.31
N GLU N 154 11.33 -7.53 -57.52
CA GLU N 154 10.05 -7.38 -58.16
C GLU N 154 8.93 -7.16 -57.13
N ALA N 155 9.23 -7.42 -55.82
CA ALA N 155 8.23 -7.29 -54.78
C ALA N 155 7.80 -5.82 -54.49
N VAL N 156 8.88 -4.92 -54.54
CA VAL N 156 8.73 -3.56 -54.29
C VAL N 156 7.77 -2.89 -55.35
N GLU N 157 7.74 -3.45 -56.57
CA GLU N 157 6.91 -2.93 -57.65
C GLU N 157 5.49 -3.15 -57.39
N LEU N 158 5.16 -4.27 -56.64
CA LEU N 158 3.83 -4.62 -56.29
C LEU N 158 3.20 -3.85 -55.11
N ALA N 159 3.99 -3.65 -54.03
CA ALA N 159 3.61 -3.06 -52.82
C ALA N 159 3.27 -1.65 -53.07
N VAL N 160 3.98 -1.00 -54.01
CA VAL N 160 3.69 0.35 -54.50
C VAL N 160 2.34 0.47 -55.13
N ARG N 161 2.08 -0.53 -55.99
CA ARG N 161 0.95 -0.54 -56.90
C ARG N 161 -0.36 -0.66 -56.07
N ALA N 162 -0.42 -1.41 -54.94
CA ALA N 162 -1.49 -1.72 -53.92
C ALA N 162 -1.84 -0.49 -53.13
N ILE N 163 -0.82 0.22 -52.59
CA ILE N 163 -1.03 1.47 -51.88
C ILE N 163 -1.46 2.50 -52.94
N TYR N 164 -0.92 2.60 -54.22
CA TYR N 164 -1.22 3.68 -55.17
C TYR N 164 -2.71 3.75 -55.54
N SER N 165 -3.26 2.59 -55.79
CA SER N 165 -4.64 2.40 -56.23
C SER N 165 -5.58 2.89 -55.19
N ALA N 166 -5.24 2.61 -53.96
CA ALA N 166 -5.86 3.06 -52.71
C ALA N 166 -5.94 4.62 -52.63
N MET N 167 -4.94 5.32 -53.09
CA MET N 167 -4.90 6.81 -53.08
C MET N 167 -6.03 7.33 -53.98
N LYS N 168 -6.35 6.58 -55.05
CA LYS N 168 -7.23 7.03 -56.07
C LYS N 168 -8.61 6.47 -55.70
N ARG N 169 -8.84 6.02 -54.45
CA ARG N 169 -10.10 5.51 -54.01
C ARG N 169 -10.26 5.87 -52.56
N ASP N 170 -9.42 6.76 -51.98
CA ASP N 170 -9.45 7.07 -50.53
C ASP N 170 -9.10 8.48 -50.43
N SER N 171 -9.73 9.20 -49.43
CA SER N 171 -9.40 10.48 -49.04
C SER N 171 -8.70 10.29 -47.69
N ALA N 172 -8.28 9.02 -47.34
CA ALA N 172 -7.63 8.49 -46.13
C ALA N 172 -6.18 8.30 -46.40
N SER N 173 -5.76 7.88 -47.66
CA SER N 173 -4.44 7.61 -48.15
C SER N 173 -4.04 8.66 -49.04
N GLY N 174 -2.74 8.86 -49.21
CA GLY N 174 -2.15 9.84 -50.07
C GLY N 174 -0.70 9.49 -50.22
N ASP N 175 0.05 10.60 -50.46
CA ASP N 175 1.47 10.57 -50.91
C ASP N 175 2.27 10.47 -49.62
N GLY N 176 3.57 10.14 -49.75
CA GLY N 176 4.53 10.05 -48.67
C GLY N 176 5.00 8.64 -48.49
N ILE N 177 4.75 7.82 -49.57
CA ILE N 177 5.00 6.42 -49.67
C ILE N 177 6.42 6.05 -49.59
N ASP N 178 6.76 5.27 -48.54
CA ASP N 178 8.04 4.78 -48.20
C ASP N 178 7.84 3.34 -48.44
N VAL N 179 8.98 2.62 -48.75
CA VAL N 179 8.93 1.15 -48.92
C VAL N 179 10.15 0.69 -48.15
N VAL N 180 10.08 -0.44 -47.49
CA VAL N 180 11.19 -1.04 -46.76
C VAL N 180 11.30 -2.38 -47.35
N LYS N 181 12.59 -2.71 -47.50
CA LYS N 181 13.07 -3.96 -48.10
C LYS N 181 14.25 -4.52 -47.31
N ILE N 182 14.30 -5.87 -47.04
CA ILE N 182 15.19 -6.41 -46.02
C ILE N 182 15.63 -7.62 -46.86
N THR N 183 16.76 -7.47 -47.60
CA THR N 183 17.15 -8.44 -48.66
C THR N 183 18.17 -9.45 -48.12
N GLU N 184 18.39 -9.52 -46.77
CA GLU N 184 19.11 -10.55 -46.10
C GLU N 184 20.59 -10.31 -46.23
N ASP N 185 20.92 -9.00 -46.56
CA ASP N 185 22.21 -8.46 -46.75
C ASP N 185 22.11 -6.99 -46.50
N GLU N 186 20.88 -6.48 -46.42
CA GLU N 186 20.78 -5.06 -46.10
C GLU N 186 19.30 -4.77 -45.81
N PHE N 187 19.10 -3.58 -45.23
CA PHE N 187 17.81 -3.04 -44.74
C PHE N 187 17.84 -1.75 -45.50
N TYR N 188 17.16 -1.67 -46.65
CA TYR N 188 17.04 -0.61 -47.58
C TYR N 188 15.73 -0.01 -47.31
N GLN N 189 15.72 1.29 -47.24
CA GLN N 189 14.55 2.14 -47.21
C GLN N 189 14.69 3.02 -48.44
N TYR N 190 13.77 2.93 -49.42
CA TYR N 190 13.60 3.65 -50.64
C TYR N 190 13.27 5.10 -50.27
N SER N 191 12.46 5.32 -49.19
CA SER N 191 12.13 6.66 -48.75
C SER N 191 11.17 7.41 -49.73
N PRO N 192 10.34 8.41 -49.32
CA PRO N 192 9.38 9.04 -50.23
C PRO N 192 9.72 9.36 -51.65
N GLU N 193 10.91 10.01 -51.79
CA GLU N 193 11.28 10.59 -53.02
C GLU N 193 11.29 9.64 -54.18
N GLU N 194 12.09 8.58 -54.03
CA GLU N 194 12.37 7.62 -55.04
C GLU N 194 11.15 6.92 -55.54
N VAL N 195 10.26 6.53 -54.58
CA VAL N 195 9.05 5.73 -54.84
C VAL N 195 8.10 6.50 -55.66
N GLU N 196 7.99 7.83 -55.46
CA GLU N 196 7.10 8.69 -56.15
C GLU N 196 7.45 8.64 -57.64
N GLN N 197 8.65 8.26 -58.10
CA GLN N 197 9.00 8.21 -59.50
C GLN N 197 8.63 6.80 -60.03
N ILE N 198 8.34 5.81 -59.21
CA ILE N 198 7.98 4.48 -59.59
C ILE N 198 6.48 4.48 -60.00
N LEU N 199 5.71 5.32 -59.36
CA LEU N 199 4.27 5.46 -59.64
C LEU N 199 4.11 6.47 -60.74
N ALA N 200 5.16 7.16 -61.09
CA ALA N 200 5.12 8.06 -62.22
C ALA N 200 5.10 7.28 -63.54
N LYS N 201 5.52 5.99 -63.46
CA LYS N 201 5.63 5.00 -64.61
C LYS N 201 4.61 3.96 -64.60
N PHE N 202 3.62 4.18 -63.71
CA PHE N 202 2.44 3.28 -63.54
C PHE N 202 1.26 4.25 -63.80
N ARG N 203 1.55 5.40 -64.53
CA ARG N 203 0.49 6.25 -64.96
C ARG N 203 0.91 6.59 -66.32
N LYS N 204 2.10 7.21 -66.46
CA LYS N 204 2.63 7.58 -67.71
C LYS N 204 4.01 6.89 -67.98
N PRO O 393 8.34 -34.13 37.97
CA PRO O 393 7.81 -32.93 37.37
C PRO O 393 6.29 -33.13 37.36
N ASP O 394 5.55 -32.21 36.64
CA ASP O 394 4.12 -32.22 36.63
C ASP O 394 3.65 -31.61 35.42
N LEU O 395 4.57 -31.02 34.64
CA LEU O 395 4.22 -30.34 33.44
C LEU O 395 4.78 -31.09 32.23
N LYS O 396 3.92 -31.25 31.19
CA LYS O 396 4.22 -32.10 30.09
C LYS O 396 3.58 -31.47 28.90
N GLY O 397 2.65 -30.39 29.00
CA GLY O 397 1.95 -29.95 27.88
C GLY O 397 0.97 -31.01 27.50
N VAL O 398 0.13 -30.75 26.51
CA VAL O 398 -1.02 -29.85 26.40
C VAL O 398 -1.14 -29.50 24.96
N MET O 399 0.07 -29.41 24.34
CA MET O 399 0.24 -29.13 22.98
C MET O 399 1.05 -30.26 22.32
N PHE O 400 1.32 -31.33 23.14
CA PHE O 400 2.12 -32.49 22.71
C PHE O 400 1.24 -33.69 22.91
N VAL O 401 -0.09 -33.46 23.08
CA VAL O 401 -1.17 -34.45 23.18
C VAL O 401 -1.57 -34.99 21.75
N PRO P 393 7.10 -6.26 48.47
CA PRO P 393 7.33 -5.33 47.32
C PRO P 393 6.22 -5.39 46.20
N ASP P 394 5.33 -6.42 46.25
CA ASP P 394 4.17 -6.59 45.39
C ASP P 394 4.37 -6.39 43.95
N LEU P 395 3.37 -5.96 43.18
CA LEU P 395 3.45 -5.84 41.73
C LEU P 395 3.87 -7.14 41.11
N LYS P 396 3.00 -8.12 41.32
CA LYS P 396 3.08 -9.53 40.93
C LYS P 396 1.76 -10.18 41.16
N GLY P 397 0.76 -9.37 41.56
CA GLY P 397 -0.58 -9.81 41.69
C GLY P 397 -1.39 -9.01 40.71
N VAL P 398 -0.81 -8.00 40.01
CA VAL P 398 -1.37 -6.70 39.77
C VAL P 398 -1.54 -6.61 38.28
N MET P 399 -0.88 -7.49 37.48
CA MET P 399 -0.96 -7.46 36.05
C MET P 399 -1.90 -8.50 35.66
N PHE P 400 -2.35 -9.33 36.67
CA PHE P 400 -3.18 -10.50 36.48
C PHE P 400 -4.50 -10.19 37.17
N VAL P 401 -5.55 -10.89 36.75
CA VAL P 401 -6.83 -10.84 37.42
C VAL P 401 -6.91 -12.20 38.14
N PRO Q 393 40.23 19.21 24.55
CA PRO Q 393 39.22 19.58 23.54
C PRO Q 393 38.99 18.42 22.58
N ASP Q 394 37.81 18.45 21.89
CA ASP Q 394 37.35 17.24 21.21
C ASP Q 394 36.48 17.73 20.04
N LEU Q 395 36.21 19.03 19.96
CA LEU Q 395 35.34 19.81 19.03
C LEU Q 395 33.90 19.36 19.22
N LYS Q 396 32.94 20.31 19.42
CA LYS Q 396 31.51 20.01 19.56
C LYS Q 396 30.73 21.01 18.77
N GLY Q 397 31.47 21.88 18.06
CA GLY Q 397 30.85 22.94 17.29
C GLY Q 397 30.29 22.32 15.99
N VAL Q 398 30.83 21.15 15.65
CA VAL Q 398 30.80 20.51 14.34
C VAL Q 398 29.44 19.85 14.26
N MET Q 399 29.08 19.11 15.36
CA MET Q 399 27.87 18.32 15.38
C MET Q 399 26.79 18.89 16.21
N PHE Q 400 27.11 19.84 17.11
CA PHE Q 400 26.22 20.35 18.13
C PHE Q 400 26.44 21.80 17.86
N VAL Q 401 25.41 22.53 18.27
CA VAL Q 401 25.48 23.94 18.24
C VAL Q 401 24.68 24.46 19.43
N PRO R 393 44.67 -13.99 1.01
CA PRO R 393 44.68 -15.28 0.43
C PRO R 393 43.60 -16.20 0.84
N ASP R 394 43.06 -16.87 -0.25
CA ASP R 394 42.00 -17.78 -0.23
C ASP R 394 40.67 -16.98 -0.44
N LEU R 395 39.66 -17.47 -1.21
CA LEU R 395 39.59 -18.77 -1.81
C LEU R 395 38.81 -18.59 -3.10
N LYS R 396 39.21 -19.22 -4.22
CA LYS R 396 38.65 -19.00 -5.46
C LYS R 396 37.89 -20.24 -5.71
N GLY R 397 36.54 -19.97 -5.85
CA GLY R 397 35.50 -20.82 -6.28
C GLY R 397 35.57 -21.11 -7.73
N VAL R 398 34.62 -21.90 -8.25
CA VAL R 398 33.22 -22.01 -7.85
C VAL R 398 32.55 -20.70 -8.01
N MET R 399 32.21 -20.03 -6.88
CA MET R 399 31.40 -18.84 -6.92
C MET R 399 32.11 -17.51 -6.76
N PHE R 400 33.40 -17.53 -6.36
CA PHE R 400 34.22 -16.37 -6.24
C PHE R 400 35.18 -16.55 -7.39
N VAL R 401 35.04 -15.71 -8.43
CA VAL R 401 35.94 -15.76 -9.60
C VAL R 401 35.87 -14.30 -10.22
N PRO S 393 23.80 -41.74 13.90
CA PRO S 393 22.51 -41.80 13.24
C PRO S 393 22.26 -40.51 12.40
N ASP S 394 21.31 -40.63 11.42
CA ASP S 394 20.86 -39.56 10.54
C ASP S 394 19.40 -39.47 10.53
N LEU S 395 18.91 -38.23 10.58
CA LEU S 395 17.49 -37.96 10.72
C LEU S 395 17.27 -36.70 9.82
N LYS S 396 18.40 -36.00 9.45
CA LYS S 396 18.40 -34.83 8.65
C LYS S 396 18.76 -35.19 7.22
N GLY S 397 19.22 -36.49 6.98
CA GLY S 397 19.74 -36.96 5.70
C GLY S 397 18.66 -37.40 4.85
N VAL S 398 17.62 -37.92 5.51
CA VAL S 398 16.36 -38.28 4.90
C VAL S 398 15.44 -37.01 4.74
N MET S 399 15.98 -35.80 5.10
CA MET S 399 15.21 -34.58 5.00
C MET S 399 16.02 -33.68 4.02
N PHE S 400 17.00 -34.26 3.33
CA PHE S 400 17.69 -33.66 2.22
C PHE S 400 17.42 -34.75 1.20
N VAL S 401 17.11 -34.40 -0.07
CA VAL S 401 16.61 -35.31 -1.10
C VAL S 401 17.80 -36.17 -1.55
N PRO T 393 20.24 15.32 45.21
CA PRO T 393 19.09 14.53 44.81
C PRO T 393 18.92 14.59 43.32
N ASP T 394 19.86 15.20 42.51
CA ASP T 394 19.76 15.46 41.07
C ASP T 394 20.28 14.12 40.44
N LEU T 395 19.44 13.61 39.50
CA LEU T 395 18.26 14.07 39.03
C LEU T 395 17.58 12.87 38.47
N LYS T 396 16.29 12.86 38.23
CA LYS T 396 15.49 11.80 37.72
C LYS T 396 15.02 12.25 36.36
N GLY T 397 15.40 13.45 36.01
CA GLY T 397 15.00 14.15 34.82
C GLY T 397 13.65 14.76 35.13
N VAL T 398 13.23 15.89 34.47
CA VAL T 398 12.20 16.85 34.80
C VAL T 398 11.02 16.42 33.95
N MET T 399 11.10 15.33 33.15
CA MET T 399 10.15 14.79 32.29
C MET T 399 9.28 13.84 32.95
N PHE T 400 9.48 13.70 34.31
CA PHE T 400 8.57 13.10 35.27
C PHE T 400 8.26 14.30 36.18
N VAL T 401 6.95 14.59 36.40
CA VAL T 401 6.62 15.67 37.28
C VAL T 401 5.23 15.43 37.96
#